data_8YPU
#
_entry.id   8YPU
#
_cell.length_a   1.00
_cell.length_b   1.00
_cell.length_c   1.00
_cell.angle_alpha   90.00
_cell.angle_beta   90.00
_cell.angle_gamma   90.00
#
_symmetry.space_group_name_H-M   'P 1'
#
loop_
_entity.id
_entity.type
_entity.pdbx_description
1 polymer 'Membrane protein'
2 polymer 'SusC/RagA family TonB-linked outer membrane protein'
#
loop_
_entity_poly.entity_id
_entity_poly.type
_entity_poly.pdbx_seq_one_letter_code
_entity_poly.pdbx_strand_id
1 'polypeptide(L)'
;CDSYLDIRPVGSVIPQTAEEYRALLARAYLNVPNDRGLACLRSDEMLVNDNEYDRNSYGDIERWNDVSPFPGTSQFTWSN
FYNVLFIANQVIESQKEITEGTPEVVNQLVGEAHLLRAYLHFVLVNLHGQPYTKSGALNSKSIPLKLDTDLEKTLGRNTV
EEVYTSILSDIEHARELINKEKWETVFSYRFNVLSVDALQSRVSLYMGAWPKCLESAEAVLAKKSVLVDMNETPLALPNH
FESVESITALEQVMGSSVNNAVWVPATFLALYQEGDKRLAAYFAAPDENGNRKSSKGGKREFSCTFRVGELYLNAAEAAA
NMDKLPHARMRLLELMRKRYTPEAYAKKENAVNVMDKNALISEILNERARELAFEGHRWFDLRRTTRPRMVKVLQGKTYI
LEQDDPRYTIPIPRDAIAANPGL
;
A,B
2 'polypeptide(L)'
;DAVVVTGYQTVERRKLTAAVGKLNISDETIGAVKSIDQALAGQIAGLSVTSTSGAPGAPAKIRIRGTSSLNGTQDPLWVL
DGIPLEGTDVPQSNVLNDVSNIQQSSIAGLNPADIENITVLKDAAATAIYGARAANGVIVITTKKGKVGKPVINFSSKFT
YMPTLSTNRLNMLNSQEKVDLELELLRSNFAYGDNKGGVSKIISGYGLTDAYKKGGWSALTPEAQTDISRLRNTETDWGD
ILFRDAFNQEYSLSLSGGNERVTYYTSIGYYQENGNVKGVGLDRLNIVAKTSYKVNRMLKFGVSLFVNRRNNKTYLTDTY
GLVNPVYYSRKANPYYQPFDANGNYVYDFDVQNNSDTDLGFNIFEERKNTSNEETINALSSIFDAELRFNDKLKFTTQLG
LQLDKASKEQIADKESFSMRIIRKNSKYWDSASQSNKYFIPDGGVHKAYENTNSQITWKAMGEYRDSFNDIHELEVMVGT
ELRKTWYETLFSAGYGFDRQTLTTKPVVFPDEDRARQFPLHQKTYKENAYVSFFSTASYSLMNRYTFGGSIRFDGSDLFG
VDKKYRYLPLYSVSGLWRLSNEPFMQGTRKWMDNLAFRVSYGIQGNIDKNTSPFLLGKYIVDNILPGGSEHMIDINSAPN
KKLRWEKTQSVNVGLDFSVLNQALNLSVDYYYRKGTDLIGKQMLPLETGFVSTNINWASMVNKGVEVSLSTRNVATKNFS
WYTNLNFAYNNNKVLREAIPEAQTIPGREGYPVDAIFAIKTAGLDEEGYPLFYDKEGKKVTLKELYRLQDPFGLGFTVNS
DVTPAEERSFYSYIGSQDTPYTGGLINTFSYKNWELTANLSFNLGGYVRTTPSYNFINFDRGQNVNSDILDRWTPENTDG
RLPALITSEKRADEYYWYDQKSEIYKNLDIWVKKLNYFRLQNLRLGYRLPEKMTKSLGMGSASVAIEGRNLLVFGSSYKN
FLDPESMYNPYAPPIPKSITFSLNLNF
;
C,D
#
# COMPACT_ATOMS: atom_id res chain seq x y z
N CYS A 1 17.46 22.28 3.28
CA CYS A 1 17.75 22.21 4.71
C CYS A 1 16.50 21.88 5.50
N ASP A 2 16.50 22.21 6.79
CA ASP A 2 15.34 21.99 7.65
C ASP A 2 14.62 23.31 7.87
N SER A 3 13.68 23.31 8.81
CA SER A 3 12.93 24.47 9.24
C SER A 3 13.11 24.62 10.74
N TYR A 4 12.27 25.44 11.35
CA TYR A 4 12.28 25.56 12.80
C TYR A 4 12.02 24.19 13.44
N LEU A 5 12.51 24.03 14.66
CA LEU A 5 12.40 22.76 15.38
C LEU A 5 11.04 22.79 16.06
N ASP A 6 9.99 22.83 15.23
CA ASP A 6 8.61 22.77 15.70
C ASP A 6 7.93 21.66 14.90
N ILE A 7 8.07 20.43 15.37
CA ILE A 7 7.50 19.26 14.73
C ILE A 7 6.82 18.43 15.82
N ARG A 8 5.58 18.02 15.56
CA ARG A 8 4.84 17.21 16.51
C ARG A 8 4.66 15.80 15.98
N PRO A 9 4.96 14.78 16.77
CA PRO A 9 4.79 13.41 16.31
C PRO A 9 3.33 13.06 16.08
N VAL A 10 3.12 12.05 15.24
CA VAL A 10 1.80 11.78 14.69
C VAL A 10 1.35 10.36 15.03
N GLY A 11 1.82 9.82 16.14
CA GLY A 11 1.40 8.48 16.51
C GLY A 11 0.42 8.44 17.68
N SER A 12 0.29 9.53 18.41
CA SER A 12 -0.51 9.57 19.61
C SER A 12 -1.28 10.87 19.67
N VAL A 13 -1.98 11.08 20.77
CA VAL A 13 -2.74 12.30 21.01
C VAL A 13 -1.88 13.21 21.89
N ILE A 14 -1.39 14.31 21.31
CA ILE A 14 -0.65 15.33 22.06
C ILE A 14 -1.59 16.50 22.27
N PRO A 15 -2.03 16.78 23.50
CA PRO A 15 -3.02 17.84 23.74
C PRO A 15 -2.45 19.22 23.42
N GLN A 16 -3.08 19.91 22.50
CA GLN A 16 -2.75 21.30 22.20
C GLN A 16 -3.96 22.22 22.21
N THR A 17 -5.10 21.74 21.74
CA THR A 17 -6.32 22.53 21.70
C THR A 17 -6.90 22.69 23.10
N ALA A 18 -7.71 23.74 23.27
CA ALA A 18 -8.45 23.89 24.52
C ALA A 18 -9.37 22.70 24.77
N GLU A 19 -9.91 22.10 23.71
CA GLU A 19 -10.72 20.90 23.88
C GLU A 19 -9.90 19.74 24.40
N GLU A 20 -8.69 19.56 23.89
CA GLU A 20 -7.84 18.46 24.35
C GLU A 20 -7.35 18.69 25.78
N TYR A 21 -7.06 19.94 26.14
CA TYR A 21 -6.69 20.21 27.51
C TYR A 21 -7.87 20.05 28.45
N ARG A 22 -9.08 20.35 28.00
CA ARG A 22 -10.25 20.06 28.82
C ARG A 22 -10.45 18.57 28.98
N ALA A 23 -10.15 17.78 27.93
CA ALA A 23 -10.22 16.33 28.06
C ALA A 23 -9.21 15.81 29.08
N LEU A 24 -7.99 16.35 29.03
CA LEU A 24 -6.96 15.98 30.00
C LEU A 24 -7.38 16.34 31.42
N LEU A 25 -7.93 17.55 31.60
CA LEU A 25 -8.38 17.96 32.92
C LEU A 25 -9.60 17.17 33.39
N ALA A 26 -10.45 16.73 32.48
CA ALA A 26 -11.57 15.86 32.86
C ALA A 26 -11.06 14.51 33.34
N ARG A 27 -10.05 13.96 32.66
CA ARG A 27 -9.42 12.73 33.13
C ARG A 27 -8.81 12.94 34.51
N ALA A 28 -8.21 14.12 34.75
CA ALA A 28 -7.70 14.44 36.08
C ALA A 28 -8.83 14.49 37.11
N TYR A 29 -9.96 15.10 36.76
CA TYR A 29 -11.12 15.17 37.65
C TYR A 29 -11.63 13.77 38.00
N LEU A 30 -11.58 12.85 37.04
CA LEU A 30 -12.07 11.49 37.27
C LEU A 30 -11.33 10.81 38.42
N ASN A 31 -10.02 11.02 38.50
CA ASN A 31 -9.17 10.28 39.42
C ASN A 31 -8.98 10.97 40.76
N VAL A 32 -9.87 11.87 41.15
CA VAL A 32 -9.75 12.52 42.46
C VAL A 32 -10.01 11.46 43.52
N PRO A 33 -9.06 11.21 44.42
CA PRO A 33 -9.18 10.07 45.34
C PRO A 33 -10.35 10.23 46.32
N ASN A 34 -10.95 9.10 46.66
CA ASN A 34 -12.05 9.05 47.62
C ASN A 34 -11.51 8.78 49.04
N ASP A 35 -10.52 9.56 49.43
CA ASP A 35 -9.81 9.30 50.68
C ASP A 35 -10.40 10.05 51.88
N ARG A 36 -11.34 10.95 51.66
CA ARG A 36 -11.98 11.61 52.79
C ARG A 36 -12.92 10.65 53.53
N GLY A 37 -13.59 9.76 52.80
CA GLY A 37 -14.36 8.72 53.45
C GLY A 37 -13.49 7.73 54.21
N LEU A 38 -12.37 7.34 53.61
CA LEU A 38 -11.43 6.46 54.29
C LEU A 38 -10.86 7.13 55.55
N ALA A 39 -10.70 8.45 55.51
CA ALA A 39 -10.25 9.17 56.69
C ALA A 39 -11.35 9.21 57.76
N CYS A 40 -12.58 9.47 57.34
CA CYS A 40 -13.70 9.48 58.28
C CYS A 40 -13.98 8.10 58.86
N LEU A 41 -13.45 7.05 58.24
CA LEU A 41 -13.47 5.73 58.85
C LEU A 41 -12.83 5.73 60.23
N ARG A 42 -11.89 6.63 60.48
CA ARG A 42 -11.22 6.75 61.77
C ARG A 42 -12.01 7.59 62.78
N SER A 43 -13.17 8.10 62.40
CA SER A 43 -14.01 8.91 63.28
C SER A 43 -15.02 8.01 63.98
N ASP A 44 -16.03 8.64 64.59
CA ASP A 44 -17.06 7.94 65.33
C ASP A 44 -18.35 7.78 64.53
N GLU A 45 -18.32 8.00 63.23
CA GLU A 45 -19.50 7.96 62.38
C GLU A 45 -19.57 6.73 61.49
N MET A 46 -18.63 5.79 61.62
CA MET A 46 -18.62 4.61 60.77
C MET A 46 -18.21 3.40 61.59
N LEU A 47 -18.74 2.24 61.20
CA LEU A 47 -18.51 0.98 61.91
C LEU A 47 -18.37 -0.12 60.87
N VAL A 48 -17.18 -0.71 60.77
CA VAL A 48 -16.94 -1.76 59.79
C VAL A 48 -17.76 -2.99 60.17
N ASN A 49 -18.06 -3.81 59.18
CA ASN A 49 -18.82 -5.03 59.41
C ASN A 49 -18.04 -6.00 60.30
N ASP A 50 -18.78 -6.91 60.93
CA ASP A 50 -18.19 -7.91 61.82
C ASP A 50 -17.71 -9.15 61.09
N ASN A 51 -17.85 -9.20 59.78
CA ASN A 51 -17.41 -10.34 58.99
C ASN A 51 -15.99 -10.12 58.47
N GLU A 52 -15.38 -11.22 58.02
CA GLU A 52 -14.05 -11.15 57.43
C GLU A 52 -14.15 -10.66 56.00
N TYR A 53 -12.96 -10.48 55.39
CA TYR A 53 -12.81 -9.94 54.04
C TYR A 53 -13.21 -8.46 54.00
N ASP A 54 -13.73 -7.96 55.12
CA ASP A 54 -14.01 -6.55 55.32
C ASP A 54 -13.34 -5.99 56.55
N ARG A 55 -13.04 -6.83 57.54
CA ARG A 55 -12.22 -6.39 58.66
C ARG A 55 -10.76 -6.25 58.25
N ASN A 56 -10.29 -7.16 57.40
CA ASN A 56 -8.90 -7.11 56.95
C ASN A 56 -8.58 -5.84 56.19
N SER A 57 -9.58 -5.19 55.60
CA SER A 57 -9.36 -4.01 54.77
C SER A 57 -9.45 -2.71 55.58
N TYR A 58 -10.50 -2.56 56.39
CA TYR A 58 -10.79 -1.30 57.03
C TYR A 58 -10.72 -1.33 58.55
N GLY A 59 -10.50 -2.51 59.15
CA GLY A 59 -10.49 -2.59 60.60
C GLY A 59 -9.33 -1.83 61.22
N ASP A 60 -8.13 -2.00 60.65
CA ASP A 60 -6.96 -1.31 61.20
C ASP A 60 -7.07 0.20 61.03
N ILE A 61 -7.72 0.66 59.96
CA ILE A 61 -8.04 2.08 59.84
C ILE A 61 -9.02 2.49 60.92
N GLU A 62 -10.02 1.66 61.20
CA GLU A 62 -11.02 1.99 62.21
C GLU A 62 -10.39 2.11 63.59
N ARG A 63 -9.48 1.21 63.94
CA ARG A 63 -8.88 1.15 65.26
C ARG A 63 -7.63 2.01 65.39
N TRP A 64 -7.28 2.80 64.37
CA TRP A 64 -6.07 3.63 64.38
C TRP A 64 -4.83 2.77 64.60
N ASN A 65 -4.78 1.61 63.95
CA ASN A 65 -3.62 0.72 64.04
C ASN A 65 -2.57 1.14 63.01
N ASP A 66 -1.93 2.26 63.30
CA ASP A 66 -0.94 2.81 62.38
C ASP A 66 0.36 2.01 62.42
N VAL A 67 0.81 1.62 63.62
CA VAL A 67 2.16 1.07 63.78
C VAL A 67 2.28 -0.32 63.16
N SER A 68 1.27 -1.17 63.34
CA SER A 68 1.31 -2.55 62.85
C SER A 68 -0.02 -2.89 62.19
N PRO A 69 -0.29 -2.33 61.01
CA PRO A 69 -1.54 -2.65 60.32
C PRO A 69 -1.46 -4.01 59.65
N PHE A 70 -2.63 -4.51 59.26
CA PHE A 70 -2.68 -5.75 58.50
C PHE A 70 -2.04 -5.56 57.14
N PRO A 71 -1.32 -6.56 56.63
CA PRO A 71 -0.73 -6.43 55.29
C PRO A 71 -1.73 -6.05 54.21
N GLY A 72 -2.94 -6.57 54.28
CA GLY A 72 -3.96 -6.31 53.28
C GLY A 72 -4.88 -5.15 53.58
N THR A 73 -4.55 -4.31 54.56
CA THR A 73 -5.40 -3.19 54.89
C THR A 73 -5.44 -2.18 53.74
N SER A 74 -6.56 -1.47 53.63
CA SER A 74 -6.75 -0.55 52.53
C SER A 74 -5.82 0.65 52.67
N GLN A 75 -5.13 0.98 51.59
CA GLN A 75 -4.10 2.01 51.60
C GLN A 75 -4.67 3.34 51.10
N PHE A 76 -4.11 4.42 51.63
CA PHE A 76 -4.46 5.75 51.15
C PHE A 76 -3.74 6.03 49.83
N THR A 77 -4.49 6.55 48.86
CA THR A 77 -4.00 6.67 47.49
C THR A 77 -3.13 7.92 47.36
N TRP A 78 -1.88 7.77 47.78
CA TRP A 78 -0.91 8.85 47.64
C TRP A 78 -0.53 9.08 46.18
N SER A 79 -0.57 8.04 45.35
CA SER A 79 -0.13 8.16 43.97
C SER A 79 -1.15 8.91 43.13
N ASN A 80 -2.45 8.68 43.37
CA ASN A 80 -3.49 9.33 42.58
C ASN A 80 -3.55 10.83 42.86
N PHE A 81 -3.31 11.22 44.10
CA PHE A 81 -3.26 12.64 44.43
C PHE A 81 -2.24 13.35 43.56
N TYR A 82 -1.04 12.79 43.45
CA TYR A 82 0.02 13.45 42.70
C TYR A 82 -0.09 13.23 41.21
N ASN A 83 -0.82 12.21 40.76
CA ASN A 83 -1.15 12.12 39.34
C ASN A 83 -2.10 13.24 38.93
N VAL A 84 -3.15 13.47 39.73
CA VAL A 84 -4.06 14.57 39.43
C VAL A 84 -3.34 15.90 39.57
N LEU A 85 -2.44 16.01 40.55
CA LEU A 85 -1.64 17.23 40.69
C LEU A 85 -0.73 17.44 39.49
N PHE A 86 -0.15 16.37 38.95
CA PHE A 86 0.68 16.51 37.76
C PHE A 86 -0.13 17.04 36.59
N ILE A 87 -1.34 16.52 36.39
CA ILE A 87 -2.14 17.01 35.27
C ILE A 87 -2.57 18.46 35.49
N ALA A 88 -2.93 18.81 36.73
CA ALA A 88 -3.26 20.20 37.04
C ALA A 88 -2.08 21.11 36.75
N ASN A 89 -0.87 20.70 37.13
CA ASN A 89 0.30 21.52 36.88
C ASN A 89 0.64 21.59 35.41
N GLN A 90 0.39 20.52 34.65
CA GLN A 90 0.59 20.58 33.20
C GLN A 90 -0.34 21.60 32.56
N VAL A 91 -1.61 21.61 32.97
CA VAL A 91 -2.56 22.58 32.45
C VAL A 91 -2.15 23.99 32.85
N ILE A 92 -1.66 24.16 34.08
CA ILE A 92 -1.21 25.47 34.54
C ILE A 92 0.00 25.94 33.73
N GLU A 93 0.96 25.03 33.48
CA GLU A 93 2.16 25.41 32.76
C GLU A 93 1.92 25.69 31.29
N SER A 94 0.92 25.05 30.68
CA SER A 94 0.59 25.30 29.28
C SER A 94 -0.59 26.26 29.22
N GLN A 95 -0.33 27.52 29.58
CA GLN A 95 -1.33 28.59 29.49
C GLN A 95 -1.33 29.24 28.11
N LYS A 96 -0.16 29.69 27.67
CA LYS A 96 -0.02 30.36 26.38
C LYS A 96 0.14 29.41 25.22
N GLU A 97 0.25 28.11 25.48
CA GLU A 97 0.36 27.10 24.44
C GLU A 97 -0.97 26.45 24.11
N ILE A 98 -2.07 26.90 24.71
CA ILE A 98 -3.40 26.39 24.42
C ILE A 98 -3.96 27.15 23.23
N THR A 99 -4.30 26.44 22.17
CA THR A 99 -4.80 27.04 20.95
C THR A 99 -6.26 26.67 20.73
N GLU A 100 -6.85 27.31 19.72
CA GLU A 100 -8.23 27.05 19.30
C GLU A 100 -9.21 27.18 20.46
N GLY A 101 -9.03 28.24 21.26
CA GLY A 101 -9.94 28.52 22.35
C GLY A 101 -9.97 30.00 22.70
N THR A 102 -11.14 30.50 23.07
CA THR A 102 -11.28 31.89 23.43
C THR A 102 -10.55 32.20 24.72
N PRO A 103 -10.14 33.45 24.93
CA PRO A 103 -9.46 33.80 26.19
C PRO A 103 -10.22 33.39 27.43
N GLU A 104 -11.55 33.51 27.43
CA GLU A 104 -12.33 33.14 28.61
C GLU A 104 -12.25 31.65 28.89
N VAL A 105 -12.33 30.82 27.84
CA VAL A 105 -12.29 29.37 28.02
C VAL A 105 -10.94 28.93 28.57
N VAL A 106 -9.85 29.47 28.00
CA VAL A 106 -8.52 29.12 28.48
C VAL A 106 -8.31 29.62 29.90
N ASN A 107 -8.79 30.83 30.20
CA ASN A 107 -8.65 31.36 31.55
C ASN A 107 -9.41 30.49 32.54
N GLN A 108 -10.59 30.01 32.18
CA GLN A 108 -11.32 29.14 33.10
C GLN A 108 -10.65 27.79 33.24
N LEU A 109 -10.06 27.27 32.17
CA LEU A 109 -9.31 26.03 32.28
C LEU A 109 -8.16 26.16 33.27
N VAL A 110 -7.41 27.26 33.17
CA VAL A 110 -6.28 27.47 34.07
C VAL A 110 -6.77 27.73 35.49
N GLY A 111 -7.88 28.44 35.65
CA GLY A 111 -8.42 28.65 36.98
C GLY A 111 -8.91 27.37 37.62
N GLU A 112 -9.55 26.50 36.83
CA GLU A 112 -9.96 25.20 37.33
C GLU A 112 -8.76 24.36 37.73
N ALA A 113 -7.69 24.42 36.95
CA ALA A 113 -6.47 23.72 37.32
C ALA A 113 -5.89 24.26 38.62
N HIS A 114 -5.88 25.58 38.78
CA HIS A 114 -5.39 26.19 40.01
C HIS A 114 -6.21 25.76 41.21
N LEU A 115 -7.54 25.77 41.08
CA LEU A 115 -8.40 25.39 42.18
C LEU A 115 -8.31 23.90 42.48
N LEU A 116 -8.14 23.07 41.45
CA LEU A 116 -7.92 21.65 41.66
C LEU A 116 -6.62 21.41 42.42
N ARG A 117 -5.55 22.13 42.07
CA ARG A 117 -4.30 22.01 42.79
C ARG A 117 -4.45 22.45 44.24
N ALA A 118 -5.12 23.58 44.47
CA ALA A 118 -5.33 24.04 45.85
C ALA A 118 -6.15 23.05 46.65
N TYR A 119 -7.21 22.50 46.05
CA TYR A 119 -8.06 21.55 46.74
C TYR A 119 -7.31 20.25 47.05
N LEU A 120 -6.52 19.76 46.10
CA LEU A 120 -5.76 18.53 46.33
C LEU A 120 -4.73 18.72 47.42
N HIS A 121 -4.01 19.84 47.40
CA HIS A 121 -3.04 20.11 48.46
C HIS A 121 -3.76 20.26 49.80
N PHE A 122 -4.95 20.87 49.80
CA PHE A 122 -5.70 21.03 51.04
C PHE A 122 -6.08 19.69 51.65
N VAL A 123 -6.71 18.82 50.84
CA VAL A 123 -7.13 17.52 51.37
C VAL A 123 -5.93 16.67 51.71
N LEU A 124 -4.83 16.76 50.96
CA LEU A 124 -3.63 15.99 51.27
C LEU A 124 -3.00 16.43 52.58
N VAL A 125 -2.91 17.75 52.81
CA VAL A 125 -2.31 18.25 54.04
C VAL A 125 -3.22 18.06 55.23
N ASN A 126 -4.52 17.90 55.00
CA ASN A 126 -5.40 17.54 56.11
C ASN A 126 -5.42 16.04 56.37
N LEU A 127 -5.09 15.23 55.37
CA LEU A 127 -4.94 13.80 55.60
C LEU A 127 -3.66 13.51 56.37
N HIS A 128 -2.52 13.93 55.83
CA HIS A 128 -1.22 13.50 56.32
C HIS A 128 -0.43 14.60 57.01
N GLY A 129 -1.07 15.71 57.35
CA GLY A 129 -0.39 16.78 58.05
C GLY A 129 -1.08 17.16 59.34
N GLN A 130 -0.33 17.74 60.28
CA GLN A 130 -0.91 18.13 61.55
C GLN A 130 -1.90 19.27 61.35
N PRO A 131 -2.93 19.36 62.18
CA PRO A 131 -3.93 20.43 62.01
C PRO A 131 -3.30 21.81 62.16
N TYR A 132 -3.81 22.76 61.37
CA TYR A 132 -3.27 24.11 61.38
C TYR A 132 -3.47 24.77 62.74
N THR A 133 -4.62 24.57 63.36
CA THR A 133 -4.92 25.21 64.65
C THR A 133 -4.11 24.62 65.79
N LYS A 134 -3.54 23.44 65.62
CA LYS A 134 -2.75 22.82 66.67
C LYS A 134 -1.49 23.63 66.93
N SER A 135 -1.14 23.77 68.22
CA SER A 135 0.05 24.51 68.59
C SER A 135 1.29 23.71 68.25
N GLY A 136 2.28 24.38 67.64
CA GLY A 136 3.49 23.70 67.22
C GLY A 136 3.38 22.94 65.93
N ALA A 137 2.32 23.16 65.15
CA ALA A 137 2.11 22.44 63.90
C ALA A 137 2.40 23.26 62.66
N LEU A 138 2.49 24.58 62.77
CA LEU A 138 2.74 25.43 61.60
C LEU A 138 4.13 25.21 61.03
N ASN A 139 5.05 24.61 61.78
CA ASN A 139 6.42 24.40 61.34
C ASN A 139 6.75 22.92 61.22
N SER A 140 5.75 22.05 61.17
CA SER A 140 5.95 20.62 61.04
C SER A 140 5.82 20.22 59.57
N LYS A 141 6.76 19.43 59.09
CA LYS A 141 6.76 19.02 57.68
C LYS A 141 5.62 18.03 57.44
N SER A 142 4.67 18.41 56.57
CA SER A 142 3.48 17.59 56.34
C SER A 142 3.54 16.80 55.04
N ILE A 143 3.56 17.49 53.90
CA ILE A 143 3.51 16.85 52.58
C ILE A 143 4.33 17.66 51.59
N PRO A 144 4.89 17.04 50.57
CA PRO A 144 5.52 17.82 49.49
C PRO A 144 4.47 18.53 48.64
N LEU A 145 4.86 19.70 48.12
CA LEU A 145 4.00 20.50 47.27
C LEU A 145 4.39 20.26 45.81
N LYS A 146 3.43 19.77 45.01
CA LYS A 146 3.63 19.52 43.59
C LYS A 146 3.27 20.78 42.82
N LEU A 147 4.27 21.61 42.56
CA LEU A 147 4.06 22.91 41.92
C LEU A 147 4.66 22.99 40.52
N ASP A 148 5.03 21.85 39.93
CA ASP A 148 5.55 21.83 38.57
C ASP A 148 5.26 20.46 37.98
N THR A 149 5.85 20.19 36.81
CA THR A 149 5.74 18.89 36.16
C THR A 149 7.08 18.19 36.05
N ASP A 150 8.03 18.53 36.92
CA ASP A 150 9.37 17.96 36.86
C ASP A 150 9.35 16.46 37.17
N LEU A 151 10.17 15.70 36.44
CA LEU A 151 10.26 14.25 36.62
C LEU A 151 11.56 13.80 37.26
N GLU A 152 12.63 14.58 37.14
CA GLU A 152 13.94 14.20 37.66
C GLU A 152 14.25 14.91 38.98
N LYS A 153 13.24 15.17 39.78
CA LYS A 153 13.37 15.88 41.05
C LYS A 153 12.70 15.08 42.14
N THR A 154 13.32 15.02 43.31
CA THR A 154 12.72 14.39 44.48
C THR A 154 12.19 15.48 45.40
N LEU A 155 10.90 15.41 45.71
CA LEU A 155 10.24 16.43 46.49
C LEU A 155 10.38 16.15 47.98
N GLY A 156 10.67 17.21 48.74
CA GLY A 156 10.74 17.11 50.18
C GLY A 156 9.49 17.66 50.84
N ARG A 157 9.26 17.22 52.08
CA ARG A 157 8.06 17.61 52.80
C ARG A 157 8.11 19.09 53.15
N ASN A 158 6.99 19.77 52.94
CA ASN A 158 6.86 21.18 53.30
C ASN A 158 6.15 21.30 54.64
N THR A 159 6.40 22.41 55.33
CA THR A 159 5.70 22.66 56.58
C THR A 159 4.24 23.03 56.29
N VAL A 160 3.40 22.90 57.31
CA VAL A 160 1.97 23.13 57.14
C VAL A 160 1.71 24.58 56.73
N GLU A 161 2.50 25.51 57.25
CA GLU A 161 2.34 26.92 56.89
C GLU A 161 2.61 27.14 55.41
N GLU A 162 3.67 26.53 54.87
CA GLU A 162 3.96 26.66 53.46
C GLU A 162 2.86 26.06 52.59
N VAL A 163 2.35 24.90 53.00
CA VAL A 163 1.29 24.25 52.23
C VAL A 163 0.04 25.12 52.20
N TYR A 164 -0.34 25.68 53.35
CA TYR A 164 -1.54 26.52 53.39
C TYR A 164 -1.33 27.84 52.66
N THR A 165 -0.11 28.38 52.70
CA THR A 165 0.20 29.55 51.89
C THR A 165 0.03 29.27 50.42
N SER A 166 0.50 28.09 49.97
CA SER A 166 0.30 27.70 48.58
C SER A 166 -1.17 27.53 48.25
N ILE A 167 -1.93 26.93 49.16
CA ILE A 167 -3.38 26.74 48.92
C ILE A 167 -4.07 28.07 48.76
N LEU A 168 -3.76 29.03 49.65
CA LEU A 168 -4.38 30.35 49.56
C LEU A 168 -3.96 31.08 48.30
N SER A 169 -2.68 30.95 47.92
CA SER A 169 -2.20 31.57 46.69
C SER A 169 -2.93 31.01 45.47
N ASP A 170 -3.14 29.69 45.44
CA ASP A 170 -3.84 29.10 44.30
C ASP A 170 -5.33 29.48 44.30
N ILE A 171 -5.93 29.62 45.49
CA ILE A 171 -7.32 30.09 45.54
C ILE A 171 -7.41 31.50 44.96
N GLU A 172 -6.45 32.36 45.31
CA GLU A 172 -6.44 33.71 44.74
C GLU A 172 -6.21 33.69 43.24
N HIS A 173 -5.31 32.81 42.77
CA HIS A 173 -5.07 32.69 41.34
C HIS A 173 -6.32 32.23 40.60
N ALA A 174 -7.07 31.29 41.19
CA ALA A 174 -8.28 30.79 40.56
C ALA A 174 -9.41 31.81 40.62
N ARG A 175 -9.41 32.68 41.63
CA ARG A 175 -10.48 33.66 41.75
C ARG A 175 -10.50 34.62 40.56
N GLU A 176 -9.32 34.97 40.05
CA GLU A 176 -9.21 35.91 38.95
C GLU A 176 -9.20 35.25 37.59
N LEU A 177 -9.41 33.94 37.52
CA LEU A 177 -9.39 33.21 36.26
C LEU A 177 -10.66 32.46 35.95
N ILE A 178 -11.33 31.89 36.96
CA ILE A 178 -12.57 31.18 36.71
C ILE A 178 -13.67 32.19 36.40
N ASN A 179 -14.35 31.98 35.27
CA ASN A 179 -15.37 32.92 34.81
C ASN A 179 -16.69 32.24 34.43
N LYS A 180 -16.97 31.07 35.01
CA LYS A 180 -18.20 30.34 34.72
C LYS A 180 -19.05 30.35 35.97
N GLU A 181 -20.21 31.01 35.91
CA GLU A 181 -21.08 31.11 37.08
C GLU A 181 -21.76 29.78 37.37
N LYS A 182 -22.17 29.05 36.33
CA LYS A 182 -22.90 27.80 36.52
C LYS A 182 -22.56 26.85 35.40
N TRP A 183 -22.35 25.58 35.75
CA TRP A 183 -22.06 24.52 34.80
C TRP A 183 -23.29 23.64 34.64
N GLU A 184 -23.29 22.85 33.58
CA GLU A 184 -24.39 21.92 33.37
C GLU A 184 -24.42 20.89 34.49
N THR A 185 -25.58 20.26 34.67
CA THR A 185 -25.72 19.28 35.74
C THR A 185 -24.81 18.08 35.51
N VAL A 186 -24.70 17.61 34.27
CA VAL A 186 -23.82 16.50 33.97
C VAL A 186 -22.36 16.88 34.15
N PHE A 187 -22.01 18.13 33.83
CA PHE A 187 -20.65 18.63 33.98
C PHE A 187 -20.36 19.36 35.29
N SER A 188 -21.19 19.15 36.32
CA SER A 188 -21.16 19.96 37.53
C SER A 188 -19.94 19.70 38.40
N TYR A 189 -19.15 18.67 38.09
CA TYR A 189 -17.93 18.43 38.85
C TYR A 189 -16.90 19.53 38.64
N ARG A 190 -16.98 20.24 37.52
CA ARG A 190 -16.05 21.32 37.23
C ARG A 190 -16.32 22.52 38.14
N PHE A 191 -15.24 23.22 38.49
CA PHE A 191 -15.32 24.30 39.46
C PHE A 191 -15.97 25.54 38.84
N ASN A 192 -16.94 26.12 39.56
CA ASN A 192 -17.63 27.31 39.15
C ASN A 192 -16.99 28.55 39.79
N VAL A 193 -17.67 29.68 39.69
CA VAL A 193 -17.23 30.87 40.41
C VAL A 193 -17.45 30.71 41.91
N LEU A 194 -18.58 30.12 42.31
CA LEU A 194 -18.86 29.92 43.73
C LEU A 194 -17.97 28.86 44.36
N SER A 195 -17.35 27.99 43.55
CA SER A 195 -16.45 26.98 44.09
C SER A 195 -15.24 27.62 44.73
N VAL A 196 -14.73 28.70 44.15
CA VAL A 196 -13.58 29.39 44.75
C VAL A 196 -13.94 29.90 46.13
N ASP A 197 -15.13 30.50 46.27
CA ASP A 197 -15.54 31.04 47.57
C ASP A 197 -15.80 29.93 48.58
N ALA A 198 -16.41 28.82 48.14
CA ALA A 198 -16.65 27.70 49.04
C ALA A 198 -15.33 27.10 49.53
N LEU A 199 -14.37 26.93 48.63
CA LEU A 199 -13.06 26.41 49.02
C LEU A 199 -12.34 27.37 49.94
N GLN A 200 -12.44 28.67 49.66
CA GLN A 200 -11.82 29.66 50.55
C GLN A 200 -12.44 29.60 51.94
N SER A 201 -13.75 29.45 52.01
CA SER A 201 -14.43 29.37 53.30
C SER A 201 -13.97 28.13 54.07
N ARG A 202 -13.90 26.98 53.39
CA ARG A 202 -13.44 25.77 54.08
C ARG A 202 -11.99 25.89 54.53
N VAL A 203 -11.13 26.44 53.67
CA VAL A 203 -9.72 26.58 54.02
C VAL A 203 -9.55 27.50 55.21
N SER A 204 -10.28 28.62 55.23
CA SER A 204 -10.19 29.54 56.36
C SER A 204 -10.80 28.97 57.62
N LEU A 205 -11.85 28.15 57.49
CA LEU A 205 -12.40 27.46 58.66
C LEU A 205 -11.39 26.50 59.25
N TYR A 206 -10.70 25.74 58.40
CA TYR A 206 -9.69 24.81 58.88
C TYR A 206 -8.48 25.53 59.45
N MET A 207 -8.16 26.71 58.90
CA MET A 207 -7.04 27.50 59.41
C MET A 207 -7.37 28.18 60.73
N GLY A 208 -8.62 28.56 60.94
CA GLY A 208 -9.00 29.36 62.08
C GLY A 208 -9.19 30.82 61.79
N ALA A 209 -9.09 31.24 60.53
CA ALA A 209 -9.33 32.62 60.13
C ALA A 209 -10.84 32.82 60.00
N TRP A 210 -11.46 33.08 61.14
CA TRP A 210 -12.91 33.26 61.18
C TRP A 210 -13.42 34.43 60.33
N PRO A 211 -12.81 35.63 60.35
CA PRO A 211 -13.35 36.71 59.51
C PRO A 211 -13.38 36.38 58.03
N LYS A 212 -12.29 35.81 57.49
CA LYS A 212 -12.27 35.46 56.07
C LYS A 212 -13.23 34.32 55.78
N CYS A 213 -13.35 33.36 56.70
CA CYS A 213 -14.31 32.27 56.52
C CYS A 213 -15.73 32.81 56.41
N LEU A 214 -16.10 33.71 57.33
CA LEU A 214 -17.44 34.29 57.28
C LEU A 214 -17.63 35.14 56.03
N GLU A 215 -16.60 35.89 55.64
CA GLU A 215 -16.70 36.72 54.45
C GLU A 215 -16.97 35.87 53.21
N SER A 216 -16.22 34.78 53.06
CA SER A 216 -16.39 33.91 51.90
C SER A 216 -17.74 33.19 51.94
N ALA A 217 -18.15 32.73 53.12
CA ALA A 217 -19.44 32.05 53.25
C ALA A 217 -20.59 32.99 52.91
N GLU A 218 -20.50 34.24 53.36
CA GLU A 218 -21.54 35.21 53.03
C GLU A 218 -21.50 35.58 51.55
N ALA A 219 -20.30 35.63 50.96
CA ALA A 219 -20.18 35.94 49.54
C ALA A 219 -20.84 34.87 48.68
N VAL A 220 -20.62 33.59 49.02
CA VAL A 220 -21.30 32.54 48.27
C VAL A 220 -22.79 32.46 48.63
N LEU A 221 -23.15 32.78 49.87
CA LEU A 221 -24.54 32.72 50.32
C LEU A 221 -25.39 33.85 49.76
N ALA A 222 -24.78 34.92 49.24
CA ALA A 222 -25.55 35.97 48.61
C ALA A 222 -26.08 35.56 47.24
N LYS A 223 -25.50 34.54 46.62
CA LYS A 223 -25.91 34.08 45.30
C LYS A 223 -26.63 32.75 45.33
N LYS A 224 -26.12 31.77 46.08
CA LYS A 224 -26.76 30.47 46.25
C LYS A 224 -27.05 30.28 47.72
N SER A 225 -28.33 30.27 48.09
CA SER A 225 -28.72 30.09 49.48
C SER A 225 -29.79 29.03 49.65
N VAL A 226 -30.49 28.63 48.59
CA VAL A 226 -31.67 27.79 48.69
C VAL A 226 -31.27 26.39 49.12
N LEU A 227 -31.87 25.91 50.20
CA LEU A 227 -31.57 24.60 50.76
C LEU A 227 -32.57 23.57 50.26
N VAL A 228 -32.36 22.32 50.64
CA VAL A 228 -33.30 21.25 50.37
C VAL A 228 -34.23 21.14 51.57
N ASP A 229 -35.47 21.58 51.39
CA ASP A 229 -36.49 21.52 52.44
C ASP A 229 -36.99 20.09 52.54
N MET A 230 -36.45 19.34 53.50
CA MET A 230 -36.79 17.93 53.61
C MET A 230 -38.04 17.67 54.45
N ASN A 231 -38.65 18.71 55.03
CA ASN A 231 -39.99 18.54 55.56
C ASN A 231 -41.02 18.45 54.44
N GLU A 232 -40.81 19.18 53.34
CA GLU A 232 -41.64 19.00 52.15
C GLU A 232 -41.33 17.69 51.45
N THR A 233 -40.04 17.37 51.29
CA THR A 233 -39.60 16.15 50.62
C THR A 233 -38.80 15.32 51.60
N PRO A 234 -39.42 14.35 52.29
CA PRO A 234 -38.73 13.62 53.35
C PRO A 234 -37.73 12.58 52.87
N LEU A 235 -37.43 12.52 51.58
CA LEU A 235 -36.53 11.51 51.04
C LEU A 235 -35.50 12.09 50.10
N ALA A 236 -35.30 13.42 50.14
CA ALA A 236 -34.38 14.10 49.25
C ALA A 236 -33.06 14.32 49.97
N LEU A 237 -31.98 13.84 49.38
CA LEU A 237 -30.66 13.96 49.96
C LEU A 237 -29.95 15.17 49.38
N PRO A 238 -29.47 16.11 50.20
CA PRO A 238 -28.67 17.22 49.65
C PRO A 238 -27.35 16.77 49.05
N ASN A 239 -26.88 15.57 49.41
CA ASN A 239 -25.66 15.02 48.85
C ASN A 239 -25.79 14.72 47.36
N HIS A 240 -27.02 14.62 46.85
CA HIS A 240 -27.25 14.28 45.46
C HIS A 240 -26.76 15.41 44.55
N PHE A 241 -26.21 15.02 43.40
CA PHE A 241 -25.67 16.02 42.47
C PHE A 241 -26.77 16.79 41.75
N GLU A 242 -27.95 16.19 41.60
CA GLU A 242 -29.08 16.89 41.02
C GLU A 242 -29.67 17.95 41.93
N SER A 243 -29.28 17.96 43.21
CA SER A 243 -29.87 18.86 44.18
C SER A 243 -29.52 20.31 43.87
N VAL A 244 -30.42 21.21 44.25
CA VAL A 244 -30.14 22.63 44.14
C VAL A 244 -29.10 23.07 45.15
N GLU A 245 -28.86 22.24 46.17
CA GLU A 245 -27.87 22.57 47.20
C GLU A 245 -26.44 22.37 46.72
N SER A 246 -26.22 21.45 45.78
CA SER A 246 -24.87 21.16 45.32
C SER A 246 -24.26 22.36 44.63
N ILE A 247 -22.97 22.56 44.86
CA ILE A 247 -22.17 23.57 44.17
C ILE A 247 -21.17 22.91 43.24
N THR A 248 -20.37 21.98 43.76
CA THR A 248 -19.42 21.20 42.96
C THR A 248 -19.67 19.73 43.27
N ALA A 249 -20.14 18.98 42.28
CA ALA A 249 -20.38 17.55 42.44
C ALA A 249 -19.18 16.77 41.89
N LEU A 250 -18.06 16.93 42.58
CA LEU A 250 -16.79 16.35 42.13
C LEU A 250 -16.46 15.05 42.85
N GLU A 251 -16.35 15.09 44.17
CA GLU A 251 -15.80 13.99 44.94
C GLU A 251 -16.92 13.08 45.44
N GLN A 252 -16.90 11.83 45.00
CA GLN A 252 -17.75 10.79 45.57
C GLN A 252 -17.04 10.27 46.81
N VAL A 253 -17.41 10.83 47.97
CA VAL A 253 -16.60 10.65 49.17
C VAL A 253 -16.54 9.18 49.58
N MET A 254 -17.67 8.49 49.53
CA MET A 254 -17.74 7.09 49.95
C MET A 254 -17.74 6.20 48.71
N GLY A 255 -16.71 5.38 48.58
CA GLY A 255 -16.66 4.43 47.49
C GLY A 255 -17.65 3.30 47.70
N SER A 256 -17.80 2.47 46.66
CA SER A 256 -18.71 1.34 46.75
C SER A 256 -18.29 0.37 47.84
N SER A 257 -17.01 0.00 47.86
CA SER A 257 -16.53 -0.95 48.86
C SER A 257 -16.62 -0.36 50.27
N VAL A 258 -16.18 0.88 50.43
CA VAL A 258 -16.17 1.49 51.76
C VAL A 258 -17.60 1.65 52.27
N ASN A 259 -18.52 2.08 51.42
CA ASN A 259 -19.91 2.21 51.84
C ASN A 259 -20.51 0.85 52.17
N ASN A 260 -20.22 -0.17 51.36
CA ASN A 260 -20.79 -1.48 51.60
C ASN A 260 -20.19 -2.16 52.82
N ALA A 261 -19.04 -1.71 53.30
CA ALA A 261 -18.35 -2.39 54.39
C ALA A 261 -18.44 -1.66 55.72
N VAL A 262 -19.33 -0.67 55.85
CA VAL A 262 -19.48 0.09 57.09
C VAL A 262 -20.95 0.23 57.45
N TRP A 263 -21.23 0.25 58.75
CA TRP A 263 -22.52 0.58 59.31
C TRP A 263 -22.49 2.01 59.86
N VAL A 264 -23.54 2.40 60.55
CA VAL A 264 -23.55 3.63 61.33
C VAL A 264 -23.80 3.25 62.78
N PRO A 265 -22.84 3.47 63.69
CA PRO A 265 -23.03 3.02 65.08
C PRO A 265 -24.18 3.75 65.75
N ALA A 266 -24.83 3.06 66.68
CA ALA A 266 -25.95 3.65 67.41
C ALA A 266 -25.50 4.84 68.25
N THR A 267 -24.24 4.85 68.68
CA THR A 267 -23.73 5.98 69.45
C THR A 267 -23.76 7.26 68.63
N PHE A 268 -23.41 7.17 67.35
CA PHE A 268 -23.50 8.34 66.47
C PHE A 268 -24.95 8.72 66.21
N LEU A 269 -25.81 7.72 65.97
CA LEU A 269 -27.21 7.98 65.69
C LEU A 269 -27.93 8.61 66.88
N ALA A 270 -27.42 8.42 68.09
CA ALA A 270 -28.02 9.04 69.27
C ALA A 270 -27.92 10.56 69.24
N LEU A 271 -27.09 11.12 68.36
CA LEU A 271 -26.97 12.57 68.23
C LEU A 271 -28.17 13.20 67.55
N TYR A 272 -28.95 12.41 66.81
CA TYR A 272 -30.14 12.91 66.13
C TYR A 272 -31.31 13.02 67.11
N GLN A 273 -32.09 14.08 66.99
CA GLN A 273 -33.26 14.28 67.84
C GLN A 273 -34.40 13.38 67.38
N GLU A 274 -35.51 13.40 68.13
CA GLU A 274 -36.65 12.57 67.80
C GLU A 274 -37.25 12.98 66.46
N GLY A 275 -37.55 14.26 66.28
CA GLY A 275 -38.04 14.73 65.00
C GLY A 275 -36.93 15.27 64.13
N ASP A 276 -36.42 14.45 63.22
CA ASP A 276 -35.32 14.83 62.36
C ASP A 276 -35.45 14.09 61.03
N LYS A 277 -35.56 14.83 59.93
CA LYS A 277 -35.72 14.20 58.64
C LYS A 277 -34.44 13.53 58.17
N ARG A 278 -33.28 14.02 58.62
CA ARG A 278 -32.02 13.37 58.29
C ARG A 278 -31.93 11.98 58.89
N LEU A 279 -32.64 11.75 60.00
CA LEU A 279 -32.55 10.45 60.68
C LEU A 279 -33.07 9.34 59.78
N ALA A 280 -34.13 9.61 59.02
CA ALA A 280 -34.70 8.61 58.11
C ALA A 280 -34.22 8.74 56.69
N ALA A 281 -33.91 9.95 56.22
CA ALA A 281 -33.48 10.13 54.84
C ALA A 281 -32.07 9.58 54.62
N TYR A 282 -31.15 9.83 55.56
CA TYR A 282 -29.76 9.46 55.34
C TYR A 282 -29.56 7.96 55.39
N PHE A 283 -30.09 7.30 56.43
CA PHE A 283 -29.79 5.90 56.70
C PHE A 283 -31.01 5.02 56.51
N ALA A 284 -30.78 3.72 56.58
CA ALA A 284 -31.82 2.72 56.39
C ALA A 284 -32.46 2.35 57.74
N ALA A 285 -33.25 1.27 57.73
CA ALA A 285 -33.92 0.83 58.95
C ALA A 285 -32.92 0.17 59.90
N PRO A 286 -33.17 0.26 61.20
CA PRO A 286 -32.22 -0.29 62.17
C PRO A 286 -32.08 -1.80 62.04
N ASP A 287 -31.10 -2.34 62.76
CA ASP A 287 -30.76 -3.75 62.76
C ASP A 287 -30.74 -4.27 64.19
N GLU A 288 -30.20 -5.48 64.36
CA GLU A 288 -30.18 -6.13 65.66
C GLU A 288 -29.53 -5.25 66.73
N ASN A 289 -28.42 -4.59 66.38
CA ASN A 289 -27.72 -3.72 67.32
C ASN A 289 -28.06 -2.24 67.10
N GLY A 290 -29.04 -1.95 66.25
CA GLY A 290 -29.39 -0.57 65.95
C GLY A 290 -28.52 0.09 64.89
N ASN A 291 -27.66 -0.67 64.22
CA ASN A 291 -26.79 -0.13 63.19
C ASN A 291 -27.54 -0.02 61.87
N ARG A 292 -27.32 1.08 61.16
CA ARG A 292 -28.00 1.37 59.91
C ARG A 292 -26.98 1.53 58.79
N LYS A 293 -27.26 0.91 57.65
CA LYS A 293 -26.49 1.20 56.46
C LYS A 293 -26.87 2.58 55.93
N SER A 294 -25.91 3.27 55.33
CA SER A 294 -26.11 4.63 54.85
C SER A 294 -26.46 4.62 53.38
N SER A 295 -27.53 5.31 53.01
CA SER A 295 -27.93 5.50 51.63
C SER A 295 -27.49 6.86 51.09
N LYS A 296 -26.50 7.48 51.72
CA LYS A 296 -26.01 8.80 51.35
C LYS A 296 -24.75 8.76 50.50
N GLY A 297 -24.38 7.59 50.00
CA GLY A 297 -23.18 7.49 49.21
C GLY A 297 -23.03 6.11 48.61
N GLY A 298 -21.80 5.80 48.21
CA GLY A 298 -21.49 4.51 47.65
C GLY A 298 -21.75 4.37 46.17
N LYS A 299 -22.43 5.34 45.57
CA LYS A 299 -22.68 5.33 44.14
C LYS A 299 -22.42 6.74 43.59
N ARG A 300 -22.07 6.80 42.32
CA ARG A 300 -21.46 8.00 41.76
C ARG A 300 -22.41 9.20 41.75
N GLU A 301 -23.72 8.98 41.86
CA GLU A 301 -24.65 10.10 41.84
C GLU A 301 -24.68 10.87 43.14
N PHE A 302 -24.12 10.32 44.21
CA PHE A 302 -23.98 11.05 45.47
C PHE A 302 -22.57 11.64 45.56
N SER A 303 -22.27 12.49 44.58
CA SER A 303 -20.99 13.16 44.48
C SER A 303 -21.17 14.60 44.92
N CYS A 304 -20.33 15.05 45.84
CA CYS A 304 -20.46 16.41 46.36
C CYS A 304 -19.15 16.79 47.04
N THR A 305 -18.53 17.86 46.58
CA THR A 305 -17.38 18.47 47.26
C THR A 305 -17.80 19.66 48.09
N PHE A 306 -18.58 20.57 47.50
CA PHE A 306 -19.12 21.73 48.22
C PHE A 306 -20.63 21.79 48.00
N ARG A 307 -21.33 22.35 48.98
CA ARG A 307 -22.75 22.62 48.86
C ARG A 307 -23.15 23.67 49.90
N VAL A 308 -24.40 24.13 49.78
CA VAL A 308 -24.87 25.24 50.62
C VAL A 308 -24.99 24.82 52.08
N GLY A 309 -25.37 23.57 52.34
CA GLY A 309 -25.53 23.14 53.72
C GLY A 309 -24.26 23.26 54.52
N GLU A 310 -23.12 22.98 53.90
CA GLU A 310 -21.83 23.13 54.59
C GLU A 310 -21.51 24.60 54.82
N LEU A 311 -21.85 25.46 53.86
CA LEU A 311 -21.50 26.88 54.00
C LEU A 311 -22.36 27.58 55.04
N TYR A 312 -23.61 27.14 55.23
CA TYR A 312 -24.41 27.69 56.31
C TYR A 312 -23.74 27.43 57.65
N LEU A 313 -23.24 26.21 57.86
CA LEU A 313 -22.55 25.87 59.09
C LEU A 313 -21.21 26.58 59.20
N ASN A 314 -20.51 26.77 58.08
CA ASN A 314 -19.27 27.53 58.10
C ASN A 314 -19.50 28.96 58.58
N ALA A 315 -20.53 29.61 58.02
CA ALA A 315 -20.86 30.97 58.44
C ALA A 315 -21.28 31.00 59.90
N ALA A 316 -22.08 30.02 60.33
CA ALA A 316 -22.51 29.96 61.73
C ALA A 316 -21.32 29.84 62.67
N GLU A 317 -20.38 28.94 62.37
CA GLU A 317 -19.22 28.73 63.23
C GLU A 317 -18.32 29.95 63.23
N ALA A 318 -18.08 30.55 62.07
CA ALA A 318 -17.25 31.75 62.01
C ALA A 318 -17.86 32.88 62.81
N ALA A 319 -19.18 33.08 62.69
CA ALA A 319 -19.84 34.13 63.46
C ALA A 319 -19.78 33.83 64.95
N ALA A 320 -19.98 32.56 65.33
CA ALA A 320 -19.98 32.21 66.75
C ALA A 320 -18.58 32.32 67.35
N ASN A 321 -17.54 32.23 66.53
CA ASN A 321 -16.18 32.26 67.04
C ASN A 321 -15.59 33.66 67.19
N MET A 322 -16.32 34.70 66.78
CA MET A 322 -15.87 36.07 66.96
C MET A 322 -16.93 36.92 67.67
N ASP A 323 -17.65 36.30 68.61
CA ASP A 323 -18.62 37.00 69.45
C ASP A 323 -19.66 37.74 68.60
N LYS A 324 -20.29 37.00 67.69
CA LYS A 324 -21.36 37.50 66.85
C LYS A 324 -22.56 36.58 66.94
N LEU A 325 -22.95 36.25 68.19
CA LEU A 325 -23.99 35.26 68.42
C LEU A 325 -25.29 35.57 67.70
N PRO A 326 -25.76 36.83 67.62
CA PRO A 326 -26.86 37.12 66.69
C PRO A 326 -26.70 36.50 65.31
N HIS A 327 -25.56 36.73 64.66
CA HIS A 327 -25.35 36.21 63.31
C HIS A 327 -25.30 34.69 63.30
N ALA A 328 -24.63 34.10 64.29
CA ALA A 328 -24.57 32.63 64.34
C ALA A 328 -25.93 32.01 64.51
N ARG A 329 -26.75 32.56 65.42
CA ARG A 329 -28.10 32.07 65.63
C ARG A 329 -29.02 32.39 64.47
N MET A 330 -28.66 33.35 63.62
CA MET A 330 -29.45 33.61 62.42
C MET A 330 -29.12 32.60 61.33
N ARG A 331 -27.83 32.40 61.05
CA ARG A 331 -27.43 31.42 60.05
C ARG A 331 -27.79 30.00 60.51
N LEU A 332 -27.52 29.69 61.77
CA LEU A 332 -28.10 28.50 62.36
C LEU A 332 -29.59 28.74 62.57
N LEU A 333 -30.33 27.63 62.71
CA LEU A 333 -31.79 27.63 62.80
C LEU A 333 -32.42 27.97 61.45
N GLU A 334 -31.60 28.37 60.49
CA GLU A 334 -32.02 28.44 59.10
C GLU A 334 -31.74 27.14 58.37
N LEU A 335 -30.84 26.32 58.91
CA LEU A 335 -30.61 24.96 58.46
C LEU A 335 -31.56 23.98 59.15
N MET A 336 -31.69 24.08 60.48
CA MET A 336 -32.63 23.20 61.19
C MET A 336 -34.07 23.44 60.75
N ARG A 337 -34.41 24.66 60.34
CA ARG A 337 -35.74 24.90 59.80
C ARG A 337 -36.01 24.01 58.59
N LYS A 338 -34.97 23.73 57.81
CA LYS A 338 -35.09 22.89 56.62
C LYS A 338 -34.87 21.41 56.91
N ARG A 339 -34.41 21.05 58.11
CA ARG A 339 -34.12 19.67 58.44
C ARG A 339 -34.98 19.11 59.55
N TYR A 340 -35.52 19.95 60.43
CA TYR A 340 -36.32 19.51 61.56
C TYR A 340 -37.81 19.69 61.28
N THR A 341 -38.61 18.87 61.95
CA THR A 341 -40.05 19.05 61.89
C THR A 341 -40.45 20.33 62.62
N PRO A 342 -41.57 20.95 62.24
CA PRO A 342 -42.00 22.17 62.94
C PRO A 342 -42.24 21.96 64.42
N GLU A 343 -42.59 20.74 64.83
CA GLU A 343 -42.82 20.47 66.24
C GLU A 343 -41.52 20.54 67.04
N ALA A 344 -40.42 20.04 66.50
CA ALA A 344 -39.13 20.08 67.18
C ALA A 344 -38.31 21.32 66.87
N TYR A 345 -38.62 22.01 65.77
CA TYR A 345 -37.85 23.20 65.43
C TYR A 345 -38.05 24.32 66.43
N ALA A 346 -39.24 24.44 67.03
CA ALA A 346 -39.46 25.48 68.02
C ALA A 346 -38.61 25.23 69.27
N LYS A 347 -38.57 23.97 69.73
CA LYS A 347 -37.69 23.63 70.85
C LYS A 347 -36.24 23.88 70.51
N LYS A 348 -35.83 23.53 69.29
CA LYS A 348 -34.46 23.78 68.87
C LYS A 348 -34.16 25.27 68.84
N GLU A 349 -35.11 26.07 68.38
CA GLU A 349 -34.91 27.52 68.33
C GLU A 349 -34.76 28.10 69.73
N ASN A 350 -35.61 27.66 70.66
CA ASN A 350 -35.49 28.13 72.04
C ASN A 350 -34.14 27.74 72.63
N ALA A 351 -33.74 26.49 72.42
CA ALA A 351 -32.46 26.03 72.95
C ALA A 351 -31.30 26.83 72.37
N VAL A 352 -31.32 27.07 71.06
CA VAL A 352 -30.24 27.84 70.43
C VAL A 352 -30.22 29.26 70.98
N ASN A 353 -31.40 29.86 71.17
CA ASN A 353 -31.46 31.22 71.68
C ASN A 353 -31.08 31.31 73.16
N VAL A 354 -31.02 30.20 73.89
CA VAL A 354 -30.67 30.29 75.31
C VAL A 354 -29.28 29.74 75.60
N MET A 355 -28.37 29.79 74.63
CA MET A 355 -26.98 29.42 74.87
C MET A 355 -26.04 30.61 74.72
N ASP A 356 -24.88 30.49 75.37
CA ASP A 356 -23.78 31.42 75.21
C ASP A 356 -22.92 30.96 74.03
N LYS A 357 -21.73 31.56 73.88
CA LYS A 357 -20.94 31.30 72.68
C LYS A 357 -20.36 29.90 72.68
N ASN A 358 -19.96 29.39 73.84
CA ASN A 358 -19.34 28.06 73.89
C ASN A 358 -20.37 26.97 73.62
N ALA A 359 -21.54 27.06 74.27
CA ALA A 359 -22.59 26.09 74.02
C ALA A 359 -23.12 26.20 72.60
N LEU A 360 -23.19 27.43 72.07
CA LEU A 360 -23.59 27.60 70.67
C LEU A 360 -22.58 26.96 69.73
N ILE A 361 -21.29 27.08 70.03
CA ILE A 361 -20.26 26.46 69.19
C ILE A 361 -20.39 24.94 69.23
N SER A 362 -20.62 24.39 70.43
CA SER A 362 -20.80 22.94 70.55
C SER A 362 -22.03 22.48 69.78
N GLU A 363 -23.13 23.25 69.86
CA GLU A 363 -24.33 22.90 69.12
C GLU A 363 -24.09 22.99 67.61
N ILE A 364 -23.33 23.99 67.16
CA ILE A 364 -23.02 24.12 65.75
C ILE A 364 -22.18 22.94 65.28
N LEU A 365 -21.24 22.49 66.11
CA LEU A 365 -20.44 21.32 65.76
C LEU A 365 -21.28 20.06 65.70
N ASN A 366 -22.23 19.90 66.64
CA ASN A 366 -23.14 18.76 66.57
C ASN A 366 -24.00 18.82 65.33
N GLU A 367 -24.45 20.01 64.95
CA GLU A 367 -25.24 20.17 63.73
C GLU A 367 -24.40 19.85 62.50
N ARG A 368 -23.12 20.21 62.51
CA ARG A 368 -22.23 19.82 61.42
C ARG A 368 -22.09 18.31 61.35
N ALA A 369 -21.94 17.65 62.50
CA ALA A 369 -21.81 16.20 62.52
C ALA A 369 -23.06 15.52 61.99
N ARG A 370 -24.24 16.04 62.35
CA ARG A 370 -25.49 15.45 61.88
C ARG A 370 -25.70 15.72 60.39
N GLU A 371 -25.50 16.97 59.98
CA GLU A 371 -25.84 17.37 58.61
C GLU A 371 -24.89 16.76 57.60
N LEU A 372 -23.58 16.84 57.86
CA LEU A 372 -22.57 16.38 56.92
C LEU A 372 -22.16 14.94 57.15
N ALA A 373 -23.04 14.13 57.72
CA ALA A 373 -22.72 12.74 58.00
C ALA A 373 -22.52 11.97 56.70
N PHE A 374 -21.50 11.12 56.69
CA PHE A 374 -21.14 10.32 55.52
C PHE A 374 -20.84 11.19 54.29
N GLU A 375 -20.26 12.36 54.52
CA GLU A 375 -19.82 13.26 53.46
C GLU A 375 -18.35 13.64 53.61
N GLY A 376 -17.57 12.85 54.34
CA GLY A 376 -16.16 13.16 54.55
C GLY A 376 -15.91 14.41 55.35
N HIS A 377 -16.69 14.65 56.41
CA HIS A 377 -16.62 15.88 57.18
C HIS A 377 -16.62 15.63 58.68
N ARG A 378 -16.11 14.49 59.13
CA ARG A 378 -16.12 14.17 60.55
C ARG A 378 -14.73 14.06 61.14
N TRP A 379 -13.85 13.30 60.50
CA TRP A 379 -12.48 13.18 60.99
C TRP A 379 -11.79 14.53 61.01
N PHE A 380 -11.93 15.29 59.93
CA PHE A 380 -11.27 16.59 59.84
C PHE A 380 -11.91 17.62 60.77
N ASP A 381 -13.22 17.56 60.95
CA ASP A 381 -13.87 18.45 61.90
C ASP A 381 -13.55 18.07 63.34
N LEU A 382 -13.20 16.80 63.58
CA LEU A 382 -12.67 16.41 64.88
C LEU A 382 -11.25 16.95 65.08
N ARG A 383 -10.43 16.91 64.03
CA ARG A 383 -9.06 17.41 64.14
C ARG A 383 -9.03 18.92 64.30
N ARG A 384 -9.96 19.63 63.64
CA ARG A 384 -9.94 21.09 63.68
C ARG A 384 -10.16 21.62 65.08
N THR A 385 -11.21 21.15 65.74
CA THR A 385 -11.78 21.87 66.87
C THR A 385 -11.11 21.51 68.20
N THR A 386 -11.19 20.24 68.60
CA THR A 386 -10.82 19.87 69.96
C THR A 386 -9.92 18.63 70.06
N ARG A 387 -9.84 17.81 69.03
CA ARG A 387 -9.12 16.53 69.09
C ARG A 387 -9.57 15.72 70.29
N PRO A 388 -10.87 15.39 70.38
CA PRO A 388 -11.38 14.78 71.61
C PRO A 388 -10.98 13.32 71.74
N ARG A 389 -10.84 12.89 72.99
CA ARG A 389 -10.58 11.49 73.29
C ARG A 389 -11.76 10.64 72.85
N MET A 390 -11.47 9.53 72.15
CA MET A 390 -12.51 8.67 71.60
C MET A 390 -12.26 7.24 72.03
N VAL A 391 -13.31 6.60 72.54
CA VAL A 391 -13.27 5.20 72.95
C VAL A 391 -14.15 4.41 71.99
N LYS A 392 -13.61 3.32 71.43
CA LYS A 392 -14.33 2.51 70.47
C LYS A 392 -14.22 1.05 70.87
N VAL A 393 -15.37 0.40 71.07
CA VAL A 393 -15.42 -1.00 71.49
C VAL A 393 -15.72 -1.84 70.25
N LEU A 394 -14.78 -2.70 69.89
CA LEU A 394 -14.89 -3.51 68.68
C LEU A 394 -14.38 -4.91 68.97
N GLN A 395 -15.15 -5.92 68.54
CA GLN A 395 -14.76 -7.32 68.67
C GLN A 395 -14.43 -7.70 70.12
N GLY A 396 -15.13 -7.08 71.08
CA GLY A 396 -14.90 -7.34 72.48
C GLY A 396 -13.71 -6.64 73.08
N LYS A 397 -12.89 -5.97 72.29
CA LYS A 397 -11.77 -5.19 72.77
C LYS A 397 -12.13 -3.71 72.78
N THR A 398 -11.32 -2.93 73.49
CA THR A 398 -11.50 -1.49 73.55
C THR A 398 -10.26 -0.81 72.97
N TYR A 399 -10.48 0.23 72.19
CA TYR A 399 -9.41 1.02 71.62
C TYR A 399 -9.63 2.48 71.98
N ILE A 400 -8.59 3.12 72.51
CA ILE A 400 -8.71 4.46 73.07
C ILE A 400 -7.76 5.37 72.30
N LEU A 401 -8.30 6.44 71.75
CA LEU A 401 -7.52 7.47 71.07
C LEU A 401 -7.54 8.71 71.95
N GLU A 402 -6.40 9.02 72.55
CA GLU A 402 -6.31 10.08 73.54
C GLU A 402 -6.53 11.45 72.90
N GLN A 403 -6.79 12.43 73.74
CA GLN A 403 -6.91 13.80 73.25
C GLN A 403 -5.55 14.28 72.73
N ASP A 404 -5.59 15.02 71.62
CA ASP A 404 -4.39 15.54 70.98
C ASP A 404 -3.43 14.40 70.61
N ASP A 405 -4.00 13.28 70.20
CA ASP A 405 -3.21 12.11 69.87
C ASP A 405 -2.33 12.37 68.65
N PRO A 406 -1.12 11.79 68.62
CA PRO A 406 -0.35 11.80 67.37
C PRO A 406 -1.00 10.99 66.27
N ARG A 407 -1.97 10.13 66.58
CA ARG A 407 -2.69 9.35 65.59
C ARG A 407 -3.83 10.13 64.93
N TYR A 408 -4.05 11.38 65.32
CA TYR A 408 -4.99 12.22 64.60
C TYR A 408 -4.50 12.58 63.21
N THR A 409 -3.24 12.33 62.91
CA THR A 409 -2.65 12.53 61.59
C THR A 409 -2.36 11.17 60.98
N ILE A 410 -2.92 10.88 59.82
CA ILE A 410 -2.67 9.59 59.18
C ILE A 410 -1.26 9.59 58.60
N PRO A 411 -0.43 8.60 58.92
CA PRO A 411 0.94 8.59 58.40
C PRO A 411 0.95 8.43 56.89
N ILE A 412 2.02 8.94 56.29
CA ILE A 412 2.19 8.87 54.82
C ILE A 412 2.19 7.41 54.39
N PRO A 413 1.50 7.05 53.30
CA PRO A 413 1.38 5.63 52.94
C PRO A 413 2.73 4.98 52.70
N ARG A 414 2.75 3.65 52.84
CA ARG A 414 4.01 2.91 52.77
C ARG A 414 4.60 2.96 51.37
N ASP A 415 3.76 2.99 50.33
CA ASP A 415 4.28 3.07 48.96
C ASP A 415 4.99 4.40 48.72
N ALA A 416 4.44 5.48 49.25
CA ALA A 416 5.08 6.78 49.14
C ALA A 416 6.45 6.78 49.78
N ILE A 417 6.57 6.15 50.95
CA ILE A 417 7.85 6.10 51.64
C ILE A 417 8.83 5.20 50.90
N ALA A 418 8.33 4.08 50.36
CA ALA A 418 9.20 3.18 49.62
C ALA A 418 9.76 3.84 48.37
N ALA A 419 8.93 4.60 47.64
CA ALA A 419 9.41 5.30 46.45
C ALA A 419 10.31 6.47 46.82
N ASN A 420 9.94 7.21 47.87
CA ASN A 420 10.67 8.38 48.35
C ASN A 420 11.05 8.15 49.80
N PRO A 421 12.24 7.61 50.08
CA PRO A 421 12.60 7.31 51.47
C PRO A 421 12.64 8.52 52.39
N GLY A 422 12.99 9.68 51.87
CA GLY A 422 13.05 10.87 52.71
C GLY A 422 11.69 11.52 52.91
N LEU A 423 10.69 10.69 53.20
CA LEU A 423 9.33 11.18 53.35
C LEU A 423 8.74 10.78 54.70
N CYS B 1 17.65 -5.47 -22.64
CA CYS B 1 18.39 -6.62 -22.15
C CYS B 1 17.46 -7.75 -21.75
N ASP B 2 16.21 -7.68 -22.24
CA ASP B 2 15.19 -8.72 -21.93
C ASP B 2 14.53 -9.20 -23.22
N SER B 3 14.19 -10.49 -23.28
CA SER B 3 13.53 -11.09 -24.47
C SER B 3 12.76 -12.26 -23.86
N TYR B 4 12.42 -13.27 -24.68
CA TYR B 4 11.43 -14.33 -24.34
C TYR B 4 10.12 -13.55 -24.21
N LEU B 5 9.63 -13.00 -25.32
CA LEU B 5 8.28 -12.36 -25.37
C LEU B 5 7.21 -13.46 -25.31
N ASP B 6 6.77 -13.80 -24.10
CA ASP B 6 5.73 -14.85 -23.91
C ASP B 6 5.02 -14.62 -22.57
N ILE B 7 5.13 -13.41 -22.02
CA ILE B 7 4.49 -13.07 -20.72
C ILE B 7 2.97 -13.07 -20.91
N ARG B 8 2.27 -13.97 -20.22
CA ARG B 8 0.79 -14.08 -20.31
C ARG B 8 0.14 -13.06 -19.35
N PRO B 9 -1.19 -12.82 -19.43
CA PRO B 9 -1.85 -11.86 -18.55
C PRO B 9 -1.93 -12.40 -17.11
N VAL B 10 -1.98 -11.49 -16.13
CA VAL B 10 -2.05 -11.88 -14.69
C VAL B 10 -3.33 -11.29 -14.07
N GLY B 11 -4.32 -10.97 -14.91
CA GLY B 11 -5.57 -10.40 -14.44
C GLY B 11 -6.74 -11.36 -14.47
N SER B 12 -6.62 -12.45 -15.22
CA SER B 12 -7.72 -13.37 -15.44
C SER B 12 -7.21 -14.80 -15.35
N VAL B 13 -8.08 -15.74 -15.68
CA VAL B 13 -7.75 -17.16 -15.69
C VAL B 13 -7.48 -17.54 -17.14
N ILE B 14 -6.22 -17.84 -17.45
CA ILE B 14 -5.82 -18.33 -18.77
C ILE B 14 -5.57 -19.83 -18.64
N PRO B 15 -6.40 -20.68 -19.21
CA PRO B 15 -6.25 -22.14 -19.02
C PRO B 15 -4.97 -22.65 -19.65
N GLN B 16 -4.12 -23.25 -18.84
CA GLN B 16 -2.92 -23.92 -19.31
C GLN B 16 -2.79 -25.35 -18.78
N THR B 17 -3.16 -25.58 -17.52
CA THR B 17 -3.08 -26.89 -16.91
C THR B 17 -4.15 -27.81 -17.48
N ALA B 18 -3.92 -29.12 -17.37
CA ALA B 18 -4.95 -30.09 -17.72
C ALA B 18 -6.19 -29.90 -16.86
N GLU B 19 -6.03 -29.47 -15.61
CA GLU B 19 -7.19 -29.19 -14.77
C GLU B 19 -8.00 -28.01 -15.31
N GLU B 20 -7.31 -26.96 -15.76
CA GLU B 20 -8.02 -25.80 -16.29
C GLU B 20 -8.68 -26.11 -17.62
N TYR B 21 -8.04 -26.92 -18.46
CA TYR B 21 -8.69 -27.32 -19.70
C TYR B 21 -9.85 -28.26 -19.45
N ARG B 22 -9.79 -29.07 -18.40
CA ARG B 22 -10.96 -29.88 -18.04
C ARG B 22 -12.08 -28.99 -17.53
N ALA B 23 -11.75 -27.91 -16.80
CA ALA B 23 -12.78 -26.97 -16.37
C ALA B 23 -13.44 -26.29 -17.57
N LEU B 24 -12.63 -25.89 -18.55
CA LEU B 24 -13.16 -25.29 -19.77
C LEU B 24 -14.06 -26.27 -20.53
N LEU B 25 -13.63 -27.52 -20.65
CA LEU B 25 -14.44 -28.53 -21.33
C LEU B 25 -15.70 -28.87 -20.54
N ALA B 26 -15.65 -28.80 -19.21
CA ALA B 26 -16.86 -29.02 -18.41
C ALA B 26 -17.86 -27.89 -18.64
N ARG B 27 -17.37 -26.65 -18.72
CA ARG B 27 -18.26 -25.54 -19.07
C ARG B 27 -18.85 -25.74 -20.47
N ALA B 28 -18.06 -26.27 -21.40
CA ALA B 28 -18.60 -26.61 -22.72
C ALA B 28 -19.68 -27.68 -22.62
N TYR B 29 -19.46 -28.71 -21.81
CA TYR B 29 -20.45 -29.76 -21.61
C TYR B 29 -21.75 -29.21 -21.04
N LEU B 30 -21.65 -28.22 -20.16
CA LEU B 30 -22.84 -27.64 -19.54
C LEU B 30 -23.79 -27.06 -20.57
N ASN B 31 -23.25 -26.41 -21.61
CA ASN B 31 -24.05 -25.64 -22.55
C ASN B 31 -24.47 -26.45 -23.77
N VAL B 32 -24.48 -27.77 -23.70
CA VAL B 32 -24.95 -28.57 -24.83
C VAL B 32 -26.44 -28.31 -25.00
N PRO B 33 -26.87 -27.83 -26.17
CA PRO B 33 -28.27 -27.40 -26.32
C PRO B 33 -29.26 -28.55 -26.19
N ASN B 34 -30.43 -28.24 -25.63
CA ASN B 34 -31.51 -29.21 -25.49
C ASN B 34 -32.46 -29.12 -26.68
N ASP B 35 -31.89 -29.18 -27.88
CA ASP B 35 -32.66 -28.95 -29.10
C ASP B 35 -33.23 -30.22 -29.70
N ARG B 36 -32.85 -31.39 -29.20
CA ARG B 36 -33.45 -32.63 -29.70
C ARG B 36 -34.89 -32.77 -29.22
N GLY B 37 -35.19 -32.32 -28.01
CA GLY B 37 -36.57 -32.29 -27.56
C GLY B 37 -37.40 -31.27 -28.34
N LEU B 38 -36.83 -30.10 -28.61
CA LEU B 38 -37.52 -29.11 -29.43
C LEU B 38 -37.75 -29.63 -30.84
N ALA B 39 -36.84 -30.45 -31.35
CA ALA B 39 -37.04 -31.07 -32.65
C ALA B 39 -38.14 -32.12 -32.60
N CYS B 40 -38.15 -32.93 -31.55
CA CYS B 40 -39.20 -33.94 -31.39
C CYS B 40 -40.56 -33.32 -31.15
N LEU B 41 -40.60 -32.04 -30.77
CA LEU B 41 -41.87 -31.31 -30.74
C LEU B 41 -42.59 -31.37 -32.08
N ARG B 42 -41.85 -31.48 -33.17
CA ARG B 42 -42.43 -31.57 -34.52
C ARG B 42 -42.87 -32.98 -34.89
N SER B 43 -42.70 -33.95 -34.00
CA SER B 43 -43.10 -35.32 -34.25
C SER B 43 -44.44 -35.58 -33.55
N ASP B 44 -44.91 -36.83 -33.62
CA ASP B 44 -46.23 -37.21 -33.17
C ASP B 44 -46.25 -37.65 -31.71
N GLU B 45 -45.17 -37.39 -30.96
CA GLU B 45 -45.06 -37.84 -29.58
C GLU B 45 -45.25 -36.72 -28.56
N MET B 46 -45.58 -35.51 -28.99
CA MET B 46 -45.73 -34.38 -28.07
C MET B 46 -46.91 -33.53 -28.50
N LEU B 47 -47.55 -32.92 -27.51
CA LEU B 47 -48.75 -32.11 -27.73
C LEU B 47 -48.67 -30.91 -26.80
N VAL B 48 -48.55 -29.72 -27.37
CA VAL B 48 -48.46 -28.50 -26.55
C VAL B 48 -49.79 -28.26 -25.84
N ASN B 49 -49.72 -27.55 -24.73
CA ASN B 49 -50.93 -27.24 -23.97
C ASN B 49 -51.86 -26.34 -24.77
N ASP B 50 -53.13 -26.36 -24.38
CA ASP B 50 -54.16 -25.57 -25.05
C ASP B 50 -54.27 -24.16 -24.51
N ASN B 51 -53.45 -23.79 -23.54
CA ASN B 51 -53.46 -22.45 -22.97
C ASN B 51 -52.46 -21.55 -23.69
N GLU B 52 -52.62 -20.24 -23.46
CA GLU B 52 -51.69 -19.26 -24.02
C GLU B 52 -50.42 -19.21 -23.19
N TYR B 53 -49.47 -18.41 -23.66
CA TYR B 53 -48.14 -18.26 -23.07
C TYR B 53 -47.33 -19.55 -23.24
N ASP B 54 -47.97 -20.59 -23.76
CA ASP B 54 -47.33 -21.83 -24.15
C ASP B 54 -47.58 -22.19 -25.59
N ARG B 55 -48.69 -21.73 -26.17
CA ARG B 55 -48.89 -21.89 -27.61
C ARG B 55 -47.99 -20.94 -28.39
N ASN B 56 -47.80 -19.72 -27.88
CA ASN B 56 -46.97 -18.74 -28.56
C ASN B 56 -45.53 -19.20 -28.69
N SER B 57 -45.07 -20.10 -27.82
CA SER B 57 -43.68 -20.53 -27.82
C SER B 57 -43.46 -21.77 -28.70
N TYR B 58 -44.30 -22.80 -28.54
CA TYR B 58 -44.06 -24.08 -29.16
C TYR B 58 -45.10 -24.49 -30.19
N GLY B 59 -46.18 -23.71 -30.35
CA GLY B 59 -47.23 -24.12 -31.28
C GLY B 59 -46.76 -24.12 -32.71
N ASP B 60 -46.04 -23.07 -33.12
CA ASP B 60 -45.56 -23.00 -34.50
C ASP B 60 -44.54 -24.08 -34.80
N ILE B 61 -43.75 -24.47 -33.80
CA ILE B 61 -42.89 -25.63 -33.95
C ILE B 61 -43.72 -26.90 -34.12
N GLU B 62 -44.80 -27.02 -33.34
CA GLU B 62 -45.65 -28.20 -33.41
C GLU B 62 -46.30 -28.34 -34.78
N ARG B 63 -46.77 -27.23 -35.34
CA ARG B 63 -47.51 -27.22 -36.60
C ARG B 63 -46.62 -27.09 -37.82
N TRP B 64 -45.29 -27.12 -37.65
CA TRP B 64 -44.34 -26.94 -38.75
C TRP B 64 -44.58 -25.64 -39.49
N ASN B 65 -44.85 -24.57 -38.73
CA ASN B 65 -45.05 -23.24 -39.30
C ASN B 65 -43.70 -22.55 -39.49
N ASP B 66 -42.97 -23.03 -40.48
CA ASP B 66 -41.64 -22.50 -40.75
C ASP B 66 -41.70 -21.12 -41.41
N VAL B 67 -42.60 -20.96 -42.38
CA VAL B 67 -42.55 -19.77 -43.24
C VAL B 67 -42.98 -18.52 -42.47
N SER B 68 -44.00 -18.62 -41.62
CA SER B 68 -44.52 -17.47 -40.88
C SER B 68 -44.75 -17.85 -39.42
N PRO B 69 -43.69 -18.02 -38.66
CA PRO B 69 -43.85 -18.36 -37.24
C PRO B 69 -44.22 -17.13 -36.42
N PHE B 70 -44.68 -17.39 -35.21
CA PHE B 70 -44.97 -16.30 -34.28
C PHE B 70 -43.67 -15.59 -33.91
N PRO B 71 -43.69 -14.27 -33.76
CA PRO B 71 -42.47 -13.56 -33.34
C PRO B 71 -41.84 -14.11 -32.07
N GLY B 72 -42.65 -14.52 -31.11
CA GLY B 72 -42.17 -15.04 -29.84
C GLY B 72 -41.97 -16.53 -29.77
N THR B 73 -42.00 -17.23 -30.90
CA THR B 73 -41.83 -18.68 -30.89
C THR B 73 -40.42 -19.04 -30.43
N SER B 74 -40.30 -20.21 -29.82
CA SER B 74 -39.03 -20.63 -29.25
C SER B 74 -38.04 -20.94 -30.38
N GLN B 75 -36.83 -20.40 -30.26
CA GLN B 75 -35.83 -20.49 -31.31
C GLN B 75 -34.85 -21.62 -31.02
N PHE B 76 -34.34 -22.21 -32.09
CA PHE B 76 -33.30 -23.22 -31.96
C PHE B 76 -31.95 -22.54 -31.69
N THR B 77 -31.23 -23.07 -30.71
CA THR B 77 -30.02 -22.42 -30.19
C THR B 77 -28.84 -22.71 -31.11
N TRP B 78 -28.77 -21.95 -32.20
CA TRP B 78 -27.65 -22.06 -33.13
C TRP B 78 -26.36 -21.52 -32.51
N SER B 79 -26.47 -20.55 -31.61
CA SER B 79 -25.28 -19.92 -31.06
C SER B 79 -24.59 -20.82 -30.05
N ASN B 80 -25.36 -21.55 -29.24
CA ASN B 80 -24.77 -22.41 -28.21
C ASN B 80 -24.05 -23.60 -28.82
N PHE B 81 -24.58 -24.12 -29.93
CA PHE B 81 -23.90 -25.20 -30.63
C PHE B 81 -22.48 -24.79 -31.00
N TYR B 82 -22.33 -23.60 -31.57
CA TYR B 82 -21.03 -23.17 -32.03
C TYR B 82 -20.17 -22.60 -30.92
N ASN B 83 -20.76 -22.20 -29.80
CA ASN B 83 -19.95 -21.90 -28.62
C ASN B 83 -19.30 -23.16 -28.05
N VAL B 84 -20.09 -24.22 -27.90
CA VAL B 84 -19.52 -25.48 -27.44
C VAL B 84 -18.53 -26.02 -28.45
N LEU B 85 -18.81 -25.85 -29.75
CA LEU B 85 -17.87 -26.26 -30.78
C LEU B 85 -16.57 -25.45 -30.71
N PHE B 86 -16.66 -24.15 -30.41
CA PHE B 86 -15.45 -23.35 -30.26
C PHE B 86 -14.59 -23.87 -29.12
N ILE B 87 -15.21 -24.19 -27.98
CA ILE B 87 -14.42 -24.67 -26.85
C ILE B 87 -13.82 -26.03 -27.16
N ALA B 88 -14.58 -26.91 -27.82
CA ALA B 88 -14.03 -28.20 -28.22
C ALA B 88 -12.84 -28.02 -29.15
N ASN B 89 -12.94 -27.07 -30.08
CA ASN B 89 -11.86 -26.83 -31.03
C ASN B 89 -10.65 -26.22 -30.34
N GLN B 90 -10.88 -25.38 -29.33
CA GLN B 90 -9.77 -24.84 -28.55
C GLN B 90 -9.02 -25.94 -27.83
N VAL B 91 -9.75 -26.87 -27.21
CA VAL B 91 -9.11 -27.99 -26.51
C VAL B 91 -8.37 -28.86 -27.51
N ILE B 92 -8.92 -29.05 -28.71
CA ILE B 92 -8.23 -29.83 -29.73
C ILE B 92 -6.95 -29.13 -30.18
N GLU B 93 -7.02 -27.82 -30.40
CA GLU B 93 -5.86 -27.09 -30.90
C GLU B 93 -4.78 -26.92 -29.84
N SER B 94 -5.12 -27.07 -28.56
CA SER B 94 -4.12 -26.96 -27.48
C SER B 94 -3.41 -28.24 -27.10
N GLN B 95 -3.48 -29.30 -27.89
CA GLN B 95 -3.03 -30.62 -27.50
C GLN B 95 -1.68 -30.57 -26.82
N LYS B 96 -0.72 -29.92 -27.46
CA LYS B 96 0.66 -29.93 -26.99
C LYS B 96 0.97 -28.80 -26.00
N GLU B 97 0.03 -27.90 -25.76
CA GLU B 97 0.22 -26.81 -24.81
C GLU B 97 -0.44 -27.08 -23.47
N ILE B 98 -0.92 -28.29 -23.23
CA ILE B 98 -1.52 -28.66 -21.95
C ILE B 98 -0.44 -29.19 -21.04
N THR B 99 -0.25 -28.54 -19.90
CA THR B 99 0.79 -28.89 -18.95
C THR B 99 0.20 -29.49 -17.68
N GLU B 100 1.09 -29.97 -16.81
CA GLU B 100 0.72 -30.52 -15.51
C GLU B 100 -0.34 -31.60 -15.62
N GLY B 101 -0.17 -32.49 -16.60
CA GLY B 101 -1.07 -33.61 -16.77
C GLY B 101 -0.40 -34.79 -17.44
N THR B 102 -0.76 -36.01 -17.03
CA THR B 102 -0.17 -37.19 -17.61
C THR B 102 -0.61 -37.36 -19.06
N PRO B 103 0.17 -38.06 -19.87
CA PRO B 103 -0.23 -38.28 -21.27
C PRO B 103 -1.62 -38.87 -21.43
N GLU B 104 -2.01 -39.79 -20.54
CA GLU B 104 -3.34 -40.40 -20.65
C GLU B 104 -4.45 -39.38 -20.40
N VAL B 105 -4.27 -38.50 -19.41
CA VAL B 105 -5.29 -37.51 -19.09
C VAL B 105 -5.46 -36.52 -20.24
N VAL B 106 -4.35 -36.04 -20.79
CA VAL B 106 -4.42 -35.10 -21.91
C VAL B 106 -5.02 -35.79 -23.14
N ASN B 107 -4.63 -37.04 -23.38
CA ASN B 107 -5.18 -37.76 -24.52
C ASN B 107 -6.68 -37.94 -24.37
N GLN B 108 -7.16 -38.22 -23.16
CA GLN B 108 -8.60 -38.36 -22.98
C GLN B 108 -9.30 -37.03 -23.10
N LEU B 109 -8.68 -35.94 -22.64
CA LEU B 109 -9.27 -34.62 -22.84
C LEU B 109 -9.46 -34.32 -24.32
N VAL B 110 -8.43 -34.59 -25.12
CA VAL B 110 -8.52 -34.32 -26.55
C VAL B 110 -9.51 -35.26 -27.22
N GLY B 111 -9.57 -36.52 -26.77
CA GLY B 111 -10.55 -37.43 -27.34
C GLY B 111 -11.97 -37.03 -27.01
N GLU B 112 -12.20 -36.56 -25.78
CA GLU B 112 -13.52 -36.05 -25.40
C GLU B 112 -13.88 -34.83 -26.23
N ALA B 113 -12.91 -33.96 -26.48
CA ALA B 113 -13.17 -32.80 -27.35
C ALA B 113 -13.53 -33.24 -28.76
N HIS B 114 -12.80 -34.23 -29.29
CA HIS B 114 -13.09 -34.74 -30.62
C HIS B 114 -14.48 -35.34 -30.69
N LEU B 115 -14.86 -36.14 -29.70
CA LEU B 115 -16.18 -36.77 -29.69
C LEU B 115 -17.28 -35.75 -29.48
N LEU B 116 -17.03 -34.72 -28.66
CA LEU B 116 -17.99 -33.63 -28.51
C LEU B 116 -18.20 -32.89 -29.82
N ARG B 117 -17.11 -32.63 -30.55
CA ARG B 117 -17.23 -31.98 -31.85
C ARG B 117 -18.02 -32.85 -32.83
N ALA B 118 -17.72 -34.15 -32.87
CA ALA B 118 -18.45 -35.05 -33.76
C ALA B 118 -19.92 -35.12 -33.40
N TYR B 119 -20.23 -35.20 -32.10
CA TYR B 119 -21.62 -35.28 -31.66
C TYR B 119 -22.37 -33.99 -31.97
N LEU B 120 -21.74 -32.84 -31.74
CA LEU B 120 -22.40 -31.56 -32.01
C LEU B 120 -22.66 -31.39 -33.50
N HIS B 121 -21.69 -31.73 -34.34
CA HIS B 121 -21.91 -31.66 -35.78
C HIS B 121 -22.99 -32.64 -36.21
N PHE B 122 -23.04 -33.82 -35.58
CA PHE B 122 -24.06 -34.80 -35.92
C PHE B 122 -25.46 -34.29 -35.61
N VAL B 123 -25.68 -33.80 -34.39
CA VAL B 123 -27.00 -33.32 -34.02
C VAL B 123 -27.35 -32.05 -34.80
N LEU B 124 -26.38 -31.20 -35.10
CA LEU B 124 -26.65 -29.99 -35.88
C LEU B 124 -27.05 -30.33 -37.31
N VAL B 125 -26.34 -31.29 -37.95
CA VAL B 125 -26.66 -31.65 -39.31
C VAL B 125 -27.93 -32.48 -39.40
N ASN B 126 -28.34 -33.10 -38.30
CA ASN B 126 -29.65 -33.76 -38.30
C ASN B 126 -30.77 -32.79 -37.98
N LEU B 127 -30.47 -31.68 -37.30
CA LEU B 127 -31.47 -30.65 -37.09
C LEU B 127 -31.73 -29.87 -38.38
N HIS B 128 -30.69 -29.29 -38.95
CA HIS B 128 -30.84 -28.33 -40.03
C HIS B 128 -30.34 -28.83 -41.37
N GLY B 129 -30.11 -30.13 -41.51
CA GLY B 129 -29.67 -30.69 -42.78
C GLY B 129 -30.56 -31.80 -43.26
N GLN B 130 -30.58 -32.04 -44.56
CA GLN B 130 -31.42 -33.09 -45.12
C GLN B 130 -30.92 -34.45 -44.67
N PRO B 131 -31.81 -35.44 -44.52
CA PRO B 131 -31.37 -36.76 -44.07
C PRO B 131 -30.39 -37.39 -45.04
N TYR B 132 -29.43 -38.14 -44.48
CA TYR B 132 -28.39 -38.76 -45.29
C TYR B 132 -28.98 -39.79 -46.25
N THR B 133 -29.96 -40.57 -45.79
CA THR B 133 -30.55 -41.62 -46.62
C THR B 133 -31.42 -41.06 -47.73
N LYS B 134 -31.84 -39.81 -47.64
CA LYS B 134 -32.67 -39.21 -48.67
C LYS B 134 -31.89 -39.07 -49.97
N SER B 135 -32.56 -39.37 -51.09
CA SER B 135 -31.93 -39.26 -52.39
C SER B 135 -31.75 -37.80 -52.77
N GLY B 136 -30.56 -37.46 -53.27
CA GLY B 136 -30.26 -36.08 -53.62
C GLY B 136 -29.88 -35.20 -52.45
N ALA B 137 -29.59 -35.78 -51.29
CA ALA B 137 -29.25 -35.00 -50.11
C ALA B 137 -27.78 -35.01 -49.75
N LEU B 138 -26.99 -35.93 -50.32
CA LEU B 138 -25.57 -35.99 -50.00
C LEU B 138 -24.81 -34.78 -50.52
N ASN B 139 -25.39 -34.01 -51.44
CA ASN B 139 -24.72 -32.85 -52.03
C ASN B 139 -25.47 -31.56 -51.73
N SER B 140 -26.31 -31.55 -50.70
CA SER B 140 -27.05 -30.37 -50.30
C SER B 140 -26.33 -29.71 -49.13
N LYS B 141 -26.17 -28.38 -49.21
CA LYS B 141 -25.45 -27.64 -48.19
C LYS B 141 -26.28 -27.56 -46.91
N SER B 142 -25.81 -28.23 -45.85
CA SER B 142 -26.57 -28.29 -44.61
C SER B 142 -26.18 -27.37 -43.44
N ILE B 143 -24.91 -27.39 -43.04
CA ILE B 143 -24.43 -26.54 -41.95
C ILE B 143 -22.94 -26.32 -42.12
N PRO B 144 -22.44 -25.18 -41.63
CA PRO B 144 -20.99 -24.98 -41.60
C PRO B 144 -20.32 -25.86 -40.56
N LEU B 145 -19.10 -26.29 -40.88
CA LEU B 145 -18.31 -27.12 -39.98
C LEU B 145 -17.32 -26.24 -39.23
N LYS B 146 -17.42 -26.24 -37.90
CA LYS B 146 -16.52 -25.48 -37.04
C LYS B 146 -15.33 -26.36 -36.69
N LEU B 147 -14.27 -26.24 -37.48
CA LEU B 147 -13.09 -27.08 -37.32
C LEU B 147 -11.85 -26.32 -36.86
N ASP B 148 -12.03 -25.09 -36.37
CA ASP B 148 -10.92 -24.32 -35.84
C ASP B 148 -11.48 -23.33 -34.82
N THR B 149 -10.62 -22.40 -34.38
CA THR B 149 -11.03 -21.34 -33.47
C THR B 149 -10.92 -19.97 -34.10
N ASP B 150 -10.96 -19.89 -35.43
CA ASP B 150 -10.80 -18.62 -36.13
C ASP B 150 -11.96 -17.68 -35.84
N LEU B 151 -11.65 -16.39 -35.69
CA LEU B 151 -12.65 -15.36 -35.41
C LEU B 151 -12.91 -14.43 -36.58
N GLU B 152 -11.95 -14.27 -37.49
CA GLU B 152 -12.07 -13.35 -38.61
C GLU B 152 -12.43 -14.07 -39.90
N LYS B 153 -13.18 -15.15 -39.81
CA LYS B 153 -13.57 -15.97 -40.95
C LYS B 153 -15.07 -16.18 -40.93
N THR B 154 -15.69 -16.11 -42.11
CA THR B 154 -17.11 -16.42 -42.25
C THR B 154 -17.24 -17.82 -42.83
N LEU B 155 -17.96 -18.68 -42.12
CA LEU B 155 -18.10 -20.08 -42.49
C LEU B 155 -19.25 -20.27 -43.47
N GLY B 156 -19.02 -21.07 -44.50
CA GLY B 156 -20.04 -21.42 -45.45
C GLY B 156 -20.60 -22.80 -45.20
N ARG B 157 -21.81 -23.03 -45.70
CA ARG B 157 -22.50 -24.29 -45.47
C ARG B 157 -21.80 -25.43 -46.20
N ASN B 158 -21.60 -26.53 -45.51
CA ASN B 158 -21.02 -27.74 -46.09
C ASN B 158 -22.13 -28.70 -46.52
N THR B 159 -21.81 -29.53 -47.49
CA THR B 159 -22.77 -30.56 -47.89
C THR B 159 -22.86 -31.64 -46.81
N VAL B 160 -23.95 -32.40 -46.86
CA VAL B 160 -24.20 -33.42 -45.84
C VAL B 160 -23.10 -34.48 -45.86
N GLU B 161 -22.59 -34.81 -47.04
CA GLU B 161 -21.52 -35.80 -47.14
C GLU B 161 -20.26 -35.31 -46.44
N GLU B 162 -19.90 -34.04 -46.62
CA GLU B 162 -18.72 -33.50 -45.95
C GLU B 162 -18.90 -33.48 -44.44
N VAL B 163 -20.10 -33.11 -43.98
CA VAL B 163 -20.35 -33.07 -42.54
C VAL B 163 -20.24 -34.47 -41.94
N TYR B 164 -20.82 -35.47 -42.60
CA TYR B 164 -20.74 -36.83 -42.07
C TYR B 164 -19.34 -37.40 -42.16
N THR B 165 -18.58 -37.02 -43.20
CA THR B 165 -17.18 -37.41 -43.27
C THR B 165 -16.40 -36.84 -42.09
N SER B 166 -16.66 -35.57 -41.75
CA SER B 166 -16.02 -34.97 -40.59
C SER B 166 -16.42 -35.68 -39.30
N ILE B 167 -17.70 -36.03 -39.17
CA ILE B 167 -18.18 -36.71 -37.97
C ILE B 167 -17.47 -38.04 -37.81
N LEU B 168 -17.38 -38.81 -38.90
CA LEU B 168 -16.71 -40.11 -38.84
C LEU B 168 -15.22 -39.96 -38.55
N SER B 169 -14.59 -38.94 -39.14
CA SER B 169 -13.17 -38.68 -38.87
C SER B 169 -12.95 -38.36 -37.40
N ASP B 170 -13.83 -37.55 -36.81
CA ASP B 170 -13.67 -37.21 -35.40
C ASP B 170 -13.97 -38.41 -34.50
N ILE B 171 -14.91 -39.27 -34.89
CA ILE B 171 -15.15 -40.49 -34.12
C ILE B 171 -13.89 -41.36 -34.13
N GLU B 172 -13.26 -41.48 -35.29
CA GLU B 172 -12.01 -42.25 -35.36
C GLU B 172 -10.90 -41.61 -34.55
N HIS B 173 -10.81 -40.27 -34.58
CA HIS B 173 -9.81 -39.58 -33.77
C HIS B 173 -10.04 -39.80 -32.29
N ALA B 174 -11.30 -39.80 -31.85
CA ALA B 174 -11.61 -40.00 -30.45
C ALA B 174 -11.42 -41.45 -30.03
N ARG B 175 -11.57 -42.39 -30.96
CA ARG B 175 -11.42 -43.81 -30.63
C ARG B 175 -10.01 -44.11 -30.14
N GLU B 176 -9.01 -43.47 -30.74
CA GLU B 176 -7.62 -43.72 -30.42
C GLU B 176 -7.10 -42.83 -29.30
N LEU B 177 -7.96 -42.00 -28.71
CA LEU B 177 -7.55 -41.05 -27.68
C LEU B 177 -8.30 -41.07 -26.37
N ILE B 178 -9.55 -41.53 -26.36
CA ILE B 178 -10.27 -41.73 -25.11
C ILE B 178 -9.81 -43.05 -24.48
N ASN B 179 -9.41 -42.99 -23.21
CA ASN B 179 -8.88 -44.17 -22.52
C ASN B 179 -9.51 -44.37 -21.16
N LYS B 180 -10.70 -43.83 -20.91
CA LYS B 180 -11.40 -44.03 -19.66
C LYS B 180 -12.58 -44.97 -19.90
N GLU B 181 -12.53 -46.14 -19.25
CA GLU B 181 -13.58 -47.13 -19.45
C GLU B 181 -14.87 -46.73 -18.75
N LYS B 182 -14.76 -46.15 -17.55
CA LYS B 182 -15.93 -45.78 -16.78
C LYS B 182 -15.64 -44.52 -15.99
N TRP B 183 -16.60 -43.61 -15.96
CA TRP B 183 -16.52 -42.37 -15.19
C TRP B 183 -17.39 -42.49 -13.95
N GLU B 184 -17.17 -41.57 -13.01
CA GLU B 184 -18.00 -41.53 -11.82
C GLU B 184 -19.44 -41.19 -12.20
N THR B 185 -20.37 -41.54 -11.31
CA THR B 185 -21.78 -41.27 -11.60
C THR B 185 -22.05 -39.78 -11.71
N VAL B 186 -21.46 -38.98 -10.81
CA VAL B 186 -21.65 -37.53 -10.87
C VAL B 186 -21.00 -36.95 -12.12
N PHE B 187 -19.87 -37.50 -12.54
CA PHE B 187 -19.17 -37.05 -13.74
C PHE B 187 -19.52 -37.77 -15.04
N SER B 188 -20.64 -38.49 -15.07
CA SER B 188 -20.96 -39.44 -16.12
C SER B 188 -21.28 -38.76 -17.45
N TYR B 189 -21.44 -37.44 -17.48
CA TYR B 189 -21.67 -36.74 -18.73
C TYR B 189 -20.45 -36.81 -19.66
N ARG B 190 -19.26 -37.01 -19.11
CA ARG B 190 -18.05 -37.09 -19.91
C ARG B 190 -18.02 -38.41 -20.70
N PHE B 191 -17.44 -38.34 -21.89
CA PHE B 191 -17.45 -39.47 -22.81
C PHE B 191 -16.48 -40.56 -22.35
N ASN B 192 -17.01 -41.79 -22.31
CA ASN B 192 -16.20 -42.98 -21.93
C ASN B 192 -15.83 -43.74 -23.21
N VAL B 193 -15.08 -44.83 -23.05
CA VAL B 193 -14.67 -45.63 -24.21
C VAL B 193 -15.88 -46.13 -24.98
N LEU B 194 -16.94 -46.56 -24.27
CA LEU B 194 -18.14 -47.05 -24.93
C LEU B 194 -18.92 -45.93 -25.61
N SER B 195 -18.69 -44.68 -25.23
CA SER B 195 -19.37 -43.56 -25.88
C SER B 195 -18.99 -43.46 -27.34
N VAL B 196 -17.71 -43.71 -27.67
CA VAL B 196 -17.29 -43.68 -29.06
C VAL B 196 -18.04 -44.71 -29.87
N ASP B 197 -18.19 -45.92 -29.33
CA ASP B 197 -18.90 -46.97 -30.06
C ASP B 197 -20.39 -46.68 -30.18
N ALA B 198 -21.00 -46.13 -29.12
CA ALA B 198 -22.41 -45.78 -29.19
C ALA B 198 -22.66 -44.68 -30.23
N LEU B 199 -21.79 -43.66 -30.25
CA LEU B 199 -21.92 -42.59 -31.23
C LEU B 199 -21.69 -43.12 -32.64
N GLN B 200 -20.72 -44.01 -32.81
CA GLN B 200 -20.49 -44.61 -34.13
C GLN B 200 -21.71 -45.40 -34.58
N SER B 201 -22.32 -46.16 -33.68
CA SER B 201 -23.51 -46.92 -34.02
C SER B 201 -24.65 -46.01 -34.43
N ARG B 202 -24.88 -44.93 -33.68
CA ARG B 202 -25.95 -43.99 -34.06
C ARG B 202 -25.66 -43.32 -35.38
N VAL B 203 -24.42 -42.89 -35.61
CA VAL B 203 -24.06 -42.21 -36.85
C VAL B 203 -24.25 -43.14 -38.03
N SER B 204 -23.83 -44.40 -37.90
CA SER B 204 -23.99 -45.36 -38.98
C SER B 204 -25.44 -45.73 -39.20
N LEU B 205 -26.24 -45.78 -38.13
CA LEU B 205 -27.67 -46.01 -38.29
C LEU B 205 -28.33 -44.88 -39.07
N TYR B 206 -27.97 -43.63 -38.75
CA TYR B 206 -28.53 -42.49 -39.45
C TYR B 206 -28.03 -42.42 -40.89
N MET B 207 -26.80 -42.88 -41.14
CA MET B 207 -26.25 -42.90 -42.49
C MET B 207 -26.84 -44.02 -43.34
N GLY B 208 -27.20 -45.14 -42.73
CA GLY B 208 -27.63 -46.31 -43.46
C GLY B 208 -26.58 -47.38 -43.60
N ALA B 209 -25.40 -47.19 -43.00
CA ALA B 209 -24.35 -48.20 -43.01
C ALA B 209 -24.68 -49.25 -41.95
N TRP B 210 -25.52 -50.19 -42.35
CA TRP B 210 -25.96 -51.24 -41.43
C TRP B 210 -24.82 -52.12 -40.90
N PRO B 211 -23.87 -52.59 -41.71
CA PRO B 211 -22.80 -53.43 -41.14
C PRO B 211 -21.99 -52.74 -40.06
N LYS B 212 -21.59 -51.49 -40.27
CA LYS B 212 -20.82 -50.78 -39.25
C LYS B 212 -21.67 -50.47 -38.03
N CYS B 213 -22.96 -50.16 -38.24
CA CYS B 213 -23.86 -49.94 -37.12
C CYS B 213 -23.96 -51.18 -36.24
N LEU B 214 -24.17 -52.34 -36.86
CA LEU B 214 -24.25 -53.58 -36.09
C LEU B 214 -22.92 -53.90 -35.43
N GLU B 215 -21.80 -53.66 -36.12
CA GLU B 215 -20.50 -53.94 -35.54
C GLU B 215 -20.27 -53.11 -34.28
N SER B 216 -20.59 -51.81 -34.35
CA SER B 216 -20.40 -50.94 -33.20
C SER B 216 -21.36 -51.29 -32.07
N ALA B 217 -22.62 -51.59 -32.41
CA ALA B 217 -23.59 -51.96 -31.38
C ALA B 217 -23.19 -53.25 -30.68
N GLU B 218 -22.66 -54.22 -31.42
CA GLU B 218 -22.19 -55.45 -30.79
C GLU B 218 -20.92 -55.20 -29.97
N ALA B 219 -20.06 -54.31 -30.44
CA ALA B 219 -18.84 -54.00 -29.69
C ALA B 219 -19.16 -53.38 -28.34
N VAL B 220 -20.10 -52.44 -28.31
CA VAL B 220 -20.51 -51.88 -27.02
C VAL B 220 -21.34 -52.87 -26.21
N LEU B 221 -22.13 -53.71 -26.86
CA LEU B 221 -22.97 -54.68 -26.18
C LEU B 221 -22.18 -55.84 -25.58
N ALA B 222 -20.94 -56.06 -26.02
CA ALA B 222 -20.10 -57.09 -25.42
C ALA B 222 -19.60 -56.69 -24.03
N LYS B 223 -19.62 -55.41 -23.70
CA LYS B 223 -19.14 -54.92 -22.42
C LYS B 223 -20.27 -54.43 -21.51
N LYS B 224 -21.21 -53.66 -22.04
CA LYS B 224 -22.37 -53.18 -21.29
C LYS B 224 -23.62 -53.69 -21.99
N SER B 225 -24.32 -54.63 -21.36
CA SER B 225 -25.54 -55.18 -21.92
C SER B 225 -26.69 -55.31 -20.94
N VAL B 226 -26.47 -55.03 -19.65
CA VAL B 226 -27.53 -55.22 -18.65
C VAL B 226 -28.56 -54.11 -18.79
N LEU B 227 -29.82 -54.50 -18.93
CA LEU B 227 -30.92 -53.56 -19.08
C LEU B 227 -31.58 -53.30 -17.73
N VAL B 228 -32.53 -52.38 -17.73
CA VAL B 228 -33.36 -52.11 -16.55
C VAL B 228 -34.60 -52.99 -16.66
N ASP B 229 -34.66 -54.02 -15.82
CA ASP B 229 -35.79 -54.94 -15.76
C ASP B 229 -36.93 -54.27 -15.01
N MET B 230 -37.87 -53.67 -15.73
CA MET B 230 -38.95 -52.97 -15.05
C MET B 230 -40.09 -53.88 -14.62
N ASN B 231 -40.08 -55.16 -14.99
CA ASN B 231 -41.03 -56.07 -14.37
C ASN B 231 -40.69 -56.29 -12.90
N GLU B 232 -39.40 -56.30 -12.57
CA GLU B 232 -38.97 -56.30 -11.17
C GLU B 232 -39.21 -54.95 -10.52
N THR B 233 -38.85 -53.88 -11.21
CA THR B 233 -38.99 -52.51 -10.69
C THR B 233 -39.91 -51.72 -11.60
N PRO B 234 -41.21 -51.65 -11.31
CA PRO B 234 -42.16 -51.04 -12.24
C PRO B 234 -42.13 -49.53 -12.29
N LEU B 235 -41.15 -48.88 -11.64
CA LEU B 235 -41.10 -47.43 -11.60
C LEU B 235 -39.70 -46.90 -11.88
N ALA B 236 -38.83 -47.72 -12.46
CA ALA B 236 -37.46 -47.34 -12.74
C ALA B 236 -37.35 -46.89 -14.18
N LEU B 237 -36.85 -45.67 -14.39
CA LEU B 237 -36.70 -45.12 -15.72
C LEU B 237 -35.28 -45.34 -16.22
N PRO B 238 -35.08 -45.96 -17.39
CA PRO B 238 -33.72 -46.07 -17.94
C PRO B 238 -33.13 -44.74 -18.32
N ASN B 239 -33.96 -43.71 -18.49
CA ASN B 239 -33.47 -42.36 -18.80
C ASN B 239 -32.69 -41.76 -17.64
N HIS B 240 -32.86 -42.30 -16.43
CA HIS B 240 -32.17 -41.76 -15.25
C HIS B 240 -30.67 -41.96 -15.35
N PHE B 241 -29.91 -40.98 -14.88
CA PHE B 241 -28.46 -41.06 -14.97
C PHE B 241 -27.87 -42.06 -13.98
N GLU B 242 -28.59 -42.35 -12.90
CA GLU B 242 -28.13 -43.36 -11.95
C GLU B 242 -28.32 -44.78 -12.48
N SER B 243 -29.04 -44.95 -13.58
CA SER B 243 -29.35 -46.28 -14.08
C SER B 243 -28.10 -46.98 -14.59
N VAL B 244 -28.12 -48.31 -14.51
CA VAL B 244 -27.05 -49.11 -15.09
C VAL B 244 -27.11 -49.09 -16.60
N GLU B 245 -28.25 -48.68 -17.17
CA GLU B 245 -28.40 -48.62 -18.62
C GLU B 245 -27.67 -47.44 -19.23
N SER B 246 -27.52 -46.34 -18.49
CA SER B 246 -26.91 -45.14 -19.02
C SER B 246 -25.45 -45.39 -19.39
N ILE B 247 -25.02 -44.77 -20.49
CA ILE B 247 -23.62 -44.75 -20.90
C ILE B 247 -23.03 -43.35 -20.78
N THR B 248 -23.69 -42.36 -21.37
CA THR B 248 -23.29 -40.96 -21.26
C THR B 248 -24.51 -40.17 -20.82
N ALA B 249 -24.47 -39.62 -19.61
CA ALA B 249 -25.56 -38.81 -19.09
C ALA B 249 -25.25 -37.33 -19.32
N LEU B 250 -25.22 -36.96 -20.60
CA LEU B 250 -24.82 -35.60 -20.99
C LEU B 250 -26.02 -34.71 -21.27
N GLU B 251 -26.87 -35.09 -22.21
CA GLU B 251 -27.90 -34.21 -22.74
C GLU B 251 -29.21 -34.43 -22.00
N GLN B 252 -29.69 -33.39 -21.33
CA GLN B 252 -31.04 -33.36 -20.78
C GLN B 252 -31.97 -32.94 -21.91
N VAL B 253 -32.55 -33.95 -22.59
CA VAL B 253 -33.20 -33.70 -23.87
C VAL B 253 -34.39 -32.75 -23.70
N MET B 254 -35.19 -32.95 -22.68
CA MET B 254 -36.38 -32.13 -22.45
C MET B 254 -36.08 -31.11 -21.37
N GLY B 255 -36.15 -29.83 -21.72
CA GLY B 255 -35.98 -28.78 -20.74
C GLY B 255 -37.18 -28.67 -19.84
N SER B 256 -37.04 -27.84 -18.80
CA SER B 256 -38.13 -27.65 -17.86
C SER B 256 -39.35 -27.04 -18.55
N SER B 257 -39.13 -25.99 -19.32
CA SER B 257 -40.25 -25.33 -20.00
C SER B 257 -40.88 -26.24 -21.03
N VAL B 258 -40.06 -26.90 -21.85
CA VAL B 258 -40.59 -27.76 -22.91
C VAL B 258 -41.36 -28.92 -22.31
N ASN B 259 -40.83 -29.54 -21.26
CA ASN B 259 -41.54 -30.64 -20.62
C ASN B 259 -42.83 -30.16 -19.98
N ASN B 260 -42.81 -28.99 -19.33
CA ASN B 260 -44.00 -28.50 -18.67
C ASN B 260 -45.06 -28.03 -19.66
N ALA B 261 -44.69 -27.77 -20.91
CA ALA B 261 -45.62 -27.21 -21.88
C ALA B 261 -46.12 -28.21 -22.91
N VAL B 262 -45.90 -29.51 -22.69
CA VAL B 262 -46.34 -30.53 -23.65
C VAL B 262 -47.02 -31.68 -22.91
N TRP B 263 -48.01 -32.29 -23.56
CA TRP B 263 -48.65 -33.51 -23.13
C TRP B 263 -48.12 -34.67 -23.96
N VAL B 264 -48.72 -35.85 -23.81
CA VAL B 264 -48.49 -36.96 -24.72
C VAL B 264 -49.82 -37.33 -25.37
N PRO B 265 -49.97 -37.16 -26.68
CA PRO B 265 -51.28 -37.40 -27.30
C PRO B 265 -51.69 -38.86 -27.18
N ALA B 266 -53.02 -39.08 -27.11
CA ALA B 266 -53.53 -40.43 -27.00
C ALA B 266 -53.22 -41.26 -28.23
N THR B 267 -53.06 -40.61 -29.39
CA THR B 267 -52.69 -41.33 -30.60
C THR B 267 -51.33 -42.00 -30.46
N PHE B 268 -50.38 -41.31 -29.84
CA PHE B 268 -49.08 -41.91 -29.59
C PHE B 268 -49.18 -43.00 -28.53
N LEU B 269 -49.94 -42.76 -27.47
CA LEU B 269 -50.08 -43.75 -26.40
C LEU B 269 -50.77 -45.02 -26.86
N ALA B 270 -51.55 -44.95 -27.95
CA ALA B 270 -52.18 -46.14 -28.50
C ALA B 270 -51.16 -47.14 -29.04
N LEU B 271 -49.91 -46.74 -29.22
CA LEU B 271 -48.88 -47.65 -29.69
C LEU B 271 -48.44 -48.64 -28.61
N TYR B 272 -48.69 -48.33 -27.34
CA TYR B 272 -48.34 -49.22 -26.25
C TYR B 272 -49.37 -50.33 -26.10
N GLN B 273 -48.89 -51.54 -25.82
CA GLN B 273 -49.76 -52.68 -25.62
C GLN B 273 -50.41 -52.62 -24.23
N GLU B 274 -51.31 -53.57 -23.98
CA GLU B 274 -52.01 -53.61 -22.69
C GLU B 274 -51.04 -53.84 -21.54
N GLY B 275 -50.21 -54.87 -21.64
CA GLY B 275 -49.20 -55.12 -20.63
C GLY B 275 -47.86 -54.52 -21.00
N ASP B 276 -47.59 -53.32 -20.48
CA ASP B 276 -46.35 -52.62 -20.81
C ASP B 276 -45.95 -51.75 -19.62
N LYS B 277 -44.74 -51.99 -19.10
CA LYS B 277 -44.29 -51.22 -17.94
C LYS B 277 -43.96 -49.79 -18.32
N ARG B 278 -43.57 -49.56 -19.58
CA ARG B 278 -43.31 -48.20 -20.04
C ARG B 278 -44.57 -47.35 -20.03
N LEU B 279 -45.74 -47.99 -20.19
CA LEU B 279 -46.99 -47.25 -20.27
C LEU B 279 -47.26 -46.49 -18.98
N ALA B 280 -46.94 -47.09 -17.84
CA ALA B 280 -47.14 -46.47 -16.53
C ALA B 280 -45.90 -45.79 -15.98
N ALA B 281 -44.71 -46.33 -16.27
CA ALA B 281 -43.49 -45.73 -15.71
C ALA B 281 -43.17 -44.40 -16.37
N TYR B 282 -43.33 -44.30 -17.69
CA TYR B 282 -42.91 -43.10 -18.41
C TYR B 282 -43.82 -41.92 -18.09
N PHE B 283 -45.13 -42.11 -18.17
CA PHE B 283 -46.09 -41.03 -18.12
C PHE B 283 -46.94 -41.10 -16.86
N ALA B 284 -47.71 -40.04 -16.64
CA ALA B 284 -48.58 -39.90 -15.47
C ALA B 284 -49.95 -40.52 -15.77
N ALA B 285 -50.92 -40.25 -14.91
CA ALA B 285 -52.25 -40.78 -15.10
C ALA B 285 -52.99 -39.99 -16.19
N PRO B 286 -53.97 -40.60 -16.86
CA PRO B 286 -54.69 -39.93 -17.96
C PRO B 286 -55.41 -38.65 -17.54
N ASP B 287 -55.99 -37.97 -18.52
CA ASP B 287 -56.73 -36.73 -18.27
C ASP B 287 -58.02 -36.77 -19.08
N GLU B 288 -58.67 -35.61 -19.16
CA GLU B 288 -59.98 -35.52 -19.81
C GLU B 288 -59.96 -36.06 -21.23
N ASN B 289 -58.87 -35.81 -21.97
CA ASN B 289 -58.73 -36.30 -23.33
C ASN B 289 -57.77 -37.48 -23.44
N GLY B 290 -57.37 -38.05 -22.32
CA GLY B 290 -56.41 -39.14 -22.32
C GLY B 290 -54.97 -38.72 -22.48
N ASN B 291 -54.66 -37.43 -22.38
CA ASN B 291 -53.31 -36.93 -22.51
C ASN B 291 -52.58 -37.04 -21.18
N ARG B 292 -51.32 -37.46 -21.23
CA ARG B 292 -50.52 -37.69 -20.03
C ARG B 292 -49.29 -36.78 -20.06
N LYS B 293 -49.00 -36.17 -18.92
CA LYS B 293 -47.70 -35.52 -18.76
C LYS B 293 -46.62 -36.57 -18.59
N SER B 294 -45.43 -36.26 -19.07
CA SER B 294 -44.32 -37.21 -19.06
C SER B 294 -43.43 -36.94 -17.86
N SER B 295 -43.13 -38.01 -17.11
CA SER B 295 -42.20 -37.95 -15.99
C SER B 295 -40.81 -38.46 -16.38
N LYS B 296 -40.51 -38.49 -17.68
CA LYS B 296 -39.25 -39.02 -18.19
C LYS B 296 -38.24 -37.91 -18.48
N GLY B 297 -38.49 -36.69 -18.04
CA GLY B 297 -37.58 -35.61 -18.32
C GLY B 297 -37.98 -34.36 -17.58
N GLY B 298 -37.46 -33.23 -18.07
CA GLY B 298 -37.79 -31.94 -17.51
C GLY B 298 -36.93 -31.53 -16.34
N LYS B 299 -36.15 -32.44 -15.77
CA LYS B 299 -35.22 -32.11 -14.70
C LYS B 299 -33.87 -32.76 -15.01
N ARG B 300 -32.82 -32.16 -14.46
CA ARG B 300 -31.46 -32.49 -14.88
C ARG B 300 -31.06 -33.92 -14.55
N GLU B 301 -31.80 -34.60 -13.66
CA GLU B 301 -31.45 -35.97 -13.31
C GLU B 301 -31.83 -36.97 -14.40
N PHE B 302 -32.70 -36.58 -15.33
CA PHE B 302 -33.03 -37.43 -16.48
C PHE B 302 -32.21 -37.00 -17.69
N SER B 303 -30.90 -37.09 -17.52
CA SER B 303 -29.94 -36.72 -18.55
C SER B 303 -29.40 -37.99 -19.19
N CYS B 304 -29.47 -38.07 -20.51
CA CYS B 304 -29.02 -39.27 -21.20
C CYS B 304 -28.80 -38.94 -22.67
N THR B 305 -27.58 -39.19 -23.15
CA THR B 305 -27.26 -39.11 -24.56
C THR B 305 -27.22 -40.48 -25.21
N PHE B 306 -26.52 -41.43 -24.58
CA PHE B 306 -26.47 -42.82 -25.04
C PHE B 306 -26.83 -43.73 -23.88
N ARG B 307 -27.42 -44.88 -24.21
CA ARG B 307 -27.67 -45.93 -23.23
C ARG B 307 -27.88 -47.26 -23.96
N VAL B 308 -27.91 -48.34 -23.18
CA VAL B 308 -27.93 -49.68 -23.75
C VAL B 308 -29.24 -49.94 -24.48
N GLY B 309 -30.35 -49.39 -23.98
CA GLY B 309 -31.63 -49.65 -24.62
C GLY B 309 -31.67 -49.20 -26.05
N GLU B 310 -31.04 -48.06 -26.35
CA GLU B 310 -30.97 -47.58 -27.73
C GLU B 310 -30.09 -48.49 -28.58
N LEU B 311 -29.00 -49.01 -28.01
CA LEU B 311 -28.08 -49.84 -28.79
C LEU B 311 -28.68 -51.20 -29.10
N TYR B 312 -29.52 -51.73 -28.21
CA TYR B 312 -30.23 -52.97 -28.54
C TYR B 312 -31.07 -52.79 -29.80
N LEU B 313 -31.80 -51.68 -29.88
CA LEU B 313 -32.62 -51.40 -31.06
C LEU B 313 -31.76 -51.09 -32.28
N ASN B 314 -30.62 -50.43 -32.09
CA ASN B 314 -29.71 -50.19 -33.21
C ASN B 314 -29.23 -51.51 -33.80
N ALA B 315 -28.80 -52.43 -32.95
CA ALA B 315 -28.35 -53.74 -33.43
C ALA B 315 -29.49 -54.50 -34.09
N ALA B 316 -30.70 -54.43 -33.51
CA ALA B 316 -31.85 -55.11 -34.10
C ALA B 316 -32.15 -54.58 -35.49
N GLU B 317 -32.17 -53.25 -35.65
CA GLU B 317 -32.48 -52.65 -36.94
C GLU B 317 -31.39 -52.95 -37.97
N ALA B 318 -30.12 -52.86 -37.56
CA ALA B 318 -29.04 -53.16 -38.48
C ALA B 318 -29.10 -54.61 -38.93
N ALA B 319 -29.36 -55.54 -38.02
CA ALA B 319 -29.47 -56.94 -38.39
C ALA B 319 -30.67 -57.18 -39.31
N ALA B 320 -31.80 -56.53 -39.01
CA ALA B 320 -33.00 -56.72 -39.83
C ALA B 320 -32.84 -56.12 -41.22
N ASN B 321 -31.95 -55.13 -41.37
CA ASN B 321 -31.81 -54.47 -42.66
C ASN B 321 -30.83 -55.14 -43.60
N MET B 322 -30.14 -56.20 -43.17
CA MET B 322 -29.24 -56.95 -44.04
C MET B 322 -29.58 -58.44 -44.04
N ASP B 323 -30.88 -58.75 -43.96
CA ASP B 323 -31.36 -60.14 -44.05
C ASP B 323 -30.70 -61.05 -43.02
N LYS B 324 -30.74 -60.61 -41.77
CA LYS B 324 -30.23 -61.37 -40.63
C LYS B 324 -31.31 -61.50 -39.58
N LEU B 325 -32.51 -61.91 -40.01
CA LEU B 325 -33.66 -61.92 -39.12
C LEU B 325 -33.45 -62.75 -37.85
N PRO B 326 -32.77 -63.90 -37.87
CA PRO B 326 -32.34 -64.51 -36.61
C PRO B 326 -31.72 -63.52 -35.63
N HIS B 327 -30.71 -62.77 -36.06
CA HIS B 327 -30.03 -61.84 -35.17
C HIS B 327 -30.96 -60.73 -34.71
N ALA B 328 -31.79 -60.19 -35.62
CA ALA B 328 -32.70 -59.12 -35.24
C ALA B 328 -33.71 -59.61 -34.20
N ARG B 329 -34.28 -60.81 -34.41
CA ARG B 329 -35.22 -61.37 -33.45
C ARG B 329 -34.55 -61.80 -32.17
N MET B 330 -33.23 -61.99 -32.18
CA MET B 330 -32.53 -62.28 -30.94
C MET B 330 -32.28 -61.01 -30.13
N ARG B 331 -31.75 -59.97 -30.77
CA ARG B 331 -31.55 -58.69 -30.08
C ARG B 331 -32.87 -58.07 -29.68
N LEU B 332 -33.85 -58.07 -30.58
CA LEU B 332 -35.21 -57.79 -30.19
C LEU B 332 -35.74 -58.96 -29.36
N LEU B 333 -36.79 -58.69 -28.59
CA LEU B 333 -37.38 -59.64 -27.65
C LEU B 333 -36.46 -59.84 -26.44
N GLU B 334 -35.24 -59.32 -26.53
CA GLU B 334 -34.38 -59.19 -25.36
C GLU B 334 -34.60 -57.86 -24.65
N LEU B 335 -35.18 -56.89 -25.35
CA LEU B 335 -35.64 -55.64 -24.77
C LEU B 335 -37.06 -55.80 -24.23
N MET B 336 -37.98 -56.33 -25.05
CA MET B 336 -39.35 -56.52 -24.60
C MET B 336 -39.42 -57.45 -23.39
N ARG B 337 -38.50 -58.41 -23.28
CA ARG B 337 -38.44 -59.23 -22.09
C ARG B 337 -38.26 -58.38 -20.84
N LYS B 338 -37.51 -57.29 -20.96
CA LYS B 338 -37.27 -56.38 -19.85
C LYS B 338 -38.31 -55.28 -19.74
N ARG B 339 -39.20 -55.15 -20.73
CA ARG B 339 -40.19 -54.08 -20.76
C ARG B 339 -41.62 -54.56 -20.69
N TYR B 340 -41.90 -55.79 -21.11
CA TYR B 340 -43.26 -56.33 -21.13
C TYR B 340 -43.48 -57.29 -19.97
N THR B 341 -44.75 -57.43 -19.60
CA THR B 341 -45.11 -58.44 -18.61
C THR B 341 -44.94 -59.83 -19.23
N PRO B 342 -44.69 -60.85 -18.40
CA PRO B 342 -44.56 -62.21 -18.95
C PRO B 342 -45.81 -62.69 -19.67
N GLU B 343 -46.99 -62.18 -19.30
CA GLU B 343 -48.21 -62.59 -19.98
C GLU B 343 -48.25 -62.08 -21.42
N ALA B 344 -47.79 -60.86 -21.67
CA ALA B 344 -47.78 -60.29 -23.01
C ALA B 344 -46.49 -60.56 -23.77
N TYR B 345 -45.41 -60.89 -23.07
CA TYR B 345 -44.15 -61.14 -23.76
C TYR B 345 -44.21 -62.39 -24.63
N ALA B 346 -44.98 -63.40 -24.22
CA ALA B 346 -45.09 -64.60 -25.05
C ALA B 346 -45.81 -64.29 -26.37
N LYS B 347 -46.89 -63.51 -26.30
CA LYS B 347 -47.57 -63.08 -27.52
C LYS B 347 -46.65 -62.23 -28.38
N LYS B 348 -45.89 -61.34 -27.76
CA LYS B 348 -44.95 -60.52 -28.51
C LYS B 348 -43.89 -61.37 -29.18
N GLU B 349 -43.39 -62.39 -28.49
CA GLU B 349 -42.38 -63.28 -29.05
C GLU B 349 -42.94 -64.05 -30.25
N ASN B 350 -44.16 -64.57 -30.12
CA ASN B 350 -44.77 -65.27 -31.25
C ASN B 350 -44.94 -64.33 -32.43
N ALA B 351 -45.44 -63.12 -32.18
CA ALA B 351 -45.63 -62.16 -33.26
C ALA B 351 -44.31 -61.82 -33.94
N VAL B 352 -43.26 -61.58 -33.16
CA VAL B 352 -41.96 -61.25 -33.73
C VAL B 352 -41.44 -62.42 -34.56
N ASN B 353 -41.62 -63.64 -34.07
CA ASN B 353 -41.15 -64.81 -34.80
C ASN B 353 -41.97 -65.11 -36.04
N VAL B 354 -43.15 -64.53 -36.20
CA VAL B 354 -43.95 -64.82 -37.39
C VAL B 354 -44.00 -63.66 -38.37
N MET B 355 -42.98 -62.81 -38.38
CA MET B 355 -42.88 -61.74 -39.38
C MET B 355 -41.70 -61.96 -40.31
N ASP B 356 -41.79 -61.32 -41.48
CA ASP B 356 -40.69 -61.22 -42.43
C ASP B 356 -39.88 -59.97 -42.12
N LYS B 357 -38.96 -59.63 -43.03
CA LYS B 357 -38.00 -58.56 -42.73
C LYS B 357 -38.67 -57.20 -42.69
N ASN B 358 -39.65 -56.95 -43.56
CA ASN B 358 -40.30 -55.64 -43.58
C ASN B 358 -41.18 -55.44 -42.34
N ALA B 359 -41.98 -56.44 -42.00
CA ALA B 359 -42.80 -56.34 -40.79
C ALA B 359 -41.93 -56.30 -39.55
N LEU B 360 -40.82 -57.04 -39.54
CA LEU B 360 -39.90 -56.98 -38.42
C LEU B 360 -39.28 -55.59 -38.29
N ILE B 361 -38.95 -54.96 -39.41
CA ILE B 361 -38.40 -53.61 -39.37
C ILE B 361 -39.43 -52.63 -38.83
N SER B 362 -40.68 -52.75 -39.27
CA SER B 362 -41.73 -51.88 -38.76
C SER B 362 -41.95 -52.09 -37.26
N GLU B 363 -41.92 -53.34 -36.81
CA GLU B 363 -42.05 -53.62 -35.38
C GLU B 363 -40.86 -53.05 -34.59
N ILE B 364 -39.66 -53.15 -35.15
CA ILE B 364 -38.48 -52.59 -34.48
C ILE B 364 -38.61 -51.08 -34.37
N LEU B 365 -39.14 -50.43 -35.42
CA LEU B 365 -39.34 -48.99 -35.38
C LEU B 365 -40.38 -48.61 -34.35
N ASN B 366 -41.47 -49.39 -34.25
CA ASN B 366 -42.47 -49.12 -33.22
C ASN B 366 -41.88 -49.31 -31.82
N GLU B 367 -41.03 -50.32 -31.66
CA GLU B 367 -40.35 -50.53 -30.38
C GLU B 367 -39.41 -49.38 -30.06
N ARG B 368 -38.73 -48.83 -31.07
CA ARG B 368 -37.91 -47.65 -30.86
C ARG B 368 -38.76 -46.47 -30.43
N ALA B 369 -39.92 -46.29 -31.06
CA ALA B 369 -40.80 -45.18 -30.70
C ALA B 369 -41.30 -45.30 -29.27
N ARG B 370 -41.65 -46.52 -28.86
CA ARG B 370 -42.13 -46.74 -27.50
C ARG B 370 -41.02 -46.59 -26.48
N GLU B 371 -39.88 -47.22 -26.74
CA GLU B 371 -38.79 -47.28 -25.76
C GLU B 371 -38.15 -45.91 -25.57
N LEU B 372 -37.80 -45.24 -26.66
CA LEU B 372 -37.08 -43.98 -26.60
C LEU B 372 -38.01 -42.77 -26.59
N ALA B 373 -39.23 -42.94 -26.09
CA ALA B 373 -40.18 -41.84 -26.04
C ALA B 373 -39.69 -40.76 -25.09
N PHE B 374 -39.85 -39.51 -25.51
CA PHE B 374 -39.40 -38.33 -24.75
C PHE B 374 -37.91 -38.39 -24.44
N GLU B 375 -37.12 -38.91 -25.38
CA GLU B 375 -35.67 -38.95 -25.28
C GLU B 375 -34.99 -38.36 -26.51
N GLY B 376 -35.71 -37.56 -27.30
CA GLY B 376 -35.13 -36.97 -28.49
C GLY B 376 -34.87 -37.92 -29.63
N HIS B 377 -35.65 -38.99 -29.75
CA HIS B 377 -35.42 -40.01 -30.77
C HIS B 377 -36.67 -40.29 -31.59
N ARG B 378 -37.47 -39.26 -31.88
CA ARG B 378 -38.71 -39.49 -32.62
C ARG B 378 -38.67 -38.78 -33.96
N TRP B 379 -38.38 -37.48 -33.93
CA TRP B 379 -38.30 -36.71 -35.16
C TRP B 379 -37.21 -37.24 -36.08
N PHE B 380 -36.05 -37.56 -35.52
CA PHE B 380 -34.93 -38.00 -36.33
C PHE B 380 -35.13 -39.41 -36.87
N ASP B 381 -35.79 -40.28 -36.11
CA ASP B 381 -36.11 -41.60 -36.63
C ASP B 381 -37.12 -41.53 -37.77
N LEU B 382 -38.09 -40.62 -37.64
CA LEU B 382 -39.03 -40.38 -38.75
C LEU B 382 -38.30 -39.87 -39.99
N ARG B 383 -37.35 -38.95 -39.80
CA ARG B 383 -36.57 -38.47 -40.94
C ARG B 383 -35.72 -39.59 -41.54
N ARG B 384 -35.15 -40.45 -40.70
CA ARG B 384 -34.30 -41.52 -41.19
C ARG B 384 -35.07 -42.51 -42.04
N THR B 385 -36.18 -43.02 -41.50
CA THR B 385 -36.75 -44.26 -42.03
C THR B 385 -37.57 -43.99 -43.28
N THR B 386 -38.70 -43.29 -43.14
CA THR B 386 -39.68 -43.23 -44.22
C THR B 386 -40.21 -41.84 -44.53
N ARG B 387 -39.97 -40.84 -43.68
CA ARG B 387 -40.55 -39.51 -43.83
C ARG B 387 -42.07 -39.61 -44.04
N PRO B 388 -42.79 -40.22 -43.10
CA PRO B 388 -44.21 -40.51 -43.36
C PRO B 388 -45.08 -39.27 -43.25
N ARG B 389 -46.16 -39.29 -44.02
CA ARG B 389 -47.16 -38.23 -43.94
C ARG B 389 -47.81 -38.22 -42.57
N MET B 390 -47.93 -37.04 -41.98
CA MET B 390 -48.48 -36.88 -40.64
C MET B 390 -49.62 -35.88 -40.67
N VAL B 391 -50.71 -36.21 -39.97
CA VAL B 391 -51.85 -35.31 -39.82
C VAL B 391 -52.00 -34.99 -38.34
N LYS B 392 -52.10 -33.71 -38.02
CA LYS B 392 -52.23 -33.28 -36.63
C LYS B 392 -53.37 -32.30 -36.52
N VAL B 393 -54.33 -32.61 -35.66
CA VAL B 393 -55.52 -31.79 -35.44
C VAL B 393 -55.31 -30.99 -34.17
N LEU B 394 -55.25 -29.67 -34.30
CA LEU B 394 -54.96 -28.78 -33.19
C LEU B 394 -55.86 -27.55 -33.28
N GLN B 395 -56.48 -27.20 -32.16
CA GLN B 395 -57.30 -25.99 -32.05
C GLN B 395 -58.42 -25.95 -33.08
N GLY B 396 -58.95 -27.13 -33.44
CA GLY B 396 -60.01 -27.22 -34.41
C GLY B 396 -59.57 -27.15 -35.86
N LYS B 397 -58.27 -26.99 -36.12
CA LYS B 397 -57.74 -26.97 -37.48
C LYS B 397 -56.90 -28.22 -37.71
N THR B 398 -56.64 -28.50 -38.99
CA THR B 398 -55.83 -29.64 -39.37
C THR B 398 -54.55 -29.16 -40.05
N TYR B 399 -53.44 -29.80 -39.71
CA TYR B 399 -52.16 -29.50 -40.32
C TYR B 399 -51.58 -30.80 -40.86
N ILE B 400 -51.17 -30.76 -42.12
CA ILE B 400 -50.75 -31.96 -42.84
C ILE B 400 -49.32 -31.76 -43.28
N LEU B 401 -48.45 -32.69 -42.89
CA LEU B 401 -47.06 -32.70 -43.32
C LEU B 401 -46.90 -33.89 -44.27
N GLU B 402 -46.70 -33.59 -45.55
CA GLU B 402 -46.70 -34.61 -46.59
C GLU B 402 -45.47 -35.51 -46.46
N GLN B 403 -45.52 -36.63 -47.14
CA GLN B 403 -44.37 -37.53 -47.19
C GLN B 403 -43.23 -36.85 -47.94
N ASP B 404 -42.00 -37.04 -47.43
CA ASP B 404 -40.81 -36.44 -48.01
C ASP B 404 -40.94 -34.92 -48.07
N ASP B 405 -41.56 -34.35 -47.05
CA ASP B 405 -41.79 -32.92 -47.02
C ASP B 405 -40.46 -32.16 -46.92
N PRO B 406 -40.36 -30.99 -47.54
CA PRO B 406 -39.22 -30.11 -47.26
C PRO B 406 -39.19 -29.59 -45.83
N ARG B 407 -40.30 -29.70 -45.10
CA ARG B 407 -40.37 -29.28 -43.71
C ARG B 407 -39.83 -30.33 -42.74
N TYR B 408 -39.39 -31.48 -43.24
CA TYR B 408 -38.71 -32.44 -42.39
C TYR B 408 -37.34 -31.95 -41.94
N THR B 409 -36.85 -30.86 -42.54
CA THR B 409 -35.59 -30.22 -42.14
C THR B 409 -35.93 -28.87 -41.53
N ILE B 410 -35.51 -28.66 -40.29
CA ILE B 410 -35.78 -27.38 -39.64
C ILE B 410 -34.88 -26.31 -40.24
N PRO B 411 -35.42 -25.19 -40.70
CA PRO B 411 -34.58 -24.16 -41.31
C PRO B 411 -33.63 -23.55 -40.28
N ILE B 412 -32.50 -23.05 -40.79
CA ILE B 412 -31.48 -22.43 -39.94
C ILE B 412 -32.10 -21.25 -39.20
N PRO B 413 -31.83 -21.07 -37.90
CA PRO B 413 -32.53 -20.03 -37.14
C PRO B 413 -32.29 -18.64 -37.70
N ARG B 414 -33.20 -17.73 -37.36
CA ARG B 414 -33.16 -16.39 -37.93
C ARG B 414 -31.96 -15.59 -37.45
N ASP B 415 -31.51 -15.82 -36.22
CA ASP B 415 -30.33 -15.12 -35.72
C ASP B 415 -29.08 -15.54 -36.47
N ALA B 416 -28.96 -16.83 -36.79
CA ALA B 416 -27.84 -17.31 -37.57
C ALA B 416 -27.79 -16.66 -38.94
N ILE B 417 -28.95 -16.51 -39.58
CA ILE B 417 -29.00 -15.89 -40.90
C ILE B 417 -28.70 -14.41 -40.81
N ALA B 418 -29.21 -13.75 -39.75
CA ALA B 418 -28.95 -12.32 -39.58
C ALA B 418 -27.47 -12.05 -39.38
N ALA B 419 -26.79 -12.89 -38.58
CA ALA B 419 -25.36 -12.70 -38.37
C ALA B 419 -24.56 -13.10 -39.61
N ASN B 420 -24.97 -14.17 -40.29
CA ASN B 420 -24.30 -14.69 -41.48
C ASN B 420 -25.31 -14.75 -42.61
N PRO B 421 -25.42 -13.69 -43.41
CA PRO B 421 -26.44 -13.67 -44.48
C PRO B 421 -26.27 -14.77 -45.52
N GLY B 422 -25.07 -15.27 -45.71
CA GLY B 422 -24.84 -16.33 -46.67
C GLY B 422 -25.25 -17.71 -46.23
N LEU B 423 -25.95 -17.79 -45.12
CA LEU B 423 -26.32 -19.07 -44.52
C LEU B 423 -27.69 -19.55 -45.00
N ASP C 1 49.94 8.66 3.74
CA ASP C 1 49.45 9.99 3.40
C ASP C 1 49.66 10.95 4.56
N ALA C 2 49.41 12.24 4.30
CA ALA C 2 49.60 13.29 5.30
C ALA C 2 48.33 14.09 5.52
N VAL C 3 47.17 13.49 5.27
CA VAL C 3 45.89 14.16 5.38
C VAL C 3 44.88 13.21 6.01
N VAL C 4 44.06 13.75 6.91
CA VAL C 4 42.97 13.03 7.57
C VAL C 4 41.69 13.80 7.29
N VAL C 5 40.66 13.11 6.84
CA VAL C 5 39.37 13.73 6.55
C VAL C 5 38.39 13.33 7.66
N THR C 6 37.68 14.32 8.19
CA THR C 6 36.72 14.09 9.27
C THR C 6 35.29 14.26 8.83
N GLY C 7 35.05 14.59 7.56
CA GLY C 7 33.72 14.90 7.07
C GLY C 7 33.35 16.37 7.17
N TYR C 8 34.11 17.16 7.91
CA TYR C 8 33.92 18.59 8.02
C TYR C 8 35.10 19.38 7.51
N GLN C 9 36.31 18.89 7.73
CA GLN C 9 37.51 19.59 7.28
C GLN C 9 38.67 18.61 7.24
N THR C 10 39.74 19.05 6.59
CA THR C 10 40.92 18.23 6.37
C THR C 10 42.03 18.65 7.32
N VAL C 11 42.66 17.67 7.96
CA VAL C 11 43.66 17.88 9.00
C VAL C 11 44.98 17.31 8.51
N GLU C 12 46.06 18.08 8.67
CA GLU C 12 47.38 17.53 8.38
C GLU C 12 47.75 16.47 9.40
N ARG C 13 48.48 15.46 8.95
CA ARG C 13 48.86 14.36 9.84
C ARG C 13 49.74 14.86 10.98
N ARG C 14 50.60 15.84 10.71
CA ARG C 14 51.47 16.40 11.74
C ARG C 14 50.72 17.26 12.75
N LYS C 15 49.46 17.59 12.48
CA LYS C 15 48.65 18.38 13.39
C LYS C 15 47.48 17.60 13.96
N LEU C 16 47.39 16.31 13.69
CA LEU C 16 46.27 15.49 14.12
C LEU C 16 46.47 15.12 15.59
N THR C 17 45.61 15.67 16.46
CA THR C 17 45.65 15.41 17.88
C THR C 17 44.66 14.35 18.32
N ALA C 18 44.01 13.68 17.38
CA ALA C 18 42.94 12.74 17.65
C ALA C 18 43.35 11.31 17.34
N ALA C 19 42.54 10.36 17.81
CA ALA C 19 42.73 8.94 17.53
C ALA C 19 41.88 8.58 16.32
N VAL C 20 42.54 8.40 15.18
CA VAL C 20 41.88 8.19 13.90
C VAL C 20 42.47 6.94 13.26
N GLY C 21 41.60 6.02 12.84
CA GLY C 21 42.01 4.85 12.10
C GLY C 21 41.75 5.04 10.62
N LYS C 22 42.60 4.45 9.79
CA LYS C 22 42.53 4.66 8.36
C LYS C 22 42.69 3.33 7.64
N LEU C 23 41.89 3.13 6.58
CA LEU C 23 42.00 1.94 5.75
C LEU C 23 41.89 2.37 4.29
N ASN C 24 42.76 1.82 3.46
CA ASN C 24 42.73 2.08 2.02
C ASN C 24 41.95 0.96 1.35
N ILE C 25 40.89 1.32 0.63
CA ILE C 25 40.00 0.35 0.02
C ILE C 25 40.52 0.05 -1.38
N SER C 26 41.01 -1.17 -1.58
CA SER C 26 41.47 -1.64 -2.87
C SER C 26 41.33 -3.15 -2.90
N ASP C 27 41.56 -3.74 -4.05
CA ASP C 27 41.47 -5.19 -4.17
C ASP C 27 42.55 -5.89 -3.34
N GLU C 28 43.73 -5.30 -3.25
CA GLU C 28 44.83 -5.92 -2.52
C GLU C 28 44.60 -5.92 -1.01
N THR C 29 44.05 -4.84 -0.46
CA THR C 29 43.74 -4.78 0.97
C THR C 29 42.38 -5.39 1.27
N ILE C 30 41.34 -4.82 0.67
CA ILE C 30 39.99 -5.35 0.76
C ILE C 30 39.80 -6.43 -0.29
N GLY C 31 39.28 -7.57 0.11
CA GLY C 31 39.09 -8.67 -0.82
C GLY C 31 37.85 -8.41 -1.65
N ALA C 32 37.42 -9.45 -2.36
CA ALA C 32 36.26 -9.32 -3.25
C ALA C 32 35.00 -9.31 -2.41
N VAL C 33 34.75 -8.17 -1.75
CA VAL C 33 33.54 -8.02 -0.95
C VAL C 33 32.57 -7.16 -1.74
N LYS C 34 31.31 -7.14 -1.32
CA LYS C 34 30.29 -6.34 -1.98
C LYS C 34 29.73 -5.23 -1.11
N SER C 35 29.93 -5.24 0.20
CA SER C 35 29.55 -4.16 1.08
C SER C 35 30.79 -3.64 1.80
N ILE C 36 30.80 -2.34 2.07
CA ILE C 36 31.95 -1.72 2.72
C ILE C 36 31.92 -1.86 4.23
N ASP C 37 30.85 -2.42 4.80
CA ASP C 37 30.85 -2.76 6.22
C ASP C 37 31.36 -4.16 6.49
N GLN C 38 31.28 -5.06 5.52
CA GLN C 38 31.84 -6.40 5.66
C GLN C 38 33.34 -6.44 5.39
N ALA C 39 33.91 -5.35 4.90
CA ALA C 39 35.32 -5.26 4.59
C ALA C 39 36.14 -4.68 5.74
N LEU C 40 35.50 -4.34 6.85
CA LEU C 40 36.15 -3.66 7.96
C LEU C 40 36.54 -4.61 9.09
N ALA C 41 36.38 -5.91 8.90
CA ALA C 41 36.61 -6.88 9.98
C ALA C 41 38.10 -7.13 10.12
N GLY C 42 38.66 -6.73 11.26
CA GLY C 42 40.05 -6.97 11.57
C GLY C 42 41.05 -5.98 11.02
N GLN C 43 40.60 -4.83 10.54
CA GLN C 43 41.48 -3.90 9.85
C GLN C 43 41.58 -2.53 10.50
N ILE C 44 40.71 -2.21 11.46
CA ILE C 44 40.84 -1.02 12.28
C ILE C 44 40.88 -1.48 13.73
N ALA C 45 41.86 -0.99 14.48
CA ALA C 45 41.98 -1.35 15.89
C ALA C 45 40.96 -0.57 16.70
N GLY C 46 40.07 -1.28 17.38
CA GLY C 46 39.00 -0.65 18.11
C GLY C 46 37.66 -0.65 17.43
N LEU C 47 37.57 -1.19 16.23
CA LEU C 47 36.32 -1.29 15.48
C LEU C 47 36.00 -2.77 15.33
N SER C 48 34.97 -3.23 16.04
CA SER C 48 34.58 -4.63 16.08
C SER C 48 33.41 -4.83 15.14
N VAL C 49 33.56 -5.77 14.19
CA VAL C 49 32.53 -6.08 13.20
C VAL C 49 32.08 -7.52 13.41
N THR C 50 30.76 -7.70 13.53
CA THR C 50 30.16 -9.01 13.74
C THR C 50 29.08 -9.23 12.68
N SER C 51 28.92 -10.48 12.28
CA SER C 51 27.97 -10.83 11.22
C SER C 51 26.59 -11.07 11.82
N THR C 52 25.59 -10.33 11.32
CA THR C 52 24.20 -10.60 11.69
C THR C 52 23.73 -11.94 11.14
N SER C 53 24.04 -12.21 9.87
CA SER C 53 23.68 -13.46 9.21
C SER C 53 24.77 -13.79 8.19
N GLY C 54 24.61 -14.93 7.53
CA GLY C 54 25.34 -15.23 6.33
C GLY C 54 24.54 -14.98 5.08
N ALA C 55 23.32 -14.48 5.22
CA ALA C 55 22.47 -14.22 4.07
C ALA C 55 23.01 -13.03 3.27
N PRO C 56 22.78 -13.03 1.95
CA PRO C 56 23.23 -11.89 1.14
C PRO C 56 22.48 -10.61 1.53
N GLY C 57 23.25 -9.54 1.70
CA GLY C 57 22.68 -8.25 2.04
C GLY C 57 22.45 -8.01 3.52
N ALA C 58 22.69 -9.00 4.36
CA ALA C 58 22.49 -8.81 5.79
C ALA C 58 23.50 -7.80 6.33
N PRO C 59 23.06 -6.87 7.18
CA PRO C 59 23.98 -5.86 7.71
C PRO C 59 25.00 -6.45 8.68
N ALA C 60 25.90 -5.62 9.17
CA ALA C 60 26.90 -6.03 10.15
C ALA C 60 26.73 -5.18 11.40
N LYS C 61 27.08 -5.76 12.54
CA LYS C 61 27.04 -5.07 13.83
C LYS C 61 28.43 -4.54 14.11
N ILE C 62 28.58 -3.22 14.05
CA ILE C 62 29.86 -2.55 14.20
C ILE C 62 29.84 -1.74 15.48
N ARG C 63 30.84 -1.96 16.34
CA ARG C 63 30.98 -1.24 17.60
C ARG C 63 32.38 -0.63 17.64
N ILE C 64 32.45 0.68 17.83
CA ILE C 64 33.71 1.39 17.96
C ILE C 64 33.90 1.74 19.43
N ARG C 65 34.93 1.18 20.04
CA ARG C 65 35.22 1.37 21.46
C ARG C 65 34.04 0.95 22.33
N GLY C 66 33.41 -0.17 21.96
CA GLY C 66 32.37 -0.78 22.77
C GLY C 66 30.99 -0.20 22.53
N THR C 67 30.09 -0.57 23.44
CA THR C 67 28.73 -0.05 23.46
C THR C 67 28.67 1.21 24.31
N SER C 68 27.98 2.23 23.81
CA SER C 68 27.94 3.53 24.45
C SER C 68 26.57 3.93 24.98
N SER C 69 25.53 3.16 24.71
CA SER C 69 24.21 3.43 25.25
C SER C 69 23.51 2.11 25.56
N LEU C 70 22.54 2.18 26.46
CA LEU C 70 21.76 1.00 26.83
C LEU C 70 20.51 0.87 25.97
N ASN C 71 19.76 1.96 25.85
CA ASN C 71 18.53 2.02 25.03
C ASN C 71 18.68 3.24 24.12
N GLY C 72 19.34 3.06 22.99
CA GLY C 72 19.57 4.18 22.11
C GLY C 72 20.31 3.72 20.87
N THR C 73 20.88 4.69 20.16
CA THR C 73 21.64 4.40 18.95
C THR C 73 22.97 3.79 19.35
N GLN C 74 23.18 2.53 19.00
CA GLN C 74 24.43 1.83 19.30
C GLN C 74 25.30 1.62 18.08
N ASP C 75 24.86 1.99 16.97
CA ASP C 75 25.56 1.87 15.70
C ASP C 75 26.35 3.13 15.39
N PRO C 76 27.46 3.02 14.66
CA PRO C 76 28.24 4.22 14.33
C PRO C 76 27.52 5.11 13.34
N LEU C 77 28.14 6.25 13.08
CA LEU C 77 27.66 7.19 12.09
C LEU C 77 28.47 7.01 10.83
N TRP C 78 27.79 6.82 9.70
CA TRP C 78 28.45 6.68 8.41
C TRP C 78 28.31 7.98 7.65
N VAL C 79 29.44 8.51 7.20
CA VAL C 79 29.49 9.79 6.50
C VAL C 79 30.00 9.53 5.10
N LEU C 80 29.22 9.88 4.09
CA LEU C 80 29.60 9.69 2.70
C LEU C 80 29.93 11.05 2.11
N ASP C 81 31.22 11.30 1.90
CA ASP C 81 31.70 12.53 1.26
C ASP C 81 31.20 13.77 1.98
N GLY C 82 31.21 13.72 3.31
CA GLY C 82 30.83 14.85 4.13
C GLY C 82 29.38 14.91 4.51
N ILE C 83 28.52 14.12 3.89
CA ILE C 83 27.08 14.11 4.14
C ILE C 83 26.76 12.84 4.93
N PRO C 84 26.21 12.96 6.14
CA PRO C 84 25.90 11.75 6.91
C PRO C 84 24.83 10.92 6.23
N LEU C 85 24.90 9.61 6.43
CA LEU C 85 23.98 8.69 5.79
C LEU C 85 22.90 8.26 6.75
N GLU C 86 21.68 8.14 6.23
CA GLU C 86 20.53 7.67 6.98
C GLU C 86 20.21 6.24 6.55
N GLY C 87 19.55 5.51 7.44
CA GLY C 87 19.20 4.14 7.16
C GLY C 87 20.28 3.12 7.40
N THR C 88 21.35 3.50 8.09
CA THR C 88 22.47 2.60 8.37
C THR C 88 22.35 1.90 9.71
N ASP C 89 21.25 2.13 10.45
CA ASP C 89 21.07 1.49 11.75
C ASP C 89 20.62 0.06 11.58
N VAL C 90 21.07 -0.80 12.50
CA VAL C 90 20.71 -2.26 12.48
C VAL C 90 19.76 -2.55 13.64
N PRO C 91 18.42 -2.49 13.44
CA PRO C 91 17.46 -2.74 14.53
C PRO C 91 17.68 -4.12 15.18
N GLN C 92 17.57 -4.17 16.50
CA GLN C 92 17.74 -5.45 17.26
C GLN C 92 16.35 -6.02 17.59
N SER C 93 16.21 -7.35 17.58
CA SER C 93 14.89 -7.98 17.85
C SER C 93 15.04 -9.12 18.86
N ASN C 94 14.01 -9.35 19.67
CA ASN C 94 14.02 -10.44 20.68
C ASN C 94 13.67 -11.76 20.00
N VAL C 95 12.82 -11.71 18.97
CA VAL C 95 12.42 -12.91 18.24
C VAL C 95 13.58 -13.34 17.36
N LEU C 96 14.04 -14.57 17.54
CA LEU C 96 15.22 -15.02 16.82
C LEU C 96 14.96 -15.19 15.32
N ASN C 97 13.70 -15.33 14.90
CA ASN C 97 13.40 -15.48 13.49
C ASN C 97 13.34 -14.14 12.75
N ASP C 98 13.29 -13.03 13.47
CA ASP C 98 13.31 -11.73 12.82
C ASP C 98 14.60 -11.51 12.04
N VAL C 99 15.65 -12.28 12.34
CA VAL C 99 16.89 -12.21 11.59
C VAL C 99 16.69 -12.60 10.14
N SER C 100 15.61 -13.33 9.84
CA SER C 100 15.30 -13.68 8.47
C SER C 100 14.57 -12.57 7.73
N ASN C 101 14.08 -11.55 8.45
CA ASN C 101 13.35 -10.44 7.84
C ASN C 101 14.07 -9.13 8.03
N ILE C 102 15.40 -9.17 8.17
CA ILE C 102 16.15 -7.94 8.42
C ILE C 102 16.10 -7.04 7.21
N GLN C 103 16.24 -5.74 7.45
CA GLN C 103 16.26 -4.75 6.40
C GLN C 103 17.70 -4.34 6.13
N GLN C 104 18.04 -4.23 4.85
CA GLN C 104 19.37 -3.84 4.45
C GLN C 104 19.64 -2.38 4.80
N SER C 105 20.88 -2.09 5.14
CA SER C 105 21.30 -0.72 5.38
C SER C 105 21.65 -0.04 4.07
N SER C 106 21.64 1.29 4.10
CA SER C 106 21.99 2.05 2.90
C SER C 106 23.44 1.81 2.48
N ILE C 107 24.28 1.38 3.42
CA ILE C 107 25.67 1.04 3.13
C ILE C 107 25.75 -0.07 2.10
N ALA C 108 24.73 -0.93 2.04
CA ALA C 108 24.72 -2.01 1.06
C ALA C 108 24.58 -1.51 -0.37
N GLY C 109 24.19 -0.25 -0.58
CA GLY C 109 24.07 0.29 -1.90
C GLY C 109 25.31 0.96 -2.46
N LEU C 110 26.41 0.92 -1.73
CA LEU C 110 27.64 1.60 -2.11
C LEU C 110 28.65 0.57 -2.59
N ASN C 111 29.12 0.72 -3.82
CA ASN C 111 30.12 -0.16 -4.38
C ASN C 111 31.47 0.14 -3.74
N PRO C 112 32.13 -0.83 -3.12
CA PRO C 112 33.51 -0.60 -2.64
C PRO C 112 34.50 -0.30 -3.74
N ALA C 113 34.16 -0.57 -5.01
CA ALA C 113 35.01 -0.20 -6.13
C ALA C 113 35.03 1.30 -6.36
N ASP C 114 34.16 2.06 -5.69
CA ASP C 114 34.13 3.50 -5.80
C ASP C 114 34.71 4.21 -4.58
N ILE C 115 34.99 3.49 -3.50
CA ILE C 115 35.50 4.09 -2.28
C ILE C 115 37.03 4.04 -2.30
N GLU C 116 37.66 5.17 -1.98
CA GLU C 116 39.11 5.30 -1.93
C GLU C 116 39.66 4.94 -0.55
N ASN C 117 39.16 5.60 0.50
CA ASN C 117 39.59 5.35 1.87
C ASN C 117 38.35 5.21 2.75
N ILE C 118 38.59 4.65 3.93
CA ILE C 118 37.63 4.61 5.03
C ILE C 118 38.36 5.14 6.26
N THR C 119 37.87 6.24 6.82
CA THR C 119 38.47 6.84 8.01
C THR C 119 37.52 6.67 9.16
N VAL C 120 38.00 6.06 10.25
CA VAL C 120 37.19 5.82 11.43
C VAL C 120 37.63 6.80 12.51
N LEU C 121 36.67 7.58 13.00
CA LEU C 121 36.89 8.60 14.02
C LEU C 121 36.55 7.97 15.36
N LYS C 122 37.57 7.73 16.18
CA LYS C 122 37.42 6.94 17.41
C LYS C 122 37.37 7.79 18.66
N ASP C 123 38.14 8.87 18.70
CA ASP C 123 38.40 9.67 19.89
C ASP C 123 37.33 10.75 20.06
N ALA C 124 37.32 11.37 21.24
CA ALA C 124 36.52 12.57 21.43
C ALA C 124 37.04 13.71 20.59
N ALA C 125 38.37 13.82 20.46
CA ALA C 125 38.96 14.85 19.62
C ALA C 125 38.64 14.66 18.15
N ALA C 126 38.28 13.45 17.73
CA ALA C 126 37.94 13.18 16.34
C ALA C 126 36.45 13.26 16.07
N THR C 127 35.62 12.97 17.08
CA THR C 127 34.19 12.83 16.90
C THR C 127 33.37 13.99 17.45
N ALA C 128 33.89 14.75 18.41
CA ALA C 128 33.07 15.77 19.08
C ALA C 128 32.48 16.78 18.13
N ILE C 129 32.99 16.88 16.89
CA ILE C 129 32.44 17.84 15.94
C ILE C 129 31.10 17.38 15.40
N TYR C 130 30.69 16.14 15.68
CA TYR C 130 29.39 15.63 15.31
C TYR C 130 28.37 15.74 16.43
N GLY C 131 28.79 16.20 17.60
CA GLY C 131 27.87 16.51 18.68
C GLY C 131 27.09 15.32 19.19
N ALA C 132 25.78 15.36 19.00
CA ALA C 132 24.87 14.35 19.52
C ALA C 132 24.83 13.09 18.67
N ARG C 133 25.82 12.89 17.81
CA ARG C 133 25.96 11.66 17.04
C ARG C 133 27.38 11.11 17.13
N ALA C 134 28.15 11.54 18.13
CA ALA C 134 29.56 11.22 18.21
C ALA C 134 29.87 10.06 19.13
N ALA C 135 28.96 9.67 20.01
CA ALA C 135 29.30 8.73 21.07
C ALA C 135 29.60 7.34 20.54
N ASN C 136 29.08 6.98 19.38
CA ASN C 136 29.21 5.63 18.85
C ASN C 136 30.32 5.48 17.83
N GLY C 137 31.10 6.53 17.60
CA GLY C 137 32.08 6.53 16.54
C GLY C 137 31.50 6.97 15.21
N VAL C 138 32.37 7.42 14.32
CA VAL C 138 31.99 7.88 13.00
C VAL C 138 32.89 7.21 11.97
N ILE C 139 32.29 6.63 10.93
CA ILE C 139 33.03 6.03 9.83
C ILE C 139 32.82 6.91 8.61
N VAL C 140 33.91 7.51 8.13
CA VAL C 140 33.87 8.48 7.04
C VAL C 140 34.30 7.79 5.75
N ILE C 141 33.45 7.86 4.74
CA ILE C 141 33.73 7.28 3.43
C ILE C 141 34.21 8.38 2.50
N THR C 142 35.39 8.20 1.93
CA THR C 142 35.89 9.06 0.88
C THR C 142 35.74 8.31 -0.45
N THR C 143 35.06 8.93 -1.40
CA THR C 143 34.83 8.32 -2.70
C THR C 143 35.95 8.69 -3.66
N LYS C 144 36.14 7.83 -4.66
CA LYS C 144 37.14 8.09 -5.68
C LYS C 144 36.73 9.28 -6.55
N LYS C 145 37.72 10.03 -7.00
CA LYS C 145 37.49 11.17 -7.87
C LYS C 145 38.50 11.13 -9.00
N GLY C 146 38.17 11.82 -10.09
CA GLY C 146 39.05 11.83 -11.24
C GLY C 146 40.32 12.62 -10.96
N LYS C 147 41.43 12.12 -11.50
CA LYS C 147 42.72 12.78 -11.42
C LYS C 147 42.99 13.53 -12.71
N VAL C 148 43.75 14.63 -12.61
CA VAL C 148 44.09 15.41 -13.78
C VAL C 148 45.00 14.59 -14.69
N GLY C 149 44.59 14.40 -15.92
CA GLY C 149 45.31 13.58 -16.86
C GLY C 149 44.34 12.94 -17.83
N LYS C 150 44.86 11.99 -18.60
CA LYS C 150 44.01 11.25 -19.52
C LYS C 150 42.99 10.44 -18.74
N PRO C 151 41.86 10.11 -19.36
CA PRO C 151 40.88 9.27 -18.66
C PRO C 151 41.46 7.92 -18.29
N VAL C 152 41.08 7.45 -17.11
CA VAL C 152 41.49 6.15 -16.61
C VAL C 152 40.26 5.26 -16.61
N ILE C 153 40.29 4.21 -17.42
CA ILE C 153 39.16 3.29 -17.58
C ILE C 153 39.53 1.94 -16.98
N ASN C 154 38.85 1.59 -15.89
CA ASN C 154 39.07 0.34 -15.18
C ASN C 154 37.86 -0.56 -15.38
N PHE C 155 38.09 -1.75 -15.90
CA PHE C 155 37.06 -2.78 -15.95
C PHE C 155 37.44 -3.91 -15.01
N SER C 156 36.47 -4.42 -14.27
CA SER C 156 36.73 -5.51 -13.33
C SER C 156 35.60 -6.52 -13.40
N SER C 157 35.94 -7.80 -13.49
CA SER C 157 34.94 -8.86 -13.50
C SER C 157 35.35 -9.94 -12.51
N LYS C 158 34.43 -10.31 -11.63
CA LYS C 158 34.67 -11.30 -10.60
C LYS C 158 33.64 -12.42 -10.69
N PHE C 159 34.11 -13.65 -10.64
CA PHE C 159 33.26 -14.84 -10.70
C PHE C 159 33.50 -15.68 -9.46
N THR C 160 32.46 -15.88 -8.66
CA THR C 160 32.57 -16.50 -7.36
C THR C 160 31.87 -17.85 -7.37
N TYR C 161 32.52 -18.85 -6.80
CA TYR C 161 31.91 -20.14 -6.52
C TYR C 161 31.72 -20.25 -5.01
N MET C 162 30.50 -20.50 -4.60
CA MET C 162 30.15 -20.68 -3.19
C MET C 162 29.82 -22.13 -2.95
N PRO C 163 30.66 -22.89 -2.26
CA PRO C 163 30.36 -24.30 -2.03
C PRO C 163 29.09 -24.47 -1.19
N THR C 164 28.45 -25.62 -1.37
CA THR C 164 27.19 -25.88 -0.69
C THR C 164 27.39 -25.95 0.82
N LEU C 165 26.32 -25.66 1.54
CA LEU C 165 26.33 -25.69 3.00
C LEU C 165 26.25 -27.14 3.46
N SER C 166 27.32 -27.65 4.04
CA SER C 166 27.37 -29.04 4.49
C SER C 166 26.89 -29.10 5.93
N THR C 167 25.76 -29.77 6.15
CA THR C 167 25.16 -29.88 7.48
C THR C 167 25.67 -31.13 8.19
N ASN C 168 26.99 -31.27 8.20
CA ASN C 168 27.66 -32.36 8.89
C ASN C 168 28.12 -31.98 10.28
N ARG C 169 28.35 -30.69 10.52
CA ARG C 169 28.67 -30.18 11.84
C ARG C 169 27.45 -30.01 12.71
N LEU C 170 26.25 -30.19 12.16
CA LEU C 170 25.03 -30.09 12.94
C LEU C 170 24.83 -31.30 13.84
N ASN C 171 25.53 -32.40 13.57
CA ASN C 171 25.52 -33.59 14.42
C ASN C 171 24.11 -34.16 14.60
N MET C 172 23.35 -34.18 13.52
CA MET C 172 21.99 -34.67 13.56
C MET C 172 21.96 -36.18 13.61
N LEU C 173 20.88 -36.71 14.18
CA LEU C 173 20.70 -38.15 14.27
C LEU C 173 20.32 -38.70 12.90
N ASN C 174 20.98 -39.77 12.48
CA ASN C 174 20.59 -40.42 11.24
C ASN C 174 19.33 -41.25 11.49
N SER C 175 18.85 -41.89 10.42
CA SER C 175 17.57 -42.59 10.51
C SER C 175 17.65 -43.76 11.48
N GLN C 176 18.77 -44.47 11.51
CA GLN C 176 18.90 -45.62 12.38
C GLN C 176 18.78 -45.23 13.85
N GLU C 177 19.59 -44.26 14.29
CA GLU C 177 19.54 -43.88 15.69
C GLU C 177 18.34 -43.03 16.03
N LYS C 178 17.77 -42.30 15.07
CA LYS C 178 16.50 -41.60 15.32
C LYS C 178 15.39 -42.59 15.58
N VAL C 179 15.29 -43.65 14.77
CA VAL C 179 14.26 -44.66 15.00
C VAL C 179 14.54 -45.44 16.27
N ASP C 180 15.81 -45.69 16.58
CA ASP C 180 16.15 -46.34 17.86
C ASP C 180 15.70 -45.49 19.04
N LEU C 181 15.94 -44.18 18.99
CA LEU C 181 15.51 -43.28 20.06
C LEU C 181 14.00 -43.27 20.17
N GLU C 182 13.29 -43.24 19.04
CA GLU C 182 11.83 -43.24 19.09
C GLU C 182 11.30 -44.53 19.69
N LEU C 183 11.91 -45.67 19.34
CA LEU C 183 11.50 -46.94 19.93
C LEU C 183 11.79 -46.98 21.43
N GLU C 184 12.94 -46.44 21.85
CA GLU C 184 13.28 -46.41 23.27
C GLU C 184 12.33 -45.52 24.05
N LEU C 185 11.92 -44.38 23.47
CA LEU C 185 10.99 -43.49 24.14
C LEU C 185 9.59 -44.08 24.18
N LEU C 186 9.17 -44.82 23.15
CA LEU C 186 7.85 -45.44 23.16
C LEU C 186 7.74 -46.54 24.20
N ARG C 187 8.85 -47.12 24.63
CA ARG C 187 8.85 -48.15 25.66
C ARG C 187 8.85 -47.58 27.07
N SER C 188 9.14 -46.30 27.24
CA SER C 188 9.27 -45.68 28.55
C SER C 188 8.00 -44.90 28.90
N ASN C 189 8.05 -44.24 30.06
CA ASN C 189 6.91 -43.49 30.56
C ASN C 189 6.94 -42.02 30.13
N PHE C 190 7.92 -41.61 29.34
CA PHE C 190 7.97 -40.23 28.85
C PHE C 190 6.81 -40.03 27.90
N ALA C 191 5.79 -39.31 28.35
CA ALA C 191 4.58 -39.08 27.56
C ALA C 191 4.53 -37.60 27.21
N TYR C 192 5.18 -37.25 26.11
CA TYR C 192 5.01 -35.97 25.46
C TYR C 192 5.28 -36.18 23.98
N GLY C 193 4.38 -35.71 23.14
CA GLY C 193 4.50 -35.98 21.72
C GLY C 193 4.44 -37.46 21.42
N ASP C 194 3.76 -38.23 22.28
CA ASP C 194 3.60 -39.66 22.05
C ASP C 194 2.89 -39.93 20.73
N ASN C 195 2.01 -39.03 20.31
CA ASN C 195 1.33 -39.13 19.04
C ASN C 195 2.21 -38.71 17.87
N LYS C 196 3.37 -38.11 18.15
CA LYS C 196 4.26 -37.60 17.12
C LYS C 196 5.41 -38.57 16.91
N GLY C 197 5.94 -38.57 15.69
CA GLY C 197 7.01 -39.43 15.29
C GLY C 197 6.61 -40.24 14.10
N GLY C 198 7.43 -41.24 13.78
CA GLY C 198 7.09 -42.15 12.70
C GLY C 198 6.92 -43.55 13.22
N VAL C 199 7.65 -43.88 14.29
CA VAL C 199 7.51 -45.18 14.93
C VAL C 199 6.17 -45.27 15.64
N SER C 200 5.82 -44.23 16.40
CA SER C 200 4.56 -44.25 17.13
C SER C 200 3.36 -44.16 16.20
N LYS C 201 3.50 -43.52 15.04
CA LYS C 201 2.43 -43.49 14.06
C LYS C 201 2.29 -44.79 13.30
N ILE C 202 3.41 -45.48 13.03
CA ILE C 202 3.35 -46.82 12.45
C ILE C 202 2.68 -47.79 13.41
N ILE C 203 3.08 -47.75 14.68
CA ILE C 203 2.54 -48.68 15.67
C ILE C 203 1.09 -48.35 15.99
N SER C 204 0.73 -47.08 16.09
CA SER C 204 -0.65 -46.70 16.33
C SER C 204 -1.58 -47.05 15.18
N GLY C 205 -1.05 -47.25 13.98
CA GLY C 205 -1.87 -47.59 12.84
C GLY C 205 -2.24 -49.07 12.83
N TYR C 206 -1.61 -49.84 13.71
CA TYR C 206 -1.93 -51.25 13.87
C TYR C 206 -2.45 -51.56 15.27
N GLY C 207 -2.40 -50.61 16.19
CA GLY C 207 -2.97 -50.80 17.51
C GLY C 207 -2.11 -51.61 18.46
N LEU C 208 -0.79 -51.59 18.30
CA LEU C 208 0.09 -52.28 19.22
C LEU C 208 0.86 -51.33 20.14
N THR C 209 0.31 -50.15 20.43
CA THR C 209 0.97 -49.25 21.36
C THR C 209 1.10 -49.89 22.74
N ASP C 210 0.00 -50.41 23.27
CA ASP C 210 0.07 -51.11 24.55
C ASP C 210 0.84 -52.42 24.44
N ALA C 211 0.67 -53.14 23.33
CA ALA C 211 1.41 -54.38 23.12
C ALA C 211 2.91 -54.12 23.06
N TYR C 212 3.33 -53.04 22.38
CA TYR C 212 4.74 -52.71 22.34
C TYR C 212 5.24 -52.22 23.69
N LYS C 213 4.43 -51.42 24.40
CA LYS C 213 4.86 -50.90 25.70
C LYS C 213 5.07 -52.02 26.69
N LYS C 214 4.21 -53.04 26.67
CA LYS C 214 4.36 -54.16 27.59
C LYS C 214 5.38 -55.18 27.09
N GLY C 215 5.27 -55.57 25.82
CA GLY C 215 6.12 -56.62 25.29
C GLY C 215 7.42 -56.14 24.67
N GLY C 216 7.34 -55.19 23.76
CA GLY C 216 8.52 -54.65 23.11
C GLY C 216 8.59 -55.02 21.64
N TRP C 217 9.82 -55.29 21.20
CA TRP C 217 10.05 -55.69 19.82
C TRP C 217 9.39 -57.03 19.52
N SER C 218 9.44 -57.97 20.48
CA SER C 218 8.85 -59.27 20.27
C SER C 218 7.34 -59.18 20.07
N ALA C 219 6.68 -58.32 20.84
CA ALA C 219 5.22 -58.19 20.78
C ALA C 219 4.75 -57.49 19.52
N LEU C 220 5.66 -57.07 18.65
CA LEU C 220 5.31 -56.33 17.44
C LEU C 220 5.11 -57.32 16.29
N THR C 221 4.03 -57.11 15.53
CA THR C 221 3.66 -58.00 14.39
C THR C 221 4.70 -57.90 13.27
N PRO C 222 4.91 -58.98 12.48
CA PRO C 222 5.89 -58.97 11.39
C PRO C 222 5.68 -57.79 10.43
N GLU C 223 4.43 -57.37 10.25
CA GLU C 223 4.13 -56.26 9.34
C GLU C 223 4.63 -54.93 9.91
N ALA C 224 4.31 -54.65 11.18
CA ALA C 224 4.82 -53.43 11.80
C ALA C 224 6.33 -53.47 11.93
N GLN C 225 6.90 -54.65 12.18
CA GLN C 225 8.35 -54.76 12.24
C GLN C 225 9.00 -54.41 10.90
N THR C 226 8.42 -54.90 9.80
CA THR C 226 8.97 -54.57 8.49
C THR C 226 8.80 -53.08 8.18
N ASP C 227 7.67 -52.49 8.61
CA ASP C 227 7.49 -51.05 8.43
C ASP C 227 8.56 -50.27 9.18
N ILE C 228 8.83 -50.65 10.42
CA ILE C 228 9.83 -49.94 11.21
C ILE C 228 11.22 -50.12 10.64
N SER C 229 11.56 -51.34 10.22
CA SER C 229 12.86 -51.58 9.61
C SER C 229 13.01 -50.85 8.29
N ARG C 230 11.92 -50.64 7.57
CA ARG C 230 11.96 -49.81 6.38
C ARG C 230 12.18 -48.34 6.74
N LEU C 231 11.60 -47.90 7.86
CA LEU C 231 11.87 -46.54 8.34
C LEU C 231 13.35 -46.36 8.67
N ARG C 232 13.95 -47.36 9.33
CA ARG C 232 15.35 -47.25 9.71
C ARG C 232 16.27 -47.09 8.50
N ASN C 233 15.90 -47.67 7.37
CA ASN C 233 16.75 -47.71 6.19
C ASN C 233 16.44 -46.62 5.19
N THR C 234 15.53 -45.71 5.52
CA THR C 234 15.23 -44.55 4.68
C THR C 234 16.13 -43.40 5.11
N GLU C 235 17.00 -42.96 4.22
CA GLU C 235 17.90 -41.85 4.49
C GLU C 235 17.64 -40.74 3.49
N THR C 236 17.41 -39.52 3.98
CA THR C 236 17.15 -38.36 3.16
C THR C 236 18.22 -37.32 3.40
N ASP C 237 18.78 -36.78 2.32
CA ASP C 237 19.80 -35.74 2.41
C ASP C 237 19.08 -34.40 2.43
N TRP C 238 18.84 -33.88 3.63
CA TRP C 238 18.15 -32.60 3.76
C TRP C 238 19.05 -31.42 3.45
N GLY C 239 20.35 -31.56 3.67
CA GLY C 239 21.26 -30.51 3.23
C GLY C 239 21.26 -30.32 1.73
N ASP C 240 21.10 -31.41 0.98
CA ASP C 240 21.00 -31.32 -0.47
C ASP C 240 19.65 -30.76 -0.90
N ILE C 241 18.59 -31.07 -0.16
CA ILE C 241 17.27 -30.56 -0.51
C ILE C 241 17.18 -29.07 -0.24
N LEU C 242 17.75 -28.61 0.87
CA LEU C 242 17.56 -27.24 1.32
C LEU C 242 18.64 -26.28 0.83
N PHE C 243 19.87 -26.76 0.64
CA PHE C 243 21.00 -25.88 0.34
C PHE C 243 21.66 -26.30 -0.96
N ARG C 244 22.44 -25.39 -1.52
CA ARG C 244 23.13 -25.65 -2.77
C ARG C 244 24.34 -24.73 -2.90
N ASP C 245 25.26 -25.12 -3.79
CA ASP C 245 26.36 -24.27 -4.19
C ASP C 245 25.90 -23.27 -5.24
N ALA C 246 26.59 -22.15 -5.32
CA ALA C 246 26.14 -21.03 -6.14
C ALA C 246 27.28 -20.48 -6.97
N PHE C 247 26.91 -19.85 -8.08
CA PHE C 247 27.83 -19.08 -8.91
C PHE C 247 27.37 -17.64 -8.93
N ASN C 248 28.23 -16.73 -8.47
CA ASN C 248 27.90 -15.32 -8.35
C ASN C 248 28.77 -14.51 -9.31
N GLN C 249 28.21 -13.39 -9.78
CA GLN C 249 28.87 -12.56 -10.78
C GLN C 249 28.98 -11.13 -10.29
N GLU C 250 30.09 -10.46 -10.64
CA GLU C 250 30.29 -9.06 -10.34
C GLU C 250 30.98 -8.40 -11.51
N TYR C 251 30.51 -7.22 -11.89
CA TYR C 251 31.10 -6.45 -12.97
C TYR C 251 31.14 -4.99 -12.57
N SER C 252 32.23 -4.32 -12.92
CA SER C 252 32.42 -2.92 -12.61
C SER C 252 33.14 -2.24 -13.76
N LEU C 253 32.72 -1.04 -14.10
CA LEU C 253 33.38 -0.23 -15.11
C LEU C 253 33.45 1.20 -14.61
N SER C 254 34.65 1.73 -14.48
CA SER C 254 34.89 3.08 -13.99
C SER C 254 35.68 3.87 -15.00
N LEU C 255 35.34 5.15 -15.15
CA LEU C 255 36.04 6.05 -16.05
C LEU C 255 36.27 7.37 -15.33
N SER C 256 37.53 7.70 -15.08
CA SER C 256 37.90 8.92 -14.38
C SER C 256 38.69 9.83 -15.30
N GLY C 257 38.90 11.06 -14.85
CA GLY C 257 39.77 11.96 -15.56
C GLY C 257 39.68 13.35 -14.98
N GLY C 258 40.45 14.25 -15.59
CA GLY C 258 40.49 15.61 -15.11
C GLY C 258 41.07 16.56 -16.12
N ASN C 259 40.75 17.83 -15.93
CA ASN C 259 41.28 18.97 -16.66
C ASN C 259 42.07 19.84 -15.69
N GLU C 260 42.53 20.99 -16.19
CA GLU C 260 42.97 22.03 -15.28
C GLU C 260 41.80 22.72 -14.61
N ARG C 261 40.57 22.44 -15.04
CA ARG C 261 39.38 23.09 -14.50
C ARG C 261 38.24 22.14 -14.17
N VAL C 262 38.17 20.95 -14.74
CA VAL C 262 37.09 20.00 -14.46
C VAL C 262 37.69 18.63 -14.20
N THR C 263 37.22 17.97 -13.14
CA THR C 263 37.54 16.57 -12.88
C THR C 263 36.25 15.76 -12.83
N TYR C 264 36.27 14.60 -13.47
CA TYR C 264 35.07 13.80 -13.66
C TYR C 264 35.33 12.36 -13.26
N TYR C 265 34.29 11.71 -12.76
CA TYR C 265 34.31 10.30 -12.41
C TYR C 265 32.96 9.69 -12.74
N THR C 266 32.98 8.52 -13.36
CA THR C 266 31.75 7.79 -13.64
C THR C 266 32.01 6.32 -13.35
N SER C 267 30.96 5.62 -12.96
CA SER C 267 31.10 4.21 -12.60
C SER C 267 29.75 3.52 -12.75
N ILE C 268 29.78 2.30 -13.28
CA ILE C 268 28.61 1.44 -13.33
C ILE C 268 29.01 0.10 -12.75
N GLY C 269 28.22 -0.40 -11.81
CA GLY C 269 28.47 -1.71 -11.24
C GLY C 269 27.21 -2.55 -11.24
N TYR C 270 27.42 -3.87 -11.37
CA TYR C 270 26.31 -4.81 -11.26
C TYR C 270 26.83 -6.11 -10.67
N TYR C 271 26.23 -6.57 -9.58
CA TYR C 271 26.51 -7.90 -9.06
C TYR C 271 25.22 -8.68 -8.87
N GLN C 272 25.31 -9.98 -9.09
CA GLN C 272 24.29 -10.93 -8.70
C GLN C 272 24.92 -11.94 -7.75
N GLU C 273 24.30 -12.13 -6.59
CA GLU C 273 24.78 -13.00 -5.54
C GLU C 273 23.67 -13.95 -5.13
N ASN C 274 24.02 -15.19 -4.86
CA ASN C 274 23.07 -16.20 -4.43
C ASN C 274 23.40 -16.65 -3.01
N GLY C 275 22.39 -17.00 -2.26
CA GLY C 275 22.60 -17.54 -0.94
C GLY C 275 22.66 -19.05 -0.94
N ASN C 276 23.24 -19.60 0.13
CA ASN C 276 23.34 -21.05 0.24
C ASN C 276 21.99 -21.72 0.38
N VAL C 277 20.98 -21.00 0.84
CA VAL C 277 19.62 -21.52 0.92
C VAL C 277 18.99 -21.41 -0.46
N LYS C 278 18.39 -22.49 -0.92
CA LYS C 278 17.82 -22.52 -2.27
C LYS C 278 16.71 -21.49 -2.41
N GLY C 279 16.78 -20.71 -3.48
CA GLY C 279 15.75 -19.74 -3.80
C GLY C 279 16.00 -18.32 -3.35
N VAL C 280 17.09 -18.03 -2.65
CA VAL C 280 17.38 -16.69 -2.18
C VAL C 280 18.52 -16.11 -3.01
N GLY C 281 18.51 -14.79 -3.15
CA GLY C 281 19.49 -14.11 -3.97
C GLY C 281 19.28 -12.63 -3.90
N LEU C 282 20.30 -11.90 -4.35
CA LEU C 282 20.30 -10.44 -4.29
C LEU C 282 21.15 -9.91 -5.42
N ASP C 283 20.58 -9.03 -6.24
CA ASP C 283 21.34 -8.34 -7.26
C ASP C 283 21.34 -6.85 -6.96
N ARG C 284 22.46 -6.20 -7.27
CA ARG C 284 22.60 -4.76 -7.10
C ARG C 284 23.17 -4.16 -8.37
N LEU C 285 22.49 -3.14 -8.89
CA LEU C 285 22.97 -2.35 -10.00
C LEU C 285 23.08 -0.91 -9.54
N ASN C 286 24.24 -0.29 -9.73
CA ASN C 286 24.42 1.08 -9.27
C ASN C 286 25.20 1.90 -10.28
N ILE C 287 24.95 3.21 -10.25
CA ILE C 287 25.65 4.20 -11.06
C ILE C 287 26.20 5.27 -10.14
N VAL C 288 27.42 5.72 -10.44
CA VAL C 288 28.07 6.84 -9.78
C VAL C 288 28.44 7.86 -10.85
N ALA C 289 28.14 9.13 -10.60
CA ALA C 289 28.43 10.20 -11.53
C ALA C 289 28.88 11.42 -10.74
N LYS C 290 30.18 11.65 -10.67
CA LYS C 290 30.75 12.79 -9.96
C LYS C 290 31.39 13.73 -10.97
N THR C 291 31.28 15.03 -10.70
CA THR C 291 31.94 16.03 -11.53
C THR C 291 32.23 17.25 -10.67
N SER C 292 33.32 17.94 -10.99
CA SER C 292 33.76 19.11 -10.24
C SER C 292 34.31 20.12 -11.23
N TYR C 293 33.75 21.33 -11.21
CA TYR C 293 34.11 22.42 -12.10
C TYR C 293 34.76 23.53 -11.31
N LYS C 294 35.86 24.07 -11.85
CA LYS C 294 36.46 25.29 -11.33
C LYS C 294 35.85 26.44 -12.12
N VAL C 295 34.76 27.00 -11.58
CA VAL C 295 34.06 28.09 -12.25
C VAL C 295 34.92 29.34 -12.34
N ASN C 296 35.92 29.48 -11.48
CA ASN C 296 36.62 30.73 -11.26
C ASN C 296 37.83 30.33 -10.44
N ARG C 297 38.80 31.23 -10.32
CA ARG C 297 39.92 30.98 -9.41
C ARG C 297 39.49 31.00 -7.95
N MET C 298 38.27 31.44 -7.66
CA MET C 298 37.71 31.43 -6.31
C MET C 298 36.59 30.42 -6.13
N LEU C 299 35.69 30.30 -7.10
CA LEU C 299 34.52 29.44 -6.98
C LEU C 299 34.77 28.08 -7.62
N LYS C 300 34.35 27.03 -6.91
CA LYS C 300 34.43 25.67 -7.41
C LYS C 300 33.14 24.95 -7.03
N PHE C 301 32.45 24.37 -8.01
CA PHE C 301 31.17 23.72 -7.79
C PHE C 301 31.21 22.28 -8.27
N GLY C 302 30.77 21.35 -7.43
CA GLY C 302 30.76 19.95 -7.79
C GLY C 302 29.42 19.32 -7.51
N VAL C 303 29.07 18.33 -8.34
CA VAL C 303 27.85 17.55 -8.18
C VAL C 303 28.22 16.07 -8.20
N SER C 304 27.79 15.34 -7.19
CA SER C 304 28.08 13.92 -7.04
C SER C 304 26.77 13.17 -6.89
N LEU C 305 26.58 12.13 -7.70
CA LEU C 305 25.34 11.35 -7.72
C LEU C 305 25.65 9.88 -7.52
N PHE C 306 24.90 9.23 -6.64
CA PHE C 306 25.00 7.79 -6.42
C PHE C 306 23.59 7.23 -6.48
N VAL C 307 23.25 6.53 -7.55
CA VAL C 307 21.95 5.88 -7.65
C VAL C 307 22.17 4.38 -7.59
N ASN C 308 21.19 3.69 -7.02
CA ASN C 308 21.37 2.30 -6.64
C ASN C 308 20.03 1.58 -6.72
N ARG C 309 20.07 0.30 -7.10
CA ARG C 309 18.87 -0.51 -7.16
C ARG C 309 19.22 -1.94 -6.79
N ARG C 310 18.64 -2.44 -5.72
CA ARG C 310 18.90 -3.78 -5.22
C ARG C 310 17.61 -4.58 -5.19
N ASN C 311 17.63 -5.76 -5.80
CA ASN C 311 16.50 -6.67 -5.82
C ASN C 311 16.85 -7.92 -5.02
N ASN C 312 16.06 -8.20 -3.99
CA ASN C 312 16.26 -9.32 -3.09
C ASN C 312 15.10 -10.29 -3.24
N LYS C 313 15.40 -11.57 -3.41
CA LYS C 313 14.40 -12.62 -3.43
C LYS C 313 14.74 -13.62 -2.33
N THR C 314 13.73 -14.07 -1.61
CA THR C 314 13.94 -14.93 -0.46
C THR C 314 12.62 -15.60 -0.09
N TYR C 315 12.65 -16.30 1.02
CA TYR C 315 11.51 -17.02 1.57
C TYR C 315 10.85 -16.21 2.67
N LEU C 316 9.54 -16.37 2.81
CA LEU C 316 8.87 -15.95 4.04
C LEU C 316 8.55 -17.17 4.86
N THR C 317 8.67 -17.01 6.18
CA THR C 317 8.40 -18.05 7.13
C THR C 317 7.30 -17.58 8.06
N ASP C 318 7.05 -18.37 9.11
CA ASP C 318 6.11 -17.98 10.13
C ASP C 318 6.68 -16.80 10.94
N THR C 319 5.90 -16.35 11.92
CA THR C 319 6.44 -15.38 12.87
C THR C 319 7.57 -15.99 13.68
N TYR C 320 7.51 -17.31 13.93
CA TYR C 320 8.48 -17.99 14.79
C TYR C 320 9.28 -19.04 14.05
N GLY C 321 9.29 -19.03 12.73
CA GLY C 321 10.22 -19.81 11.96
C GLY C 321 10.11 -21.31 12.04
N LEU C 322 8.90 -21.85 11.94
CA LEU C 322 8.72 -23.29 11.81
C LEU C 322 8.88 -23.76 10.37
N VAL C 323 9.07 -22.83 9.44
CA VAL C 323 9.19 -23.13 8.01
C VAL C 323 10.65 -22.94 7.62
N ASN C 324 11.36 -22.08 8.34
CA ASN C 324 12.71 -21.63 8.07
C ASN C 324 13.62 -22.76 7.62
N PRO C 325 14.12 -22.72 6.38
CA PRO C 325 14.96 -23.83 5.88
C PRO C 325 16.23 -24.03 6.68
N VAL C 326 16.85 -22.96 7.16
CA VAL C 326 18.06 -23.10 7.97
C VAL C 326 17.75 -23.83 9.27
N TYR C 327 16.67 -23.45 9.93
CA TYR C 327 16.25 -24.18 11.13
C TYR C 327 15.63 -25.52 10.79
N TYR C 328 15.04 -25.65 9.60
CA TYR C 328 14.48 -26.93 9.17
C TYR C 328 15.55 -27.97 8.90
N SER C 329 16.79 -27.54 8.63
CA SER C 329 17.87 -28.51 8.46
C SER C 329 18.12 -29.30 9.74
N ARG C 330 17.90 -28.68 10.91
CA ARG C 330 18.06 -29.33 12.20
C ARG C 330 16.79 -30.04 12.67
N LYS C 331 15.72 -29.90 11.93
CA LYS C 331 14.38 -30.24 12.38
C LYS C 331 13.74 -31.36 11.59
N ALA C 332 14.05 -31.48 10.30
CA ALA C 332 13.44 -32.49 9.46
C ALA C 332 13.92 -33.88 9.86
N ASN C 333 12.99 -34.83 9.89
CA ASN C 333 13.33 -36.19 10.25
C ASN C 333 14.18 -36.83 9.16
N PRO C 334 15.15 -37.66 9.54
CA PRO C 334 16.04 -38.26 8.54
C PRO C 334 15.36 -39.28 7.64
N TYR C 335 14.19 -39.79 8.03
CA TYR C 335 13.49 -40.78 7.24
C TYR C 335 12.27 -40.26 6.51
N TYR C 336 12.00 -38.95 6.59
CA TYR C 336 10.83 -38.36 5.96
C TYR C 336 11.18 -37.97 4.53
N GLN C 337 10.49 -38.58 3.57
CA GLN C 337 10.70 -38.27 2.16
C GLN C 337 9.69 -37.22 1.73
N PRO C 338 10.13 -36.09 1.15
CA PRO C 338 9.17 -35.05 0.77
C PRO C 338 8.21 -35.46 -0.32
N PHE C 339 8.51 -36.52 -1.07
CA PHE C 339 7.71 -36.92 -2.22
C PHE C 339 7.27 -38.37 -2.10
N ASP C 340 6.07 -38.65 -2.61
CA ASP C 340 5.55 -40.00 -2.67
C ASP C 340 6.29 -40.80 -3.74
N ALA C 341 6.02 -42.10 -3.76
CA ALA C 341 6.54 -42.94 -4.84
C ALA C 341 5.91 -42.58 -6.19
N ASN C 342 4.75 -41.94 -6.18
CA ASN C 342 4.08 -41.49 -7.39
C ASN C 342 4.33 -40.02 -7.68
N GLY C 343 5.26 -39.38 -6.97
CA GLY C 343 5.60 -37.99 -7.24
C GLY C 343 4.70 -36.97 -6.60
N ASN C 344 3.91 -37.35 -5.62
CA ASN C 344 3.03 -36.42 -4.92
C ASN C 344 3.71 -35.87 -3.68
N TYR C 345 3.06 -34.91 -3.04
CA TYR C 345 3.59 -34.28 -1.84
C TYR C 345 3.32 -35.13 -0.62
N VAL C 346 4.31 -35.24 0.26
CA VAL C 346 4.15 -35.82 1.58
C VAL C 346 4.40 -34.73 2.61
N TYR C 347 3.46 -34.55 3.53
CA TYR C 347 3.48 -33.41 4.43
C TYR C 347 4.11 -33.77 5.76
N ASP C 348 4.86 -32.82 6.31
CA ASP C 348 5.46 -32.93 7.64
C ASP C 348 4.49 -32.29 8.62
N PHE C 349 3.80 -33.12 9.39
CA PHE C 349 2.84 -32.61 10.35
C PHE C 349 3.45 -32.35 11.72
N ASP C 350 4.71 -32.71 11.91
CA ASP C 350 5.40 -32.52 13.18
C ASP C 350 6.21 -31.24 13.23
N VAL C 351 5.81 -30.22 12.47
CA VAL C 351 6.58 -28.98 12.42
C VAL C 351 6.25 -28.00 13.55
N GLN C 352 5.10 -28.14 14.19
CA GLN C 352 4.73 -27.23 15.26
C GLN C 352 5.32 -27.72 16.58
N ASN C 353 5.70 -26.77 17.44
CA ASN C 353 6.18 -27.12 18.78
C ASN C 353 5.01 -27.32 19.74
N ASN C 354 4.04 -28.12 19.30
CA ASN C 354 2.87 -28.48 20.09
C ASN C 354 2.71 -29.99 20.07
N SER C 355 1.59 -30.46 20.59
CA SER C 355 1.16 -31.84 20.37
C SER C 355 0.28 -31.95 19.12
N ASP C 356 0.17 -30.88 18.35
CA ASP C 356 -0.75 -30.83 17.23
C ASP C 356 -0.13 -31.46 15.98
N THR C 357 -0.97 -32.18 15.24
CA THR C 357 -0.60 -32.85 14.01
C THR C 357 -1.59 -32.35 12.95
N ASP C 358 -1.76 -31.02 12.92
CA ASP C 358 -2.89 -30.37 12.28
C ASP C 358 -2.61 -29.98 10.83
N LEU C 359 -1.56 -29.18 10.61
CA LEU C 359 -1.44 -28.43 9.36
C LEU C 359 -0.64 -29.17 8.29
N GLY C 360 0.62 -29.46 8.55
CA GLY C 360 1.42 -30.15 7.56
C GLY C 360 2.25 -29.22 6.68
N PHE C 361 3.51 -29.57 6.48
CA PHE C 361 4.48 -28.73 5.79
C PHE C 361 5.20 -29.53 4.73
N ASN C 362 5.40 -28.92 3.56
CA ASN C 362 6.24 -29.49 2.51
C ASN C 362 7.14 -28.37 2.00
N ILE C 363 8.45 -28.64 1.93
CA ILE C 363 9.38 -27.60 1.52
C ILE C 363 9.27 -27.32 0.03
N PHE C 364 9.01 -28.36 -0.78
CA PHE C 364 8.84 -28.14 -2.21
C PHE C 364 7.54 -27.41 -2.51
N GLU C 365 6.51 -27.65 -1.70
CA GLU C 365 5.26 -26.91 -1.81
C GLU C 365 5.40 -25.50 -1.27
N GLU C 366 6.28 -25.29 -0.29
CA GLU C 366 6.50 -23.96 0.24
C GLU C 366 7.28 -23.10 -0.74
N ARG C 367 8.31 -23.65 -1.37
CA ARG C 367 9.10 -22.89 -2.32
C ARG C 367 8.34 -22.58 -3.60
N LYS C 368 7.16 -23.17 -3.81
CA LYS C 368 6.37 -22.96 -5.01
C LYS C 368 5.17 -22.06 -4.78
N ASN C 369 4.54 -22.14 -3.61
CA ASN C 369 3.34 -21.40 -3.30
C ASN C 369 3.59 -20.16 -2.46
N THR C 370 4.86 -19.76 -2.32
CA THR C 370 5.27 -18.76 -1.35
C THR C 370 6.42 -17.96 -1.94
N SER C 371 6.43 -16.65 -1.65
CA SER C 371 7.49 -15.80 -2.19
C SER C 371 7.68 -14.56 -1.33
N ASN C 372 8.93 -14.14 -1.15
CA ASN C 372 9.27 -12.87 -0.51
C ASN C 372 10.18 -12.10 -1.46
N GLU C 373 9.71 -10.94 -1.91
CA GLU C 373 10.52 -10.16 -2.87
C GLU C 373 10.59 -8.68 -2.44
N GLU C 374 11.81 -8.14 -2.39
CA GLU C 374 12.00 -6.74 -2.02
C GLU C 374 12.82 -6.02 -3.08
N THR C 375 12.53 -4.73 -3.25
CA THR C 375 13.26 -3.88 -4.18
C THR C 375 13.59 -2.57 -3.49
N ILE C 376 14.87 -2.21 -3.45
CA ILE C 376 15.34 -0.99 -2.82
C ILE C 376 15.88 -0.08 -3.91
N ASN C 377 15.27 1.10 -4.04
CA ASN C 377 15.71 2.14 -4.96
C ASN C 377 16.29 3.28 -4.13
N ALA C 378 17.56 3.59 -4.33
CA ALA C 378 18.26 4.56 -3.50
C ALA C 378 18.90 5.62 -4.37
N LEU C 379 18.86 6.86 -3.90
CA LEU C 379 19.52 7.99 -4.54
C LEU C 379 20.23 8.80 -3.47
N SER C 380 21.42 9.30 -3.80
CA SER C 380 22.17 10.15 -2.88
C SER C 380 22.93 11.17 -3.71
N SER C 381 22.57 12.44 -3.59
CA SER C 381 23.19 13.50 -4.34
C SER C 381 23.83 14.51 -3.39
N ILE C 382 25.05 14.93 -3.70
CA ILE C 382 25.77 15.94 -2.94
C ILE C 382 26.19 17.06 -3.88
N PHE C 383 25.77 18.28 -3.57
CA PHE C 383 26.22 19.48 -4.27
C PHE C 383 27.17 20.23 -3.36
N ASP C 384 28.39 20.45 -3.82
CA ASP C 384 29.42 21.14 -3.07
C ASP C 384 29.72 22.46 -3.74
N ALA C 385 29.83 23.53 -2.96
CA ALA C 385 30.28 24.81 -3.46
C ALA C 385 31.38 25.32 -2.55
N GLU C 386 32.44 25.86 -3.15
CA GLU C 386 33.57 26.36 -2.39
C GLU C 386 33.97 27.71 -2.95
N LEU C 387 34.25 28.66 -2.07
CA LEU C 387 34.61 30.01 -2.44
C LEU C 387 35.84 30.42 -1.64
N ARG C 388 36.94 30.73 -2.33
CA ARG C 388 38.17 31.17 -1.69
C ARG C 388 38.18 32.68 -1.63
N PHE C 389 37.84 33.24 -0.47
CA PHE C 389 37.79 34.68 -0.30
C PHE C 389 39.19 35.28 -0.31
N ASN C 390 40.11 34.70 0.45
CA ASN C 390 41.53 35.07 0.46
C ASN C 390 42.40 33.86 0.19
N ASP C 391 43.69 33.99 0.42
CA ASP C 391 44.56 32.84 0.55
C ASP C 391 44.46 32.21 1.94
N LYS C 392 43.74 32.84 2.87
CA LYS C 392 43.52 32.35 4.21
C LYS C 392 42.07 31.96 4.48
N LEU C 393 41.13 32.78 4.03
CA LEU C 393 39.72 32.56 4.29
C LEU C 393 39.09 31.74 3.17
N LYS C 394 38.20 30.83 3.54
CA LYS C 394 37.54 29.98 2.56
C LYS C 394 36.19 29.53 3.11
N PHE C 395 35.14 29.69 2.30
CA PHE C 395 33.78 29.30 2.70
C PHE C 395 33.32 28.14 1.83
N THR C 396 32.91 27.05 2.46
CA THR C 396 32.45 25.87 1.74
C THR C 396 31.07 25.46 2.23
N THR C 397 30.13 25.35 1.29
CA THR C 397 28.77 24.93 1.58
C THR C 397 28.47 23.63 0.84
N GLN C 398 27.47 22.90 1.34
CA GLN C 398 27.23 21.55 0.87
C GLN C 398 25.77 21.19 1.12
N LEU C 399 25.13 20.58 0.13
CA LEU C 399 23.75 20.11 0.25
C LEU C 399 23.70 18.63 -0.13
N GLY C 400 23.25 17.79 0.80
CA GLY C 400 23.08 16.39 0.52
C GLY C 400 21.64 15.94 0.62
N LEU C 401 21.12 15.41 -0.48
CA LEU C 401 19.79 14.83 -0.55
C LEU C 401 19.92 13.31 -0.62
N GLN C 402 19.10 12.62 0.16
CA GLN C 402 19.15 11.16 0.21
C GLN C 402 17.74 10.62 0.21
N LEU C 403 17.50 9.61 -0.63
CA LEU C 403 16.21 8.94 -0.71
C LEU C 403 16.46 7.45 -0.75
N ASP C 404 15.65 6.69 -0.04
CA ASP C 404 15.80 5.23 -0.01
C ASP C 404 14.41 4.62 0.12
N LYS C 405 13.92 3.99 -0.94
CA LYS C 405 12.57 3.44 -0.98
C LYS C 405 12.65 1.92 -1.11
N ALA C 406 12.17 1.21 -0.10
CA ALA C 406 12.12 -0.24 -0.10
C ALA C 406 10.68 -0.70 -0.26
N SER C 407 10.43 -1.52 -1.27
CA SER C 407 9.10 -2.06 -1.54
C SER C 407 9.18 -3.57 -1.42
N LYS C 408 8.51 -4.11 -0.42
CA LYS C 408 8.49 -5.55 -0.16
C LYS C 408 7.12 -6.11 -0.49
N GLU C 409 7.11 -7.35 -0.93
CA GLU C 409 5.88 -8.04 -1.33
C GLU C 409 6.03 -9.50 -0.92
N GLN C 410 5.18 -9.93 -0.01
CA GLN C 410 5.15 -11.32 0.45
C GLN C 410 3.84 -11.94 0.04
N ILE C 411 3.91 -13.07 -0.67
CA ILE C 411 2.72 -13.74 -1.15
C ILE C 411 2.76 -15.18 -0.64
N ALA C 412 1.66 -15.61 -0.03
CA ALA C 412 1.50 -16.99 0.40
C ALA C 412 0.22 -17.53 -0.20
N ASP C 413 0.34 -18.57 -1.02
CA ASP C 413 -0.82 -19.15 -1.66
C ASP C 413 -1.64 -19.97 -0.66
N LYS C 414 -2.80 -20.44 -1.10
CA LYS C 414 -3.70 -21.16 -0.22
C LYS C 414 -3.06 -22.44 0.30
N GLU C 415 -2.34 -23.15 -0.56
CA GLU C 415 -1.71 -24.40 -0.20
C GLU C 415 -0.25 -24.16 0.21
N SER C 416 -0.10 -23.54 1.37
CA SER C 416 1.22 -23.35 1.96
C SER C 416 1.07 -23.33 3.47
N PHE C 417 2.15 -23.68 4.17
CA PHE C 417 2.11 -23.72 5.63
C PHE C 417 1.97 -22.33 6.23
N SER C 418 2.51 -21.30 5.57
CA SER C 418 2.35 -19.95 6.07
C SER C 418 0.87 -19.57 6.11
N MET C 419 0.15 -19.85 5.04
CA MET C 419 -1.27 -19.54 5.02
C MET C 419 -2.06 -20.47 5.94
N ARG C 420 -1.62 -21.72 6.08
CA ARG C 420 -2.27 -22.63 7.01
C ARG C 420 -2.18 -22.13 8.44
N ILE C 421 -0.99 -21.68 8.85
CA ILE C 421 -0.81 -21.15 10.21
C ILE C 421 -1.56 -19.83 10.36
N ILE C 422 -1.61 -19.00 9.32
CA ILE C 422 -2.35 -17.75 9.41
C ILE C 422 -3.84 -18.03 9.60
N ARG C 423 -4.38 -18.99 8.86
CA ARG C 423 -5.78 -19.38 9.04
C ARG C 423 -6.03 -19.97 10.42
N LYS C 424 -5.10 -20.81 10.90
CA LYS C 424 -5.27 -21.44 12.20
C LYS C 424 -5.29 -20.40 13.32
N ASN C 425 -4.47 -19.36 13.19
CA ASN C 425 -4.44 -18.31 14.21
C ASN C 425 -5.71 -17.47 14.23
N SER C 426 -6.57 -17.61 13.24
CA SER C 426 -7.82 -16.86 13.17
C SER C 426 -8.99 -17.60 13.80
N LYS C 427 -8.72 -18.72 14.48
CA LYS C 427 -9.79 -19.46 15.14
C LYS C 427 -10.43 -18.60 16.23
N TYR C 428 -11.76 -18.58 16.22
CA TYR C 428 -12.52 -17.79 17.18
C TYR C 428 -13.80 -18.54 17.52
N TRP C 429 -14.38 -18.18 18.66
CA TRP C 429 -15.59 -18.79 19.17
C TRP C 429 -16.74 -17.80 19.02
N ASP C 430 -17.79 -18.19 18.32
CA ASP C 430 -18.94 -17.33 18.10
C ASP C 430 -20.10 -17.79 18.98
N SER C 431 -20.74 -16.83 19.64
CA SER C 431 -21.85 -17.15 20.53
C SER C 431 -23.12 -17.52 19.78
N ALA C 432 -23.30 -17.01 18.55
CA ALA C 432 -24.52 -17.27 17.80
C ALA C 432 -24.70 -18.76 17.53
N SER C 433 -23.63 -19.41 17.09
CA SER C 433 -23.60 -20.86 16.95
C SER C 433 -22.40 -21.38 17.72
N GLN C 434 -22.64 -22.21 18.72
CA GLN C 434 -21.55 -22.63 19.61
C GLN C 434 -20.61 -23.54 18.85
N SER C 435 -19.51 -22.97 18.36
CA SER C 435 -18.54 -23.67 17.53
C SER C 435 -17.30 -22.83 17.38
N ASN C 436 -16.27 -23.36 16.73
CA ASN C 436 -15.05 -22.64 16.44
C ASN C 436 -14.95 -22.44 14.93
N LYS C 437 -14.74 -21.19 14.52
CA LYS C 437 -14.66 -20.85 13.11
C LYS C 437 -13.37 -20.08 12.86
N TYR C 438 -13.16 -19.69 11.60
CA TYR C 438 -11.98 -18.95 11.18
C TYR C 438 -12.42 -17.76 10.33
N PHE C 439 -12.12 -16.55 10.78
CA PHE C 439 -12.60 -15.37 10.07
C PHE C 439 -11.73 -14.99 8.88
N ILE C 440 -10.52 -15.54 8.77
CA ILE C 440 -9.66 -15.24 7.63
C ILE C 440 -10.17 -16.04 6.44
N PRO C 441 -10.53 -15.39 5.33
CA PRO C 441 -11.19 -16.10 4.24
C PRO C 441 -10.28 -17.11 3.57
N ASP C 442 -10.89 -18.11 2.97
CA ASP C 442 -10.16 -19.19 2.31
C ASP C 442 -9.50 -18.66 1.04
N GLY C 443 -8.19 -18.88 0.92
CA GLY C 443 -7.40 -18.35 -0.16
C GLY C 443 -5.97 -18.13 0.30
N GLY C 444 -5.31 -17.17 -0.34
CA GLY C 444 -3.97 -16.78 0.02
C GLY C 444 -3.91 -15.46 0.76
N VAL C 445 -2.71 -14.96 0.92
CA VAL C 445 -2.48 -13.62 1.48
C VAL C 445 -1.42 -12.92 0.65
N HIS C 446 -1.66 -11.65 0.38
CA HIS C 446 -0.69 -10.77 -0.26
C HIS C 446 -0.43 -9.60 0.67
N LYS C 447 0.82 -9.45 1.11
CA LYS C 447 1.23 -8.38 1.98
C LYS C 447 2.19 -7.47 1.23
N ALA C 448 1.96 -6.17 1.32
CA ALA C 448 2.76 -5.17 0.63
C ALA C 448 3.28 -4.16 1.65
N TYR C 449 4.60 -3.95 1.64
CA TYR C 449 5.26 -2.98 2.50
C TYR C 449 5.95 -1.93 1.64
N GLU C 450 5.85 -0.68 2.04
CA GLU C 450 6.54 0.42 1.36
C GLU C 450 7.16 1.33 2.42
N ASN C 451 8.48 1.31 2.54
CA ASN C 451 9.20 2.10 3.53
C ASN C 451 10.09 3.10 2.81
N THR C 452 9.91 4.38 3.09
CA THR C 452 10.68 5.45 2.48
C THR C 452 11.45 6.21 3.56
N ASN C 453 12.76 6.31 3.37
CA ASN C 453 13.63 7.08 4.25
C ASN C 453 14.24 8.21 3.44
N SER C 454 13.93 9.44 3.81
CA SER C 454 14.41 10.63 3.11
C SER C 454 15.20 11.49 4.08
N GLN C 455 16.16 12.24 3.53
CA GLN C 455 16.97 13.13 4.33
C GLN C 455 17.48 14.27 3.47
N ILE C 456 17.46 15.48 4.01
CA ILE C 456 18.10 16.62 3.37
C ILE C 456 18.95 17.33 4.42
N THR C 457 20.25 17.43 4.16
CA THR C 457 21.16 18.08 5.09
C THR C 457 21.93 19.17 4.37
N TRP C 458 22.07 20.32 5.03
CA TRP C 458 22.78 21.46 4.48
C TRP C 458 23.82 21.93 5.48
N LYS C 459 25.07 22.05 5.03
CA LYS C 459 26.18 22.48 5.86
C LYS C 459 26.82 23.71 5.25
N ALA C 460 27.23 24.64 6.10
CA ALA C 460 28.06 25.75 5.70
C ALA C 460 29.22 25.89 6.66
N MET C 461 30.42 26.12 6.14
CA MET C 461 31.61 26.24 6.96
C MET C 461 32.45 27.40 6.44
N GLY C 462 33.17 28.03 7.35
CA GLY C 462 34.12 29.07 7.04
C GLY C 462 35.40 28.80 7.77
N GLU C 463 36.49 28.65 7.03
CA GLU C 463 37.79 28.28 7.59
C GLU C 463 38.79 29.39 7.36
N TYR C 464 39.67 29.59 8.33
CA TYR C 464 40.67 30.64 8.30
C TYR C 464 41.98 30.05 8.79
N ARG C 465 43.00 30.08 7.94
CA ARG C 465 44.31 29.53 8.24
C ARG C 465 45.34 30.65 8.16
N ASP C 466 46.15 30.79 9.21
CA ASP C 466 47.17 31.82 9.25
C ASP C 466 48.44 31.25 9.87
N SER C 467 49.56 31.89 9.53
CA SER C 467 50.85 31.59 10.13
C SER C 467 51.52 32.88 10.54
N PHE C 468 52.10 32.90 11.74
CA PHE C 468 52.76 34.06 12.29
C PHE C 468 54.18 33.68 12.70
N ASN C 469 55.15 34.51 12.31
CA ASN C 469 56.55 34.38 12.70
C ASN C 469 57.15 33.03 12.29
N ASP C 470 56.50 32.31 11.37
CA ASP C 470 56.91 31.02 10.84
C ASP C 470 56.88 29.91 11.89
N ILE C 471 56.53 30.19 13.14
CA ILE C 471 56.45 29.16 14.17
C ILE C 471 55.08 29.04 14.79
N HIS C 472 54.13 29.93 14.47
CA HIS C 472 52.76 29.80 14.95
C HIS C 472 51.85 29.51 13.76
N GLU C 473 51.03 28.47 13.87
CA GLU C 473 50.04 28.16 12.85
C GLU C 473 48.68 28.07 13.53
N LEU C 474 47.70 28.76 12.97
CA LEU C 474 46.35 28.80 13.53
C LEU C 474 45.35 28.42 12.45
N GLU C 475 44.44 27.52 12.78
CA GLU C 475 43.35 27.13 11.90
C GLU C 475 42.05 27.21 12.69
N VAL C 476 41.11 28.03 12.22
CA VAL C 476 39.84 28.24 12.90
C VAL C 476 38.71 28.01 11.90
N MET C 477 37.75 27.16 12.27
CA MET C 477 36.61 26.87 11.42
C MET C 477 35.32 27.11 12.20
N VAL C 478 34.34 27.72 11.55
CA VAL C 478 33.03 27.98 12.13
C VAL C 478 31.97 27.57 11.12
N GLY C 479 30.98 26.79 11.56
CA GLY C 479 29.98 26.30 10.64
C GLY C 479 28.62 26.15 11.27
N THR C 480 27.63 25.98 10.39
CA THR C 480 26.25 25.69 10.77
C THR C 480 25.75 24.54 9.92
N GLU C 481 24.74 23.84 10.42
CA GLU C 481 24.16 22.70 9.73
C GLU C 481 22.69 22.58 10.06
N LEU C 482 21.86 22.38 9.04
CA LEU C 482 20.44 22.10 9.21
C LEU C 482 20.13 20.78 8.51
N ARG C 483 19.58 19.83 9.25
CA ARG C 483 19.33 18.50 8.70
C ARG C 483 17.93 18.03 9.06
N LYS C 484 17.18 17.58 8.05
CA LYS C 484 15.82 17.12 8.24
C LYS C 484 15.69 15.70 7.70
N THR C 485 14.93 14.88 8.41
CA THR C 485 14.78 13.46 8.10
C THR C 485 13.31 13.06 8.15
N TRP C 486 12.90 12.23 7.20
CA TRP C 486 11.56 11.66 7.15
C TRP C 486 11.68 10.15 7.07
N TYR C 487 10.80 9.45 7.78
CA TYR C 487 10.65 8.02 7.64
C TYR C 487 9.17 7.68 7.59
N GLU C 488 8.72 7.09 6.49
CA GLU C 488 7.31 6.80 6.27
C GLU C 488 7.14 5.36 5.82
N THR C 489 6.34 4.60 6.55
CA THR C 489 6.04 3.23 6.16
C THR C 489 4.55 3.06 5.93
N LEU C 490 4.22 2.18 4.99
CA LEU C 490 2.85 1.79 4.70
C LEU C 490 2.80 0.27 4.53
N PHE C 491 1.86 -0.37 5.21
CA PHE C 491 1.65 -1.80 5.09
C PHE C 491 0.20 -2.05 4.71
N SER C 492 0.00 -2.95 3.74
CA SER C 492 -1.34 -3.35 3.31
C SER C 492 -1.40 -4.85 3.15
N ALA C 493 -2.53 -5.45 3.54
CA ALA C 493 -2.68 -6.90 3.46
C ALA C 493 -4.01 -7.24 2.81
N GLY C 494 -4.00 -8.30 2.01
CA GLY C 494 -5.21 -8.78 1.38
C GLY C 494 -5.33 -10.29 1.46
N TYR C 495 -6.43 -10.76 2.04
CA TYR C 495 -6.67 -12.18 2.26
C TYR C 495 -7.73 -12.67 1.28
N GLY C 496 -7.66 -13.96 0.96
CA GLY C 496 -8.43 -14.47 -0.15
C GLY C 496 -7.75 -14.25 -1.48
N PHE C 497 -6.46 -13.91 -1.46
CA PHE C 497 -5.74 -13.50 -2.66
C PHE C 497 -5.54 -14.68 -3.60
N ASP C 498 -5.93 -14.50 -4.86
CA ASP C 498 -5.57 -15.43 -5.92
C ASP C 498 -4.38 -14.87 -6.66
N ARG C 499 -3.32 -15.66 -6.75
CA ARG C 499 -2.06 -15.18 -7.34
C ARG C 499 -2.23 -14.84 -8.81
N GLN C 500 -2.97 -15.66 -9.54
CA GLN C 500 -3.15 -15.45 -10.97
C GLN C 500 -4.21 -14.41 -11.28
N THR C 501 -5.23 -14.27 -10.44
CA THR C 501 -6.33 -13.35 -10.69
C THR C 501 -6.17 -12.04 -9.95
N LEU C 502 -5.32 -12.00 -8.92
CA LEU C 502 -5.03 -10.78 -8.16
C LEU C 502 -6.26 -10.24 -7.44
N THR C 503 -7.22 -11.10 -7.15
CA THR C 503 -8.42 -10.68 -6.43
C THR C 503 -8.26 -10.91 -4.94
N THR C 504 -9.25 -10.45 -4.18
CA THR C 504 -9.20 -10.46 -2.73
C THR C 504 -10.60 -10.77 -2.21
N LYS C 505 -10.69 -11.16 -0.94
CA LYS C 505 -11.95 -11.47 -0.29
C LYS C 505 -12.06 -10.72 1.02
N PRO C 506 -13.29 -10.35 1.41
CA PRO C 506 -13.45 -9.56 2.64
C PRO C 506 -13.19 -10.38 3.91
N VAL C 507 -12.76 -9.69 4.96
CA VAL C 507 -12.50 -10.28 6.26
C VAL C 507 -13.42 -9.62 7.27
N VAL C 508 -14.12 -10.43 8.06
CA VAL C 508 -15.01 -9.94 9.10
C VAL C 508 -14.37 -10.30 10.44
N PHE C 509 -13.71 -9.33 11.05
CA PHE C 509 -13.04 -9.56 12.31
C PHE C 509 -14.07 -9.58 13.44
N PRO C 510 -14.01 -10.56 14.35
CA PRO C 510 -14.97 -10.58 15.45
C PRO C 510 -14.91 -9.35 16.34
N ASP C 511 -13.71 -8.83 16.60
CA ASP C 511 -13.51 -7.71 17.49
C ASP C 511 -12.57 -6.70 16.83
N GLU C 512 -12.30 -5.61 17.55
CA GLU C 512 -11.23 -4.70 17.17
C GLU C 512 -9.86 -5.19 17.64
N ASP C 513 -9.82 -6.15 18.57
CA ASP C 513 -8.56 -6.72 19.01
C ASP C 513 -8.00 -7.69 17.98
N ARG C 514 -8.88 -8.47 17.34
CA ARG C 514 -8.44 -9.35 16.27
C ARG C 514 -8.20 -8.60 14.97
N ALA C 515 -8.72 -7.39 14.84
CA ALA C 515 -8.44 -6.57 13.67
C ALA C 515 -7.02 -6.03 13.69
N ARG C 516 -6.37 -6.01 14.86
CA ARG C 516 -4.97 -5.64 14.98
C ARG C 516 -4.04 -6.83 14.96
N GLN C 517 -4.54 -8.02 15.29
CA GLN C 517 -3.75 -9.23 15.14
C GLN C 517 -3.47 -9.53 13.68
N PHE C 518 -4.40 -9.16 12.80
CA PHE C 518 -4.24 -9.30 11.35
C PHE C 518 -4.46 -7.94 10.74
N PRO C 519 -3.48 -7.03 10.86
CA PRO C 519 -3.68 -5.69 10.31
C PRO C 519 -3.84 -5.71 8.80
N LEU C 520 -4.72 -4.85 8.31
CA LEU C 520 -5.05 -4.78 6.89
C LEU C 520 -4.44 -3.58 6.20
N HIS C 521 -4.24 -2.48 6.93
CA HIS C 521 -3.71 -1.25 6.36
C HIS C 521 -3.20 -0.54 7.59
N GLN C 522 -1.91 -0.17 7.58
CA GLN C 522 -1.37 0.70 8.60
C GLN C 522 -0.34 1.63 8.00
N LYS C 523 -0.20 2.80 8.62
CA LYS C 523 0.69 3.85 8.14
C LYS C 523 1.46 4.42 9.32
N THR C 524 2.76 4.61 9.15
CA THR C 524 3.60 5.26 10.14
C THR C 524 4.37 6.41 9.50
N TYR C 525 4.52 7.49 10.24
CA TYR C 525 5.19 8.69 9.76
C TYR C 525 6.05 9.27 10.86
N LYS C 526 7.25 9.73 10.51
CA LYS C 526 8.13 10.36 11.46
C LYS C 526 8.95 11.46 10.78
N GLU C 527 8.98 12.64 11.38
CA GLU C 527 9.83 13.75 10.96
C GLU C 527 10.79 14.09 12.07
N ASN C 528 11.97 14.56 11.69
CA ASN C 528 12.92 15.06 12.67
C ASN C 528 13.73 16.18 12.04
N ALA C 529 14.02 17.21 12.83
CA ALA C 529 14.80 18.34 12.37
C ALA C 529 15.90 18.63 13.38
N TYR C 530 17.07 18.99 12.86
CA TYR C 530 18.26 19.20 13.68
C TYR C 530 18.96 20.46 13.22
N VAL C 531 19.35 21.30 14.17
CA VAL C 531 20.06 22.55 13.93
C VAL C 531 21.33 22.54 14.76
N SER C 532 22.48 22.73 14.12
CA SER C 532 23.75 22.63 14.80
C SER C 532 24.63 23.80 14.43
N PHE C 533 25.39 24.29 15.41
CA PHE C 533 26.38 25.34 15.22
C PHE C 533 27.69 24.86 15.82
N PHE C 534 28.71 24.70 14.99
CA PHE C 534 29.95 24.11 15.46
C PHE C 534 31.13 25.00 15.13
N SER C 535 32.25 24.74 15.80
CA SER C 535 33.50 25.45 15.59
C SER C 535 34.66 24.56 15.99
N THR C 536 35.76 24.67 15.27
CA THR C 536 37.01 24.02 15.63
C THR C 536 38.14 25.03 15.63
N ALA C 537 39.13 24.81 16.49
CA ALA C 537 40.32 25.63 16.50
C ALA C 537 41.53 24.72 16.69
N SER C 538 42.65 25.14 16.10
CA SER C 538 43.90 24.41 16.22
C SER C 538 45.05 25.40 16.21
N TYR C 539 46.00 25.22 17.12
CA TYR C 539 47.15 26.09 17.23
C TYR C 539 48.40 25.22 17.36
N SER C 540 49.29 25.31 16.38
CA SER C 540 50.55 24.57 16.37
C SER C 540 51.69 25.54 16.61
N LEU C 541 52.58 25.18 17.53
CA LEU C 541 53.73 25.99 17.89
C LEU C 541 55.01 25.22 17.59
N MET C 542 55.89 25.84 16.82
CA MET C 542 57.23 25.32 16.52
C MET C 542 57.19 23.95 15.84
N ASN C 543 56.10 23.67 15.13
CA ASN C 543 55.89 22.37 14.49
C ASN C 543 56.02 21.23 15.47
N ARG C 544 55.79 21.51 16.75
CA ARG C 544 56.08 20.57 17.82
C ARG C 544 54.98 20.43 18.85
N TYR C 545 54.18 21.46 19.14
CA TYR C 545 53.13 21.39 20.14
C TYR C 545 51.83 21.84 19.50
N THR C 546 50.89 20.93 19.33
CA THR C 546 49.59 21.25 18.74
C THR C 546 48.52 21.19 19.82
N PHE C 547 47.67 22.22 19.88
CA PHE C 547 46.54 22.25 20.79
C PHE C 547 45.28 22.49 19.99
N GLY C 548 44.31 21.59 20.08
CA GLY C 548 43.08 21.73 19.33
C GLY C 548 41.85 21.69 20.20
N GLY C 549 40.75 22.22 19.70
CA GLY C 549 39.50 22.22 20.43
C GLY C 549 38.32 22.22 19.49
N SER C 550 37.20 21.71 20.00
CA SER C 550 35.96 21.64 19.24
C SER C 550 34.81 22.05 20.14
N ILE C 551 33.82 22.74 19.56
CA ILE C 551 32.61 23.12 20.27
C ILE C 551 31.45 22.89 19.30
N ARG C 552 30.32 22.41 19.82
CA ARG C 552 29.17 22.16 18.97
C ARG C 552 27.91 22.32 19.80
N PHE C 553 26.94 23.05 19.27
CA PHE C 553 25.64 23.25 19.89
C PHE C 553 24.59 22.57 19.01
N ASP C 554 23.81 21.68 19.60
CA ASP C 554 22.85 20.85 18.89
C ASP C 554 21.45 21.10 19.41
N GLY C 555 20.51 21.22 18.50
CA GLY C 555 19.10 21.33 18.86
C GLY C 555 18.28 20.46 17.96
N SER C 556 17.20 19.90 18.51
CA SER C 556 16.39 18.94 17.78
C SER C 556 14.98 18.94 18.34
N ASP C 557 14.07 18.28 17.61
CA ASP C 557 12.73 18.05 18.12
C ASP C 557 12.72 17.02 19.23
N LEU C 558 13.63 16.04 19.17
CA LEU C 558 13.70 14.96 20.12
C LEU C 558 14.21 15.38 21.47
N PHE C 559 14.48 16.67 21.67
CA PHE C 559 14.98 17.20 22.92
C PHE C 559 13.91 18.09 23.57
N GLY C 560 13.97 18.18 24.89
CA GLY C 560 13.03 19.01 25.60
C GLY C 560 13.27 20.49 25.37
N VAL C 561 12.26 21.29 25.72
CA VAL C 561 12.30 22.73 25.47
C VAL C 561 12.76 23.51 26.69
N ASP C 562 13.28 22.83 27.70
CA ASP C 562 13.78 23.52 28.89
C ASP C 562 15.01 24.34 28.55
N LYS C 563 15.05 25.58 29.06
CA LYS C 563 16.18 26.46 28.80
C LYS C 563 17.44 26.04 29.53
N LYS C 564 17.33 25.17 30.53
CA LYS C 564 18.50 24.75 31.29
C LYS C 564 19.42 23.87 30.47
N TYR C 565 18.86 23.04 29.58
CA TYR C 565 19.64 22.07 28.82
C TYR C 565 19.63 22.33 27.32
N ARG C 566 18.90 23.33 26.84
CA ARG C 566 18.59 23.40 25.41
C ARG C 566 19.85 23.48 24.56
N TYR C 567 20.73 24.43 24.86
CA TYR C 567 21.95 24.60 24.07
C TYR C 567 23.14 24.48 25.02
N LEU C 568 23.55 23.25 25.27
CA LEU C 568 24.73 22.92 26.02
C LEU C 568 25.80 22.39 25.07
N PRO C 569 27.05 22.81 25.23
CA PRO C 569 28.08 22.45 24.25
C PRO C 569 28.46 20.98 24.34
N LEU C 570 28.94 20.47 23.20
CA LEU C 570 29.55 19.15 23.09
C LEU C 570 30.97 19.40 22.61
N TYR C 571 31.87 19.65 23.55
CA TYR C 571 33.18 20.18 23.27
C TYR C 571 34.23 19.08 23.25
N SER C 572 35.48 19.50 23.03
CA SER C 572 36.65 18.63 23.07
C SER C 572 37.89 19.50 23.15
N VAL C 573 38.89 19.02 23.87
CA VAL C 573 40.20 19.65 23.92
C VAL C 573 41.26 18.57 23.78
N SER C 574 42.20 18.76 22.88
CA SER C 574 43.22 17.77 22.62
C SER C 574 44.58 18.43 22.45
N GLY C 575 45.62 17.65 22.65
CA GLY C 575 46.98 18.13 22.50
C GLY C 575 47.94 17.07 22.01
N LEU C 576 48.72 17.43 20.99
CA LEU C 576 49.81 16.61 20.46
C LEU C 576 51.14 17.21 20.84
N TRP C 577 52.08 16.36 21.21
CA TRP C 577 53.46 16.76 21.47
C TRP C 577 54.37 15.78 20.76
N ARG C 578 55.13 16.27 19.78
CA ARG C 578 56.04 15.43 19.01
C ARG C 578 57.40 15.43 19.69
N LEU C 579 57.70 14.35 20.41
CA LEU C 579 59.01 14.20 21.04
C LEU C 579 60.15 14.12 20.03
N SER C 580 59.89 13.56 18.86
CA SER C 580 60.98 13.40 17.89
C SER C 580 61.48 14.74 17.41
N ASN C 581 60.60 15.73 17.27
CA ASN C 581 60.96 17.06 16.78
C ASN C 581 61.33 17.99 17.93
N GLU C 582 62.20 17.48 18.82
CA GLU C 582 62.60 18.20 20.00
C GLU C 582 64.12 18.28 20.00
N PRO C 583 64.72 19.44 20.33
CA PRO C 583 66.17 19.56 20.18
C PRO C 583 66.96 18.79 21.23
N PHE C 584 66.41 18.55 22.42
CA PHE C 584 67.10 17.74 23.40
C PHE C 584 67.18 16.28 22.98
N MET C 585 66.36 15.86 22.02
CA MET C 585 66.28 14.48 21.59
C MET C 585 66.37 14.48 20.07
N GLN C 586 67.61 14.53 19.57
CA GLN C 586 67.89 14.63 18.15
C GLN C 586 69.00 13.71 17.68
N GLY C 587 69.77 13.12 18.58
CA GLY C 587 70.70 12.08 18.20
C GLY C 587 70.05 10.76 17.92
N THR C 588 68.77 10.63 18.24
CA THR C 588 67.97 9.46 17.93
C THR C 588 67.12 9.70 16.69
N ARG C 589 67.60 10.53 15.77
CA ARG C 589 66.87 10.84 14.56
C ARG C 589 67.36 10.07 13.35
N LYS C 590 68.52 9.42 13.45
CA LYS C 590 69.00 8.59 12.36
C LYS C 590 68.23 7.28 12.26
N TRP C 591 67.63 6.82 13.36
CA TRP C 591 66.88 5.57 13.37
C TRP C 591 65.41 5.72 13.73
N MET C 592 65.01 6.82 14.36
CA MET C 592 63.62 7.02 14.76
C MET C 592 62.98 8.11 13.92
N ASP C 593 61.85 7.80 13.30
CA ASP C 593 61.16 8.74 12.43
C ASP C 593 60.11 9.57 13.15
N ASN C 594 59.47 9.01 14.17
CA ASN C 594 58.36 9.71 14.80
C ASN C 594 58.19 9.23 16.23
N LEU C 595 58.05 10.18 17.16
CA LEU C 595 57.52 9.95 18.48
C LEU C 595 56.54 11.06 18.77
N ALA C 596 55.35 10.71 19.23
CA ALA C 596 54.33 11.72 19.49
C ALA C 596 53.37 11.21 20.55
N PHE C 597 52.94 12.12 21.41
CA PHE C 597 51.97 11.83 22.46
C PHE C 597 50.74 12.68 22.23
N ARG C 598 49.57 12.05 22.22
CA ARG C 598 48.30 12.74 22.11
C ARG C 598 47.53 12.54 23.40
N VAL C 599 46.97 13.62 23.93
CA VAL C 599 46.07 13.54 25.07
C VAL C 599 44.81 14.29 24.70
N SER C 600 43.68 13.62 24.77
CA SER C 600 42.40 14.22 24.40
C SER C 600 41.38 14.02 25.52
N TYR C 601 40.53 15.02 25.71
CA TYR C 601 39.39 14.94 26.59
C TYR C 601 38.20 15.53 25.87
N GLY C 602 37.01 15.01 26.15
CA GLY C 602 35.86 15.55 25.45
C GLY C 602 34.55 15.08 26.02
N ILE C 603 33.48 15.72 25.54
CA ILE C 603 32.10 15.36 25.84
C ILE C 603 31.43 15.01 24.53
N GLN C 604 30.90 13.79 24.44
CA GLN C 604 30.17 13.30 23.29
C GLN C 604 28.70 13.14 23.66
N GLY C 605 27.85 13.06 22.63
CA GLY C 605 26.43 12.95 22.85
C GLY C 605 25.84 11.80 22.07
N ASN C 606 24.63 11.43 22.45
CA ASN C 606 23.86 10.42 21.74
C ASN C 606 22.39 10.79 21.81
N ILE C 607 21.66 10.54 20.72
CA ILE C 607 20.23 10.80 20.65
C ILE C 607 19.49 9.49 20.72
N ASP C 608 18.53 9.39 21.63
CA ASP C 608 17.57 8.30 21.65
C ASP C 608 16.33 8.79 20.92
N LYS C 609 16.08 8.23 19.74
CA LYS C 609 15.01 8.70 18.88
C LYS C 609 13.68 8.02 19.15
N ASN C 610 13.64 7.05 20.05
CA ASN C 610 12.40 6.37 20.40
C ASN C 610 11.69 7.01 21.60
N THR C 611 12.23 8.09 22.14
CA THR C 611 11.64 8.79 23.27
C THR C 611 11.29 10.20 22.85
N SER C 612 10.24 10.75 23.47
CA SER C 612 9.67 12.01 23.04
C SER C 612 9.54 12.96 24.22
N PRO C 613 9.66 14.27 23.97
CA PRO C 613 9.41 15.27 25.01
C PRO C 613 7.96 15.70 25.15
N PHE C 614 7.03 15.00 24.51
CA PHE C 614 5.65 15.44 24.39
C PHE C 614 4.75 14.57 25.25
N LEU C 615 3.57 15.10 25.53
CA LEU C 615 2.53 14.36 26.26
C LEU C 615 1.84 13.46 25.27
N LEU C 616 2.21 12.18 25.26
CA LEU C 616 1.58 11.20 24.41
C LEU C 616 0.45 10.54 25.19
N GLY C 617 -0.78 10.71 24.73
CA GLY C 617 -1.94 10.18 25.41
C GLY C 617 -2.87 9.39 24.52
N LYS C 618 -4.06 9.10 25.02
CA LYS C 618 -5.07 8.39 24.24
C LYS C 618 -6.45 8.84 24.68
N TYR C 619 -7.41 8.71 23.77
CA TYR C 619 -8.77 9.17 24.02
C TYR C 619 -9.58 8.05 24.64
N ILE C 620 -10.26 8.36 25.74
CA ILE C 620 -11.16 7.44 26.42
C ILE C 620 -12.43 8.19 26.76
N VAL C 621 -13.57 7.52 26.67
CA VAL C 621 -14.87 8.10 26.99
C VAL C 621 -15.29 7.58 28.36
N ASP C 622 -15.52 8.49 29.31
CA ASP C 622 -15.93 8.13 30.65
C ASP C 622 -16.91 9.18 31.17
N ASN C 623 -17.30 9.04 32.43
CA ASN C 623 -18.49 9.71 32.97
C ASN C 623 -18.18 10.78 34.02
N ILE C 624 -17.55 10.38 35.13
CA ILE C 624 -17.44 11.18 36.35
C ILE C 624 -18.82 11.30 36.99
N LEU C 625 -19.81 11.82 36.25
CA LEU C 625 -21.16 12.02 36.75
C LEU C 625 -22.16 11.22 35.92
N PRO C 626 -23.31 10.88 36.49
CA PRO C 626 -24.30 10.08 35.74
C PRO C 626 -24.91 10.89 34.61
N GLY C 627 -24.93 10.29 33.41
CA GLY C 627 -25.48 10.93 32.25
C GLY C 627 -24.53 11.84 31.51
N GLY C 628 -23.39 12.17 32.10
CA GLY C 628 -22.43 13.02 31.41
C GLY C 628 -21.24 12.23 30.91
N SER C 629 -21.21 11.96 29.62
CA SER C 629 -20.14 11.20 28.98
C SER C 629 -19.38 12.12 28.04
N GLU C 630 -18.06 12.10 28.13
CA GLU C 630 -17.23 13.00 27.35
C GLU C 630 -15.89 12.32 27.08
N HIS C 631 -15.20 12.84 26.07
CA HIS C 631 -13.87 12.35 25.75
C HIS C 631 -12.86 12.83 26.79
N MET C 632 -11.98 11.93 27.19
CA MET C 632 -10.90 12.25 28.13
C MET C 632 -9.60 11.69 27.58
N ILE C 633 -8.50 12.32 27.94
CA ILE C 633 -7.17 11.91 27.51
C ILE C 633 -6.47 11.26 28.67
N ASP C 634 -6.06 10.01 28.48
CA ASP C 634 -5.26 9.28 29.46
C ASP C 634 -3.80 9.32 29.03
N ILE C 635 -2.92 9.67 29.96
CA ILE C 635 -1.51 9.87 29.65
C ILE C 635 -0.83 8.53 29.47
N ASN C 636 -0.24 8.31 28.29
CA ASN C 636 0.57 7.12 28.06
C ASN C 636 2.04 7.36 28.38
N SER C 637 2.56 8.54 28.02
CA SER C 637 3.95 8.89 28.30
C SER C 637 4.00 10.26 28.94
N ALA C 638 4.89 10.42 29.90
CA ALA C 638 5.04 11.69 30.61
C ALA C 638 5.76 12.71 29.74
N PRO C 639 5.39 13.98 29.84
CA PRO C 639 6.07 15.05 29.09
C PRO C 639 7.41 15.43 29.67
N ASN C 640 8.48 14.76 29.28
CA ASN C 640 9.81 15.13 29.75
C ASN C 640 10.27 16.39 29.04
N LYS C 641 10.18 17.53 29.72
CA LYS C 641 10.64 18.80 29.19
C LYS C 641 12.16 18.96 29.28
N LYS C 642 12.83 18.09 30.04
CA LYS C 642 14.28 18.12 30.17
C LYS C 642 14.95 17.01 29.35
N LEU C 643 14.28 16.52 28.32
CA LEU C 643 14.86 15.49 27.46
C LEU C 643 16.03 16.07 26.68
N ARG C 644 17.12 15.31 26.61
CA ARG C 644 18.37 15.82 26.07
C ARG C 644 19.15 14.64 25.51
N TRP C 645 20.39 14.92 25.09
CA TRP C 645 21.27 13.87 24.64
C TRP C 645 21.93 13.18 25.83
N GLU C 646 22.61 12.08 25.56
CA GLU C 646 23.24 11.26 26.58
C GLU C 646 24.72 11.58 26.62
N LYS C 647 25.21 12.02 27.78
CA LYS C 647 26.57 12.52 27.90
C LYS C 647 27.56 11.36 27.89
N THR C 648 28.73 11.59 27.30
CA THR C 648 29.82 10.63 27.33
C THR C 648 31.11 11.42 27.54
N GLN C 649 31.61 11.41 28.77
CA GLN C 649 32.85 12.09 29.13
C GLN C 649 33.99 11.12 28.88
N SER C 650 34.86 11.45 27.92
CA SER C 650 35.89 10.51 27.51
C SER C 650 37.27 11.15 27.55
N VAL C 651 38.27 10.34 27.89
CA VAL C 651 39.67 10.72 27.81
C VAL C 651 40.42 9.66 27.01
N ASN C 652 41.51 10.09 26.36
CA ASN C 652 42.29 9.24 25.48
C ASN C 652 43.74 9.67 25.58
N VAL C 653 44.63 8.71 25.83
CA VAL C 653 46.07 8.94 25.80
C VAL C 653 46.66 8.02 24.76
N GLY C 654 47.36 8.59 23.78
CA GLY C 654 47.88 7.82 22.67
C GLY C 654 49.34 8.09 22.41
N LEU C 655 50.01 7.05 21.95
CA LEU C 655 51.43 7.08 21.58
C LEU C 655 51.56 6.70 20.11
N ASP C 656 52.30 7.52 19.36
CA ASP C 656 52.66 7.22 17.98
C ASP C 656 54.17 7.08 17.89
N PHE C 657 54.64 5.96 17.36
CA PHE C 657 56.04 5.63 17.26
C PHE C 657 56.32 5.11 15.86
N SER C 658 57.46 5.50 15.30
CA SER C 658 57.84 5.03 13.98
C SER C 658 59.36 5.04 13.89
N VAL C 659 59.94 3.88 13.58
CA VAL C 659 61.39 3.76 13.53
C VAL C 659 61.85 3.00 12.29
N LEU C 660 63.06 3.37 11.85
CA LEU C 660 63.84 2.80 10.74
C LEU C 660 63.18 3.00 9.38
N ASN C 661 62.89 4.26 9.03
CA ASN C 661 62.26 4.59 7.76
C ASN C 661 60.92 3.87 7.61
N GLN C 662 60.10 3.98 8.66
CA GLN C 662 58.80 3.34 8.73
C GLN C 662 58.89 1.83 8.64
N ALA C 663 60.06 1.29 9.00
CA ALA C 663 60.29 -0.17 8.97
C ALA C 663 59.40 -0.85 10.02
N LEU C 664 58.88 -0.06 10.96
CA LEU C 664 58.00 -0.58 12.04
C LEU C 664 57.30 0.60 12.72
N ASN C 665 55.95 0.65 12.63
CA ASN C 665 55.17 1.76 13.24
C ASN C 665 54.25 1.20 14.33
N LEU C 666 54.16 1.90 15.46
CA LEU C 666 53.32 1.48 16.57
C LEU C 666 52.40 2.63 16.94
N SER C 667 51.15 2.31 17.27
CA SER C 667 50.19 3.32 17.68
C SER C 667 49.33 2.72 18.78
N VAL C 668 49.53 3.19 20.01
CA VAL C 668 48.77 2.71 21.16
C VAL C 668 47.80 3.81 21.59
N ASP C 669 46.64 3.40 22.09
CA ASP C 669 45.63 4.35 22.56
C ASP C 669 44.91 3.72 23.74
N TYR C 670 45.08 4.29 24.94
CA TYR C 670 44.29 3.91 26.10
C TYR C 670 43.18 4.91 26.28
N TYR C 671 41.94 4.43 26.39
CA TYR C 671 40.79 5.30 26.49
C TYR C 671 39.94 4.93 27.69
N TYR C 672 39.24 5.93 28.21
CA TYR C 672 38.25 5.75 29.27
C TYR C 672 37.05 6.62 28.93
N ARG C 673 35.89 5.99 28.70
CA ARG C 673 34.67 6.71 28.32
C ARG C 673 33.59 6.40 29.35
N LYS C 674 33.22 7.40 30.14
CA LYS C 674 32.17 7.28 31.14
C LYS C 674 30.92 7.97 30.61
N GLY C 675 29.89 7.19 30.29
CA GLY C 675 28.65 7.73 29.77
C GLY C 675 27.63 7.85 30.87
N THR C 676 27.06 9.04 30.99
CA THR C 676 26.04 9.36 31.98
C THR C 676 24.86 9.97 31.27
N ASP C 677 23.80 10.24 32.04
CA ASP C 677 22.55 10.76 31.50
C ASP C 677 22.00 9.86 30.41
N LEU C 678 22.26 8.56 30.53
CA LEU C 678 21.73 7.60 29.59
C LEU C 678 20.23 7.47 29.78
N ILE C 679 19.50 7.32 28.68
CA ILE C 679 18.05 7.25 28.71
C ILE C 679 17.63 5.80 28.99
N GLY C 680 16.84 5.62 30.02
CA GLY C 680 16.30 4.31 30.35
C GLY C 680 15.21 4.47 31.38
N LYS C 681 14.48 3.37 31.58
CA LYS C 681 13.37 3.38 32.52
C LYS C 681 13.87 3.51 33.95
N GLN C 682 13.31 4.46 34.70
CA GLN C 682 13.64 4.63 36.10
C GLN C 682 12.38 4.53 36.95
N MET C 683 12.52 3.91 38.12
CA MET C 683 11.46 3.86 39.13
C MET C 683 11.45 5.21 39.84
N LEU C 684 10.51 6.06 39.45
CA LEU C 684 10.44 7.42 39.97
C LEU C 684 9.73 7.45 41.33
N PRO C 685 10.00 8.48 42.14
CA PRO C 685 9.18 8.70 43.34
C PRO C 685 7.75 9.04 42.96
N LEU C 686 6.82 8.66 43.83
CA LEU C 686 5.41 8.81 43.50
C LEU C 686 4.94 10.26 43.53
N GLU C 687 5.79 11.20 43.96
CA GLU C 687 5.38 12.59 44.04
C GLU C 687 5.26 13.24 42.67
N THR C 688 5.87 12.65 41.65
CA THR C 688 5.48 12.96 40.29
C THR C 688 4.28 12.08 39.91
N GLY C 689 3.70 12.36 38.77
CA GLY C 689 2.47 11.65 38.54
C GLY C 689 2.60 10.19 38.16
N PHE C 690 3.81 9.65 38.12
CA PHE C 690 4.06 8.38 37.48
C PHE C 690 4.94 7.48 38.33
N VAL C 691 4.78 6.18 38.11
CA VAL C 691 5.58 5.19 38.82
C VAL C 691 6.94 5.01 38.15
N SER C 692 7.00 5.14 36.83
CA SER C 692 8.24 5.00 36.09
C SER C 692 8.12 5.72 34.76
N THR C 693 9.25 6.17 34.24
CA THR C 693 9.32 6.84 32.95
C THR C 693 10.72 6.65 32.40
N ASN C 694 10.86 6.82 31.09
CA ASN C 694 12.17 6.82 30.43
C ASN C 694 12.78 8.21 30.53
N ILE C 695 13.84 8.35 31.32
CA ILE C 695 14.50 9.64 31.50
C ILE C 695 16.01 9.43 31.44
N ASN C 696 16.73 10.55 31.44
CA ASN C 696 18.19 10.56 31.36
C ASN C 696 18.76 10.30 32.75
N TRP C 697 19.03 9.04 33.07
CA TRP C 697 19.60 8.77 34.39
C TRP C 697 20.74 7.75 34.43
N ALA C 698 20.77 6.79 33.51
CA ALA C 698 21.65 5.63 33.65
C ALA C 698 23.10 5.96 33.29
N SER C 699 23.98 5.01 33.55
CA SER C 699 25.42 5.18 33.36
C SER C 699 26.07 3.90 32.85
N MET C 700 27.18 4.08 32.14
CA MET C 700 27.95 2.99 31.57
C MET C 700 29.40 3.45 31.50
N VAL C 701 30.32 2.48 31.43
CA VAL C 701 31.74 2.78 31.28
C VAL C 701 32.33 1.82 30.26
N ASN C 702 33.03 2.36 29.27
CA ASN C 702 33.82 1.58 28.32
C ASN C 702 35.26 2.02 28.45
N LYS C 703 36.13 1.11 28.87
CA LYS C 703 37.51 1.46 29.15
C LYS C 703 38.42 0.42 28.54
N GLY C 704 39.48 0.84 27.85
CA GLY C 704 40.28 -0.14 27.15
C GLY C 704 41.49 0.43 26.47
N VAL C 705 42.05 -0.37 25.56
CA VAL C 705 43.30 -0.04 24.87
C VAL C 705 43.27 -0.65 23.47
N GLU C 706 43.76 0.11 22.50
CA GLU C 706 43.91 -0.34 21.12
C GLU C 706 45.36 -0.19 20.69
N VAL C 707 45.86 -1.19 19.96
CA VAL C 707 47.24 -1.21 19.48
C VAL C 707 47.22 -1.50 17.99
N SER C 708 47.92 -0.67 17.21
CA SER C 708 48.09 -0.89 15.78
C SER C 708 49.58 -0.94 15.49
N LEU C 709 50.08 -2.11 15.07
CA LEU C 709 51.46 -2.30 14.71
C LEU C 709 51.55 -2.59 13.22
N SER C 710 52.53 -1.97 12.56
CA SER C 710 52.70 -2.11 11.12
C SER C 710 54.19 -2.25 10.83
N THR C 711 54.60 -3.43 10.40
CA THR C 711 56.00 -3.78 10.21
C THR C 711 56.28 -4.05 8.73
N ARG C 712 57.46 -3.65 8.28
CA ARG C 712 57.98 -4.01 6.97
C ARG C 712 59.07 -5.05 7.21
N ASN C 713 58.67 -6.32 7.21
CA ASN C 713 59.58 -7.38 7.67
C ASN C 713 60.79 -7.51 6.76
N VAL C 714 60.57 -7.65 5.46
CA VAL C 714 61.66 -7.63 4.49
C VAL C 714 61.29 -6.70 3.35
N ALA C 715 62.30 -6.11 2.74
CA ALA C 715 62.12 -5.23 1.58
C ALA C 715 63.31 -5.45 0.67
N THR C 716 63.12 -6.28 -0.36
CA THR C 716 64.17 -6.63 -1.29
C THR C 716 63.69 -6.23 -2.68
N LYS C 717 64.56 -6.32 -3.69
CA LYS C 717 64.19 -5.92 -5.04
C LYS C 717 63.02 -6.74 -5.57
N ASN C 718 62.98 -8.04 -5.25
CA ASN C 718 61.91 -8.92 -5.71
C ASN C 718 60.90 -9.22 -4.60
N PHE C 719 61.36 -9.75 -3.48
CA PHE C 719 60.48 -10.16 -2.39
C PHE C 719 60.35 -9.06 -1.35
N SER C 720 59.15 -8.92 -0.81
CA SER C 720 58.90 -7.94 0.24
C SER C 720 57.59 -8.26 0.92
N TRP C 721 57.60 -8.40 2.25
CA TRP C 721 56.33 -8.61 2.94
C TRP C 721 56.19 -7.69 4.15
N TYR C 722 54.94 -7.33 4.40
CA TYR C 722 54.55 -6.42 5.45
C TYR C 722 53.49 -7.07 6.33
N THR C 723 53.47 -6.67 7.60
CA THR C 723 52.56 -7.19 8.60
C THR C 723 51.79 -6.05 9.24
N ASN C 724 50.49 -6.26 9.46
CA ASN C 724 49.63 -5.31 10.16
C ASN C 724 48.91 -6.07 11.27
N LEU C 725 49.22 -5.75 12.51
CA LEU C 725 48.56 -6.35 13.66
C LEU C 725 47.70 -5.29 14.34
N ASN C 726 46.39 -5.47 14.28
CA ASN C 726 45.44 -4.62 14.98
C ASN C 726 44.89 -5.40 16.17
N PHE C 727 44.90 -4.78 17.33
CA PHE C 727 44.43 -5.40 18.56
C PHE C 727 43.61 -4.37 19.32
N ALA C 728 42.58 -4.84 20.02
CA ALA C 728 41.79 -3.96 20.87
C ALA C 728 41.18 -4.76 21.99
N TYR C 729 41.29 -4.23 23.21
CA TYR C 729 40.61 -4.75 24.38
C TYR C 729 39.69 -3.68 24.93
N ASN C 730 38.45 -4.07 25.22
CA ASN C 730 37.43 -3.17 25.75
C ASN C 730 36.76 -3.81 26.96
N ASN C 731 36.53 -3.01 28.00
CA ASN C 731 35.85 -3.43 29.21
C ASN C 731 34.59 -2.58 29.33
N ASN C 732 33.44 -3.22 29.19
CA ASN C 732 32.14 -2.56 29.32
C ASN C 732 31.55 -2.88 30.68
N LYS C 733 30.90 -1.89 31.28
CA LYS C 733 30.23 -2.07 32.56
C LYS C 733 29.02 -1.15 32.63
N VAL C 734 27.89 -1.68 33.04
CA VAL C 734 26.71 -0.87 33.34
C VAL C 734 26.85 -0.41 34.78
N LEU C 735 26.80 0.90 35.00
CA LEU C 735 27.03 1.45 36.33
C LEU C 735 25.73 1.68 37.08
N ARG C 736 24.70 2.22 36.42
CA ARG C 736 23.39 2.42 37.02
C ARG C 736 22.34 1.93 36.05
N GLU C 737 21.46 1.06 36.51
CA GLU C 737 20.40 0.53 35.68
C GLU C 737 19.27 0.05 36.58
N ALA C 738 18.04 0.19 36.10
CA ALA C 738 16.86 -0.20 36.86
C ALA C 738 16.48 -1.63 36.54
N ILE C 739 16.31 -2.44 37.57
CA ILE C 739 15.91 -3.84 37.45
C ILE C 739 14.46 -3.95 37.91
N PRO C 740 13.57 -4.50 37.08
CA PRO C 740 12.20 -4.74 37.56
C PRO C 740 12.19 -5.63 38.79
N GLU C 741 11.26 -5.34 39.71
CA GLU C 741 11.21 -6.07 40.97
C GLU C 741 10.91 -7.55 40.75
N ALA C 742 10.16 -7.88 39.70
CA ALA C 742 9.77 -9.26 39.40
C ALA C 742 10.75 -9.95 38.47
N GLN C 743 12.00 -9.51 38.41
CA GLN C 743 13.01 -10.10 37.56
C GLN C 743 13.90 -11.02 38.38
N THR C 744 14.01 -12.27 37.93
CA THR C 744 14.79 -13.29 38.63
C THR C 744 16.21 -13.46 38.08
N ILE C 745 16.42 -13.17 36.80
CA ILE C 745 17.78 -13.09 36.26
C ILE C 745 18.42 -11.78 36.73
N PRO C 746 19.65 -11.79 37.22
CA PRO C 746 20.23 -10.57 37.77
C PRO C 746 20.50 -9.51 36.71
N GLY C 747 20.53 -8.26 37.18
CA GLY C 747 20.79 -7.15 36.29
C GLY C 747 22.25 -7.01 35.94
N ARG C 748 22.51 -6.11 34.99
CA ARG C 748 23.84 -5.93 34.42
C ARG C 748 24.68 -4.91 35.16
N GLU C 749 24.19 -4.35 36.27
CA GLU C 749 24.93 -3.34 37.00
C GLU C 749 26.27 -3.89 37.47
N GLY C 750 27.34 -3.29 36.98
CA GLY C 750 28.68 -3.80 37.21
C GLY C 750 29.16 -4.81 36.22
N TYR C 751 28.40 -5.06 35.16
CA TYR C 751 28.66 -6.08 34.15
C TYR C 751 28.35 -5.52 32.78
N PRO C 752 28.86 -6.13 31.72
CA PRO C 752 28.60 -5.63 30.37
C PRO C 752 27.12 -5.64 30.02
N VAL C 753 26.77 -4.88 28.98
CA VAL C 753 25.41 -4.92 28.46
C VAL C 753 25.05 -6.31 27.95
N ASP C 754 26.06 -7.07 27.50
CA ASP C 754 25.87 -8.41 26.96
C ASP C 754 26.18 -9.47 28.01
N ALA C 755 25.99 -9.18 29.29
CA ALA C 755 26.31 -10.13 30.34
C ALA C 755 25.45 -11.38 30.21
N ILE C 756 26.04 -12.52 30.56
CA ILE C 756 25.37 -13.80 30.56
C ILE C 756 25.45 -14.36 31.98
N PHE C 757 24.30 -14.56 32.59
CA PHE C 757 24.20 -15.18 33.91
C PHE C 757 23.61 -16.58 33.75
N ALA C 758 24.22 -17.54 34.42
CA ALA C 758 23.79 -18.92 34.30
C ALA C 758 23.73 -19.56 35.69
N ILE C 759 22.88 -20.57 35.82
CA ILE C 759 22.75 -21.31 37.08
C ILE C 759 23.76 -22.45 37.05
N LYS C 760 24.86 -22.27 37.76
CA LYS C 760 25.90 -23.29 37.81
C LYS C 760 25.35 -24.58 38.44
N THR C 761 25.62 -25.70 37.78
CA THR C 761 25.13 -27.00 38.21
C THR C 761 26.28 -27.87 38.68
N ALA C 762 26.03 -28.65 39.73
CA ALA C 762 27.01 -29.58 40.29
C ALA C 762 27.06 -30.90 39.55
N GLY C 763 26.47 -30.98 38.36
CA GLY C 763 26.44 -32.21 37.62
C GLY C 763 25.05 -32.82 37.61
N LEU C 764 24.97 -34.14 37.68
CA LEU C 764 23.72 -34.87 37.74
C LEU C 764 23.73 -35.76 38.97
N ASP C 765 22.56 -36.01 39.53
CA ASP C 765 22.45 -36.93 40.66
C ASP C 765 22.20 -38.35 40.15
N GLU C 766 21.88 -39.25 41.07
CA GLU C 766 21.73 -40.66 40.72
C GLU C 766 20.52 -40.94 39.86
N GLU C 767 19.61 -39.98 39.70
CA GLU C 767 18.43 -40.15 38.87
C GLU C 767 18.47 -39.30 37.60
N GLY C 768 19.61 -38.68 37.31
CA GLY C 768 19.76 -37.90 36.10
C GLY C 768 19.23 -36.48 36.17
N TYR C 769 18.73 -36.05 37.30
CA TYR C 769 18.30 -34.67 37.43
C TYR C 769 19.50 -33.75 37.60
N PRO C 770 19.43 -32.52 37.11
CA PRO C 770 20.53 -31.58 37.36
C PRO C 770 20.69 -31.29 38.84
N LEU C 771 21.95 -31.13 39.26
CA LEU C 771 22.30 -30.88 40.65
C LEU C 771 22.92 -29.50 40.76
N PHE C 772 22.50 -28.74 41.77
CA PHE C 772 22.88 -27.35 41.91
C PHE C 772 23.86 -27.17 43.06
N TYR C 773 24.15 -25.91 43.39
CA TYR C 773 24.98 -25.54 44.53
C TYR C 773 24.22 -24.56 45.39
N ASP C 774 24.39 -24.67 46.70
CA ASP C 774 23.84 -23.68 47.61
C ASP C 774 24.96 -22.73 48.07
N LYS C 775 24.61 -21.79 48.95
CA LYS C 775 25.58 -20.81 49.41
C LYS C 775 26.73 -21.44 50.19
N GLU C 776 26.54 -22.63 50.74
CA GLU C 776 27.59 -23.33 51.45
C GLU C 776 28.50 -24.13 50.53
N GLY C 777 28.13 -24.28 49.26
CA GLY C 777 28.91 -25.07 48.33
C GLY C 777 28.54 -26.53 48.26
N LYS C 778 27.39 -26.91 48.80
CA LYS C 778 26.97 -28.31 48.84
C LYS C 778 26.06 -28.62 47.66
N LYS C 779 26.26 -29.81 47.07
CA LYS C 779 25.45 -30.26 45.94
C LYS C 779 23.99 -30.39 46.37
N VAL C 780 23.13 -29.54 45.81
CA VAL C 780 21.77 -29.36 46.29
C VAL C 780 20.82 -29.56 45.13
N THR C 781 19.78 -30.36 45.34
CA THR C 781 18.77 -30.59 44.33
C THR C 781 17.85 -29.38 44.21
N LEU C 782 16.99 -29.40 43.19
CA LEU C 782 16.11 -28.25 42.97
C LEU C 782 15.09 -28.09 44.09
N LYS C 783 14.70 -29.19 44.73
CA LYS C 783 13.76 -29.11 45.84
C LYS C 783 14.37 -28.37 47.02
N GLU C 784 15.63 -28.66 47.35
CA GLU C 784 16.29 -27.97 48.45
C GLU C 784 16.67 -26.54 48.06
N LEU C 785 17.09 -26.35 46.80
CA LEU C 785 17.54 -25.02 46.37
C LEU C 785 16.41 -24.01 46.40
N TYR C 786 15.24 -24.38 45.88
CA TYR C 786 14.09 -23.50 45.85
C TYR C 786 13.18 -23.68 47.05
N ARG C 787 13.50 -24.61 47.95
CA ARG C 787 12.68 -24.91 49.12
C ARG C 787 11.24 -25.17 48.71
N LEU C 788 11.08 -26.12 47.79
CA LEU C 788 9.77 -26.43 47.23
C LEU C 788 8.87 -27.06 48.29
N GLN C 789 7.62 -26.60 48.33
CA GLN C 789 6.63 -27.12 49.27
C GLN C 789 5.41 -27.58 48.49
N ASP C 790 4.93 -28.78 48.79
CA ASP C 790 3.71 -29.33 48.21
C ASP C 790 2.77 -29.70 49.34
N PRO C 791 1.93 -28.78 49.81
CA PRO C 791 0.99 -29.15 50.88
C PRO C 791 -0.16 -30.01 50.39
N PHE C 792 -0.73 -29.70 49.24
CA PHE C 792 -1.83 -30.49 48.71
C PHE C 792 -1.37 -31.86 48.25
N GLY C 793 -0.11 -31.99 47.84
CA GLY C 793 0.41 -33.26 47.37
C GLY C 793 0.00 -33.63 45.97
N LEU C 794 -0.65 -32.73 45.24
CA LEU C 794 -1.12 -33.02 43.89
C LEU C 794 -0.05 -32.81 42.83
N GLY C 795 1.14 -32.35 43.20
CA GLY C 795 2.20 -32.14 42.25
C GLY C 795 2.24 -30.76 41.65
N PHE C 796 1.24 -30.44 40.82
CA PHE C 796 1.21 -29.13 40.17
C PHE C 796 0.90 -28.01 41.15
N THR C 797 0.54 -28.33 42.38
CA THR C 797 0.25 -27.34 43.42
C THR C 797 1.52 -26.92 44.18
N VAL C 798 2.69 -27.15 43.61
CA VAL C 798 3.94 -26.81 44.27
C VAL C 798 4.13 -25.30 44.30
N ASN C 799 4.77 -24.82 45.36
CA ASN C 799 5.05 -23.40 45.52
C ASN C 799 6.39 -23.22 46.21
N SER C 800 6.93 -22.01 46.10
CA SER C 800 8.22 -21.67 46.69
C SER C 800 8.13 -20.30 47.34
N ASP C 801 8.85 -20.14 48.45
CA ASP C 801 8.91 -18.87 49.14
C ASP C 801 10.08 -18.01 48.71
N VAL C 802 10.85 -18.48 47.73
CA VAL C 802 12.04 -17.75 47.28
C VAL C 802 11.61 -16.51 46.51
N THR C 803 12.05 -15.34 46.98
CA THR C 803 11.74 -14.07 46.36
C THR C 803 12.59 -13.86 45.11
N PRO C 804 12.14 -12.99 44.19
CA PRO C 804 12.98 -12.70 43.02
C PRO C 804 14.37 -12.21 43.37
N ALA C 805 14.50 -11.39 44.42
CA ALA C 805 15.81 -10.91 44.83
C ALA C 805 16.71 -12.03 45.32
N GLU C 806 16.14 -13.17 45.71
CA GLU C 806 16.91 -14.33 46.14
C GLU C 806 17.16 -15.30 45.01
N GLU C 807 16.20 -15.47 44.09
CA GLU C 807 16.47 -16.23 42.87
C GLU C 807 17.55 -15.55 42.05
N ARG C 808 17.70 -14.23 42.21
CA ARG C 808 18.75 -13.51 41.52
C ARG C 808 20.14 -13.95 41.96
N SER C 809 20.26 -14.55 43.14
CA SER C 809 21.55 -15.01 43.65
C SER C 809 21.86 -16.44 43.25
N PHE C 810 20.91 -17.15 42.65
CA PHE C 810 21.21 -18.48 42.12
C PHE C 810 22.04 -18.40 40.84
N TYR C 811 22.00 -17.26 40.16
CA TYR C 811 22.73 -17.06 38.93
C TYR C 811 24.11 -16.50 39.20
N SER C 812 25.10 -17.00 38.48
CA SER C 812 26.47 -16.49 38.55
C SER C 812 26.87 -15.98 37.18
N TYR C 813 27.66 -14.92 37.17
CA TYR C 813 28.12 -14.31 35.92
C TYR C 813 29.11 -15.23 35.22
N ILE C 814 28.88 -15.46 33.92
CA ILE C 814 29.79 -16.29 33.13
C ILE C 814 30.69 -15.40 32.30
N GLY C 815 30.09 -14.62 31.40
CA GLY C 815 30.86 -13.73 30.55
C GLY C 815 29.94 -12.93 29.66
N SER C 816 30.53 -12.15 28.77
CA SER C 816 29.77 -11.29 27.87
C SER C 816 29.71 -11.91 26.49
N GLN C 817 28.58 -11.71 25.80
CA GLN C 817 28.50 -12.14 24.41
C GLN C 817 29.40 -11.31 23.52
N ASP C 818 29.48 -10.01 23.77
CA ASP C 818 30.39 -9.15 23.03
C ASP C 818 31.82 -9.47 23.40
N THR C 819 32.58 -9.93 22.43
CA THR C 819 33.93 -10.40 22.68
C THR C 819 34.85 -9.24 23.06
N PRO C 820 35.56 -9.33 24.19
CA PRO C 820 36.42 -8.21 24.61
C PRO C 820 37.65 -8.03 23.75
N TYR C 821 38.32 -9.11 23.34
CA TYR C 821 39.56 -9.01 22.58
C TYR C 821 39.25 -9.17 21.10
N THR C 822 39.48 -8.13 20.32
CA THR C 822 39.21 -8.20 18.89
C THR C 822 40.44 -7.74 18.13
N GLY C 823 40.52 -8.14 16.87
CA GLY C 823 41.56 -7.60 16.02
C GLY C 823 41.81 -8.48 14.81
N GLY C 824 42.99 -8.29 14.22
CA GLY C 824 43.36 -9.03 13.03
C GLY C 824 44.84 -8.94 12.73
N LEU C 825 45.29 -9.88 11.91
CA LEU C 825 46.63 -9.93 11.35
C LEU C 825 46.52 -9.93 9.83
N ILE C 826 47.13 -8.95 9.18
CA ILE C 826 47.13 -8.88 7.73
C ILE C 826 48.58 -9.00 7.28
N ASN C 827 48.90 -10.06 6.57
CA ASN C 827 50.21 -10.27 5.97
C ASN C 827 50.10 -10.04 4.47
N THR C 828 51.03 -9.27 3.92
CA THR C 828 51.04 -8.99 2.49
C THR C 828 52.43 -9.30 1.96
N PHE C 829 52.53 -10.34 1.14
CA PHE C 829 53.76 -10.72 0.47
C PHE C 829 53.70 -10.26 -0.98
N SER C 830 54.85 -9.87 -1.51
CA SER C 830 54.98 -9.55 -2.92
C SER C 830 56.28 -10.15 -3.42
N TYR C 831 56.21 -10.74 -4.61
CA TYR C 831 57.38 -11.37 -5.23
C TYR C 831 57.23 -11.18 -6.74
N LYS C 832 57.97 -10.23 -7.29
CA LYS C 832 57.88 -9.87 -8.70
C LYS C 832 56.45 -9.50 -9.08
N ASN C 833 55.82 -10.30 -9.94
CA ASN C 833 54.47 -10.04 -10.40
C ASN C 833 53.41 -10.67 -9.52
N TRP C 834 53.80 -11.36 -8.45
CA TRP C 834 52.89 -12.09 -7.59
C TRP C 834 52.67 -11.33 -6.29
N GLU C 835 51.45 -11.40 -5.78
CA GLU C 835 51.08 -10.77 -4.52
C GLU C 835 50.14 -11.69 -3.76
N LEU C 836 50.42 -11.91 -2.48
CA LEU C 836 49.65 -12.82 -1.65
C LEU C 836 49.25 -12.10 -0.38
N THR C 837 47.95 -11.93 -0.17
CA THR C 837 47.41 -11.28 1.00
C THR C 837 46.68 -12.30 1.86
N ALA C 838 47.04 -12.36 3.13
CA ALA C 838 46.38 -13.22 4.11
C ALA C 838 45.84 -12.36 5.22
N ASN C 839 44.52 -12.29 5.32
CA ASN C 839 43.84 -11.52 6.36
C ASN C 839 43.19 -12.49 7.34
N LEU C 840 43.59 -12.40 8.60
CA LEU C 840 43.06 -13.22 9.67
C LEU C 840 42.47 -12.30 10.72
N SER C 841 41.35 -12.68 11.32
CA SER C 841 40.72 -11.82 12.31
C SER C 841 40.31 -12.65 13.51
N PHE C 842 40.64 -12.16 14.71
CA PHE C 842 40.33 -12.90 15.93
C PHE C 842 39.34 -12.15 16.79
N ASN C 843 38.40 -12.93 17.36
CA ASN C 843 37.48 -12.48 18.40
C ASN C 843 37.61 -13.46 19.55
N LEU C 844 38.27 -13.05 20.62
CA LEU C 844 38.58 -13.90 21.76
C LEU C 844 38.04 -13.31 23.05
N GLY C 845 37.49 -14.18 23.89
CA GLY C 845 37.06 -13.82 25.22
C GLY C 845 35.57 -13.80 25.46
N GLY C 846 34.76 -14.21 24.50
CA GLY C 846 33.31 -14.10 24.63
C GLY C 846 32.66 -15.38 25.11
N TYR C 847 31.37 -15.28 25.38
CA TYR C 847 30.54 -16.43 25.73
C TYR C 847 29.22 -16.31 24.98
N VAL C 848 28.58 -17.44 24.73
CA VAL C 848 27.32 -17.48 24.03
C VAL C 848 26.42 -18.51 24.69
N ARG C 849 25.16 -18.13 24.95
CA ARG C 849 24.19 -19.05 25.53
C ARG C 849 23.44 -19.73 24.39
N THR C 850 23.77 -21.00 24.14
CA THR C 850 23.15 -21.76 23.09
C THR C 850 21.86 -22.41 23.57
N THR C 851 20.89 -22.53 22.67
CA THR C 851 19.65 -23.20 23.00
C THR C 851 19.92 -24.65 23.34
N PRO C 852 19.26 -25.22 24.36
CA PRO C 852 19.53 -26.60 24.74
C PRO C 852 19.32 -27.56 23.58
N SER C 853 20.20 -28.57 23.51
CA SER C 853 20.08 -29.57 22.45
C SER C 853 18.73 -30.25 22.48
N TYR C 854 18.18 -30.45 23.68
CA TYR C 854 16.87 -31.07 23.86
C TYR C 854 16.30 -30.60 25.18
N ASN C 855 14.98 -30.51 25.24
CA ASN C 855 14.28 -30.20 26.48
C ASN C 855 13.96 -31.50 27.21
N PHE C 856 14.23 -31.53 28.51
CA PHE C 856 14.01 -32.75 29.34
C PHE C 856 12.52 -32.95 29.66
N ILE C 857 11.71 -31.92 29.46
CA ILE C 857 10.28 -32.01 29.73
C ILE C 857 9.46 -32.01 28.46
N ASN C 858 9.77 -31.13 27.52
CA ASN C 858 8.99 -30.94 26.30
C ASN C 858 9.71 -31.44 25.05
N PHE C 859 10.45 -32.55 25.17
CA PHE C 859 11.17 -33.06 24.02
C PHE C 859 10.21 -33.56 22.96
N ASP C 860 10.29 -32.98 21.76
CA ASP C 860 9.44 -33.37 20.64
C ASP C 860 10.16 -34.47 19.86
N ARG C 861 9.59 -35.67 19.89
CA ARG C 861 10.15 -36.81 19.15
C ARG C 861 9.72 -36.84 17.71
N GLY C 862 8.86 -35.93 17.27
CA GLY C 862 8.51 -35.81 15.88
C GLY C 862 9.47 -35.01 15.06
N GLN C 863 10.51 -34.47 15.68
CA GLN C 863 11.52 -33.68 15.00
C GLN C 863 12.90 -34.25 15.32
N ASN C 864 13.83 -34.05 14.40
CA ASN C 864 15.18 -34.57 14.57
C ASN C 864 15.90 -33.83 15.69
N VAL C 865 16.97 -34.45 16.19
CA VAL C 865 17.71 -33.94 17.34
C VAL C 865 19.19 -34.24 17.16
N ASN C 866 20.03 -33.56 17.95
CA ASN C 866 21.47 -33.76 17.95
C ASN C 866 21.84 -35.15 18.40
N SER C 867 23.14 -35.46 18.37
CA SER C 867 23.64 -36.64 19.04
C SER C 867 23.78 -36.45 20.54
N ASP C 868 23.56 -35.22 21.03
CA ASP C 868 23.61 -34.96 22.47
C ASP C 868 22.54 -35.74 23.22
N ILE C 869 21.42 -36.05 22.57
CA ILE C 869 20.39 -36.89 23.18
C ILE C 869 20.92 -38.28 23.48
N LEU C 870 21.98 -38.70 22.79
CA LEU C 870 22.61 -39.98 23.10
C LEU C 870 23.55 -39.90 24.29
N ASP C 871 23.90 -38.70 24.74
CA ASP C 871 24.74 -38.50 25.91
C ASP C 871 23.93 -38.27 27.18
N ARG C 872 22.60 -38.31 27.09
CA ARG C 872 21.74 -38.07 28.24
C ARG C 872 21.74 -39.27 29.18
N TRP C 873 21.38 -39.00 30.43
CA TRP C 873 21.27 -40.06 31.43
C TRP C 873 20.05 -40.92 31.15
N THR C 874 20.24 -42.23 31.15
CA THR C 874 19.16 -43.20 31.03
C THR C 874 19.44 -44.31 32.04
N PRO C 875 18.41 -45.07 32.42
CA PRO C 875 18.67 -46.21 33.32
C PRO C 875 19.66 -47.20 32.73
N GLU C 876 19.75 -47.28 31.41
CA GLU C 876 20.74 -48.14 30.76
C GLU C 876 22.09 -47.46 30.63
N ASN C 877 22.12 -46.13 30.50
CA ASN C 877 23.35 -45.35 30.44
C ASN C 877 23.36 -44.45 31.67
N THR C 878 23.84 -44.99 32.79
CA THR C 878 23.80 -44.29 34.07
C THR C 878 24.95 -43.30 34.23
N ASP C 879 25.92 -43.28 33.33
CA ASP C 879 27.01 -42.33 33.37
C ASP C 879 26.85 -41.23 32.32
N GLY C 880 25.64 -41.00 31.85
CA GLY C 880 25.39 -39.90 30.95
C GLY C 880 25.59 -38.56 31.63
N ARG C 881 26.08 -37.60 30.86
CA ARG C 881 26.42 -36.29 31.40
C ARG C 881 25.28 -35.29 31.29
N LEU C 882 24.49 -35.38 30.27
CA LEU C 882 23.40 -34.42 30.11
C LEU C 882 22.15 -34.90 30.84
N PRO C 883 21.27 -33.98 31.25
CA PRO C 883 20.13 -34.39 32.08
C PRO C 883 19.19 -35.33 31.35
N ALA C 884 18.55 -36.20 32.12
CA ALA C 884 17.63 -37.19 31.60
C ALA C 884 16.29 -36.56 31.27
N LEU C 885 15.50 -37.27 30.47
CA LEU C 885 14.13 -36.85 30.17
C LEU C 885 13.25 -37.22 31.37
N ILE C 886 12.70 -36.22 32.03
CA ILE C 886 12.03 -36.42 33.31
C ILE C 886 10.52 -36.49 33.08
N THR C 887 9.83 -37.12 34.03
CA THR C 887 8.38 -37.29 33.98
C THR C 887 7.79 -36.90 35.33
N SER C 888 6.49 -36.60 35.31
CA SER C 888 5.77 -36.23 36.52
C SER C 888 5.47 -37.43 37.41
N GLU C 889 5.71 -38.64 36.94
CA GLU C 889 5.46 -39.82 37.76
C GLU C 889 6.35 -39.83 39.00
N LYS C 890 7.62 -39.46 38.85
CA LYS C 890 8.57 -39.37 39.94
C LYS C 890 8.94 -37.91 40.15
N ARG C 891 8.95 -37.48 41.41
CA ARG C 891 9.28 -36.10 41.78
C ARG C 891 8.38 -35.00 41.23
N ALA C 892 7.06 -35.19 41.40
CA ALA C 892 6.08 -34.34 40.73
C ALA C 892 6.34 -32.87 41.02
N ASP C 893 6.72 -32.53 42.25
CA ASP C 893 6.95 -31.13 42.60
C ASP C 893 8.12 -30.55 41.81
N GLU C 894 9.24 -31.28 41.76
CA GLU C 894 10.39 -30.81 40.99
C GLU C 894 10.06 -30.71 39.51
N TYR C 895 9.36 -31.70 38.96
CA TYR C 895 9.01 -31.67 37.55
C TYR C 895 8.13 -30.48 37.23
N TYR C 896 7.16 -30.19 38.09
CA TYR C 896 6.20 -29.13 37.81
C TYR C 896 6.83 -27.76 38.04
N TRP C 897 7.78 -27.67 38.97
CA TRP C 897 8.54 -26.43 39.12
C TRP C 897 9.41 -26.17 37.90
N TYR C 898 10.10 -27.21 37.41
CA TYR C 898 10.82 -27.08 36.15
C TYR C 898 9.88 -26.72 35.01
N ASP C 899 8.65 -27.22 35.05
CA ASP C 899 7.70 -26.97 33.97
C ASP C 899 7.26 -25.52 33.93
N GLN C 900 6.87 -24.97 35.08
CA GLN C 900 6.40 -23.59 35.08
C GLN C 900 7.53 -22.59 34.96
N LYS C 901 8.65 -22.84 35.64
CA LYS C 901 9.86 -22.02 35.51
C LYS C 901 10.71 -22.62 34.39
N SER C 902 10.30 -22.34 33.16
CA SER C 902 10.96 -22.90 31.99
C SER C 902 12.33 -22.31 31.73
N GLU C 903 12.71 -21.25 32.43
CA GLU C 903 14.00 -20.60 32.25
C GLU C 903 15.09 -21.14 33.16
N ILE C 904 14.76 -22.05 34.09
CA ILE C 904 15.81 -22.65 34.90
C ILE C 904 16.67 -23.58 34.05
N TYR C 905 16.02 -24.40 33.22
CA TYR C 905 16.75 -25.30 32.34
C TYR C 905 17.44 -24.55 31.21
N LYS C 906 16.83 -23.48 30.72
CA LYS C 906 17.43 -22.69 29.65
C LYS C 906 18.59 -21.83 30.12
N ASN C 907 18.70 -21.57 31.42
CA ASN C 907 19.77 -20.76 31.99
C ASN C 907 20.78 -21.59 32.76
N LEU C 908 20.88 -22.88 32.49
CA LEU C 908 21.90 -23.69 33.13
C LEU C 908 23.26 -23.38 32.52
N ASP C 909 24.32 -23.56 33.32
CA ASP C 909 25.65 -23.22 32.86
C ASP C 909 26.18 -24.17 31.80
N ILE C 910 25.49 -25.28 31.53
CA ILE C 910 25.96 -26.24 30.55
C ILE C 910 25.63 -25.83 29.13
N TRP C 911 24.72 -24.90 28.92
CA TRP C 911 24.38 -24.41 27.59
C TRP C 911 25.14 -23.15 27.22
N VAL C 912 26.01 -22.65 28.10
CA VAL C 912 26.83 -21.48 27.84
C VAL C 912 28.20 -21.94 27.42
N LYS C 913 28.68 -21.45 26.28
CA LYS C 913 29.90 -21.94 25.65
C LYS C 913 30.80 -20.80 25.24
N LYS C 914 32.11 -21.07 25.26
CA LYS C 914 33.11 -20.06 24.96
C LYS C 914 33.06 -19.63 23.50
N LEU C 915 33.58 -18.45 23.24
CA LEU C 915 33.59 -17.80 21.93
C LEU C 915 34.98 -17.18 21.75
N ASN C 916 35.89 -17.97 21.17
CA ASN C 916 37.27 -17.56 20.86
C ASN C 916 37.56 -18.12 19.47
N TYR C 917 37.32 -17.31 18.43
CA TYR C 917 37.54 -17.80 17.07
C TYR C 917 38.45 -16.89 16.28
N PHE C 918 39.36 -17.52 15.53
CA PHE C 918 40.13 -16.89 14.47
C PHE C 918 39.53 -17.29 13.14
N ARG C 919 39.33 -16.33 12.25
CA ARG C 919 38.75 -16.58 10.94
C ARG C 919 39.69 -16.05 9.87
N LEU C 920 39.97 -16.87 8.87
CA LEU C 920 40.70 -16.42 7.69
C LEU C 920 39.72 -15.63 6.84
N GLN C 921 39.69 -14.32 7.06
CA GLN C 921 38.72 -13.48 6.38
C GLN C 921 38.97 -13.45 4.88
N ASN C 922 40.23 -13.43 4.48
CA ASN C 922 40.59 -13.30 3.08
C ASN C 922 41.94 -13.94 2.86
N LEU C 923 42.06 -14.70 1.78
CA LEU C 923 43.34 -15.18 1.29
C LEU C 923 43.39 -14.93 -0.21
N ARG C 924 44.14 -13.92 -0.62
CA ARG C 924 44.19 -13.51 -2.02
C ARG C 924 45.56 -13.77 -2.61
N LEU C 925 45.58 -14.28 -3.85
CA LEU C 925 46.80 -14.40 -4.64
C LEU C 925 46.58 -13.67 -5.94
N GLY C 926 47.42 -12.68 -6.23
CA GLY C 926 47.26 -11.91 -7.44
C GLY C 926 48.41 -12.07 -8.40
N TYR C 927 48.21 -11.69 -9.65
CA TYR C 927 49.25 -11.74 -10.66
C TYR C 927 49.03 -10.59 -11.64
N ARG C 928 50.00 -9.68 -11.72
CA ARG C 928 49.93 -8.59 -12.69
C ARG C 928 50.62 -9.03 -13.97
N LEU C 929 49.89 -9.00 -15.07
CA LEU C 929 50.44 -9.47 -16.33
C LEU C 929 51.60 -8.57 -16.74
N PRO C 930 52.67 -9.13 -17.31
CA PRO C 930 53.84 -8.31 -17.64
C PRO C 930 53.52 -7.24 -18.67
N GLU C 931 54.25 -6.13 -18.58
CA GLU C 931 53.94 -4.96 -19.39
C GLU C 931 53.94 -5.28 -20.89
N LYS C 932 54.77 -6.23 -21.32
CA LYS C 932 54.79 -6.61 -22.72
C LYS C 932 53.45 -7.17 -23.16
N MET C 933 52.86 -8.05 -22.35
CA MET C 933 51.56 -8.63 -22.71
C MET C 933 50.46 -7.59 -22.71
N THR C 934 50.47 -6.67 -21.74
CA THR C 934 49.47 -5.60 -21.72
C THR C 934 49.60 -4.70 -22.94
N LYS C 935 50.83 -4.32 -23.30
CA LYS C 935 51.03 -3.51 -24.50
C LYS C 935 50.61 -4.26 -25.76
N SER C 936 50.81 -5.58 -25.78
CA SER C 936 50.39 -6.36 -26.94
C SER C 936 48.89 -6.27 -27.16
N LEU C 937 48.11 -6.30 -26.08
CA LEU C 937 46.65 -6.27 -26.16
C LEU C 937 46.09 -4.85 -26.12
N GLY C 938 46.95 -3.84 -26.13
CA GLY C 938 46.48 -2.46 -26.01
C GLY C 938 45.89 -2.15 -24.65
N MET C 939 46.46 -2.72 -23.59
CA MET C 939 45.94 -2.58 -22.24
C MET C 939 46.91 -1.73 -21.43
N GLY C 940 46.37 -0.72 -20.75
CA GLY C 940 47.20 0.04 -19.82
C GLY C 940 47.76 -0.83 -18.72
N SER C 941 46.94 -1.74 -18.20
CA SER C 941 47.40 -2.73 -17.23
C SER C 941 46.42 -3.89 -17.24
N ALA C 942 46.86 -5.01 -16.67
CA ALA C 942 45.98 -6.17 -16.52
C ALA C 942 46.43 -6.93 -15.29
N SER C 943 45.46 -7.58 -14.65
CA SER C 943 45.74 -8.34 -13.44
C SER C 943 44.70 -9.43 -13.30
N VAL C 944 45.09 -10.54 -12.70
CA VAL C 944 44.18 -11.61 -12.34
C VAL C 944 44.38 -11.89 -10.86
N ALA C 945 43.38 -12.49 -10.24
CA ALA C 945 43.49 -12.85 -8.84
C ALA C 945 42.59 -14.02 -8.53
N ILE C 946 42.98 -14.80 -7.53
CA ILE C 946 42.14 -15.82 -6.93
C ILE C 946 42.04 -15.55 -5.44
N GLU C 947 40.81 -15.49 -4.93
CA GLU C 947 40.52 -15.09 -3.55
C GLU C 947 39.73 -16.18 -2.86
N GLY C 948 40.04 -16.41 -1.59
CA GLY C 948 39.30 -17.33 -0.76
C GLY C 948 38.77 -16.64 0.47
N ARG C 949 37.45 -16.66 0.64
CA ARG C 949 36.76 -15.95 1.69
C ARG C 949 36.17 -16.93 2.68
N ASN C 950 36.48 -16.72 3.97
CA ASN C 950 36.00 -17.57 5.06
C ASN C 950 36.39 -19.03 4.86
N LEU C 951 37.61 -19.26 4.37
CA LEU C 951 38.03 -20.62 4.07
C LEU C 951 38.43 -21.41 5.31
N LEU C 952 38.64 -20.76 6.45
CA LEU C 952 39.16 -21.45 7.62
C LEU C 952 38.78 -20.69 8.88
N VAL C 953 38.24 -21.41 9.85
CA VAL C 953 37.94 -20.88 11.18
C VAL C 953 38.48 -21.87 12.20
N PHE C 954 39.17 -21.36 13.22
CA PHE C 954 39.68 -22.19 14.30
C PHE C 954 39.49 -21.45 15.62
N GLY C 955 39.94 -22.07 16.71
CA GLY C 955 39.78 -21.53 18.03
C GLY C 955 39.01 -22.46 18.94
N SER C 956 38.16 -21.88 19.78
CA SER C 956 37.30 -22.66 20.65
C SER C 956 36.35 -23.50 19.83
N SER C 957 36.03 -24.69 20.34
CA SER C 957 35.16 -25.60 19.63
C SER C 957 33.73 -25.07 19.59
N TYR C 958 33.05 -25.29 18.49
CA TYR C 958 31.66 -24.91 18.29
C TYR C 958 31.05 -26.19 17.76
N LYS C 959 30.99 -27.20 18.63
CA LYS C 959 30.35 -28.47 18.33
C LYS C 959 28.85 -28.30 18.21
N ASN C 960 28.26 -29.01 17.25
CA ASN C 960 26.83 -29.02 16.89
C ASN C 960 26.40 -27.77 16.14
N PHE C 961 27.34 -26.95 15.68
CA PHE C 961 27.02 -25.70 15.01
C PHE C 961 27.85 -25.58 13.75
N LEU C 962 27.32 -24.84 12.78
CA LEU C 962 27.98 -24.66 11.49
C LEU C 962 29.00 -23.54 11.50
N ASP C 963 29.02 -22.70 12.53
CA ASP C 963 29.88 -21.53 12.57
C ASP C 963 30.01 -21.07 14.02
N PRO C 964 31.16 -20.53 14.41
CA PRO C 964 31.29 -20.02 15.79
C PRO C 964 30.35 -18.88 16.11
N GLU C 965 29.93 -18.09 15.14
CA GLU C 965 28.93 -17.06 15.40
C GLU C 965 27.55 -17.43 14.85
N SER C 966 27.32 -18.71 14.56
CA SER C 966 25.98 -19.25 14.37
C SER C 966 25.46 -19.97 15.60
N MET C 967 26.14 -19.82 16.73
CA MET C 967 25.80 -20.54 17.95
C MET C 967 24.64 -19.90 18.71
N TYR C 968 24.27 -18.67 18.38
CA TYR C 968 23.18 -17.99 19.06
C TYR C 968 21.86 -18.07 18.31
N ASN C 969 21.88 -17.82 17.01
CA ASN C 969 20.67 -17.81 16.20
C ASN C 969 20.66 -19.01 15.27
N PRO C 970 19.75 -19.97 15.45
CA PRO C 970 19.66 -21.10 14.50
C PRO C 970 18.90 -20.76 13.23
N TYR C 971 18.33 -19.56 13.14
CA TYR C 971 17.47 -19.18 12.03
C TYR C 971 18.21 -18.40 10.95
N ALA C 972 19.50 -18.17 11.11
CA ALA C 972 20.29 -17.41 10.17
C ALA C 972 21.37 -18.28 9.57
N PRO C 973 21.56 -18.27 8.25
CA PRO C 973 22.57 -19.13 7.65
C PRO C 973 23.96 -18.68 8.06
N PRO C 974 24.92 -19.60 8.11
CA PRO C 974 26.29 -19.22 8.48
C PRO C 974 26.96 -18.44 7.37
N ILE C 975 28.08 -17.82 7.71
CA ILE C 975 28.86 -17.06 6.75
C ILE C 975 29.36 -18.00 5.67
N PRO C 976 29.07 -17.74 4.41
CA PRO C 976 29.51 -18.64 3.35
C PRO C 976 31.00 -18.54 3.10
N LYS C 977 31.59 -19.67 2.70
CA LYS C 977 32.92 -19.68 2.13
C LYS C 977 32.81 -19.48 0.63
N SER C 978 33.81 -18.81 0.06
CA SER C 978 33.77 -18.49 -1.36
C SER C 978 35.16 -18.62 -1.97
N ILE C 979 35.21 -18.97 -3.25
CA ILE C 979 36.42 -18.91 -4.05
C ILE C 979 36.10 -18.11 -5.29
N THR C 980 36.76 -16.97 -5.46
CA THR C 980 36.43 -16.04 -6.53
C THR C 980 37.65 -15.78 -7.41
N PHE C 981 37.40 -15.65 -8.71
CA PHE C 981 38.42 -15.32 -9.69
C PHE C 981 38.14 -13.95 -10.27
N SER C 982 39.13 -13.07 -10.24
CA SER C 982 38.98 -11.68 -10.63
C SER C 982 39.89 -11.37 -11.80
N LEU C 983 39.36 -10.61 -12.77
CA LEU C 983 40.13 -10.09 -13.88
C LEU C 983 39.94 -8.57 -13.92
N ASN C 984 41.04 -7.83 -13.86
CA ASN C 984 41.02 -6.38 -13.89
C ASN C 984 41.82 -5.88 -15.09
N LEU C 985 41.22 -4.98 -15.86
CA LEU C 985 41.84 -4.37 -17.02
C LEU C 985 41.85 -2.87 -16.86
N ASN C 986 42.95 -2.23 -17.28
CA ASN C 986 43.10 -0.78 -17.29
C ASN C 986 43.35 -0.37 -18.74
N PHE C 987 42.32 0.15 -19.39
CA PHE C 987 42.44 0.56 -20.77
C PHE C 987 43.21 1.87 -20.83
N ASP D 1 20.75 24.03 -39.69
CA ASP D 1 21.66 22.89 -39.56
C ASP D 1 21.54 21.97 -40.76
N ALA D 2 22.43 20.98 -40.82
CA ALA D 2 22.49 20.04 -41.93
C ALA D 2 22.37 18.59 -41.44
N VAL D 3 21.74 18.38 -40.29
CA VAL D 3 21.62 17.07 -39.69
C VAL D 3 20.23 16.91 -39.09
N VAL D 4 19.64 15.74 -39.29
CA VAL D 4 18.35 15.36 -38.73
C VAL D 4 18.57 14.10 -37.92
N VAL D 5 18.09 14.08 -36.69
CA VAL D 5 18.20 12.90 -35.84
C VAL D 5 16.85 12.22 -35.74
N THR D 6 16.85 10.90 -35.91
CA THR D 6 15.62 10.11 -35.87
C THR D 6 15.52 9.23 -34.64
N GLY D 7 16.52 9.24 -33.76
CA GLY D 7 16.57 8.34 -32.64
C GLY D 7 17.29 7.05 -32.90
N TYR D 8 17.56 6.73 -34.16
CA TYR D 8 18.33 5.55 -34.55
C TYR D 8 19.59 5.93 -35.30
N GLN D 9 19.56 6.96 -36.13
CA GLN D 9 20.72 7.35 -36.90
C GLN D 9 20.56 8.79 -37.34
N THR D 10 21.66 9.37 -37.80
CA THR D 10 21.73 10.76 -38.21
C THR D 10 21.73 10.85 -39.73
N VAL D 11 20.89 11.74 -40.26
CA VAL D 11 20.68 11.88 -41.69
C VAL D 11 21.12 13.27 -42.10
N GLU D 12 21.87 13.36 -43.20
CA GLU D 12 22.22 14.67 -43.75
C GLU D 12 20.97 15.32 -44.33
N ARG D 13 20.91 16.66 -44.21
CA ARG D 13 19.74 17.38 -44.71
C ARG D 13 19.59 17.22 -46.21
N ARG D 14 20.69 17.14 -46.95
CA ARG D 14 20.65 16.96 -48.39
C ARG D 14 20.22 15.56 -48.81
N LYS D 15 20.16 14.63 -47.87
CA LYS D 15 19.74 13.26 -48.15
C LYS D 15 18.44 12.90 -47.46
N LEU D 16 17.79 13.84 -46.81
CA LEU D 16 16.56 13.58 -46.07
C LEU D 16 15.39 13.50 -47.04
N THR D 17 14.83 12.30 -47.18
CA THR D 17 13.70 12.05 -48.06
C THR D 17 12.37 12.04 -47.32
N ALA D 18 12.36 12.40 -46.04
CA ALA D 18 11.21 12.31 -45.16
C ALA D 18 10.68 13.68 -44.81
N ALA D 19 9.46 13.69 -44.25
CA ALA D 19 8.83 14.91 -43.74
C ALA D 19 9.14 15.01 -42.26
N VAL D 20 10.03 15.94 -41.91
CA VAL D 20 10.55 16.09 -40.56
C VAL D 20 10.41 17.54 -40.15
N GLY D 21 9.81 17.78 -38.98
CA GLY D 21 9.74 19.11 -38.41
C GLY D 21 10.80 19.28 -37.34
N LYS D 22 11.30 20.50 -37.19
CA LYS D 22 12.40 20.77 -36.28
C LYS D 22 12.12 22.04 -35.49
N LEU D 23 12.45 22.02 -34.20
CA LEU D 23 12.31 23.19 -33.35
C LEU D 23 13.54 23.29 -32.46
N ASN D 24 14.09 24.49 -32.34
CA ASN D 24 15.23 24.74 -31.47
C ASN D 24 14.71 25.26 -30.13
N ILE D 25 15.06 24.56 -29.05
CA ILE D 25 14.55 24.89 -27.73
C ILE D 25 15.50 25.87 -27.09
N SER D 26 15.04 27.10 -26.91
CA SER D 26 15.82 28.14 -26.24
C SER D 26 14.82 29.13 -25.64
N ASP D 27 15.34 30.07 -24.87
CA ASP D 27 14.47 31.09 -24.26
C ASP D 27 13.85 31.99 -25.31
N GLU D 28 14.56 32.26 -26.41
CA GLU D 28 14.06 33.17 -27.43
C GLU D 28 12.94 32.54 -28.25
N THR D 29 13.05 31.25 -28.57
CA THR D 29 12.00 30.56 -29.30
C THR D 29 10.93 30.04 -28.35
N ILE D 30 11.32 29.17 -27.43
CA ILE D 30 10.43 28.68 -26.39
C ILE D 30 10.40 29.68 -25.24
N GLY D 31 9.21 29.99 -24.75
CA GLY D 31 9.11 30.95 -23.67
C GLY D 31 9.42 30.25 -22.37
N ALA D 32 9.06 30.91 -21.27
CA ALA D 32 9.37 30.41 -19.93
C ALA D 32 8.24 29.39 -19.75
N VAL D 33 8.45 28.20 -20.32
CA VAL D 33 7.63 27.04 -20.07
C VAL D 33 8.39 26.08 -19.16
N LYS D 34 7.64 25.18 -18.51
CA LYS D 34 8.23 24.20 -17.62
C LYS D 34 8.15 22.77 -18.13
N SER D 35 7.30 22.51 -19.13
CA SER D 35 7.24 21.22 -19.78
C SER D 35 7.50 21.38 -21.26
N ILE D 36 8.14 20.37 -21.86
CA ILE D 36 8.50 20.43 -23.28
C ILE D 36 7.35 20.01 -24.19
N ASP D 37 6.22 19.58 -23.63
CA ASP D 37 5.04 19.36 -24.45
C ASP D 37 4.13 20.56 -24.52
N GLN D 38 4.23 21.49 -23.57
CA GLN D 38 3.49 22.74 -23.63
C GLN D 38 4.18 23.79 -24.47
N ALA D 39 5.42 23.54 -24.89
CA ALA D 39 6.20 24.47 -25.70
C ALA D 39 6.05 24.20 -27.19
N LEU D 40 5.27 23.20 -27.58
CA LEU D 40 5.16 22.77 -28.96
C LEU D 40 3.93 23.33 -29.67
N ALA D 41 3.18 24.21 -29.00
CA ALA D 41 1.92 24.69 -29.55
C ALA D 41 2.19 25.77 -30.59
N GLY D 42 1.85 25.48 -31.85
CA GLY D 42 1.99 26.42 -32.92
C GLY D 42 3.34 26.53 -33.58
N GLN D 43 4.24 25.58 -33.32
CA GLN D 43 5.61 25.69 -33.79
C GLN D 43 6.06 24.58 -34.72
N ILE D 44 5.29 23.50 -34.84
CA ILE D 44 5.52 22.47 -35.84
C ILE D 44 4.24 22.35 -36.66
N ALA D 45 4.38 22.38 -37.98
CA ALA D 45 3.22 22.27 -38.86
C ALA D 45 2.80 20.82 -38.93
N GLY D 46 1.57 20.54 -38.54
CA GLY D 46 1.06 19.18 -38.49
C GLY D 46 1.06 18.55 -37.11
N LEU D 47 1.51 19.28 -36.09
CA LEU D 47 1.51 18.79 -34.72
C LEU D 47 0.57 19.69 -33.91
N SER D 48 -0.58 19.15 -33.54
CA SER D 48 -1.61 19.88 -32.84
C SER D 48 -1.51 19.59 -31.34
N VAL D 49 -1.40 20.65 -30.54
CA VAL D 49 -1.28 20.55 -29.09
C VAL D 49 -2.49 21.21 -28.45
N THR D 50 -3.15 20.47 -27.56
CA THR D 50 -4.34 20.95 -26.86
C THR D 50 -4.14 20.77 -25.36
N SER D 51 -4.70 21.68 -24.58
CA SER D 51 -4.52 21.67 -23.13
C SER D 51 -5.58 20.78 -22.49
N THR D 52 -5.13 19.80 -21.71
CA THR D 52 -6.05 18.99 -20.91
C THR D 52 -6.69 19.83 -19.80
N SER D 53 -5.87 20.61 -19.10
CA SER D 53 -6.32 21.49 -18.03
C SER D 53 -5.44 22.73 -18.00
N GLY D 54 -5.76 23.65 -17.11
CA GLY D 54 -4.86 24.71 -16.73
C GLY D 54 -4.13 24.42 -15.46
N ALA D 55 -4.35 23.26 -14.86
CA ALA D 55 -3.69 22.91 -13.61
C ALA D 55 -2.20 22.66 -13.84
N PRO D 56 -1.37 22.94 -12.83
CA PRO D 56 0.07 22.66 -12.98
C PRO D 56 0.33 21.17 -13.12
N GLY D 57 1.17 20.83 -14.10
CA GLY D 57 1.54 19.45 -14.35
C GLY D 57 0.58 18.66 -15.22
N ALA D 58 -0.53 19.25 -15.62
CA ALA D 58 -1.47 18.54 -16.47
C ALA D 58 -0.85 18.28 -17.85
N PRO D 59 -1.01 17.07 -18.39
CA PRO D 59 -0.41 16.77 -19.69
C PRO D 59 -1.09 17.51 -20.83
N ALA D 60 -0.58 17.34 -22.04
CA ALA D 60 -1.15 17.93 -23.23
C ALA D 60 -1.54 16.83 -24.20
N LYS D 61 -2.57 17.10 -25.00
CA LYS D 61 -3.04 16.18 -26.02
C LYS D 61 -2.39 16.57 -27.33
N ILE D 62 -1.47 15.76 -27.81
CA ILE D 62 -0.70 16.04 -29.02
C ILE D 62 -1.09 15.04 -30.09
N ARG D 63 -1.46 15.55 -31.27
CA ARG D 63 -1.82 14.73 -32.42
C ARG D 63 -0.97 15.16 -33.60
N ILE D 64 -0.25 14.21 -34.20
CA ILE D 64 0.56 14.47 -35.38
C ILE D 64 -0.17 13.86 -36.57
N ARG D 65 -0.58 14.72 -37.50
CA ARG D 65 -1.33 14.31 -38.68
C ARG D 65 -2.62 13.59 -38.30
N GLY D 66 -3.29 14.11 -37.27
CA GLY D 66 -4.60 13.63 -36.88
C GLY D 66 -4.58 12.42 -35.96
N THR D 67 -5.76 11.83 -35.81
CA THR D 67 -5.93 10.60 -35.05
C THR D 67 -5.75 9.39 -35.96
N SER D 68 -5.01 8.40 -35.47
CA SER D 68 -4.65 7.25 -36.29
C SER D 68 -5.25 5.93 -35.81
N SER D 69 -5.93 5.91 -34.67
CA SER D 69 -6.60 4.71 -34.20
C SER D 69 -7.88 5.12 -33.50
N LEU D 70 -8.83 4.17 -33.45
CA LEU D 70 -10.09 4.40 -32.77
C LEU D 70 -10.02 3.97 -31.31
N ASN D 71 -9.53 2.77 -31.06
CA ASN D 71 -9.36 2.22 -29.70
C ASN D 71 -7.92 1.73 -29.59
N GLY D 72 -7.01 2.63 -29.24
CA GLY D 72 -5.61 2.27 -29.18
C GLY D 72 -4.78 3.46 -28.75
N THR D 73 -3.48 3.35 -28.99
CA THR D 73 -2.56 4.43 -28.64
C THR D 73 -2.74 5.57 -29.63
N GLN D 74 -3.22 6.71 -29.14
CA GLN D 74 -3.42 7.89 -29.98
C GLN D 74 -2.40 8.98 -29.72
N ASP D 75 -1.54 8.80 -28.82
CA ASP D 75 -0.51 9.73 -28.43
C ASP D 75 0.79 9.42 -29.18
N PRO D 76 1.62 10.43 -29.44
CA PRO D 76 2.88 10.19 -30.15
C PRO D 76 3.86 9.41 -29.29
N LEU D 77 4.97 9.06 -29.92
CA LEU D 77 6.08 8.41 -29.23
C LEU D 77 7.13 9.47 -28.92
N TRP D 78 7.54 9.52 -27.67
CA TRP D 78 8.57 10.45 -27.23
C TRP D 78 9.88 9.68 -27.06
N VAL D 79 10.93 10.16 -27.69
CA VAL D 79 12.23 9.52 -27.70
C VAL D 79 13.22 10.48 -27.05
N LEU D 80 13.86 10.05 -25.98
CA LEU D 80 14.84 10.87 -25.28
C LEU D 80 16.22 10.30 -25.56
N ASP D 81 17.00 11.00 -26.39
CA ASP D 81 18.37 10.63 -26.69
C ASP D 81 18.47 9.20 -27.22
N GLY D 82 17.53 8.83 -28.08
CA GLY D 82 17.53 7.53 -28.70
C GLY D 82 16.78 6.45 -27.96
N ILE D 83 16.40 6.68 -26.72
CA ILE D 83 15.71 5.71 -25.88
C ILE D 83 14.24 6.15 -25.78
N PRO D 84 13.29 5.34 -26.23
CA PRO D 84 11.89 5.73 -26.13
C PRO D 84 11.44 5.86 -24.68
N LEU D 85 10.52 6.78 -24.44
CA LEU D 85 10.06 7.08 -23.09
C LEU D 85 8.74 6.37 -22.83
N GLU D 86 8.59 5.86 -21.61
CA GLU D 86 7.36 5.23 -21.15
C GLU D 86 6.65 6.18 -20.20
N GLY D 87 5.34 6.00 -20.09
CA GLY D 87 4.54 6.84 -19.22
C GLY D 87 4.12 8.17 -19.80
N THR D 88 4.27 8.35 -21.11
CA THR D 88 3.91 9.60 -21.77
C THR D 88 2.50 9.59 -22.34
N ASP D 89 1.74 8.50 -22.14
CA ASP D 89 0.38 8.43 -22.65
C ASP D 89 -0.57 9.22 -21.77
N VAL D 90 -1.58 9.82 -22.40
CA VAL D 90 -2.61 10.63 -21.68
C VAL D 90 -3.93 9.86 -21.69
N PRO D 91 -4.24 9.05 -20.64
CA PRO D 91 -5.49 8.28 -20.59
C PRO D 91 -6.73 9.18 -20.72
N GLN D 92 -7.71 8.74 -21.50
CA GLN D 92 -8.98 9.50 -21.70
C GLN D 92 -10.05 8.93 -20.77
N SER D 93 -10.96 9.79 -20.28
CA SER D 93 -12.01 9.35 -19.37
C SER D 93 -13.34 9.95 -19.79
N ASN D 94 -14.41 9.22 -19.52
CA ASN D 94 -15.76 9.70 -19.79
C ASN D 94 -16.31 10.54 -18.65
N VAL D 95 -15.86 10.30 -17.43
CA VAL D 95 -16.26 11.14 -16.29
C VAL D 95 -15.50 12.45 -16.38
N LEU D 96 -16.23 13.56 -16.43
CA LEU D 96 -15.60 14.85 -16.63
C LEU D 96 -14.76 15.28 -15.42
N ASN D 97 -15.01 14.72 -14.24
CA ASN D 97 -14.24 15.09 -13.07
C ASN D 97 -12.91 14.34 -12.97
N ASP D 98 -12.73 13.29 -13.76
CA ASP D 98 -11.45 12.59 -13.77
C ASP D 98 -10.31 13.48 -14.23
N VAL D 99 -10.63 14.60 -14.89
CA VAL D 99 -9.62 15.57 -15.29
C VAL D 99 -8.93 16.17 -14.08
N SER D 100 -9.57 16.12 -12.91
CA SER D 100 -8.95 16.61 -11.69
C SER D 100 -8.03 15.59 -11.06
N ASN D 101 -8.04 14.34 -11.51
CA ASN D 101 -7.20 13.29 -10.96
C ASN D 101 -6.23 12.74 -12.01
N ILE D 102 -5.89 13.56 -13.01
CA ILE D 102 -5.03 13.09 -14.08
C ILE D 102 -3.64 12.80 -13.54
N GLN D 103 -2.94 11.91 -14.22
CA GLN D 103 -1.57 11.55 -13.86
C GLN D 103 -0.61 12.25 -14.82
N GLN D 104 0.46 12.79 -14.25
CA GLN D 104 1.46 13.48 -15.04
C GLN D 104 2.23 12.49 -15.90
N SER D 105 2.63 12.96 -17.08
CA SER D 105 3.46 12.18 -17.97
C SER D 105 4.93 12.33 -17.57
N SER D 106 5.74 11.37 -18.01
CA SER D 106 7.17 11.44 -17.72
C SER D 106 7.82 12.65 -18.37
N ILE D 107 7.21 13.19 -19.43
CA ILE D 107 7.69 14.40 -20.09
C ILE D 107 7.73 15.56 -19.11
N ALA D 108 6.87 15.55 -18.10
CA ALA D 108 6.87 16.62 -17.11
C ALA D 108 8.12 16.63 -16.24
N GLY D 109 8.91 15.56 -16.24
CA GLY D 109 10.12 15.53 -15.47
C GLY D 109 11.38 16.00 -16.18
N LEU D 110 11.24 16.50 -17.41
CA LEU D 110 12.37 16.90 -18.22
C LEU D 110 12.41 18.43 -18.28
N ASN D 111 13.53 19.00 -17.85
CA ASN D 111 13.71 20.44 -17.90
C ASN D 111 13.95 20.87 -19.34
N PRO D 112 13.14 21.78 -19.90
CA PRO D 112 13.45 22.33 -21.24
C PRO D 112 14.75 23.09 -21.29
N ALA D 113 15.34 23.47 -20.16
CA ALA D 113 16.65 24.10 -20.14
C ALA D 113 17.76 23.12 -20.48
N ASP D 114 17.47 21.83 -20.55
CA ASP D 114 18.44 20.82 -20.92
C ASP D 114 18.25 20.29 -22.34
N ILE D 115 17.15 20.63 -23.00
CA ILE D 115 16.87 20.14 -24.34
C ILE D 115 17.40 21.13 -25.36
N GLU D 116 18.12 20.64 -26.37
CA GLU D 116 18.68 21.43 -27.44
C GLU D 116 17.70 21.60 -28.60
N ASN D 117 17.22 20.48 -29.15
CA ASN D 117 16.25 20.48 -30.25
C ASN D 117 15.12 19.53 -29.93
N ILE D 118 14.03 19.70 -30.68
CA ILE D 118 12.91 18.78 -30.71
C ILE D 118 12.65 18.49 -32.19
N THR D 119 12.78 17.23 -32.58
CA THR D 119 12.56 16.81 -33.96
C THR D 119 11.31 15.94 -34.00
N VAL D 120 10.34 16.33 -34.82
CA VAL D 120 9.10 15.60 -34.95
C VAL D 120 9.12 14.83 -36.27
N LEU D 121 8.95 13.52 -36.17
CA LEU D 121 8.96 12.61 -37.32
C LEU D 121 7.51 12.41 -37.75
N LYS D 122 7.16 12.95 -38.91
CA LYS D 122 5.76 13.03 -39.35
C LYS D 122 5.41 12.00 -40.40
N ASP D 123 6.33 11.70 -41.31
CA ASP D 123 6.11 10.92 -42.51
C ASP D 123 6.29 9.43 -42.22
N ALA D 124 5.85 8.61 -43.18
CA ALA D 124 6.18 7.19 -43.13
C ALA D 124 7.68 6.98 -43.32
N ALA D 125 8.31 7.78 -44.17
CA ALA D 125 9.75 7.67 -44.37
C ALA D 125 10.53 8.07 -43.12
N ALA D 126 9.93 8.85 -42.24
CA ALA D 126 10.59 9.27 -41.01
C ALA D 126 10.30 8.35 -39.83
N THR D 127 9.14 7.71 -39.83
CA THR D 127 8.66 6.97 -38.67
C THR D 127 8.71 5.47 -38.82
N ALA D 128 8.79 4.94 -40.05
CA ALA D 128 8.64 3.50 -40.26
C ALA D 128 9.77 2.68 -39.67
N ILE D 129 10.86 3.32 -39.23
CA ILE D 129 11.89 2.60 -38.48
C ILE D 129 11.45 2.31 -37.04
N TYR D 130 10.33 2.87 -36.60
CA TYR D 130 9.78 2.57 -35.29
C TYR D 130 8.70 1.51 -35.32
N GLY D 131 8.35 1.02 -36.51
CA GLY D 131 7.50 -0.14 -36.64
C GLY D 131 6.11 0.04 -36.06
N ALA D 132 5.79 -0.75 -35.04
CA ALA D 132 4.47 -0.78 -34.43
C ALA D 132 4.12 0.47 -33.65
N ARG D 133 5.06 1.41 -33.51
CA ARG D 133 4.87 2.61 -32.72
C ARG D 133 4.98 3.86 -33.57
N ALA D 134 4.82 3.72 -34.89
CA ALA D 134 5.07 4.80 -35.82
C ALA D 134 3.82 5.53 -36.26
N ALA D 135 2.64 4.95 -36.08
CA ALA D 135 1.44 5.50 -36.70
C ALA D 135 1.03 6.85 -36.12
N ASN D 136 1.43 7.14 -34.89
CA ASN D 136 0.99 8.35 -34.20
C ASN D 136 2.01 9.47 -34.27
N GLY D 137 3.11 9.29 -34.98
CA GLY D 137 4.19 10.25 -34.98
C GLY D 137 5.17 9.99 -33.85
N VAL D 138 6.38 10.52 -34.03
CA VAL D 138 7.44 10.37 -33.05
C VAL D 138 8.07 11.74 -32.80
N ILE D 139 8.20 12.11 -31.53
CA ILE D 139 8.86 13.34 -31.12
C ILE D 139 10.15 12.95 -30.42
N VAL D 140 11.29 13.18 -31.07
CA VAL D 140 12.57 12.79 -30.50
C VAL D 140 13.21 14.00 -29.84
N ILE D 141 13.74 13.81 -28.64
CA ILE D 141 14.34 14.87 -27.85
C ILE D 141 15.85 14.71 -27.91
N THR D 142 16.54 15.77 -28.32
CA THR D 142 17.99 15.83 -28.24
C THR D 142 18.35 16.70 -27.04
N THR D 143 19.15 16.15 -26.13
CA THR D 143 19.58 16.85 -24.94
C THR D 143 20.87 17.61 -25.21
N LYS D 144 21.09 18.65 -24.42
CA LYS D 144 22.33 19.41 -24.53
C LYS D 144 23.51 18.59 -24.07
N LYS D 145 24.66 18.83 -24.70
CA LYS D 145 25.89 18.15 -24.34
C LYS D 145 27.01 19.18 -24.29
N GLY D 146 28.07 18.83 -23.58
CA GLY D 146 29.19 19.74 -23.44
C GLY D 146 29.95 19.89 -24.75
N LYS D 147 30.41 21.11 -25.00
CA LYS D 147 31.23 21.42 -26.16
C LYS D 147 32.69 21.47 -25.75
N VAL D 148 33.58 21.15 -26.69
CA VAL D 148 35.00 21.18 -26.41
C VAL D 148 35.44 22.62 -26.19
N GLY D 149 36.02 22.88 -25.04
CA GLY D 149 36.42 24.22 -24.67
C GLY D 149 36.33 24.39 -23.16
N LYS D 150 36.45 25.63 -22.73
CA LYS D 150 36.32 25.92 -21.31
C LYS D 150 34.91 25.61 -20.85
N PRO D 151 34.72 25.32 -19.56
CA PRO D 151 33.36 25.07 -19.07
C PRO D 151 32.47 26.27 -19.28
N VAL D 152 31.22 26.00 -19.63
CA VAL D 152 30.19 27.01 -19.82
C VAL D 152 29.20 26.87 -18.69
N ILE D 153 29.11 27.90 -17.85
CA ILE D 153 28.24 27.89 -16.67
C ILE D 153 27.11 28.88 -16.88
N ASN D 154 25.90 28.36 -17.01
CA ASN D 154 24.69 29.16 -17.23
C ASN D 154 23.84 29.11 -15.97
N PHE D 155 23.52 30.25 -15.40
CA PHE D 155 22.54 30.36 -14.35
C PHE D 155 21.32 31.09 -14.86
N SER D 156 20.14 30.61 -14.51
CA SER D 156 18.90 31.25 -14.94
C SER D 156 17.91 31.27 -13.80
N SER D 157 17.29 32.42 -13.56
CA SER D 157 16.27 32.55 -12.53
C SER D 157 15.06 33.26 -13.10
N LYS D 158 13.88 32.66 -12.93
CA LYS D 158 12.64 33.18 -13.46
C LYS D 158 11.64 33.36 -12.32
N PHE D 159 10.98 34.51 -12.28
CA PHE D 159 9.99 34.83 -11.27
C PHE D 159 8.68 35.19 -11.98
N THR D 160 7.63 34.42 -11.71
CA THR D 160 6.38 34.52 -12.44
C THR D 160 5.30 35.04 -11.52
N TYR D 161 4.50 35.99 -12.02
CA TYR D 161 3.28 36.43 -11.36
C TYR D 161 2.10 35.90 -12.18
N MET D 162 1.22 35.17 -11.53
CA MET D 162 0.02 34.64 -12.15
C MET D 162 -1.19 35.38 -11.61
N PRO D 163 -1.84 36.24 -12.39
CA PRO D 163 -2.99 36.96 -11.87
C PRO D 163 -4.12 36.03 -11.49
N THR D 164 -4.96 36.48 -10.57
CA THR D 164 -6.03 35.65 -10.05
C THR D 164 -7.04 35.35 -11.15
N LEU D 165 -7.73 34.22 -10.98
CA LEU D 165 -8.74 33.78 -11.93
C LEU D 165 -10.00 34.61 -11.70
N SER D 166 -10.35 35.46 -12.66
CA SER D 166 -11.50 36.33 -12.53
C SER D 166 -12.71 35.64 -13.13
N THR D 167 -13.67 35.29 -12.28
CA THR D 167 -14.90 34.62 -12.71
C THR D 167 -15.97 35.61 -13.13
N ASN D 168 -15.63 36.56 -14.00
CA ASN D 168 -16.59 37.51 -14.54
C ASN D 168 -17.15 37.05 -15.88
N ARG D 169 -16.40 36.23 -16.60
CA ARG D 169 -16.86 35.63 -17.84
C ARG D 169 -17.79 34.46 -17.61
N LEU D 170 -17.96 34.01 -16.37
CA LEU D 170 -18.87 32.93 -16.06
C LEU D 170 -20.33 33.36 -16.12
N ASN D 171 -20.58 34.67 -16.05
CA ASN D 171 -21.92 35.24 -16.23
C ASN D 171 -22.91 34.70 -15.20
N MET D 172 -22.46 34.56 -13.97
CA MET D 172 -23.31 34.06 -12.90
C MET D 172 -24.30 35.13 -12.45
N LEU D 173 -25.41 34.65 -11.89
CA LEU D 173 -26.44 35.52 -11.37
C LEU D 173 -25.97 36.11 -10.04
N ASN D 174 -26.11 37.43 -9.89
CA ASN D 174 -25.79 38.03 -8.61
C ASN D 174 -26.92 37.75 -7.63
N SER D 175 -26.76 38.23 -6.40
CA SER D 175 -27.73 37.90 -5.35
C SER D 175 -29.10 38.46 -5.66
N GLN D 176 -29.17 39.66 -6.23
CA GLN D 176 -30.45 40.28 -6.51
C GLN D 176 -31.26 39.46 -7.51
N GLU D 177 -30.66 39.14 -8.67
CA GLU D 177 -31.41 38.39 -9.67
C GLU D 177 -31.54 36.92 -9.32
N LYS D 178 -30.62 36.36 -8.54
CA LYS D 178 -30.80 34.99 -8.06
C LYS D 178 -32.01 34.90 -7.13
N VAL D 179 -32.15 35.84 -6.21
CA VAL D 179 -33.30 35.85 -5.32
C VAL D 179 -34.58 36.16 -6.09
N ASP D 180 -34.50 37.04 -7.09
CA ASP D 180 -35.66 37.31 -7.94
C ASP D 180 -36.11 36.05 -8.67
N LEU D 181 -35.16 35.29 -9.22
CA LEU D 181 -35.49 34.04 -9.91
C LEU D 181 -36.10 33.04 -8.94
N GLU D 182 -35.56 32.93 -7.73
CA GLU D 182 -36.11 32.01 -6.75
C GLU D 182 -37.53 32.39 -6.36
N LEU D 183 -37.79 33.70 -6.20
CA LEU D 183 -39.14 34.16 -5.89
C LEU D 183 -40.09 33.88 -7.05
N GLU D 184 -39.64 34.09 -8.28
CA GLU D 184 -40.47 33.83 -9.45
C GLU D 184 -40.79 32.35 -9.58
N LEU D 185 -39.82 31.48 -9.28
CA LEU D 185 -40.05 30.04 -9.35
C LEU D 185 -40.96 29.56 -8.23
N LEU D 186 -40.85 30.17 -7.04
CA LEU D 186 -41.73 29.78 -5.94
C LEU D 186 -43.19 30.14 -6.18
N ARG D 187 -43.44 31.10 -7.06
CA ARG D 187 -44.80 31.50 -7.40
C ARG D 187 -45.41 30.65 -8.51
N SER D 188 -44.61 29.90 -9.25
CA SER D 188 -45.09 29.13 -10.39
C SER D 188 -45.30 27.68 -9.97
N ASN D 189 -45.70 26.85 -10.94
CA ASN D 189 -45.97 25.44 -10.70
C ASN D 189 -44.76 24.56 -10.90
N PHE D 190 -43.62 25.12 -11.27
CA PHE D 190 -42.39 24.34 -11.36
C PHE D 190 -42.03 23.78 -10.00
N ALA D 191 -42.15 22.46 -9.87
CA ALA D 191 -41.90 21.78 -8.60
C ALA D 191 -40.75 20.81 -8.80
N TYR D 192 -39.53 21.33 -8.64
CA TYR D 192 -38.34 20.50 -8.50
C TYR D 192 -37.35 21.29 -7.65
N GLY D 193 -36.82 20.66 -6.62
CA GLY D 193 -35.98 21.40 -5.70
C GLY D 193 -36.73 22.51 -5.00
N ASP D 194 -38.05 22.35 -4.85
CA ASP D 194 -38.85 23.34 -4.15
C ASP D 194 -38.38 23.51 -2.71
N ASN D 195 -37.84 22.45 -2.11
CA ASN D 195 -37.26 22.51 -0.78
C ASN D 195 -35.88 23.15 -0.77
N LYS D 196 -35.27 23.35 -1.93
CA LYS D 196 -33.93 23.87 -2.06
C LYS D 196 -33.97 25.35 -2.39
N GLY D 197 -32.94 26.06 -1.96
CA GLY D 197 -32.82 27.49 -2.15
C GLY D 197 -32.65 28.20 -0.83
N GLY D 198 -32.76 29.52 -0.88
CA GLY D 198 -32.72 30.30 0.33
C GLY D 198 -34.03 31.01 0.55
N VAL D 199 -34.70 31.36 -0.55
CA VAL D 199 -36.01 31.98 -0.46
C VAL D 199 -37.05 30.97 0.02
N SER D 200 -37.02 29.76 -0.56
CA SER D 200 -37.99 28.75 -0.17
C SER D 200 -37.70 28.14 1.19
N LYS D 201 -36.50 28.34 1.74
CA LYS D 201 -36.23 27.93 3.10
C LYS D 201 -36.57 29.01 4.12
N ILE D 202 -36.45 30.27 3.73
CA ILE D 202 -36.91 31.36 4.58
C ILE D 202 -38.43 31.35 4.67
N ILE D 203 -39.11 31.20 3.52
CA ILE D 203 -40.56 31.24 3.50
C ILE D 203 -41.16 30.00 4.15
N SER D 204 -40.57 28.83 3.89
CA SER D 204 -41.09 27.61 4.51
C SER D 204 -40.87 27.60 6.01
N GLY D 205 -39.81 28.25 6.50
CA GLY D 205 -39.57 28.29 7.92
C GLY D 205 -40.68 28.98 8.69
N TYR D 206 -41.15 30.11 8.18
CA TYR D 206 -42.29 30.79 8.77
C TYR D 206 -43.62 30.19 8.33
N GLY D 207 -43.63 29.36 7.29
CA GLY D 207 -44.83 28.64 6.91
C GLY D 207 -45.77 29.37 5.98
N LEU D 208 -45.28 30.29 5.16
CA LEU D 208 -46.12 30.97 4.18
C LEU D 208 -45.86 30.52 2.75
N THR D 209 -45.49 29.26 2.55
CA THR D 209 -45.31 28.77 1.18
C THR D 209 -46.62 28.84 0.41
N ASP D 210 -47.72 28.35 1.01
CA ASP D 210 -49.02 28.45 0.36
C ASP D 210 -49.50 29.90 0.30
N ALA D 211 -49.25 30.66 1.37
CA ALA D 211 -49.63 32.08 1.37
C ALA D 211 -48.89 32.84 0.28
N TYR D 212 -47.60 32.57 0.11
CA TYR D 212 -46.85 33.23 -0.95
C TYR D 212 -47.30 32.76 -2.33
N LYS D 213 -47.57 31.46 -2.49
CA LYS D 213 -48.00 30.94 -3.77
C LYS D 213 -49.31 31.55 -4.21
N LYS D 214 -50.24 31.75 -3.27
CA LYS D 214 -51.53 32.33 -3.61
C LYS D 214 -51.45 33.86 -3.67
N GLY D 215 -50.86 34.48 -2.66
CA GLY D 215 -50.85 35.93 -2.56
C GLY D 215 -49.66 36.60 -3.21
N GLY D 216 -48.46 36.16 -2.87
CA GLY D 216 -47.25 36.73 -3.43
C GLY D 216 -46.45 37.50 -2.42
N TRP D 217 -45.86 38.60 -2.89
CA TRP D 217 -45.08 39.47 -2.01
C TRP D 217 -45.94 40.11 -0.94
N SER D 218 -47.17 40.49 -1.30
CA SER D 218 -48.07 41.10 -0.33
C SER D 218 -48.42 40.15 0.80
N ALA D 219 -48.68 38.89 0.48
CA ALA D 219 -49.06 37.89 1.47
C ALA D 219 -47.89 37.45 2.35
N LEU D 220 -46.75 38.11 2.27
CA LEU D 220 -45.57 37.74 3.03
C LEU D 220 -45.43 38.68 4.23
N THR D 221 -45.18 38.10 5.40
CA THR D 221 -45.08 38.90 6.61
C THR D 221 -43.86 39.82 6.56
N PRO D 222 -43.91 40.96 7.23
CA PRO D 222 -42.75 41.86 7.28
C PRO D 222 -41.46 41.19 7.72
N GLU D 223 -41.52 40.22 8.63
CA GLU D 223 -40.30 39.53 9.06
C GLU D 223 -39.69 38.72 7.92
N ALA D 224 -40.51 37.93 7.24
CA ALA D 224 -40.01 37.17 6.09
C ALA D 224 -39.57 38.11 4.96
N GLN D 225 -40.28 39.23 4.78
CA GLN D 225 -39.87 40.19 3.77
C GLN D 225 -38.50 40.77 4.08
N THR D 226 -38.24 41.11 5.35
CA THR D 226 -36.93 41.63 5.71
C THR D 226 -35.85 40.57 5.57
N ASP D 227 -36.18 39.31 5.88
CA ASP D 227 -35.22 38.23 5.66
C ASP D 227 -34.86 38.10 4.19
N ILE D 228 -35.86 38.15 3.30
CA ILE D 228 -35.61 38.01 1.88
C ILE D 228 -34.81 39.20 1.35
N SER D 229 -35.18 40.41 1.78
CA SER D 229 -34.44 41.60 1.35
C SER D 229 -33.01 41.59 1.87
N ARG D 230 -32.78 40.99 3.04
CA ARG D 230 -31.42 40.79 3.52
C ARG D 230 -30.67 39.79 2.66
N LEU D 231 -31.37 38.75 2.19
CA LEU D 231 -30.75 37.81 1.26
C LEU D 231 -30.34 38.50 -0.03
N ARG D 232 -31.20 39.38 -0.57
CA ARG D 232 -30.88 40.06 -1.82
C ARG D 232 -29.63 40.90 -1.71
N ASN D 233 -29.34 41.44 -0.53
CA ASN D 233 -28.25 42.39 -0.35
C ASN D 233 -26.98 41.73 0.17
N THR D 234 -26.97 40.41 0.29
CA THR D 234 -25.76 39.68 0.68
C THR D 234 -25.02 39.28 -0.59
N GLU D 235 -23.82 39.80 -0.76
CA GLU D 235 -22.99 39.49 -1.91
C GLU D 235 -21.69 38.86 -1.43
N THR D 236 -21.35 37.70 -1.98
CA THR D 236 -20.14 36.98 -1.63
C THR D 236 -19.27 36.84 -2.87
N ASP D 237 -17.99 37.15 -2.73
CA ASP D 237 -17.02 37.02 -3.81
C ASP D 237 -16.45 35.62 -3.76
N TRP D 238 -17.04 34.71 -4.55
CA TRP D 238 -16.58 33.32 -4.55
C TRP D 238 -15.30 33.15 -5.35
N GLY D 239 -15.06 34.00 -6.35
CA GLY D 239 -13.78 33.97 -7.03
C GLY D 239 -12.63 34.30 -6.11
N ASP D 240 -12.85 35.24 -5.18
CA ASP D 240 -11.83 35.56 -4.19
C ASP D 240 -11.66 34.46 -3.16
N ILE D 241 -12.75 33.77 -2.80
CA ILE D 241 -12.66 32.69 -1.83
C ILE D 241 -11.95 31.48 -2.42
N LEU D 242 -12.22 31.16 -3.68
CA LEU D 242 -11.74 29.93 -4.28
C LEU D 242 -10.41 30.09 -5.01
N PHE D 243 -10.14 31.24 -5.59
CA PHE D 243 -8.98 31.44 -6.45
C PHE D 243 -8.10 32.57 -5.93
N ARG D 244 -6.86 32.59 -6.40
CA ARG D 244 -5.92 33.62 -5.97
C ARG D 244 -4.81 33.76 -7.01
N ASP D 245 -4.13 34.90 -6.94
CA ASP D 245 -2.92 35.11 -7.71
C ASP D 245 -1.73 34.44 -7.04
N ALA D 246 -0.72 34.11 -7.83
CA ALA D 246 0.39 33.30 -7.34
C ALA D 246 1.71 33.90 -7.77
N PHE D 247 2.74 33.59 -6.99
CA PHE D 247 4.13 33.89 -7.33
C PHE D 247 4.88 32.57 -7.46
N ASN D 248 5.43 32.32 -8.63
CA ASN D 248 6.12 31.08 -8.94
C ASN D 248 7.61 31.35 -9.17
N GLN D 249 8.43 30.36 -8.83
CA GLN D 249 9.88 30.51 -8.91
C GLN D 249 10.47 29.40 -9.75
N GLU D 250 11.55 29.72 -10.46
CA GLU D 250 12.27 28.73 -11.25
C GLU D 250 13.75 29.08 -11.24
N TYR D 251 14.59 28.08 -11.03
CA TYR D 251 16.03 28.26 -10.99
C TYR D 251 16.69 27.12 -11.75
N SER D 252 17.75 27.44 -12.48
CA SER D 252 18.48 26.46 -13.27
C SER D 252 19.96 26.81 -13.22
N LEU D 253 20.81 25.79 -13.10
CA LEU D 253 22.25 25.96 -13.17
C LEU D 253 22.83 24.83 -14.00
N SER D 254 23.51 25.17 -15.08
CA SER D 254 24.09 24.21 -15.99
C SER D 254 25.58 24.47 -16.13
N LEU D 255 26.36 23.40 -16.22
CA LEU D 255 27.81 23.48 -16.40
C LEU D 255 28.21 22.46 -17.45
N SER D 256 28.73 22.94 -18.58
CA SER D 256 29.13 22.08 -19.69
C SER D 256 30.62 22.23 -19.93
N GLY D 257 31.16 21.34 -20.77
CA GLY D 257 32.53 21.49 -21.19
C GLY D 257 32.98 20.26 -21.93
N GLY D 258 34.25 20.28 -22.33
CA GLY D 258 34.80 19.16 -23.06
C GLY D 258 36.30 19.21 -23.15
N ASN D 259 36.89 18.04 -23.36
CA ASN D 259 38.28 17.82 -23.69
C ASN D 259 38.39 17.38 -25.13
N GLU D 260 39.59 17.01 -25.54
CA GLU D 260 39.75 16.26 -26.77
C GLU D 260 39.30 14.82 -26.63
N ARG D 261 39.00 14.38 -25.41
CA ARG D 261 38.63 12.99 -25.16
C ARG D 261 37.38 12.83 -24.32
N VAL D 262 37.04 13.82 -23.49
CA VAL D 262 35.87 13.73 -22.63
C VAL D 262 35.04 15.01 -22.76
N THR D 263 33.73 14.84 -22.90
CA THR D 263 32.78 15.95 -22.84
C THR D 263 31.77 15.70 -21.73
N TYR D 264 31.48 16.73 -20.96
CA TYR D 264 30.67 16.61 -19.76
C TYR D 264 29.59 17.68 -19.73
N TYR D 265 28.46 17.31 -19.13
CA TYR D 265 27.34 18.23 -18.93
C TYR D 265 26.70 17.91 -17.59
N THR D 266 26.40 18.95 -16.82
CA THR D 266 25.70 18.79 -15.56
C THR D 266 24.66 19.90 -15.45
N SER D 267 23.57 19.61 -14.76
CA SER D 267 22.49 20.58 -14.64
C SER D 267 21.68 20.27 -13.39
N ILE D 268 21.29 21.31 -12.67
CA ILE D 268 20.36 21.22 -11.56
C ILE D 268 19.26 22.23 -11.78
N GLY D 269 18.02 21.79 -11.69
CA GLY D 269 16.89 22.70 -11.81
C GLY D 269 15.91 22.50 -10.68
N TYR D 270 15.25 23.59 -10.31
CA TYR D 270 14.18 23.53 -9.32
C TYR D 270 13.15 24.61 -9.63
N TYR D 271 11.90 24.21 -9.80
CA TYR D 271 10.81 25.17 -9.91
C TYR D 271 9.72 24.84 -8.90
N GLN D 272 9.09 25.90 -8.40
CA GLN D 272 7.84 25.80 -7.64
C GLN D 272 6.79 26.61 -8.37
N GLU D 273 5.64 25.97 -8.62
CA GLU D 273 4.54 26.56 -9.36
C GLU D 273 3.27 26.40 -8.55
N ASN D 274 2.42 27.41 -8.59
CA ASN D 274 1.15 27.39 -7.89
C ASN D 274 0.01 27.47 -8.89
N GLY D 275 -1.11 26.83 -8.56
CA GLY D 275 -2.28 26.93 -9.39
C GLY D 275 -3.20 28.04 -8.95
N ASN D 276 -4.08 28.45 -9.86
CA ASN D 276 -5.02 29.52 -9.54
C ASN D 276 -6.04 29.11 -8.49
N VAL D 277 -6.28 27.81 -8.34
CA VAL D 277 -7.14 27.32 -7.28
C VAL D 277 -6.35 27.29 -5.98
N LYS D 278 -6.93 27.82 -4.91
CA LYS D 278 -6.22 27.91 -3.64
C LYS D 278 -5.86 26.52 -3.12
N GLY D 279 -4.59 26.34 -2.76
CA GLY D 279 -4.14 25.11 -2.14
C GLY D 279 -3.44 24.13 -3.06
N VAL D 280 -3.39 24.37 -4.36
CA VAL D 280 -2.74 23.45 -5.29
C VAL D 280 -1.40 24.02 -5.70
N GLY D 281 -0.46 23.13 -5.98
CA GLY D 281 0.89 23.54 -6.34
C GLY D 281 1.68 22.33 -6.74
N LEU D 282 2.81 22.58 -7.39
CA LEU D 282 3.68 21.53 -7.90
C LEU D 282 5.10 22.05 -7.92
N ASP D 283 6.01 21.34 -7.27
CA ASP D 283 7.42 21.65 -7.35
C ASP D 283 8.15 20.50 -8.04
N ARG D 284 9.17 20.84 -8.80
CA ARG D 284 10.01 19.85 -9.47
C ARG D 284 11.47 20.18 -9.23
N LEU D 285 12.22 19.20 -8.76
CA LEU D 285 13.67 19.30 -8.62
C LEU D 285 14.29 18.20 -9.46
N ASN D 286 15.23 18.55 -10.34
CA ASN D 286 15.83 17.54 -11.19
C ASN D 286 17.33 17.77 -11.33
N ILE D 287 18.04 16.67 -11.60
CA ILE D 287 19.47 16.68 -11.87
C ILE D 287 19.70 15.97 -13.19
N VAL D 288 20.63 16.51 -13.98
CA VAL D 288 21.11 15.91 -15.23
C VAL D 288 22.62 15.77 -15.10
N ALA D 289 23.14 14.59 -15.46
CA ALA D 289 24.57 14.30 -15.40
C ALA D 289 24.95 13.47 -16.61
N LYS D 290 25.50 14.11 -17.64
CA LYS D 290 25.94 13.44 -18.85
C LYS D 290 27.45 13.49 -18.94
N THR D 291 28.04 12.42 -19.45
CA THR D 291 29.48 12.39 -19.69
C THR D 291 29.76 11.43 -20.84
N SER D 292 30.80 11.73 -21.60
CA SER D 292 31.18 10.94 -22.76
C SER D 292 32.69 10.88 -22.82
N TYR D 293 33.23 9.66 -22.82
CA TYR D 293 34.66 9.40 -22.85
C TYR D 293 35.05 8.77 -24.17
N LYS D 294 36.16 9.23 -24.74
CA LYS D 294 36.78 8.57 -25.88
C LYS D 294 37.83 7.62 -25.31
N VAL D 295 37.40 6.38 -25.06
CA VAL D 295 38.28 5.36 -24.49
C VAL D 295 39.43 5.04 -25.42
N ASN D 296 39.28 5.31 -26.72
CA ASN D 296 40.20 4.84 -27.73
C ASN D 296 39.87 5.63 -28.99
N ARG D 297 40.68 5.46 -30.03
CA ARG D 297 40.34 6.04 -31.32
C ARG D 297 39.18 5.32 -31.99
N MET D 298 38.78 4.16 -31.47
CA MET D 298 37.63 3.41 -31.97
C MET D 298 36.46 3.38 -31.00
N LEU D 299 36.73 3.21 -29.70
CA LEU D 299 35.69 3.04 -28.70
C LEU D 299 35.37 4.35 -28.02
N LYS D 300 34.07 4.63 -27.85
CA LYS D 300 33.58 5.80 -27.14
C LYS D 300 32.41 5.37 -26.28
N PHE D 301 32.47 5.67 -24.98
CA PHE D 301 31.45 5.25 -24.03
C PHE D 301 30.90 6.46 -23.29
N GLY D 302 29.57 6.57 -23.24
CA GLY D 302 28.94 7.67 -22.55
C GLY D 302 27.87 7.19 -21.60
N VAL D 303 27.70 7.93 -20.51
CA VAL D 303 26.66 7.67 -19.52
C VAL D 303 25.88 8.96 -19.30
N SER D 304 24.56 8.88 -19.43
CA SER D 304 23.67 10.03 -19.26
C SER D 304 22.63 9.69 -18.21
N LEU D 305 22.47 10.56 -17.22
CA LEU D 305 21.54 10.34 -16.12
C LEU D 305 20.59 11.52 -15.99
N PHE D 306 19.31 11.23 -15.83
CA PHE D 306 18.28 12.23 -15.58
C PHE D 306 17.46 11.76 -14.39
N VAL D 307 17.65 12.39 -13.23
CA VAL D 307 16.85 12.07 -12.07
C VAL D 307 15.94 13.25 -11.78
N ASN D 308 14.76 12.95 -11.25
CA ASN D 308 13.69 13.92 -11.18
C ASN D 308 12.81 13.61 -9.98
N ARG D 309 12.30 14.66 -9.34
CA ARG D 309 11.40 14.50 -8.21
C ARG D 309 10.37 15.62 -8.24
N ARG D 310 9.09 15.26 -8.38
CA ARG D 310 8.00 16.23 -8.45
C ARG D 310 7.02 15.98 -7.32
N ASN D 311 6.70 17.03 -6.58
CA ASN D 311 5.73 16.96 -5.49
C ASN D 311 4.53 17.81 -5.84
N ASN D 312 3.36 17.19 -5.88
CA ASN D 312 2.10 17.83 -6.25
C ASN D 312 1.18 17.82 -5.04
N LYS D 313 0.60 18.97 -4.73
CA LYS D 313 -0.41 19.09 -3.70
C LYS D 313 -1.66 19.67 -4.32
N THR D 314 -2.81 19.12 -3.94
CA THR D 314 -4.06 19.50 -4.57
C THR D 314 -5.21 19.03 -3.68
N TYR D 315 -6.42 19.20 -4.20
CA TYR D 315 -7.66 18.84 -3.53
C TYR D 315 -8.15 17.49 -4.04
N LEU D 316 -8.83 16.75 -3.17
CA LEU D 316 -9.62 15.62 -3.63
C LEU D 316 -11.09 16.00 -3.55
N THR D 317 -11.83 15.54 -4.55
CA THR D 317 -13.25 15.81 -4.67
C THR D 317 -13.99 14.48 -4.66
N ASP D 318 -15.29 14.54 -4.92
CA ASP D 318 -16.10 13.35 -5.06
C ASP D 318 -15.72 12.62 -6.35
N THR D 319 -16.39 11.50 -6.59
CA THR D 319 -16.23 10.85 -7.89
C THR D 319 -16.78 11.73 -9.00
N TYR D 320 -17.80 12.55 -8.70
CA TYR D 320 -18.47 13.35 -9.71
C TYR D 320 -18.35 14.85 -9.46
N GLY D 321 -17.42 15.27 -8.61
CA GLY D 321 -17.03 16.66 -8.50
C GLY D 321 -18.09 17.62 -8.00
N LEU D 322 -18.78 17.26 -6.92
CA LEU D 322 -19.67 18.21 -6.25
C LEU D 322 -18.91 19.11 -5.28
N VAL D 323 -17.62 18.87 -5.09
CA VAL D 323 -16.78 19.61 -4.17
C VAL D 323 -15.87 20.52 -4.97
N ASN D 324 -15.57 20.13 -6.20
CA ASN D 324 -14.61 20.75 -7.11
C ASN D 324 -14.68 22.27 -7.07
N PRO D 325 -13.61 22.94 -6.62
CA PRO D 325 -13.67 24.41 -6.53
C PRO D 325 -13.89 25.10 -7.86
N VAL D 326 -13.33 24.58 -8.95
CA VAL D 326 -13.53 25.18 -10.25
C VAL D 326 -15.00 25.09 -10.65
N TYR D 327 -15.63 23.93 -10.45
CA TYR D 327 -17.05 23.81 -10.71
C TYR D 327 -17.88 24.50 -9.63
N TYR D 328 -17.36 24.58 -8.41
CA TYR D 328 -18.06 25.27 -7.34
C TYR D 328 -18.14 26.78 -7.58
N SER D 329 -17.24 27.33 -8.39
CA SER D 329 -17.35 28.74 -8.72
C SER D 329 -18.64 29.05 -9.49
N ARG D 330 -19.12 28.10 -10.28
CA ARG D 330 -20.37 28.25 -11.03
C ARG D 330 -21.60 27.80 -10.25
N LYS D 331 -21.40 27.29 -9.05
CA LYS D 331 -22.40 26.54 -8.31
C LYS D 331 -22.79 27.18 -6.99
N ALA D 332 -21.86 27.87 -6.33
CA ALA D 332 -22.13 28.46 -5.04
C ALA D 332 -23.11 29.63 -5.18
N ASN D 333 -24.07 29.70 -4.26
CA ASN D 333 -25.05 30.76 -4.30
C ASN D 333 -24.40 32.10 -3.98
N PRO D 334 -24.83 33.18 -4.62
CA PRO D 334 -24.19 34.48 -4.40
C PRO D 334 -24.45 35.06 -3.02
N TYR D 335 -25.46 34.57 -2.30
CA TYR D 335 -25.80 35.09 -0.99
C TYR D 335 -25.40 34.18 0.16
N TYR D 336 -24.72 33.06 -0.12
CA TYR D 336 -24.34 32.11 0.91
C TYR D 336 -22.98 32.51 1.47
N GLN D 337 -22.95 32.82 2.77
CA GLN D 337 -21.72 33.18 3.44
C GLN D 337 -21.11 31.93 4.07
N PRO D 338 -19.85 31.59 3.79
CA PRO D 338 -19.27 30.38 4.36
C PRO D 338 -19.12 30.41 5.87
N PHE D 339 -19.16 31.59 6.48
CA PHE D 339 -18.90 31.74 7.91
C PHE D 339 -20.06 32.45 8.60
N ASP D 340 -20.31 32.06 9.84
CA ASP D 340 -21.30 32.71 10.68
C ASP D 340 -20.81 34.08 11.11
N ALA D 341 -21.71 34.84 11.73
CA ALA D 341 -21.30 36.11 12.35
C ALA D 341 -20.38 35.89 13.54
N ASN D 342 -20.39 34.70 14.12
CA ASN D 342 -19.51 34.35 15.23
C ASN D 342 -18.29 33.56 14.78
N GLY D 343 -18.05 33.46 13.47
CA GLY D 343 -16.87 32.78 12.97
C GLY D 343 -16.99 31.28 12.86
N ASN D 344 -18.20 30.74 12.88
CA ASN D 344 -18.41 29.31 12.73
C ASN D 344 -18.67 28.94 11.28
N TYR D 345 -18.75 27.65 11.01
CA TYR D 345 -18.99 27.16 9.66
C TYR D 345 -20.47 27.21 9.33
N VAL D 346 -20.78 27.62 8.11
CA VAL D 346 -22.12 27.52 7.55
C VAL D 346 -22.05 26.57 6.37
N TYR D 347 -22.92 25.56 6.37
CA TYR D 347 -22.81 24.47 5.41
C TYR D 347 -23.73 24.70 4.21
N ASP D 348 -23.25 24.31 3.04
CA ASP D 348 -24.04 24.32 1.82
C ASP D 348 -24.66 22.95 1.65
N PHE D 349 -25.97 22.86 1.84
CA PHE D 349 -26.66 21.59 1.71
C PHE D 349 -27.22 21.35 0.32
N ASP D 350 -27.08 22.32 -0.59
CA ASP D 350 -27.59 22.22 -1.95
C ASP D 350 -26.53 21.74 -2.93
N VAL D 351 -25.44 21.14 -2.45
CA VAL D 351 -24.38 20.70 -3.34
C VAL D 351 -24.83 19.50 -4.17
N GLN D 352 -25.58 18.59 -3.58
CA GLN D 352 -26.03 17.40 -4.30
C GLN D 352 -26.99 17.79 -5.42
N ASN D 353 -26.88 17.09 -6.54
CA ASN D 353 -27.73 17.37 -7.69
C ASN D 353 -29.16 16.89 -7.52
N ASN D 354 -29.41 15.98 -6.58
CA ASN D 354 -30.76 15.50 -6.35
C ASN D 354 -31.48 16.44 -5.39
N SER D 355 -32.62 15.98 -4.87
CA SER D 355 -33.42 16.78 -3.95
C SER D 355 -32.97 16.64 -2.50
N ASP D 356 -31.90 15.88 -2.24
CA ASP D 356 -31.45 15.64 -0.88
C ASP D 356 -30.74 16.87 -0.33
N THR D 357 -30.96 17.16 0.95
CA THR D 357 -30.42 18.35 1.61
C THR D 357 -29.69 18.00 2.90
N ASP D 358 -29.18 16.77 2.97
CA ASP D 358 -28.72 16.14 4.21
C ASP D 358 -27.23 16.27 4.44
N LEU D 359 -26.42 16.26 3.38
CA LEU D 359 -24.98 16.40 3.52
C LEU D 359 -24.57 17.83 3.17
N GLY D 360 -23.87 18.46 4.10
CA GLY D 360 -23.49 19.85 3.96
C GLY D 360 -22.03 20.01 3.58
N PHE D 361 -21.74 21.08 2.87
CA PHE D 361 -20.41 21.35 2.34
C PHE D 361 -19.93 22.71 2.78
N ASN D 362 -18.66 22.78 3.21
CA ASN D 362 -18.00 24.05 3.48
C ASN D 362 -16.63 24.00 2.83
N ILE D 363 -16.29 25.03 2.05
CA ILE D 363 -15.01 25.01 1.34
C ILE D 363 -13.84 25.22 2.30
N PHE D 364 -14.03 26.03 3.34
CA PHE D 364 -12.97 26.22 4.31
C PHE D 364 -12.78 24.98 5.17
N GLU D 365 -13.86 24.25 5.44
CA GLU D 365 -13.77 22.97 6.13
C GLU D 365 -13.21 21.88 5.24
N GLU D 366 -13.44 21.97 3.93
CA GLU D 366 -12.89 20.99 2.99
C GLU D 366 -11.39 21.19 2.81
N ARG D 367 -10.95 22.43 2.71
CA ARG D 367 -9.53 22.68 2.54
C ARG D 367 -8.71 22.39 3.78
N LYS D 368 -9.37 22.14 4.92
CA LYS D 368 -8.69 21.89 6.17
C LYS D 368 -8.71 20.43 6.58
N ASN D 369 -9.79 19.71 6.26
CA ASN D 369 -9.96 18.31 6.66
C ASN D 369 -9.67 17.34 5.53
N THR D 370 -9.09 17.81 4.43
CA THR D 370 -8.97 17.04 3.21
C THR D 370 -7.64 17.38 2.55
N SER D 371 -7.01 16.37 1.93
CA SER D 371 -5.72 16.60 1.29
C SER D 371 -5.47 15.57 0.21
N ASN D 372 -4.89 16.00 -0.91
CA ASN D 372 -4.43 15.12 -1.96
C ASN D 372 -2.96 15.45 -2.22
N GLU D 373 -2.08 14.47 -2.05
CA GLU D 373 -0.64 14.70 -2.17
C GLU D 373 0.00 13.59 -2.98
N GLU D 374 0.77 13.95 -4.01
CA GLU D 374 1.46 12.97 -4.82
C GLU D 374 2.94 13.31 -4.93
N THR D 375 3.77 12.27 -5.04
CA THR D 375 5.20 12.42 -5.20
C THR D 375 5.67 11.47 -6.30
N ILE D 376 6.32 12.01 -7.32
CA ILE D 376 6.83 11.24 -8.45
C ILE D 376 8.34 11.27 -8.40
N ASN D 377 8.96 10.11 -8.28
CA ASN D 377 10.40 9.94 -8.31
C ASN D 377 10.75 9.22 -9.61
N ALA D 378 11.53 9.87 -10.47
CA ALA D 378 11.82 9.35 -11.80
C ALA D 378 13.32 9.29 -12.02
N LEU D 379 13.76 8.23 -12.69
CA LEU D 379 15.15 8.04 -13.09
C LEU D 379 15.18 7.58 -14.53
N SER D 380 16.15 8.08 -15.29
CA SER D 380 16.32 7.66 -16.68
C SER D 380 17.80 7.68 -16.98
N SER D 381 18.38 6.51 -17.22
CA SER D 381 19.80 6.38 -17.51
C SER D 381 20.00 5.76 -18.89
N ILE D 382 20.92 6.34 -19.66
CA ILE D 382 21.27 5.83 -20.98
C ILE D 382 22.79 5.59 -21.01
N PHE D 383 23.19 4.37 -21.31
CA PHE D 383 24.59 4.02 -21.55
C PHE D 383 24.77 3.79 -23.04
N ASP D 384 25.66 4.56 -23.65
CA ASP D 384 25.95 4.48 -25.07
C ASP D 384 27.35 3.94 -25.26
N ALA D 385 27.52 3.00 -26.19
CA ALA D 385 28.83 2.53 -26.58
C ALA D 385 28.93 2.58 -28.10
N GLU D 386 30.04 3.07 -28.61
CA GLU D 386 30.25 3.17 -30.04
C GLU D 386 31.63 2.65 -30.39
N LEU D 387 31.71 1.86 -31.46
CA LEU D 387 32.95 1.25 -31.90
C LEU D 387 33.09 1.48 -33.40
N ARG D 388 34.16 2.16 -33.80
CA ARG D 388 34.44 2.42 -35.21
C ARG D 388 35.36 1.33 -35.74
N PHE D 389 34.77 0.36 -36.43
CA PHE D 389 35.55 -0.75 -36.97
C PHE D 389 36.44 -0.29 -38.13
N ASN D 390 35.88 0.46 -39.06
CA ASN D 390 36.61 1.08 -40.17
C ASN D 390 36.35 2.57 -40.21
N ASP D 391 36.74 3.22 -41.30
CA ASP D 391 36.23 4.54 -41.61
C ASP D 391 34.84 4.48 -42.24
N LYS D 392 34.35 3.29 -42.55
CA LYS D 392 33.02 3.06 -43.11
C LYS D 392 32.08 2.34 -42.16
N LEU D 393 32.57 1.33 -41.47
CA LEU D 393 31.74 0.50 -40.60
C LEU D 393 31.77 1.04 -39.18
N LYS D 394 30.62 1.02 -38.51
CA LYS D 394 30.53 1.51 -37.14
C LYS D 394 29.39 0.81 -36.42
N PHE D 395 29.65 0.29 -35.23
CA PHE D 395 28.66 -0.41 -34.43
C PHE D 395 28.37 0.39 -33.18
N THR D 396 27.10 0.71 -32.95
CA THR D 396 26.69 1.50 -31.80
C THR D 396 25.60 0.76 -31.03
N THR D 397 25.84 0.54 -29.73
CA THR D 397 24.89 -0.11 -28.85
C THR D 397 24.47 0.86 -27.75
N GLN D 398 23.31 0.59 -27.15
CA GLN D 398 22.70 1.54 -26.24
C GLN D 398 21.78 0.81 -25.29
N LEU D 399 21.86 1.13 -24.00
CA LEU D 399 20.98 0.57 -22.98
C LEU D 399 20.30 1.71 -22.24
N GLY D 400 18.96 1.73 -22.27
CA GLY D 400 18.21 2.71 -21.52
C GLY D 400 17.35 2.08 -20.44
N LEU D 401 17.58 2.50 -19.20
CA LEU D 401 16.79 2.09 -18.05
C LEU D 401 15.93 3.26 -17.60
N GLN D 402 14.66 3.00 -17.33
CA GLN D 402 13.74 4.05 -16.92
C GLN D 402 12.89 3.55 -15.77
N LEU D 403 12.75 4.37 -14.75
CA LEU D 403 11.93 4.07 -13.59
C LEU D 403 11.10 5.30 -13.26
N ASP D 404 9.84 5.10 -12.91
CA ASP D 404 8.96 6.22 -12.58
C ASP D 404 7.99 5.74 -11.50
N LYS D 405 8.15 6.22 -10.27
CA LYS D 405 7.34 5.77 -9.14
C LYS D 405 6.52 6.93 -8.63
N ALA D 406 5.19 6.81 -8.73
CA ALA D 406 4.27 7.81 -8.23
C ALA D 406 3.57 7.28 -6.98
N SER D 407 3.65 8.03 -5.89
CA SER D 407 3.03 7.68 -4.62
C SER D 407 2.03 8.76 -4.28
N LYS D 408 0.75 8.41 -4.30
CA LYS D 408 -0.33 9.32 -3.99
C LYS D 408 -0.95 8.96 -2.65
N GLU D 409 -1.44 9.99 -1.96
CA GLU D 409 -2.03 9.83 -0.64
C GLU D 409 -3.18 10.82 -0.54
N GLN D 410 -4.39 10.31 -0.40
CA GLN D 410 -5.58 11.12 -0.23
C GLN D 410 -6.15 10.87 1.15
N ILE D 411 -6.34 11.94 1.92
CA ILE D 411 -6.87 11.83 3.27
C ILE D 411 -8.10 12.70 3.37
N ALA D 412 -9.20 12.13 3.85
CA ALA D 412 -10.41 12.86 4.13
C ALA D 412 -10.79 12.63 5.58
N ASP D 413 -10.85 13.71 6.36
CA ASP D 413 -11.18 13.59 7.76
C ASP D 413 -12.68 13.34 7.93
N LYS D 414 -13.09 13.09 9.18
CA LYS D 414 -14.48 12.76 9.45
C LYS D 414 -15.41 13.90 9.09
N GLU D 415 -15.00 15.13 9.38
CA GLU D 415 -15.81 16.30 9.10
C GLU D 415 -15.42 16.91 7.76
N SER D 416 -15.76 16.20 6.70
CA SER D 416 -15.58 16.70 5.34
C SER D 416 -16.67 16.11 4.45
N PHE D 417 -16.99 16.83 3.37
CA PHE D 417 -18.04 16.36 2.48
C PHE D 417 -17.64 15.09 1.73
N SER D 418 -16.34 14.92 1.45
CA SER D 418 -15.91 13.69 0.81
C SER D 418 -16.22 12.48 1.67
N MET D 419 -15.89 12.56 2.96
CA MET D 419 -16.19 11.46 3.86
C MET D 419 -17.69 11.32 4.10
N ARG D 420 -18.41 12.44 4.12
CA ARG D 420 -19.87 12.38 4.26
C ARG D 420 -20.50 11.63 3.11
N ILE D 421 -20.09 11.92 1.87
CA ILE D 421 -20.63 11.24 0.71
C ILE D 421 -20.18 9.78 0.69
N ILE D 422 -18.97 9.49 1.14
CA ILE D 422 -18.50 8.11 1.19
C ILE D 422 -19.34 7.30 2.17
N ARG D 423 -19.64 7.88 3.34
CA ARG D 423 -20.49 7.22 4.31
C ARG D 423 -21.90 7.05 3.78
N LYS D 424 -22.44 8.07 3.11
CA LYS D 424 -23.79 7.99 2.57
C LYS D 424 -23.91 6.89 1.53
N ASN D 425 -22.88 6.71 0.70
CA ASN D 425 -22.90 5.66 -0.31
C ASN D 425 -22.84 4.26 0.28
N SER D 426 -22.55 4.13 1.57
CA SER D 426 -22.49 2.84 2.24
C SER D 426 -23.80 2.43 2.86
N LYS D 427 -24.88 3.18 2.62
CA LYS D 427 -26.18 2.81 3.14
C LYS D 427 -26.61 1.46 2.61
N TYR D 428 -27.08 0.61 3.51
CA TYR D 428 -27.51 -0.74 3.17
C TYR D 428 -28.68 -1.13 4.06
N TRP D 429 -29.42 -2.14 3.60
CA TRP D 429 -30.61 -2.62 4.28
C TRP D 429 -30.31 -4.00 4.86
N ASP D 430 -30.46 -4.14 6.16
CA ASP D 430 -30.19 -5.40 6.84
C ASP D 430 -31.50 -6.09 7.20
N SER D 431 -31.58 -7.39 6.92
CA SER D 431 -32.81 -8.13 7.21
C SER D 431 -32.96 -8.42 8.70
N ALA D 432 -31.85 -8.48 9.44
CA ALA D 432 -31.92 -8.83 10.85
C ALA D 432 -32.73 -7.81 11.64
N SER D 433 -32.52 -6.53 11.37
CA SER D 433 -33.33 -5.45 11.92
C SER D 433 -33.81 -4.59 10.77
N GLN D 434 -35.12 -4.40 10.66
CA GLN D 434 -35.67 -3.70 9.51
C GLN D 434 -35.28 -2.23 9.60
N SER D 435 -34.21 -1.85 8.90
CA SER D 435 -33.64 -0.51 9.02
C SER D 435 -32.57 -0.28 7.96
N ASN D 436 -32.09 0.95 7.86
CA ASN D 436 -31.00 1.30 6.96
C ASN D 436 -29.80 1.71 7.79
N LYS D 437 -28.65 1.10 7.51
CA LYS D 437 -27.44 1.37 8.26
C LYS D 437 -26.31 1.72 7.29
N TYR D 438 -25.12 1.97 7.84
CA TYR D 438 -23.95 2.32 7.06
C TYR D 438 -22.77 1.48 7.55
N PHE D 439 -22.19 0.68 6.65
CA PHE D 439 -21.13 -0.22 7.07
C PHE D 439 -19.76 0.43 7.12
N ILE D 440 -19.59 1.61 6.53
CA ILE D 440 -18.31 2.30 6.58
C ILE D 440 -18.17 2.92 7.96
N PRO D 441 -17.13 2.60 8.71
CA PRO D 441 -17.05 3.04 10.11
C PRO D 441 -16.90 4.54 10.23
N ASP D 442 -17.33 5.05 11.37
CA ASP D 442 -17.27 6.48 11.64
C ASP D 442 -15.83 6.93 11.83
N GLY D 443 -15.43 7.94 11.08
CA GLY D 443 -14.06 8.40 11.07
C GLY D 443 -13.73 9.01 9.71
N GLY D 444 -12.46 8.92 9.35
CA GLY D 444 -11.99 9.39 8.06
C GLY D 444 -11.63 8.25 7.13
N VAL D 445 -11.02 8.60 6.01
CA VAL D 445 -10.49 7.63 5.07
C VAL D 445 -9.09 8.07 4.66
N HIS D 446 -8.18 7.09 4.62
CA HIS D 446 -6.84 7.29 4.08
C HIS D 446 -6.65 6.32 2.93
N LYS D 447 -6.43 6.87 1.74
CA LYS D 447 -6.20 6.08 0.54
C LYS D 447 -4.77 6.28 0.08
N ALA D 448 -4.09 5.19 -0.25
CA ALA D 448 -2.70 5.21 -0.67
C ALA D 448 -2.57 4.50 -2.00
N TYR D 449 -1.96 5.17 -2.98
CA TYR D 449 -1.71 4.62 -4.30
C TYR D 449 -0.21 4.59 -4.55
N GLU D 450 0.27 3.51 -5.15
CA GLU D 450 1.67 3.38 -5.53
C GLU D 450 1.73 2.78 -6.93
N ASN D 451 2.11 3.59 -7.92
CA ASN D 451 2.18 3.16 -9.31
C ASN D 451 3.62 3.25 -9.79
N THR D 452 4.17 2.13 -10.25
CA THR D 452 5.55 2.04 -10.72
C THR D 452 5.56 1.65 -12.18
N ASN D 453 6.20 2.46 -13.01
CA ASN D 453 6.39 2.18 -14.43
C ASN D 453 7.89 2.03 -14.68
N SER D 454 8.29 0.83 -15.10
CA SER D 454 9.68 0.52 -15.36
C SER D 454 9.85 0.10 -16.81
N GLN D 455 11.03 0.34 -17.35
CA GLN D 455 11.32 -0.03 -18.72
C GLN D 455 12.82 -0.25 -18.89
N ILE D 456 13.20 -1.29 -19.62
CA ILE D 456 14.59 -1.48 -20.02
C ILE D 456 14.59 -1.77 -21.51
N THR D 457 15.31 -0.96 -22.27
CA THR D 457 15.44 -1.14 -23.70
C THR D 457 16.91 -1.25 -24.08
N TRP D 458 17.22 -2.13 -25.01
CA TRP D 458 18.56 -2.33 -25.51
C TRP D 458 18.54 -2.33 -27.01
N LYS D 459 19.37 -1.50 -27.62
CA LYS D 459 19.47 -1.35 -29.07
C LYS D 459 20.89 -1.64 -29.51
N ALA D 460 21.04 -2.31 -30.64
CA ALA D 460 22.32 -2.45 -31.30
C ALA D 460 22.14 -2.13 -32.78
N MET D 461 23.08 -1.35 -33.33
CA MET D 461 23.02 -0.95 -34.73
C MET D 461 24.40 -1.09 -35.34
N GLY D 462 24.42 -1.40 -36.63
CA GLY D 462 25.64 -1.43 -37.41
C GLY D 462 25.41 -0.66 -38.68
N GLU D 463 26.22 0.37 -38.91
CA GLU D 463 26.08 1.27 -40.04
C GLU D 463 27.30 1.18 -40.93
N TYR D 464 27.06 1.27 -42.23
CA TYR D 464 28.09 1.17 -43.25
C TYR D 464 27.86 2.26 -44.27
N ARG D 465 28.83 3.14 -44.44
CA ARG D 465 28.75 4.26 -45.38
C ARG D 465 29.87 4.14 -46.39
N ASP D 466 29.53 4.22 -47.67
CA ASP D 466 30.52 4.12 -48.73
C ASP D 466 30.20 5.13 -49.83
N SER D 467 31.22 5.48 -50.59
CA SER D 467 31.09 6.32 -51.77
C SER D 467 31.86 5.69 -52.92
N PHE D 468 31.25 5.65 -54.09
CA PHE D 468 31.84 5.07 -55.29
C PHE D 468 31.82 6.10 -56.41
N ASN D 469 32.96 6.25 -57.08
CA ASN D 469 33.10 7.10 -58.26
C ASN D 469 32.76 8.56 -57.98
N ASP D 470 32.71 8.95 -56.71
CA ASP D 470 32.42 10.31 -56.24
C ASP D 470 30.99 10.74 -56.54
N ILE D 471 30.18 9.91 -57.19
CA ILE D 471 28.79 10.26 -57.48
C ILE D 471 27.79 9.29 -56.89
N HIS D 472 28.23 8.17 -56.31
CA HIS D 472 27.33 7.25 -55.64
C HIS D 472 27.65 7.26 -54.15
N GLU D 473 26.62 7.44 -53.33
CA GLU D 473 26.77 7.35 -51.88
C GLU D 473 25.76 6.35 -51.35
N LEU D 474 26.23 5.42 -50.52
CA LEU D 474 25.38 4.37 -49.97
C LEU D 474 25.52 4.36 -48.46
N GLU D 475 24.39 4.32 -47.76
CA GLU D 475 24.36 4.19 -46.32
C GLU D 475 23.41 3.06 -45.96
N VAL D 476 23.90 2.07 -45.22
CA VAL D 476 23.11 0.91 -44.84
C VAL D 476 23.25 0.69 -43.34
N MET D 477 22.11 0.57 -42.65
CA MET D 477 22.10 0.31 -41.22
C MET D 477 21.26 -0.93 -40.94
N VAL D 478 21.74 -1.78 -40.04
CA VAL D 478 21.04 -2.98 -39.61
C VAL D 478 21.10 -3.03 -38.09
N GLY D 479 19.95 -3.24 -37.44
CA GLY D 479 19.91 -3.21 -36.00
C GLY D 479 18.96 -4.24 -35.41
N THR D 480 19.06 -4.39 -34.09
CA THR D 480 18.14 -5.17 -33.29
C THR D 480 17.81 -4.40 -32.03
N GLU D 481 16.66 -4.72 -31.45
CA GLU D 481 16.23 -4.05 -30.21
C GLU D 481 15.38 -4.99 -29.38
N LEU D 482 15.66 -5.04 -28.08
CA LEU D 482 14.83 -5.77 -27.11
C LEU D 482 14.38 -4.79 -26.05
N ARG D 483 13.08 -4.73 -25.81
CA ARG D 483 12.53 -3.77 -24.87
C ARG D 483 11.48 -4.42 -23.99
N LYS D 484 11.64 -4.33 -22.68
CA LYS D 484 10.69 -4.89 -21.74
C LYS D 484 10.16 -3.78 -20.84
N THR D 485 8.88 -3.88 -20.50
CA THR D 485 8.17 -2.86 -19.75
C THR D 485 7.35 -3.50 -18.65
N TRP D 486 7.34 -2.88 -17.47
CA TRP D 486 6.53 -3.29 -16.35
C TRP D 486 5.68 -2.12 -15.88
N TYR D 487 4.43 -2.41 -15.51
CA TYR D 487 3.57 -1.43 -14.87
C TYR D 487 2.86 -2.11 -13.70
N GLU D 488 3.11 -1.62 -12.49
CA GLU D 488 2.57 -2.23 -11.29
C GLU D 488 1.91 -1.17 -10.42
N THR D 489 0.64 -1.37 -10.09
CA THR D 489 -0.06 -0.46 -9.21
C THR D 489 -0.54 -1.19 -7.97
N LEU D 490 -0.56 -0.48 -6.85
CA LEU D 490 -1.11 -0.97 -5.59
C LEU D 490 -1.95 0.12 -4.96
N PHE D 491 -3.15 -0.23 -4.54
CA PHE D 491 -4.05 0.69 -3.87
C PHE D 491 -4.46 0.08 -2.53
N SER D 492 -4.45 0.89 -1.48
CA SER D 492 -4.87 0.47 -0.15
C SER D 492 -5.73 1.56 0.48
N ALA D 493 -6.78 1.16 1.19
CA ALA D 493 -7.69 2.10 1.81
C ALA D 493 -7.94 1.72 3.26
N GLY D 494 -8.05 2.73 4.12
CA GLY D 494 -8.34 2.52 5.52
C GLY D 494 -9.39 3.47 6.02
N TYR D 495 -10.48 2.93 6.56
CA TYR D 495 -11.61 3.72 7.05
C TYR D 495 -11.62 3.72 8.57
N GLY D 496 -12.18 4.77 9.14
CA GLY D 496 -12.00 5.02 10.56
C GLY D 496 -10.70 5.72 10.88
N PHE D 497 -10.04 6.25 9.86
CA PHE D 497 -8.70 6.80 10.00
C PHE D 497 -8.73 8.08 10.85
N ASP D 498 -7.89 8.12 11.87
CA ASP D 498 -7.62 9.33 12.62
C ASP D 498 -6.32 9.93 12.09
N ARG D 499 -6.37 11.19 11.68
CA ARG D 499 -5.22 11.81 11.04
C ARG D 499 -4.05 11.95 12.00
N GLN D 500 -4.31 12.29 13.25
CA GLN D 500 -3.25 12.47 14.23
C GLN D 500 -2.77 11.17 14.84
N THR D 501 -3.63 10.17 14.96
CA THR D 501 -3.27 8.91 15.58
C THR D 501 -2.91 7.84 14.57
N LEU D 502 -3.29 8.01 13.30
CA LEU D 502 -2.94 7.09 12.21
C LEU D 502 -3.54 5.70 12.43
N THR D 503 -4.63 5.61 13.17
CA THR D 503 -5.29 4.34 13.41
C THR D 503 -6.41 4.12 12.39
N THR D 504 -7.00 2.94 12.44
CA THR D 504 -7.99 2.50 11.47
C THR D 504 -9.04 1.67 12.19
N LYS D 505 -10.19 1.49 11.55
CA LYS D 505 -11.29 0.72 12.10
C LYS D 505 -11.77 -0.31 11.09
N PRO D 506 -12.24 -1.46 11.56
CA PRO D 506 -12.66 -2.51 10.62
C PRO D 506 -13.94 -2.17 9.88
N VAL D 507 -14.08 -2.73 8.69
CA VAL D 507 -15.27 -2.56 7.85
C VAL D 507 -15.87 -3.93 7.62
N VAL D 508 -17.18 -4.05 7.84
CA VAL D 508 -17.91 -5.29 7.63
C VAL D 508 -18.83 -5.06 6.43
N PHE D 509 -18.40 -5.53 5.27
CA PHE D 509 -19.18 -5.35 4.06
C PHE D 509 -20.34 -6.34 4.04
N PRO D 510 -21.56 -5.90 3.73
CA PRO D 510 -22.68 -6.84 3.69
C PRO D 510 -22.50 -7.96 2.67
N ASP D 511 -21.92 -7.65 1.51
CA ASP D 511 -21.76 -8.61 0.43
C ASP D 511 -20.34 -8.52 -0.10
N GLU D 512 -20.05 -9.36 -1.11
CA GLU D 512 -18.83 -9.21 -1.90
C GLU D 512 -18.98 -8.15 -2.99
N ASP D 513 -20.21 -7.75 -3.31
CA ASP D 513 -20.41 -6.69 -4.29
C ASP D 513 -20.13 -5.31 -3.69
N ARG D 514 -20.47 -5.11 -2.42
CA ARG D 514 -20.13 -3.87 -1.75
C ARG D 514 -18.68 -3.83 -1.31
N ALA D 515 -18.02 -4.98 -1.26
CA ALA D 515 -16.59 -5.01 -0.97
C ALA D 515 -15.75 -4.51 -2.13
N ARG D 516 -16.31 -4.49 -3.34
CA ARG D 516 -15.66 -3.91 -4.51
C ARG D 516 -16.06 -2.47 -4.76
N GLN D 517 -17.22 -2.05 -4.24
CA GLN D 517 -17.59 -0.65 -4.29
C GLN D 517 -16.66 0.20 -3.43
N PHE D 518 -16.14 -0.36 -2.35
CA PHE D 518 -15.17 0.30 -1.48
C PHE D 518 -13.96 -0.62 -1.38
N PRO D 519 -13.13 -0.67 -2.42
CA PRO D 519 -11.97 -1.57 -2.38
C PRO D 519 -11.01 -1.18 -1.26
N LEU D 520 -10.44 -2.19 -0.63
CA LEU D 520 -9.56 -1.99 0.51
C LEU D 520 -8.10 -2.24 0.18
N HIS D 521 -7.83 -3.15 -0.76
CA HIS D 521 -6.47 -3.48 -1.15
C HIS D 521 -6.70 -4.06 -2.53
N GLN D 522 -6.05 -3.49 -3.54
CA GLN D 522 -6.00 -4.10 -4.86
C GLN D 522 -4.64 -3.91 -5.48
N LYS D 523 -4.26 -4.87 -6.32
CA LYS D 523 -2.96 -4.90 -6.98
C LYS D 523 -3.15 -5.20 -8.45
N THR D 524 -2.43 -4.46 -9.30
CA THR D 524 -2.42 -4.71 -10.73
C THR D 524 -0.98 -4.83 -11.21
N TYR D 525 -0.75 -5.72 -12.17
CA TYR D 525 0.57 -6.01 -12.70
C TYR D 525 0.49 -6.24 -14.20
N LYS D 526 1.45 -5.69 -14.93
CA LYS D 526 1.51 -5.89 -16.37
C LYS D 526 2.95 -5.93 -16.84
N GLU D 527 3.29 -6.94 -17.64
CA GLU D 527 4.58 -7.05 -18.31
C GLU D 527 4.37 -7.05 -19.81
N ASN D 528 5.36 -6.55 -20.53
CA ASN D 528 5.34 -6.62 -21.98
C ASN D 528 6.77 -6.70 -22.48
N ALA D 529 6.99 -7.49 -23.52
CA ALA D 529 8.30 -7.64 -24.12
C ALA D 529 8.18 -7.49 -25.63
N TYR D 530 9.18 -6.84 -26.23
CA TYR D 530 9.19 -6.50 -27.64
C TYR D 530 10.55 -6.81 -28.23
N VAL D 531 10.56 -7.46 -29.39
CA VAL D 531 11.77 -7.82 -30.11
C VAL D 531 11.65 -7.29 -31.54
N SER D 532 12.63 -6.52 -31.98
CA SER D 532 12.55 -5.88 -33.29
C SER D 532 13.87 -6.00 -34.03
N PHE D 533 13.77 -6.11 -35.34
CA PHE D 533 14.93 -6.15 -36.23
C PHE D 533 14.75 -5.10 -37.32
N PHE D 534 15.82 -4.36 -37.59
CA PHE D 534 15.74 -3.13 -38.36
C PHE D 534 16.43 -3.34 -39.70
N SER D 535 16.23 -2.35 -40.57
CA SER D 535 17.20 -2.06 -41.62
C SER D 535 16.79 -0.78 -42.31
N THR D 536 17.78 0.07 -42.56
CA THR D 536 17.58 1.29 -43.34
C THR D 536 18.62 1.32 -44.45
N ALA D 537 18.23 1.78 -45.63
CA ALA D 537 19.15 1.94 -46.73
C ALA D 537 18.90 3.28 -47.41
N SER D 538 19.96 3.87 -47.93
CA SER D 538 19.87 5.14 -48.64
C SER D 538 20.92 5.15 -49.74
N TYR D 539 20.50 5.54 -50.94
CA TYR D 539 21.40 5.61 -52.08
C TYR D 539 21.21 6.97 -52.75
N SER D 540 22.29 7.76 -52.80
CA SER D 540 22.28 9.07 -53.41
C SER D 540 23.15 9.05 -54.66
N LEU D 541 22.61 9.57 -55.76
CA LEU D 541 23.28 9.62 -57.04
C LEU D 541 23.45 11.06 -57.47
N MET D 542 24.69 11.42 -57.80
CA MET D 542 25.05 12.71 -58.38
C MET D 542 24.65 13.88 -57.49
N ASN D 543 24.56 13.63 -56.18
CA ASN D 543 24.18 14.65 -55.19
C ASN D 543 22.84 15.26 -55.54
N ARG D 544 22.03 14.53 -56.31
CA ARG D 544 20.75 15.03 -56.77
C ARG D 544 19.57 14.11 -56.66
N TYR D 545 19.74 12.79 -56.70
CA TYR D 545 18.63 11.86 -56.52
C TYR D 545 18.93 11.03 -55.29
N THR D 546 17.95 10.85 -54.43
CA THR D 546 18.13 10.05 -53.24
C THR D 546 16.98 9.07 -53.11
N PHE D 547 17.29 7.79 -52.92
CA PHE D 547 16.28 6.76 -52.73
C PHE D 547 16.55 6.07 -51.41
N GLY D 548 15.58 6.11 -50.51
CA GLY D 548 15.74 5.50 -49.20
C GLY D 548 14.68 4.46 -48.92
N GLY D 549 14.96 3.55 -48.00
CA GLY D 549 14.02 2.52 -47.64
C GLY D 549 14.24 2.08 -46.21
N SER D 550 13.16 1.60 -45.59
CA SER D 550 13.18 1.11 -44.23
C SER D 550 12.41 -0.20 -44.17
N ILE D 551 12.89 -1.14 -43.36
CA ILE D 551 12.19 -2.39 -43.12
C ILE D 551 12.32 -2.69 -41.65
N ARG D 552 11.25 -3.21 -41.04
CA ARG D 552 11.26 -3.46 -39.61
C ARG D 552 10.36 -4.65 -39.31
N PHE D 553 10.87 -5.56 -38.49
CA PHE D 553 10.14 -6.74 -38.04
C PHE D 553 9.94 -6.63 -36.54
N ASP D 554 8.68 -6.67 -36.12
CA ASP D 554 8.30 -6.44 -34.74
C ASP D 554 7.58 -7.67 -34.19
N GLY D 555 7.96 -8.07 -32.99
CA GLY D 555 7.27 -9.13 -32.29
C GLY D 555 7.05 -8.72 -30.86
N SER D 556 5.95 -9.18 -30.30
CA SER D 556 5.57 -8.79 -28.94
C SER D 556 4.73 -9.91 -28.35
N ASP D 557 4.54 -9.83 -27.03
CA ASP D 557 3.63 -10.73 -26.34
C ASP D 557 2.18 -10.28 -26.45
N LEU D 558 1.92 -9.09 -26.98
CA LEU D 558 0.58 -8.59 -27.19
C LEU D 558 0.02 -9.00 -28.55
N PHE D 559 0.78 -9.73 -29.35
CA PHE D 559 0.35 -10.16 -30.67
C PHE D 559 0.07 -11.66 -30.66
N GLY D 560 -0.75 -12.09 -31.59
CA GLY D 560 -1.07 -13.50 -31.69
C GLY D 560 0.11 -14.32 -32.18
N VAL D 561 0.02 -15.63 -31.97
CA VAL D 561 1.11 -16.53 -32.28
C VAL D 561 0.93 -17.19 -33.65
N ASP D 562 -0.02 -16.71 -34.45
CA ASP D 562 -0.23 -17.25 -35.78
C ASP D 562 0.98 -16.95 -36.67
N LYS D 563 1.40 -17.97 -37.43
CA LYS D 563 2.55 -17.81 -38.32
C LYS D 563 2.24 -16.94 -39.53
N LYS D 564 0.95 -16.73 -39.83
CA LYS D 564 0.57 -15.94 -40.99
C LYS D 564 0.93 -14.47 -40.81
N TYR D 565 0.82 -13.95 -39.59
CA TYR D 565 1.03 -12.53 -39.31
C TYR D 565 2.21 -12.25 -38.41
N ARG D 566 2.91 -13.26 -37.92
CA ARG D 566 3.82 -13.06 -36.79
C ARG D 566 4.91 -12.05 -37.12
N TYR D 567 5.62 -12.25 -38.23
CA TYR D 567 6.70 -11.35 -38.62
C TYR D 567 6.38 -10.82 -40.02
N LEU D 568 5.57 -9.78 -40.06
CA LEU D 568 5.27 -9.04 -41.25
C LEU D 568 5.98 -7.69 -41.21
N PRO D 569 6.55 -7.26 -42.32
CA PRO D 569 7.37 -6.05 -42.29
C PRO D 569 6.55 -4.79 -42.14
N LEU D 570 7.20 -3.76 -41.59
CA LEU D 570 6.68 -2.40 -41.51
C LEU D 570 7.68 -1.53 -42.25
N TYR D 571 7.50 -1.43 -43.56
CA TYR D 571 8.51 -0.89 -44.46
C TYR D 571 8.20 0.56 -44.82
N SER D 572 9.05 1.12 -45.67
CA SER D 572 8.90 2.45 -46.23
C SER D 572 9.84 2.58 -47.41
N VAL D 573 9.41 3.34 -48.41
CA VAL D 573 10.24 3.68 -49.56
C VAL D 573 10.04 5.16 -49.86
N SER D 574 11.13 5.91 -49.97
CA SER D 574 11.04 7.35 -50.20
C SER D 574 12.06 7.78 -51.23
N GLY D 575 11.80 8.92 -51.84
CA GLY D 575 12.70 9.48 -52.83
C GLY D 575 12.71 10.99 -52.85
N LEU D 576 13.91 11.55 -52.79
CA LEU D 576 14.16 12.97 -52.94
C LEU D 576 14.75 13.26 -54.32
N TRP D 577 14.30 14.35 -54.93
CA TRP D 577 14.85 14.85 -56.18
C TRP D 577 15.09 16.33 -56.02
N ARG D 578 16.34 16.75 -56.03
CA ARG D 578 16.70 18.17 -55.88
C ARG D 578 16.69 18.81 -57.27
N LEU D 579 15.60 19.52 -57.58
CA LEU D 579 15.50 20.21 -58.85
C LEU D 579 16.52 21.34 -58.98
N SER D 580 16.98 21.89 -57.86
CA SER D 580 17.90 23.02 -57.94
C SER D 580 19.27 22.59 -58.44
N ASN D 581 19.73 21.40 -58.08
CA ASN D 581 21.06 20.94 -58.45
C ASN D 581 21.04 20.24 -59.81
N GLU D 582 20.37 20.86 -60.77
CA GLU D 582 20.14 20.27 -62.06
C GLU D 582 20.73 21.17 -63.14
N PRO D 583 21.48 20.62 -64.11
CA PRO D 583 22.17 21.49 -65.05
C PRO D 583 21.25 22.28 -65.96
N PHE D 584 19.99 21.87 -66.11
CA PHE D 584 19.06 22.64 -66.91
C PHE D 584 18.47 23.81 -66.15
N MET D 585 18.67 23.86 -64.83
CA MET D 585 18.12 24.91 -63.97
C MET D 585 19.22 25.69 -63.26
N GLN D 586 20.49 25.49 -63.63
CA GLN D 586 21.58 26.24 -63.04
C GLN D 586 21.49 27.73 -63.36
N GLY D 587 20.70 28.13 -64.35
CA GLY D 587 20.50 29.54 -64.62
C GLY D 587 19.76 30.24 -63.49
N THR D 588 18.79 29.56 -62.89
CA THR D 588 18.02 30.11 -61.76
C THR D 588 18.67 29.68 -60.45
N ARG D 589 19.95 30.01 -60.32
CA ARG D 589 20.70 29.71 -59.10
C ARG D 589 21.22 30.95 -58.40
N LYS D 590 21.17 32.12 -59.04
CA LYS D 590 21.54 33.36 -58.36
C LYS D 590 20.49 33.79 -57.35
N TRP D 591 19.25 33.36 -57.52
CA TRP D 591 18.17 33.72 -56.61
C TRP D 591 17.49 32.54 -55.94
N MET D 592 17.60 31.34 -56.48
CA MET D 592 16.99 30.16 -55.90
C MET D 592 18.06 29.34 -55.18
N ASP D 593 17.85 29.09 -53.89
CA ASP D 593 18.79 28.30 -53.12
C ASP D 593 18.46 26.83 -53.11
N ASN D 594 17.18 26.47 -53.15
CA ASN D 594 16.79 25.08 -53.01
C ASN D 594 15.44 24.84 -53.66
N LEU D 595 15.36 23.78 -54.47
CA LEU D 595 14.11 23.18 -54.90
C LEU D 595 14.26 21.68 -54.75
N ALA D 596 13.29 21.03 -54.11
CA ALA D 596 13.39 19.60 -53.90
C ALA D 596 11.99 19.03 -53.77
N PHE D 597 11.81 17.83 -54.32
CA PHE D 597 10.56 17.09 -54.23
C PHE D 597 10.81 15.78 -53.49
N ARG D 598 10.01 15.50 -52.49
CA ARG D 598 10.06 14.26 -51.75
C ARG D 598 8.76 13.51 -52.01
N VAL D 599 8.87 12.22 -52.31
CA VAL D 599 7.71 11.35 -52.41
C VAL D 599 7.99 10.14 -51.53
N SER D 600 7.10 9.87 -50.58
CA SER D 600 7.28 8.76 -49.66
C SER D 600 6.02 7.91 -49.62
N TYR D 601 6.21 6.61 -49.47
CA TYR D 601 5.14 5.66 -49.22
C TYR D 601 5.59 4.73 -48.12
N GLY D 602 4.65 4.26 -47.32
CA GLY D 602 5.06 3.37 -46.24
C GLY D 602 3.89 2.70 -45.56
N ILE D 603 4.25 1.74 -44.72
CA ILE D 603 3.32 1.03 -43.84
C ILE D 603 3.77 1.27 -42.41
N GLN D 604 2.87 1.84 -41.60
CA GLN D 604 3.10 2.10 -40.19
C GLN D 604 2.21 1.17 -39.36
N GLY D 605 2.56 1.01 -38.09
CA GLY D 605 1.84 0.13 -37.21
C GLY D 605 1.45 0.82 -35.92
N ASN D 606 0.52 0.19 -35.22
CA ASN D 606 0.10 0.65 -33.90
C ASN D 606 -0.24 -0.56 -33.06
N ILE D 607 0.09 -0.49 -31.78
CA ILE D 607 -0.20 -1.56 -30.82
C ILE D 607 -1.35 -1.11 -29.93
N ASP D 608 -2.38 -1.94 -29.84
CA ASP D 608 -3.42 -1.77 -28.83
C ASP D 608 -3.07 -2.65 -27.65
N LYS D 609 -2.68 -2.04 -26.54
CA LYS D 609 -2.17 -2.77 -25.39
C LYS D 609 -3.27 -3.21 -24.44
N ASN D 610 -4.52 -2.85 -24.69
CA ASN D 610 -5.63 -3.24 -23.86
C ASN D 610 -6.31 -4.51 -24.34
N THR D 611 -5.81 -5.12 -25.41
CA THR D 611 -6.37 -6.35 -25.95
C THR D 611 -5.32 -7.44 -25.88
N SER D 612 -5.77 -8.69 -25.74
CA SER D 612 -4.89 -9.80 -25.47
C SER D 612 -5.14 -10.94 -26.46
N PRO D 613 -4.11 -11.71 -26.78
CA PRO D 613 -4.30 -12.91 -27.61
C PRO D 613 -4.64 -14.17 -26.83
N PHE D 614 -4.98 -14.05 -25.55
CA PHE D 614 -5.12 -15.18 -24.67
C PHE D 614 -6.58 -15.40 -24.31
N LEU D 615 -6.88 -16.62 -23.87
CA LEU D 615 -8.20 -16.98 -23.39
C LEU D 615 -8.34 -16.47 -21.97
N LEU D 616 -8.98 -15.32 -21.82
CA LEU D 616 -9.25 -14.75 -20.51
C LEU D 616 -10.60 -15.24 -20.03
N GLY D 617 -10.62 -15.99 -18.94
CA GLY D 617 -11.84 -16.56 -18.42
C GLY D 617 -12.05 -16.30 -16.95
N LYS D 618 -13.01 -17.00 -16.34
CA LYS D 618 -13.27 -16.87 -14.92
C LYS D 618 -13.78 -18.21 -14.40
N TYR D 619 -13.54 -18.45 -13.11
CA TYR D 619 -13.93 -19.70 -12.48
C TYR D 619 -15.36 -19.58 -11.96
N ILE D 620 -16.19 -20.56 -12.31
CA ILE D 620 -17.56 -20.65 -11.82
C ILE D 620 -17.79 -22.08 -11.34
N VAL D 621 -18.38 -22.21 -10.15
CA VAL D 621 -18.71 -23.52 -9.61
C VAL D 621 -20.14 -23.88 -9.99
N ASP D 622 -20.31 -24.55 -11.11
CA ASP D 622 -21.61 -25.04 -11.54
C ASP D 622 -21.59 -26.57 -11.56
N ASN D 623 -22.70 -27.18 -11.99
CA ASN D 623 -22.82 -28.63 -11.99
C ASN D 623 -23.70 -29.05 -13.14
N ILE D 624 -23.34 -30.16 -13.79
CA ILE D 624 -24.08 -30.65 -14.94
C ILE D 624 -25.04 -31.75 -14.48
N LEU D 625 -24.56 -32.63 -13.60
CA LEU D 625 -25.39 -33.71 -13.08
C LEU D 625 -25.67 -33.45 -11.61
N PRO D 626 -26.82 -33.89 -11.09
CA PRO D 626 -27.11 -33.67 -9.67
C PRO D 626 -26.07 -34.35 -8.78
N GLY D 627 -25.67 -33.65 -7.73
CA GLY D 627 -24.73 -34.19 -6.77
C GLY D 627 -23.28 -34.02 -7.14
N GLY D 628 -22.97 -33.62 -8.36
CA GLY D 628 -21.58 -33.44 -8.74
C GLY D 628 -21.27 -32.03 -9.16
N SER D 629 -20.53 -31.31 -8.32
CA SER D 629 -20.19 -29.92 -8.53
C SER D 629 -18.70 -29.81 -8.73
N GLU D 630 -18.29 -28.96 -9.68
CA GLU D 630 -16.89 -28.82 -10.03
C GLU D 630 -16.65 -27.41 -10.54
N HIS D 631 -15.39 -27.01 -10.54
CA HIS D 631 -15.00 -25.72 -11.09
C HIS D 631 -15.07 -25.75 -12.61
N MET D 632 -15.59 -24.68 -13.18
CA MET D 632 -15.67 -24.52 -14.63
C MET D 632 -15.16 -23.14 -14.99
N ILE D 633 -14.63 -23.01 -16.20
CA ILE D 633 -14.10 -21.75 -16.70
C ILE D 633 -15.06 -21.21 -17.74
N ASP D 634 -15.56 -20.00 -17.50
CA ASP D 634 -16.39 -19.29 -18.45
C ASP D 634 -15.54 -18.27 -19.20
N ILE D 635 -15.65 -18.27 -20.52
CA ILE D 635 -14.80 -17.43 -21.36
C ILE D 635 -15.28 -15.99 -21.28
N ASN D 636 -14.39 -15.09 -20.86
CA ASN D 636 -14.69 -13.66 -20.88
C ASN D 636 -14.24 -13.01 -22.19
N SER D 637 -13.06 -13.39 -22.69
CA SER D 637 -12.54 -12.87 -23.94
C SER D 637 -12.09 -14.01 -24.83
N ALA D 638 -12.34 -13.87 -26.11
CA ALA D 638 -11.98 -14.90 -27.08
C ALA D 638 -10.47 -14.90 -27.34
N PRO D 639 -9.88 -16.06 -27.56
CA PRO D 639 -8.45 -16.15 -27.88
C PRO D 639 -8.13 -15.77 -29.31
N ASN D 640 -7.90 -14.49 -29.57
CA ASN D 640 -7.52 -14.07 -30.92
C ASN D 640 -6.06 -14.45 -31.17
N LYS D 641 -5.85 -15.53 -31.91
CA LYS D 641 -4.52 -15.97 -32.30
C LYS D 641 -3.96 -15.16 -33.46
N LYS D 642 -4.77 -14.36 -34.14
CA LYS D 642 -4.32 -13.51 -35.23
C LYS D 642 -4.22 -12.04 -34.81
N LEU D 643 -4.05 -11.79 -33.52
CA LEU D 643 -3.90 -10.42 -33.04
C LEU D 643 -2.58 -9.85 -33.52
N ARG D 644 -2.61 -8.60 -33.99
CA ARG D 644 -1.47 -8.00 -34.66
C ARG D 644 -1.53 -6.49 -34.46
N TRP D 645 -0.63 -5.78 -35.13
CA TRP D 645 -0.67 -4.34 -35.11
C TRP D 645 -1.69 -3.82 -36.13
N GLU D 646 -1.95 -2.52 -36.05
CA GLU D 646 -2.94 -1.88 -36.89
C GLU D 646 -2.24 -1.18 -38.05
N LYS D 647 -2.59 -1.56 -39.28
CA LYS D 647 -1.87 -1.09 -40.45
C LYS D 647 -2.24 0.35 -40.76
N THR D 648 -1.27 1.11 -41.26
CA THR D 648 -1.50 2.47 -41.73
C THR D 648 -0.68 2.65 -43.00
N GLN D 649 -1.36 2.58 -44.14
CA GLN D 649 -0.74 2.76 -45.45
C GLN D 649 -0.76 4.25 -45.77
N SER D 650 0.41 4.87 -45.85
CA SER D 650 0.47 6.32 -45.99
C SER D 650 1.35 6.72 -47.18
N VAL D 651 0.96 7.81 -47.83
CA VAL D 651 1.76 8.45 -48.87
C VAL D 651 1.91 9.93 -48.52
N ASN D 652 3.02 10.51 -48.99
CA ASN D 652 3.37 11.88 -48.69
C ASN D 652 4.10 12.46 -49.89
N VAL D 653 3.65 13.62 -50.36
CA VAL D 653 4.32 14.37 -51.41
C VAL D 653 4.67 15.73 -50.84
N GLY D 654 5.95 16.07 -50.88
CA GLY D 654 6.42 17.30 -50.27
C GLY D 654 7.30 18.11 -51.20
N LEU D 655 7.21 19.43 -51.03
CA LEU D 655 7.98 20.41 -51.77
C LEU D 655 8.81 21.22 -50.79
N ASP D 656 10.10 21.36 -51.08
CA ASP D 656 11.00 22.23 -50.34
C ASP D 656 11.51 23.31 -51.28
N PHE D 657 11.35 24.57 -50.89
CA PHE D 657 11.71 25.72 -51.71
C PHE D 657 12.44 26.71 -50.82
N SER D 658 13.49 27.32 -51.35
CA SER D 658 14.25 28.32 -50.60
C SER D 658 14.86 29.30 -51.59
N VAL D 659 14.57 30.58 -51.41
CA VAL D 659 15.04 31.59 -52.36
C VAL D 659 15.59 32.82 -51.62
N LEU D 660 16.56 33.47 -52.30
CA LEU D 660 17.18 34.74 -51.93
C LEU D 660 18.03 34.62 -50.65
N ASN D 661 18.93 33.64 -50.64
CA ASN D 661 19.81 33.40 -49.50
C ASN D 661 18.99 33.10 -48.25
N GLN D 662 18.04 32.18 -48.39
CA GLN D 662 17.13 31.77 -47.32
C GLN D 662 16.28 32.94 -46.84
N ALA D 663 16.09 33.92 -47.73
CA ALA D 663 15.24 35.09 -47.41
C ALA D 663 13.78 34.63 -47.33
N LEU D 664 13.49 33.44 -47.86
CA LEU D 664 12.10 32.89 -47.85
C LEU D 664 12.11 31.38 -48.17
N ASN D 665 11.88 30.55 -47.14
CA ASN D 665 11.77 29.10 -47.28
C ASN D 665 10.33 28.66 -47.15
N LEU D 666 9.92 27.75 -48.02
CA LEU D 666 8.60 27.16 -48.04
C LEU D 666 8.74 25.65 -48.01
N SER D 667 7.86 24.99 -47.26
CA SER D 667 7.87 23.54 -47.19
C SER D 667 6.42 23.07 -47.11
N VAL D 668 5.94 22.47 -48.20
CA VAL D 668 4.57 21.97 -48.27
C VAL D 668 4.62 20.45 -48.23
N ASP D 669 3.60 19.85 -47.62
CA ASP D 669 3.51 18.39 -47.54
C ASP D 669 2.04 18.00 -47.60
N TYR D 670 1.64 17.32 -48.68
CA TYR D 670 0.31 16.73 -48.77
C TYR D 670 0.42 15.26 -48.44
N TYR D 671 -0.40 14.79 -47.50
CA TYR D 671 -0.34 13.41 -47.05
C TYR D 671 -1.71 12.76 -47.12
N TYR D 672 -1.68 11.44 -47.29
CA TYR D 672 -2.89 10.61 -47.24
C TYR D 672 -2.53 9.35 -46.47
N ARG D 673 -3.18 9.14 -45.32
CA ARG D 673 -2.91 7.98 -44.47
C ARG D 673 -4.20 7.20 -44.29
N LYS D 674 -4.25 6.00 -44.86
CA LYS D 674 -5.40 5.11 -44.75
C LYS D 674 -5.04 4.01 -43.76
N GLY D 675 -5.68 4.01 -42.60
CA GLY D 675 -5.42 3.02 -41.57
C GLY D 675 -6.48 1.94 -41.62
N THR D 676 -6.02 0.69 -41.69
CA THR D 676 -6.87 -0.49 -41.73
C THR D 676 -6.42 -1.44 -40.64
N ASP D 677 -7.15 -2.54 -40.49
CA ASP D 677 -6.90 -3.53 -39.45
C ASP D 677 -6.91 -2.89 -38.08
N LEU D 678 -7.72 -1.84 -37.92
CA LEU D 678 -7.86 -1.18 -36.63
C LEU D 678 -8.61 -2.10 -35.67
N ILE D 679 -8.21 -2.09 -34.42
CA ILE D 679 -8.79 -2.96 -33.40
C ILE D 679 -10.05 -2.29 -32.84
N GLY D 680 -11.17 -2.98 -32.93
CA GLY D 680 -12.40 -2.51 -32.35
C GLY D 680 -13.41 -3.63 -32.29
N LYS D 681 -14.50 -3.37 -31.59
CA LYS D 681 -15.54 -4.38 -31.42
C LYS D 681 -16.26 -4.62 -32.74
N GLN D 682 -16.38 -5.88 -33.14
CA GLN D 682 -17.13 -6.24 -34.33
C GLN D 682 -18.22 -7.23 -33.99
N MET D 683 -19.37 -7.08 -34.65
CA MET D 683 -20.47 -8.03 -34.55
C MET D 683 -20.14 -9.23 -35.42
N LEU D 684 -19.66 -10.29 -34.80
CA LEU D 684 -19.20 -11.47 -35.52
C LEU D 684 -20.36 -12.37 -35.92
N PRO D 685 -20.18 -13.19 -36.96
CA PRO D 685 -21.16 -14.24 -37.25
C PRO D 685 -21.20 -15.26 -36.13
N LEU D 686 -22.37 -15.86 -35.93
CA LEU D 686 -22.55 -16.75 -34.79
C LEU D 686 -21.83 -18.08 -34.95
N GLU D 687 -21.24 -18.34 -36.12
CA GLU D 687 -20.56 -19.61 -36.34
C GLU D 687 -19.25 -19.71 -35.57
N THR D 688 -18.70 -18.59 -35.14
CA THR D 688 -17.71 -18.62 -34.08
C THR D 688 -18.42 -18.62 -32.73
N GLY D 689 -17.67 -18.83 -31.67
CA GLY D 689 -18.40 -19.02 -30.45
C GLY D 689 -19.00 -17.79 -29.84
N PHE D 690 -18.88 -16.63 -30.47
CA PHE D 690 -19.15 -15.36 -29.80
C PHE D 690 -19.98 -14.45 -30.69
N VAL D 691 -20.71 -13.55 -30.01
CA VAL D 691 -21.54 -12.57 -30.71
C VAL D 691 -20.70 -11.38 -31.16
N SER D 692 -19.68 -11.01 -30.37
CA SER D 692 -18.82 -9.89 -30.72
C SER D 692 -17.49 -10.06 -30.00
N THR D 693 -16.44 -9.49 -30.58
CA THR D 693 -15.11 -9.50 -30.01
C THR D 693 -14.34 -8.31 -30.56
N ASN D 694 -13.27 -7.94 -29.86
CA ASN D 694 -12.35 -6.90 -30.33
C ASN D 694 -11.33 -7.54 -31.26
N ILE D 695 -11.40 -7.23 -32.55
CA ILE D 695 -10.49 -7.79 -33.54
C ILE D 695 -10.02 -6.69 -34.48
N ASN D 696 -9.06 -7.03 -35.34
CA ASN D 696 -8.50 -6.10 -36.32
C ASN D 696 -9.41 -6.03 -37.54
N TRP D 697 -10.32 -5.06 -37.53
CA TRP D 697 -11.21 -4.91 -38.67
C TRP D 697 -11.48 -3.48 -39.14
N ALA D 698 -11.41 -2.48 -38.26
CA ALA D 698 -11.93 -1.16 -38.58
C ALA D 698 -10.96 -0.36 -39.45
N SER D 699 -11.41 0.80 -39.93
CA SER D 699 -10.67 1.64 -40.85
C SER D 699 -10.88 3.11 -40.55
N MET D 700 -9.89 3.91 -40.93
CA MET D 700 -9.90 5.36 -40.75
C MET D 700 -9.05 5.97 -41.86
N VAL D 701 -9.27 7.25 -42.13
CA VAL D 701 -8.47 7.98 -43.10
C VAL D 701 -8.17 9.36 -42.54
N ASN D 702 -6.89 9.74 -42.56
CA ASN D 702 -6.44 11.09 -42.23
C ASN D 702 -5.74 11.64 -43.46
N LYS D 703 -6.29 12.70 -44.03
CA LYS D 703 -5.76 13.23 -45.29
C LYS D 703 -5.67 14.74 -45.18
N GLY D 704 -4.55 15.32 -45.60
CA GLY D 704 -4.40 16.74 -45.39
C GLY D 704 -3.13 17.32 -45.97
N VAL D 705 -2.80 18.53 -45.50
CA VAL D 705 -1.67 19.29 -46.02
C VAL D 705 -1.10 20.16 -44.90
N GLU D 706 0.23 20.23 -44.84
CA GLU D 706 0.94 21.09 -43.91
C GLU D 706 1.85 22.04 -44.68
N VAL D 707 1.91 23.29 -44.24
CA VAL D 707 2.72 24.33 -44.87
C VAL D 707 3.56 25.00 -43.80
N SER D 708 4.87 25.09 -44.04
CA SER D 708 5.78 25.82 -43.16
C SER D 708 6.48 26.88 -43.99
N LEU D 709 6.22 28.15 -43.68
CA LEU D 709 6.84 29.27 -44.34
C LEU D 709 7.72 30.01 -43.35
N SER D 710 8.92 30.40 -43.79
CA SER D 710 9.88 31.07 -42.93
C SER D 710 10.53 32.19 -43.72
N THR D 711 10.24 33.44 -43.35
CA THR D 711 10.65 34.62 -44.07
C THR D 711 11.60 35.45 -43.23
N ARG D 712 12.59 36.06 -43.88
CA ARG D 712 13.45 37.06 -43.27
C ARG D 712 13.02 38.40 -43.85
N ASN D 713 12.08 39.06 -43.17
CA ASN D 713 11.42 40.22 -43.75
C ASN D 713 12.41 41.37 -43.96
N VAL D 714 13.14 41.75 -42.92
CA VAL D 714 14.20 42.74 -43.05
C VAL D 714 15.45 42.21 -42.35
N ALA D 715 16.61 42.65 -42.81
CA ALA D 715 17.89 42.30 -42.22
C ALA D 715 18.67 43.59 -42.44
N THR D 716 18.85 44.35 -41.37
CA THR D 716 19.66 45.56 -41.33
C THR D 716 20.69 45.38 -40.23
N LYS D 717 21.69 46.26 -40.20
CA LYS D 717 22.75 46.16 -39.20
C LYS D 717 22.19 46.19 -37.78
N ASN D 718 21.15 46.98 -37.55
CA ASN D 718 20.53 47.09 -36.24
C ASN D 718 19.22 46.31 -36.13
N PHE D 719 18.27 46.59 -37.01
CA PHE D 719 16.94 45.98 -36.95
C PHE D 719 16.86 44.79 -37.89
N SER D 720 16.15 43.76 -37.46
CA SER D 720 15.95 42.57 -38.28
C SER D 720 14.80 41.75 -37.71
N TRP D 721 13.81 41.44 -38.53
CA TRP D 721 12.75 40.57 -38.05
C TRP D 721 12.44 39.45 -39.03
N TYR D 722 12.05 38.32 -38.45
CA TYR D 722 11.75 37.09 -39.15
C TYR D 722 10.35 36.61 -38.78
N THR D 723 9.73 35.91 -39.72
CA THR D 723 8.38 35.39 -39.57
C THR D 723 8.38 33.88 -39.82
N ASN D 724 7.63 33.15 -39.00
CA ASN D 724 7.44 31.71 -39.15
C ASN D 724 5.95 31.45 -39.14
N LEU D 725 5.39 31.01 -40.26
CA LEU D 725 3.99 30.66 -40.36
C LEU D 725 3.88 29.15 -40.54
N ASN D 726 3.33 28.47 -39.55
CA ASN D 726 3.04 27.05 -39.62
C ASN D 726 1.53 26.87 -39.76
N PHE D 727 1.12 26.07 -40.72
CA PHE D 727 -0.28 25.82 -40.99
C PHE D 727 -0.46 24.34 -41.26
N ALA D 728 -1.60 23.80 -40.85
CA ALA D 728 -1.92 22.41 -41.13
C ALA D 728 -3.42 22.23 -41.19
N TYR D 729 -3.88 21.53 -42.22
CA TYR D 729 -5.27 21.11 -42.34
C TYR D 729 -5.30 19.59 -42.41
N ASN D 730 -6.19 19.00 -41.62
CA ASN D 730 -6.36 17.56 -41.54
C ASN D 730 -7.83 17.20 -41.66
N ASN D 731 -8.13 16.15 -42.43
CA ASN D 731 -9.47 15.63 -42.62
C ASN D 731 -9.47 14.20 -42.10
N ASN D 732 -10.19 13.98 -41.01
CA ASN D 732 -10.33 12.65 -40.40
C ASN D 732 -11.68 12.07 -40.78
N LYS D 733 -11.71 10.76 -41.03
CA LYS D 733 -12.95 10.06 -41.34
C LYS D 733 -12.85 8.63 -40.86
N VAL D 734 -13.87 8.17 -40.16
CA VAL D 734 -13.99 6.76 -39.81
C VAL D 734 -14.65 6.05 -40.98
N LEU D 735 -13.98 5.03 -41.51
CA LEU D 735 -14.46 4.36 -42.71
C LEU D 735 -15.31 3.13 -42.39
N ARG D 736 -14.87 2.31 -41.44
CA ARG D 736 -15.63 1.15 -40.99
C ARG D 736 -15.63 1.16 -39.48
N GLU D 737 -16.82 1.08 -38.88
CA GLU D 737 -16.94 1.04 -37.43
C GLU D 737 -18.27 0.39 -37.09
N ALA D 738 -18.28 -0.37 -36.00
CA ALA D 738 -19.46 -1.08 -35.57
C ALA D 738 -20.23 -0.23 -34.57
N ILE D 739 -21.52 -0.06 -34.82
CA ILE D 739 -22.41 0.76 -34.00
C ILE D 739 -23.40 -0.17 -33.32
N PRO D 740 -23.57 -0.10 -32.00
CA PRO D 740 -24.55 -0.95 -31.32
C PRO D 740 -25.95 -0.72 -31.86
N GLU D 741 -26.74 -1.79 -31.88
CA GLU D 741 -28.10 -1.71 -32.42
C GLU D 741 -28.98 -0.79 -31.60
N ALA D 742 -28.69 -0.66 -30.30
CA ALA D 742 -29.50 0.14 -29.39
C ALA D 742 -28.96 1.55 -29.21
N GLN D 743 -28.17 2.05 -30.15
CA GLN D 743 -27.59 3.39 -30.06
C GLN D 743 -28.38 4.33 -30.96
N THR D 744 -28.86 5.42 -30.37
CA THR D 744 -29.70 6.39 -31.08
C THR D 744 -28.92 7.58 -31.63
N ILE D 745 -27.82 7.95 -31.01
CA ILE D 745 -26.89 8.90 -31.63
C ILE D 745 -26.16 8.21 -32.77
N PRO D 746 -26.05 8.82 -33.94
CA PRO D 746 -25.46 8.12 -35.10
C PRO D 746 -23.97 7.86 -34.93
N GLY D 747 -23.49 6.86 -35.67
CA GLY D 747 -22.10 6.51 -35.64
C GLY D 747 -21.24 7.45 -36.45
N ARG D 748 -19.93 7.28 -36.32
CA ARG D 748 -18.96 8.18 -36.91
C ARG D 748 -18.53 7.76 -38.30
N GLU D 749 -19.12 6.70 -38.85
CA GLU D 749 -18.72 6.21 -40.17
C GLU D 749 -18.90 7.29 -41.22
N GLY D 750 -17.80 7.71 -41.84
CA GLY D 750 -17.80 8.83 -42.75
C GLY D 750 -17.57 10.17 -42.11
N TYR D 751 -17.27 10.20 -40.81
CA TYR D 751 -17.13 11.42 -40.03
C TYR D 751 -15.94 11.26 -39.09
N PRO D 752 -15.41 12.36 -38.55
CA PRO D 752 -14.25 12.26 -37.66
C PRO D 752 -14.55 11.46 -36.40
N VAL D 753 -13.48 11.03 -35.73
CA VAL D 753 -13.63 10.37 -34.43
C VAL D 753 -14.28 11.29 -33.42
N ASP D 754 -14.08 12.60 -33.57
CA ASP D 754 -14.63 13.61 -32.68
C ASP D 754 -15.91 14.23 -33.23
N ALA D 755 -16.67 13.49 -34.02
CA ALA D 755 -17.88 14.03 -34.62
C ALA D 755 -18.89 14.42 -33.55
N ILE D 756 -19.64 15.47 -33.82
CA ILE D 756 -20.69 15.97 -32.94
C ILE D 756 -21.98 15.96 -33.74
N PHE D 757 -22.95 15.18 -33.28
CA PHE D 757 -24.28 15.14 -33.88
C PHE D 757 -25.25 15.80 -32.92
N ALA D 758 -26.11 16.67 -33.46
CA ALA D 758 -27.06 17.41 -32.64
C ALA D 758 -28.42 17.38 -33.30
N ILE D 759 -29.46 17.51 -32.48
CA ILE D 759 -30.84 17.55 -32.96
C ILE D 759 -31.16 19.01 -33.28
N LYS D 760 -31.15 19.36 -34.56
CA LYS D 760 -31.46 20.72 -34.98
C LYS D 760 -32.88 21.09 -34.59
N THR D 761 -33.03 22.27 -33.98
CA THR D 761 -34.31 22.75 -33.48
C THR D 761 -34.78 23.93 -34.32
N ALA D 762 -36.08 23.98 -34.57
CA ALA D 762 -36.71 25.05 -35.32
C ALA D 762 -37.04 26.26 -34.47
N GLY D 763 -36.45 26.36 -33.29
CA GLY D 763 -36.76 27.43 -32.37
C GLY D 763 -37.62 26.97 -31.22
N LEU D 764 -38.48 27.86 -30.75
CA LEU D 764 -39.45 27.59 -29.72
C LEU D 764 -40.85 27.84 -30.25
N ASP D 765 -41.82 27.10 -29.72
CA ASP D 765 -43.21 27.32 -30.10
C ASP D 765 -43.84 28.34 -29.14
N GLU D 766 -45.17 28.47 -29.23
CA GLU D 766 -45.86 29.48 -28.46
C GLU D 766 -45.88 29.21 -26.97
N GLU D 767 -45.49 28.00 -26.54
CA GLU D 767 -45.46 27.65 -25.13
C GLU D 767 -44.04 27.48 -24.61
N GLY D 768 -43.03 27.84 -25.40
CA GLY D 768 -41.66 27.77 -24.97
C GLY D 768 -41.00 26.42 -25.09
N TYR D 769 -41.70 25.43 -25.62
CA TYR D 769 -41.08 24.13 -25.84
C TYR D 769 -40.19 24.19 -27.08
N PRO D 770 -39.10 23.42 -27.12
CA PRO D 770 -38.29 23.37 -28.33
C PRO D 770 -39.07 22.79 -29.50
N LEU D 771 -38.81 23.32 -30.68
CA LEU D 771 -39.47 22.92 -31.91
C LEU D 771 -38.46 22.29 -32.85
N PHE D 772 -38.84 21.19 -33.48
CA PHE D 772 -37.92 20.39 -34.27
C PHE D 772 -38.25 20.51 -35.75
N TYR D 773 -37.59 19.69 -36.56
CA TYR D 773 -37.83 19.59 -37.99
C TYR D 773 -38.09 18.13 -38.34
N ASP D 774 -39.00 17.90 -39.28
CA ASP D 774 -39.21 16.57 -39.82
C ASP D 774 -38.53 16.45 -41.18
N LYS D 775 -38.67 15.29 -41.80
CA LYS D 775 -38.02 15.05 -43.09
C LYS D 775 -38.53 15.98 -44.18
N GLU D 776 -39.75 16.50 -44.04
CA GLU D 776 -40.30 17.43 -45.02
C GLU D 776 -39.84 18.86 -44.79
N GLY D 777 -39.20 19.15 -43.65
CA GLY D 777 -38.78 20.50 -43.34
C GLY D 777 -39.77 21.33 -42.57
N LYS D 778 -40.79 20.71 -41.98
CA LYS D 778 -41.84 21.42 -41.28
C LYS D 778 -41.56 21.45 -39.79
N LYS D 779 -41.79 22.61 -39.17
CA LYS D 779 -41.60 22.78 -37.74
C LYS D 779 -42.51 21.84 -36.96
N VAL D 780 -41.93 20.86 -36.30
CA VAL D 780 -42.67 19.74 -35.72
C VAL D 780 -42.31 19.63 -34.25
N THR D 781 -43.31 19.43 -33.41
CA THR D 781 -43.09 19.30 -31.98
C THR D 781 -42.60 17.90 -31.64
N LEU D 782 -42.19 17.70 -30.39
CA LEU D 782 -41.64 16.40 -29.99
C LEU D 782 -42.69 15.30 -30.06
N LYS D 783 -43.96 15.64 -29.86
CA LYS D 783 -45.02 14.65 -29.98
C LYS D 783 -45.14 14.15 -31.42
N GLU D 784 -45.06 15.06 -32.39
CA GLU D 784 -45.13 14.65 -33.79
C GLU D 784 -43.84 14.00 -34.25
N LEU D 785 -42.70 14.48 -33.76
CA LEU D 785 -41.41 13.97 -34.21
C LEU D 785 -41.24 12.51 -33.78
N TYR D 786 -41.52 12.22 -32.52
CA TYR D 786 -41.36 10.88 -31.98
C TYR D 786 -42.64 10.06 -32.07
N ARG D 787 -43.72 10.63 -32.58
CA ARG D 787 -45.01 9.96 -32.68
C ARG D 787 -45.42 9.37 -31.33
N LEU D 788 -45.43 10.24 -30.32
CA LEU D 788 -45.71 9.80 -28.96
C LEU D 788 -47.15 9.34 -28.82
N GLN D 789 -47.35 8.22 -28.14
CA GLN D 789 -48.68 7.67 -27.91
C GLN D 789 -48.87 7.46 -26.41
N ASP D 790 -50.00 7.93 -25.89
CA ASP D 790 -50.38 7.72 -24.50
C ASP D 790 -51.76 7.06 -24.49
N PRO D 791 -51.81 5.73 -24.44
CA PRO D 791 -53.11 5.05 -24.42
C PRO D 791 -53.74 5.07 -23.03
N PHE D 792 -52.92 4.93 -22.00
CA PHE D 792 -53.42 4.94 -20.64
C PHE D 792 -53.80 6.35 -20.18
N GLY D 793 -53.17 7.38 -20.73
CA GLY D 793 -53.46 8.74 -20.36
C GLY D 793 -52.86 9.20 -19.05
N LEU D 794 -51.99 8.38 -18.44
CA LEU D 794 -51.40 8.71 -17.15
C LEU D 794 -50.17 9.58 -17.27
N GLY D 795 -49.73 9.90 -18.50
CA GLY D 795 -48.57 10.73 -18.70
C GLY D 795 -47.28 9.96 -18.77
N PHE D 796 -46.85 9.37 -17.65
CA PHE D 796 -45.60 8.64 -17.60
C PHE D 796 -45.65 7.33 -18.36
N THR D 797 -46.83 6.93 -18.83
CA THR D 797 -47.02 5.71 -19.61
C THR D 797 -46.83 5.94 -21.10
N VAL D 798 -46.17 7.04 -21.49
CA VAL D 798 -45.99 7.37 -22.89
C VAL D 798 -44.99 6.40 -23.52
N ASN D 799 -45.20 6.11 -24.81
CA ASN D 799 -44.31 5.22 -25.55
C ASN D 799 -44.20 5.71 -26.98
N SER D 800 -43.17 5.24 -27.67
CA SER D 800 -42.90 5.62 -29.05
C SER D 800 -42.53 4.38 -29.86
N ASP D 801 -42.94 4.37 -31.12
CA ASP D 801 -42.60 3.29 -32.02
C ASP D 801 -41.34 3.56 -32.83
N VAL D 802 -40.67 4.68 -32.57
CA VAL D 802 -39.49 5.05 -33.33
C VAL D 802 -38.33 4.13 -32.93
N THR D 803 -37.76 3.45 -33.92
CA THR D 803 -36.64 2.55 -33.70
C THR D 803 -35.34 3.33 -33.54
N PRO D 804 -34.32 2.73 -32.92
CA PRO D 804 -33.02 3.43 -32.83
C PRO D 804 -32.46 3.83 -34.17
N ALA D 805 -32.63 3.01 -35.20
CA ALA D 805 -32.14 3.35 -36.53
C ALA D 805 -32.86 4.56 -37.11
N GLU D 806 -34.05 4.88 -36.62
CA GLU D 806 -34.79 6.05 -37.05
C GLU D 806 -34.54 7.27 -36.17
N GLU D 807 -34.37 7.07 -34.86
CA GLU D 807 -33.89 8.17 -34.02
C GLU D 807 -32.52 8.63 -34.45
N ARG D 808 -31.75 7.73 -35.07
CA ARG D 808 -30.43 8.10 -35.58
C ARG D 808 -30.52 9.15 -36.68
N SER D 809 -31.67 9.27 -37.35
CA SER D 809 -31.85 10.24 -38.42
C SER D 809 -32.36 11.59 -37.92
N PHE D 810 -32.73 11.70 -36.65
CA PHE D 810 -33.09 12.98 -36.09
C PHE D 810 -31.86 13.86 -35.85
N TYR D 811 -30.69 13.24 -35.76
CA TYR D 811 -29.44 13.95 -35.52
C TYR D 811 -28.78 14.33 -36.84
N SER D 812 -28.24 15.54 -36.88
CA SER D 812 -27.49 16.02 -38.03
C SER D 812 -26.07 16.35 -37.59
N TYR D 813 -25.12 16.08 -38.47
CA TYR D 813 -23.71 16.35 -38.16
C TYR D 813 -23.46 17.84 -38.09
N ILE D 814 -22.78 18.28 -37.03
CA ILE D 814 -22.44 19.69 -36.87
C ILE D 814 -20.98 19.90 -37.23
N GLY D 815 -20.08 19.24 -36.50
CA GLY D 815 -18.67 19.37 -36.76
C GLY D 815 -17.88 18.52 -35.79
N SER D 816 -16.56 18.61 -35.87
CA SER D 816 -15.67 17.81 -35.04
C SER D 816 -15.12 18.67 -33.90
N GLN D 817 -14.93 18.02 -32.75
CA GLN D 817 -14.27 18.72 -31.65
C GLN D 817 -12.82 18.98 -31.96
N ASP D 818 -12.14 18.03 -32.60
CA ASP D 818 -10.76 18.23 -33.01
C ASP D 818 -10.70 19.24 -34.14
N THR D 819 -10.05 20.35 -33.88
CA THR D 819 -10.03 21.46 -34.82
C THR D 819 -9.24 21.09 -36.08
N PRO D 820 -9.83 21.23 -37.28
CA PRO D 820 -9.10 20.85 -38.49
C PRO D 820 -7.95 21.77 -38.85
N TYR D 821 -8.11 23.09 -38.70
CA TYR D 821 -7.07 24.04 -39.09
C TYR D 821 -6.27 24.43 -37.86
N THR D 822 -4.99 24.09 -37.85
CA THR D 822 -4.14 24.42 -36.71
C THR D 822 -2.89 25.11 -37.21
N GLY D 823 -2.24 25.84 -36.32
CA GLY D 823 -0.94 26.39 -36.66
C GLY D 823 -0.56 27.55 -35.77
N GLY D 824 0.38 28.34 -36.26
CA GLY D 824 0.86 29.49 -35.51
C GLY D 824 1.67 30.45 -36.36
N LEU D 825 1.81 31.66 -35.84
CA LEU D 825 2.64 32.73 -36.38
C LEU D 825 3.65 33.13 -35.32
N ILE D 826 4.93 33.03 -35.64
CA ILE D 826 5.99 33.45 -34.73
C ILE D 826 6.74 34.59 -35.39
N ASN D 827 6.68 35.77 -34.80
CA ASN D 827 7.43 36.94 -35.26
C ASN D 827 8.56 37.18 -34.29
N THR D 828 9.77 37.38 -34.81
CA THR D 828 10.94 37.65 -33.98
C THR D 828 11.60 38.92 -34.49
N PHE D 829 11.55 39.98 -33.70
CA PHE D 829 12.21 41.24 -33.99
C PHE D 829 13.47 41.34 -33.15
N SER D 830 14.50 41.96 -33.73
CA SER D 830 15.72 42.25 -33.01
C SER D 830 16.15 43.66 -33.39
N TYR D 831 16.59 44.41 -32.39
CA TYR D 831 17.04 45.79 -32.59
C TYR D 831 18.14 46.05 -31.58
N LYS D 832 19.39 46.03 -32.03
CA LYS D 832 20.54 46.17 -31.15
C LYS D 832 20.52 45.13 -30.04
N ASN D 833 20.40 45.56 -28.80
CA ASN D 833 20.39 44.66 -27.65
C ASN D 833 19.00 44.18 -27.28
N TRP D 834 17.98 44.57 -28.03
CA TRP D 834 16.60 44.24 -27.73
C TRP D 834 16.10 43.14 -28.66
N GLU D 835 15.26 42.26 -28.12
CA GLU D 835 14.66 41.17 -28.89
C GLU D 835 13.22 41.00 -28.44
N LEU D 836 12.31 40.93 -29.40
CA LEU D 836 10.88 40.83 -29.10
C LEU D 836 10.30 39.66 -29.89
N THR D 837 9.81 38.66 -29.17
CA THR D 837 9.21 37.47 -29.78
C THR D 837 7.72 37.46 -29.50
N ALA D 838 6.92 37.34 -30.56
CA ALA D 838 5.48 37.23 -30.45
C ALA D 838 5.06 35.91 -31.09
N ASN D 839 4.57 34.99 -30.27
CA ASN D 839 4.08 33.69 -30.71
C ASN D 839 2.58 33.66 -30.60
N LEU D 840 1.90 33.44 -31.72
CA LEU D 840 0.45 33.35 -31.78
C LEU D 840 0.10 31.99 -32.35
N SER D 841 -0.96 31.37 -31.86
CA SER D 841 -1.33 30.04 -32.32
C SER D 841 -2.83 29.99 -32.56
N PHE D 842 -3.23 29.47 -33.71
CA PHE D 842 -4.64 29.41 -34.07
C PHE D 842 -5.13 27.98 -34.17
N ASN D 843 -6.34 27.76 -33.65
CA ASN D 843 -7.11 26.54 -33.83
C ASN D 843 -8.48 26.94 -34.35
N LEU D 844 -8.72 26.72 -35.65
CA LEU D 844 -9.93 27.16 -36.32
C LEU D 844 -10.64 25.98 -36.98
N GLY D 845 -11.97 25.99 -36.86
CA GLY D 845 -12.81 25.03 -37.55
C GLY D 845 -13.51 24.01 -36.68
N GLY D 846 -13.40 24.09 -35.35
CA GLY D 846 -13.93 23.08 -34.48
C GLY D 846 -15.30 23.41 -33.94
N TYR D 847 -15.88 22.44 -33.24
CA TYR D 847 -17.14 22.62 -32.54
C TYR D 847 -17.04 21.95 -31.19
N VAL D 848 -17.79 22.44 -30.22
CA VAL D 848 -17.78 21.89 -28.87
C VAL D 848 -19.21 21.84 -28.35
N ARG D 849 -19.60 20.70 -27.78
CA ARG D 849 -20.92 20.56 -27.19
C ARG D 849 -20.84 20.93 -25.72
N THR D 850 -21.34 22.12 -25.38
CA THR D 850 -21.31 22.60 -24.02
C THR D 850 -22.52 22.10 -23.24
N THR D 851 -22.32 21.86 -21.95
CA THR D 851 -23.41 21.44 -21.08
C THR D 851 -24.47 22.55 -21.03
N PRO D 852 -25.75 22.20 -21.06
CA PRO D 852 -26.79 23.24 -21.05
C PRO D 852 -26.66 24.16 -19.85
N SER D 853 -26.95 25.45 -20.08
CA SER D 853 -26.89 26.42 -19.00
C SER D 853 -27.82 26.04 -17.86
N TYR D 854 -28.96 25.45 -18.19
CA TYR D 854 -29.94 25.01 -17.21
C TYR D 854 -30.77 23.90 -17.83
N ASN D 855 -31.20 22.97 -17.00
CA ASN D 855 -32.14 21.94 -17.42
C ASN D 855 -33.56 22.45 -17.25
N PHE D 856 -34.41 22.18 -18.25
CA PHE D 856 -35.81 22.68 -18.26
C PHE D 856 -36.73 21.77 -17.43
N ILE D 857 -36.22 20.63 -16.96
CA ILE D 857 -37.01 19.70 -16.17
C ILE D 857 -36.43 19.62 -14.77
N ASN D 858 -35.12 19.39 -14.67
CA ASN D 858 -34.45 19.18 -13.40
C ASN D 858 -33.74 20.39 -12.80
N PHE D 859 -34.12 21.60 -13.18
CA PHE D 859 -33.37 22.78 -12.77
C PHE D 859 -33.30 22.86 -11.25
N ASP D 860 -32.08 22.92 -10.73
CA ASP D 860 -31.85 23.01 -9.29
C ASP D 860 -31.74 24.48 -8.90
N ARG D 861 -32.72 24.97 -8.13
CA ARG D 861 -32.71 26.36 -7.70
C ARG D 861 -31.89 26.58 -6.44
N GLY D 862 -31.32 25.52 -5.86
CA GLY D 862 -30.42 25.67 -4.75
C GLY D 862 -29.00 25.97 -5.14
N GLN D 863 -28.72 26.04 -6.42
CA GLN D 863 -27.39 26.34 -6.94
C GLN D 863 -27.47 27.49 -7.92
N ASN D 864 -26.38 28.24 -8.03
CA ASN D 864 -26.34 29.40 -8.91
C ASN D 864 -26.39 28.97 -10.37
N VAL D 865 -26.75 29.92 -11.24
CA VAL D 865 -26.94 29.65 -12.65
C VAL D 865 -26.49 30.87 -13.47
N ASN D 866 -26.31 30.65 -14.77
CA ASN D 866 -25.91 31.70 -15.69
C ASN D 866 -26.98 32.77 -15.79
N SER D 867 -26.68 33.81 -16.57
CA SER D 867 -27.71 34.76 -16.96
C SER D 867 -28.56 34.24 -18.11
N ASP D 868 -28.21 33.07 -18.66
CA ASP D 868 -29.02 32.46 -19.71
C ASP D 868 -30.41 32.10 -19.22
N ILE D 869 -30.56 31.82 -17.92
CA ILE D 869 -31.88 31.57 -17.34
C ILE D 869 -32.76 32.80 -17.46
N LEU D 870 -32.18 33.98 -17.61
CA LEU D 870 -32.97 35.18 -17.83
C LEU D 870 -33.40 35.34 -19.28
N ASP D 871 -32.83 34.56 -20.20
CA ASP D 871 -33.22 34.58 -21.60
C ASP D 871 -34.24 33.49 -21.94
N ARG D 872 -34.68 32.72 -20.95
CA ARG D 872 -35.62 31.64 -21.18
C ARG D 872 -37.02 32.19 -21.41
N TRP D 873 -37.85 31.38 -22.05
CA TRP D 873 -39.24 31.74 -22.30
C TRP D 873 -40.03 31.68 -20.99
N THR D 874 -40.79 32.73 -20.71
CA THR D 874 -41.69 32.78 -19.59
C THR D 874 -42.98 33.43 -20.07
N PRO D 875 -44.09 33.20 -19.37
CA PRO D 875 -45.34 33.88 -19.76
C PRO D 875 -45.21 35.39 -19.73
N GLU D 876 -44.32 35.93 -18.90
CA GLU D 876 -44.07 37.35 -18.85
C GLU D 876 -43.06 37.79 -19.92
N ASN D 877 -42.17 36.90 -20.33
CA ASN D 877 -41.20 37.16 -21.39
C ASN D 877 -41.43 36.14 -22.51
N THR D 878 -42.37 36.45 -23.40
CA THR D 878 -42.80 35.50 -24.41
C THR D 878 -41.88 35.45 -25.61
N ASP D 879 -40.91 36.36 -25.71
CA ASP D 879 -39.94 36.36 -26.80
C ASP D 879 -38.60 35.81 -26.36
N GLY D 880 -38.57 35.02 -25.28
CA GLY D 880 -37.34 34.37 -24.88
C GLY D 880 -36.90 33.34 -25.89
N ARG D 881 -35.58 33.20 -26.02
CA ARG D 881 -35.01 32.31 -27.03
C ARG D 881 -34.72 30.92 -26.49
N LEU D 882 -34.35 30.81 -25.25
CA LEU D 882 -34.02 29.50 -24.70
C LEU D 882 -35.28 28.81 -24.17
N PRO D 883 -35.31 27.48 -24.12
CA PRO D 883 -36.54 26.79 -23.74
C PRO D 883 -36.97 27.10 -22.31
N ALA D 884 -38.28 27.08 -22.09
CA ALA D 884 -38.87 27.37 -20.80
C ALA D 884 -38.72 26.18 -19.87
N LEU D 885 -38.91 26.43 -18.58
CA LEU D 885 -38.93 25.37 -17.58
C LEU D 885 -40.30 24.70 -17.63
N ILE D 886 -40.33 23.42 -18.02
CA ILE D 886 -41.57 22.73 -18.30
C ILE D 886 -42.00 21.92 -17.09
N THR D 887 -43.30 21.64 -17.02
CA THR D 887 -43.90 20.86 -15.94
C THR D 887 -44.79 19.78 -16.53
N SER D 888 -45.04 18.75 -15.71
CA SER D 888 -45.90 17.65 -16.12
C SER D 888 -47.38 18.03 -16.12
N GLU D 889 -47.73 19.20 -15.60
CA GLU D 889 -49.13 19.61 -15.59
C GLU D 889 -49.67 19.78 -17.01
N LYS D 890 -48.86 20.35 -17.89
CA LYS D 890 -49.24 20.55 -19.28
C LYS D 890 -48.35 19.68 -20.17
N ARG D 891 -48.97 18.99 -21.12
CA ARG D 891 -48.26 18.10 -22.03
C ARG D 891 -47.50 16.90 -21.45
N ALA D 892 -48.18 16.20 -20.54
CA ALA D 892 -47.53 15.19 -19.72
C ALA D 892 -46.71 14.22 -20.54
N ASP D 893 -47.22 13.83 -21.71
CA ASP D 893 -46.49 12.85 -22.53
C ASP D 893 -45.15 13.41 -22.99
N GLU D 894 -45.13 14.67 -23.45
CA GLU D 894 -43.87 15.29 -23.86
C GLU D 894 -42.93 15.45 -22.67
N TYR D 895 -43.47 15.86 -21.51
CA TYR D 895 -42.63 16.02 -20.34
C TYR D 895 -41.98 14.71 -19.93
N TYR D 896 -42.76 13.64 -19.86
CA TYR D 896 -42.21 12.35 -19.44
C TYR D 896 -41.46 11.64 -20.54
N TRP D 897 -41.51 12.11 -21.79
CA TRP D 897 -40.59 11.61 -22.79
C TRP D 897 -39.25 12.34 -22.71
N TYR D 898 -39.29 13.66 -22.52
CA TYR D 898 -38.06 14.40 -22.25
C TYR D 898 -37.38 13.90 -20.98
N ASP D 899 -38.17 13.46 -20.00
CA ASP D 899 -37.61 13.04 -18.73
C ASP D 899 -36.78 11.76 -18.86
N GLN D 900 -37.34 10.75 -19.53
CA GLN D 900 -36.62 9.48 -19.66
C GLN D 900 -35.53 9.57 -20.71
N LYS D 901 -35.79 10.23 -21.83
CA LYS D 901 -34.77 10.48 -22.85
C LYS D 901 -34.08 11.80 -22.52
N SER D 902 -33.22 11.74 -21.51
CA SER D 902 -32.54 12.94 -21.02
C SER D 902 -31.49 13.47 -21.99
N GLU D 903 -31.18 12.73 -23.05
CA GLU D 903 -30.19 13.13 -24.03
C GLU D 903 -30.76 13.90 -25.20
N ILE D 904 -32.08 14.03 -25.28
CA ILE D 904 -32.66 14.86 -26.34
C ILE D 904 -32.36 16.33 -26.08
N TYR D 905 -32.52 16.77 -24.83
CA TYR D 905 -32.22 18.15 -24.48
C TYR D 905 -30.73 18.41 -24.46
N LYS D 906 -29.93 17.42 -24.08
CA LYS D 906 -28.49 17.58 -24.03
C LYS D 906 -27.85 17.54 -25.42
N ASN D 907 -28.55 17.01 -26.41
CA ASN D 907 -28.03 16.94 -27.79
C ASN D 907 -28.73 17.91 -28.72
N LEU D 908 -29.33 18.97 -28.19
CA LEU D 908 -29.91 19.99 -29.05
C LEU D 908 -28.80 20.81 -29.70
N ASP D 909 -29.10 21.36 -30.88
CA ASP D 909 -28.09 22.10 -31.63
C ASP D 909 -27.76 23.44 -31.00
N ILE D 910 -28.51 23.88 -29.98
CA ILE D 910 -28.28 25.17 -29.37
C ILE D 910 -27.16 25.14 -28.34
N TRP D 911 -26.76 23.96 -27.88
CA TRP D 911 -25.66 23.83 -26.95
C TRP D 911 -24.33 23.52 -27.63
N VAL D 912 -24.31 23.43 -28.95
CA VAL D 912 -23.09 23.19 -29.72
C VAL D 912 -22.61 24.53 -30.26
N LYS D 913 -21.34 24.85 -30.01
CA LYS D 913 -20.79 26.16 -30.28
C LYS D 913 -19.46 26.05 -31.00
N LYS D 914 -19.17 27.06 -31.84
CA LYS D 914 -17.98 27.07 -32.65
C LYS D 914 -16.72 27.19 -31.81
N LEU D 915 -15.60 26.76 -32.39
CA LEU D 915 -14.29 26.73 -31.75
C LEU D 915 -13.28 27.22 -32.78
N ASN D 916 -13.04 28.54 -32.78
CA ASN D 916 -12.08 29.22 -33.66
C ASN D 916 -11.38 30.21 -32.74
N TYR D 917 -10.23 29.86 -32.20
CA TYR D 917 -9.52 30.76 -31.31
C TYR D 917 -8.07 30.94 -31.72
N PHE D 918 -7.62 32.20 -31.66
CA PHE D 918 -6.22 32.57 -31.70
C PHE D 918 -5.77 32.91 -30.30
N ARG D 919 -4.63 32.39 -29.90
CA ARG D 919 -4.09 32.62 -28.56
C ARG D 919 -2.68 33.16 -28.68
N LEU D 920 -2.40 34.25 -27.96
CA LEU D 920 -1.04 34.77 -27.85
C LEU D 920 -0.31 33.87 -26.87
N GLN D 921 0.35 32.84 -27.41
CA GLN D 921 1.01 31.86 -26.57
C GLN D 921 2.14 32.47 -25.78
N ASN D 922 2.89 33.38 -26.39
CA ASN D 922 4.06 33.96 -25.77
C ASN D 922 4.30 35.33 -26.37
N LEU D 923 4.60 36.30 -25.50
CA LEU D 923 5.10 37.61 -25.91
C LEU D 923 6.31 37.92 -25.05
N ARG D 924 7.50 37.81 -25.62
CA ARG D 924 8.74 38.00 -24.88
C ARG D 924 9.48 39.24 -25.36
N LEU D 925 10.03 40.00 -24.41
CA LEU D 925 10.93 41.11 -24.70
C LEU D 925 12.21 40.86 -23.93
N GLY D 926 13.33 40.80 -24.64
CA GLY D 926 14.60 40.53 -23.99
C GLY D 926 15.57 41.68 -24.11
N TYR D 927 16.60 41.67 -23.27
CA TYR D 927 17.64 42.69 -23.32
C TYR D 927 18.95 42.05 -22.90
N ARG D 928 19.93 42.01 -23.81
CA ARG D 928 21.26 41.52 -23.49
C ARG D 928 22.11 42.67 -22.99
N LEU D 929 22.63 42.55 -21.78
CA LEU D 929 23.40 43.62 -21.19
C LEU D 929 24.67 43.86 -22.02
N PRO D 930 25.09 45.10 -22.20
CA PRO D 930 26.25 45.37 -23.06
C PRO D 930 27.52 44.73 -22.51
N GLU D 931 28.42 44.37 -23.43
CA GLU D 931 29.60 43.61 -23.06
C GLU D 931 30.44 44.32 -21.99
N LYS D 932 30.43 45.65 -21.98
CA LYS D 932 31.17 46.38 -20.96
C LYS D 932 30.64 46.07 -19.57
N MET D 933 29.31 46.07 -19.41
CA MET D 933 28.73 45.78 -18.09
C MET D 933 29.00 44.34 -17.67
N THR D 934 28.91 43.39 -18.59
CA THR D 934 29.21 42.00 -18.25
C THR D 934 30.66 41.83 -17.84
N LYS D 935 31.59 42.46 -18.57
CA LYS D 935 33.00 42.39 -18.21
C LYS D 935 33.25 43.05 -16.85
N SER D 936 32.51 44.11 -16.55
CA SER D 936 32.66 44.78 -15.26
C SER D 936 32.33 43.85 -14.11
N LEU D 937 31.28 43.03 -14.27
CA LEU D 937 30.84 42.12 -13.22
C LEU D 937 31.50 40.75 -13.31
N GLY D 938 32.45 40.57 -14.23
CA GLY D 938 33.06 39.27 -14.42
C GLY D 938 32.11 38.24 -14.99
N MET D 939 31.23 38.66 -15.89
CA MET D 939 30.20 37.80 -16.46
C MET D 939 30.52 37.55 -17.92
N GLY D 940 30.49 36.28 -18.31
CA GLY D 940 30.62 35.96 -19.73
C GLY D 940 29.52 36.58 -20.55
N SER D 941 28.29 36.55 -20.03
CA SER D 941 27.17 37.23 -20.66
C SER D 941 26.09 37.44 -19.61
N ALA D 942 25.16 38.33 -19.93
CA ALA D 942 24.02 38.55 -19.05
C ALA D 942 22.84 38.98 -19.91
N SER D 943 21.64 38.63 -19.45
CA SER D 943 20.43 38.95 -20.18
C SER D 943 19.28 39.03 -19.21
N VAL D 944 18.31 39.88 -19.52
CA VAL D 944 17.05 39.94 -18.78
C VAL D 944 15.93 39.79 -19.79
N ALA D 945 14.76 39.39 -19.31
CA ALA D 945 13.61 39.27 -20.18
C ALA D 945 12.34 39.43 -19.39
N ILE D 946 11.31 39.90 -20.06
CA ILE D 946 9.94 39.92 -19.54
C ILE D 946 9.05 39.18 -20.53
N GLU D 947 8.30 38.20 -20.03
CA GLU D 947 7.50 37.30 -20.85
C GLU D 947 6.05 37.35 -20.40
N GLY D 948 5.14 37.31 -21.37
CA GLY D 948 3.72 37.23 -21.10
C GLY D 948 3.11 36.02 -21.76
N ARG D 949 2.52 35.15 -20.95
CA ARG D 949 1.99 33.87 -21.39
C ARG D 949 0.47 33.88 -21.32
N ASN D 950 -0.18 33.51 -22.42
CA ASN D 950 -1.64 33.47 -22.53
C ASN D 950 -2.27 34.82 -22.20
N LEU D 951 -1.64 35.90 -22.64
CA LEU D 951 -2.14 37.22 -22.31
C LEU D 951 -3.35 37.64 -23.13
N LEU D 952 -3.65 36.93 -24.22
CA LEU D 952 -4.70 37.38 -25.12
C LEU D 952 -5.23 36.21 -25.92
N VAL D 953 -6.55 36.06 -25.95
CA VAL D 953 -7.24 35.08 -26.77
C VAL D 953 -8.38 35.80 -27.50
N PHE D 954 -8.51 35.54 -28.80
CA PHE D 954 -9.59 36.12 -29.58
C PHE D 954 -10.10 35.06 -30.56
N GLY D 955 -11.09 35.45 -31.37
CA GLY D 955 -11.71 34.53 -32.30
C GLY D 955 -13.20 34.38 -32.07
N SER D 956 -13.73 33.17 -32.21
CA SER D 956 -15.13 32.93 -31.92
C SER D 956 -15.43 33.18 -30.46
N SER D 957 -16.63 33.68 -30.19
CA SER D 957 -17.01 34.03 -28.82
C SER D 957 -17.20 32.78 -27.98
N TYR D 958 -16.73 32.85 -26.74
CA TYR D 958 -16.92 31.80 -25.74
C TYR D 958 -17.65 32.44 -24.57
N LYS D 959 -18.97 32.53 -24.68
CA LYS D 959 -19.79 33.20 -23.68
C LYS D 959 -20.11 32.24 -22.55
N ASN D 960 -20.09 32.75 -21.32
CA ASN D 960 -20.31 31.99 -20.09
C ASN D 960 -19.18 31.05 -19.76
N PHE D 961 -18.01 31.23 -20.39
CA PHE D 961 -16.86 30.38 -20.18
C PHE D 961 -15.62 31.24 -19.97
N LEU D 962 -14.66 30.69 -19.23
CA LEU D 962 -13.43 31.40 -18.91
C LEU D 962 -12.36 31.25 -19.98
N ASP D 963 -12.53 30.33 -20.92
CA ASP D 963 -11.50 30.03 -21.92
C ASP D 963 -12.17 29.32 -23.09
N PRO D 964 -11.69 29.54 -24.32
CA PRO D 964 -12.26 28.82 -25.46
C PRO D 964 -12.12 27.32 -25.39
N GLU D 965 -11.09 26.80 -24.71
CA GLU D 965 -10.99 25.36 -24.52
C GLU D 965 -11.33 24.94 -23.09
N SER D 966 -12.03 25.79 -22.33
CA SER D 966 -12.71 25.39 -21.11
C SER D 966 -14.20 25.18 -21.33
N MET D 967 -14.65 25.14 -22.58
CA MET D 967 -16.05 25.04 -22.90
C MET D 967 -16.59 23.62 -22.80
N TYR D 968 -15.73 22.62 -22.73
CA TYR D 968 -16.16 21.23 -22.64
C TYR D 968 -16.16 20.70 -21.22
N ASN D 969 -15.09 20.95 -20.47
CA ASN D 969 -14.97 20.44 -19.11
C ASN D 969 -15.07 21.58 -18.11
N PRO D 970 -16.13 21.64 -17.30
CA PRO D 970 -16.22 22.68 -16.26
C PRO D 970 -15.40 22.38 -15.02
N TYR D 971 -14.80 21.19 -14.93
CA TYR D 971 -14.10 20.73 -13.74
C TYR D 971 -12.61 20.99 -13.80
N ALA D 972 -12.11 21.59 -14.87
CA ALA D 972 -10.69 21.85 -15.04
C ALA D 972 -10.44 23.34 -15.13
N PRO D 973 -9.45 23.87 -14.40
CA PRO D 973 -9.22 25.30 -14.44
C PRO D 973 -8.72 25.73 -15.80
N PRO D 974 -8.99 26.97 -16.21
CA PRO D 974 -8.51 27.43 -17.52
C PRO D 974 -7.01 27.66 -17.51
N ILE D 975 -6.46 27.82 -18.70
CA ILE D 975 -5.04 28.07 -18.86
C ILE D 975 -4.71 29.41 -18.20
N PRO D 976 -3.78 29.44 -17.26
CA PRO D 976 -3.45 30.70 -16.59
C PRO D 976 -2.68 31.64 -17.49
N LYS D 977 -2.90 32.93 -17.28
CA LYS D 977 -2.04 33.96 -17.82
C LYS D 977 -0.92 34.23 -16.84
N SER D 978 0.26 34.57 -17.37
CA SER D 978 1.42 34.77 -16.52
C SER D 978 2.26 35.93 -17.05
N ILE D 979 2.94 36.62 -16.14
CA ILE D 979 3.96 37.60 -16.48
C ILE D 979 5.20 37.23 -15.70
N THR D 980 6.28 36.88 -16.42
CA THR D 980 7.48 36.35 -15.79
C THR D 980 8.69 37.22 -16.14
N PHE D 981 9.58 37.39 -15.17
CA PHE D 981 10.83 38.11 -15.34
C PHE D 981 11.99 37.12 -15.20
N SER D 982 12.88 37.14 -16.18
CA SER D 982 13.97 36.18 -16.27
C SER D 982 15.30 36.90 -16.24
N LEU D 983 16.26 36.33 -15.50
CA LEU D 983 17.63 36.80 -15.48
C LEU D 983 18.54 35.63 -15.80
N ASN D 984 19.36 35.77 -16.83
CA ASN D 984 20.28 34.74 -17.26
C ASN D 984 21.71 35.27 -17.19
N LEU D 985 22.59 34.50 -16.57
CA LEU D 985 24.00 34.83 -16.44
C LEU D 985 24.84 33.71 -17.04
N ASN D 986 25.92 34.09 -17.72
CA ASN D 986 26.89 33.16 -18.28
C ASN D 986 28.24 33.48 -17.65
N PHE D 987 28.64 32.68 -16.68
CA PHE D 987 29.90 32.91 -15.99
C PHE D 987 31.05 32.49 -16.91
#